data_5M86
#
_entry.id   5M86
#
_cell.length_a   228.639
_cell.length_b   112.821
_cell.length_c   221.328
_cell.angle_alpha   90.000
_cell.angle_beta   118.700
_cell.angle_gamma   90.000
#
_symmetry.space_group_name_H-M   'C 1 2 1'
#
loop_
_entity.id
_entity.type
_entity.pdbx_description
1 polymer Ta1207
2 non-polymer 'CALCIUM ION'
3 non-polymer 'CHLORIDE ION'
4 non-polymer GLYCEROL
5 water water
#
_entity_poly.entity_id   1
_entity_poly.type   'polypeptide(L)'
_entity_poly.pdbx_seq_one_letter_code
;(MSE)II(MSE)VLQDIDGIFDSQAILAGRFHNDLTVINEKYDLFYL(MSE)LPTINEKKIVSFYIFLQDDQIPERHREE
IESVLNKFNPVIKNGIWKIYLDTESFKLSEPFSTFFGIDSIVFD(MSE)GS(MSE)KGGE(MSE)LLPVRFISKDKDALV
NSIIDSAGYGENIYLRYIGQNKGFDYSFIAIKLLDQVYKLTLSIDNPHV(MSE)HGIFAETKKNIAWRRESKAPHKDNTE
DYIYALDDTHTIPDILIDTAYTGEKGTVYIGKHSNYDIYRAFFGDALTNH(MSE)SSV(MSE)ISENVYYLRRWSKYEDG
KLFLYFYTTVDFLRLIPAILDSTRKNFPKVN(MSE)KIDEITP(MSE)ALEHHHHHH
;
_entity_poly.pdbx_strand_id   A,B,C,D,E,F,G,H,I,J
#
# COMPACT_ATOMS: atom_id res chain seq x y z
N VAL A 5 -8.60 -20.30 18.89
CA VAL A 5 -8.12 -20.59 20.25
C VAL A 5 -8.76 -19.69 21.29
N LEU A 6 -9.24 -20.34 22.35
CA LEU A 6 -9.95 -19.68 23.45
C LEU A 6 -9.00 -19.32 24.57
N GLN A 7 -8.79 -18.03 24.77
CA GLN A 7 -8.01 -17.54 25.90
C GLN A 7 -8.97 -17.10 27.02
N ASP A 8 -9.37 -15.83 27.00
CA ASP A 8 -10.34 -15.34 27.99
C ASP A 8 -11.68 -16.04 27.79
N ILE A 9 -12.25 -16.53 28.89
CA ILE A 9 -13.54 -17.21 28.83
C ILE A 9 -14.63 -16.27 28.30
N ASP A 10 -14.39 -14.97 28.37
CA ASP A 10 -15.30 -14.00 27.79
C ASP A 10 -15.69 -14.34 26.35
N GLY A 11 -14.80 -15.04 25.66
CA GLY A 11 -15.02 -15.40 24.27
C GLY A 11 -16.14 -16.39 24.00
N ILE A 12 -16.61 -17.09 25.03
CA ILE A 12 -17.72 -18.03 24.84
C ILE A 12 -19.06 -17.31 24.92
N PHE A 13 -19.06 -16.12 25.49
CA PHE A 13 -20.28 -15.32 25.64
C PHE A 13 -20.45 -14.42 24.41
N ASP A 14 -21.36 -14.78 23.53
CA ASP A 14 -21.58 -14.02 22.30
C ASP A 14 -22.59 -12.89 22.49
N SER A 15 -23.23 -12.83 23.65
CA SER A 15 -24.26 -11.84 23.92
C SER A 15 -23.99 -11.06 25.20
N GLN A 16 -24.60 -9.88 25.28
CA GLN A 16 -24.46 -8.99 26.42
C GLN A 16 -25.70 -8.11 26.52
N ALA A 17 -26.07 -7.75 27.74
CA ALA A 17 -27.19 -6.84 27.94
C ALA A 17 -26.90 -5.89 29.09
N ILE A 18 -27.46 -4.69 29.02
CA ILE A 18 -27.35 -3.72 30.10
C ILE A 18 -28.74 -3.51 30.68
N LEU A 19 -28.92 -4.05 31.88
CA LEU A 19 -30.18 -3.91 32.59
C LEU A 19 -30.19 -2.58 33.32
N ALA A 20 -31.35 -1.95 33.36
CA ALA A 20 -31.51 -0.68 34.05
C ALA A 20 -32.80 -0.73 34.85
N GLY A 21 -32.81 -0.03 35.98
CA GLY A 21 -33.97 -0.04 36.83
C GLY A 21 -33.85 0.98 37.96
N ARG A 22 -34.92 1.07 38.74
CA ARG A 22 -34.98 1.99 39.86
C ARG A 22 -35.48 1.25 41.09
N PHE A 23 -34.81 1.48 42.22
CA PHE A 23 -35.30 1.01 43.50
C PHE A 23 -35.96 2.17 44.20
N HIS A 24 -37.16 1.95 44.73
CA HIS A 24 -37.87 3.04 45.36
C HIS A 24 -37.48 2.90 46.83
N ASN A 25 -36.76 3.88 47.36
CA ASN A 25 -36.02 3.68 48.60
C ASN A 25 -35.16 4.91 48.84
N ASP A 26 -34.87 5.21 50.11
CA ASP A 26 -34.20 6.46 50.45
C ASP A 26 -32.76 6.53 49.92
N LEU A 27 -32.10 5.39 49.82
CA LEU A 27 -30.77 5.34 49.22
C LEU A 27 -30.82 5.85 47.80
N THR A 28 -31.91 5.54 47.10
CA THR A 28 -32.07 6.00 45.74
C THR A 28 -32.27 7.51 45.69
N VAL A 29 -33.09 8.03 46.61
CA VAL A 29 -33.39 9.45 46.64
C VAL A 29 -32.12 10.31 46.80
N ILE A 30 -31.25 9.94 47.74
CA ILE A 30 -30.06 10.75 48.00
C ILE A 30 -29.04 10.61 46.86
N ASN A 31 -28.95 9.42 46.27
CA ASN A 31 -28.06 9.20 45.13
C ASN A 31 -28.36 10.19 44.00
N GLU A 32 -29.64 10.33 43.68
CA GLU A 32 -30.08 11.24 42.63
C GLU A 32 -29.96 12.70 43.06
N LYS A 33 -30.36 12.97 44.29
CA LYS A 33 -30.48 14.31 44.82
C LYS A 33 -29.10 14.97 44.95
N TYR A 34 -28.09 14.18 45.30
CA TYR A 34 -26.74 14.72 45.56
C TYR A 34 -25.64 14.15 44.65
N ASP A 35 -26.04 13.63 43.50
CA ASP A 35 -25.09 13.19 42.47
C ASP A 35 -24.05 12.20 43.00
N LEU A 36 -24.50 11.22 43.78
CA LEU A 36 -23.60 10.21 44.34
C LEU A 36 -23.40 9.07 43.35
N PHE A 37 -22.37 8.27 43.59
CA PHE A 37 -22.08 7.10 42.79
C PHE A 37 -21.94 5.88 43.69
N TYR A 38 -22.79 4.88 43.46
CA TYR A 38 -22.69 3.61 44.16
C TYR A 38 -22.16 2.54 43.23
N LEU A 39 -21.30 1.67 43.74
CA LEU A 39 -21.05 0.40 43.08
C LEU A 39 -21.98 -0.62 43.70
N LEU A 41 -22.74 -4.59 43.97
CA LEU A 41 -22.16 -5.92 43.84
C LEU A 41 -23.25 -6.98 43.95
N PRO A 42 -23.54 -7.70 42.85
CA PRO A 42 -24.54 -8.76 42.98
C PRO A 42 -24.02 -9.92 43.81
N THR A 43 -24.86 -10.42 44.71
CA THR A 43 -24.51 -11.56 45.56
C THR A 43 -25.66 -12.56 45.61
N ILE A 44 -25.33 -13.85 45.54
CA ILE A 44 -26.32 -14.92 45.66
C ILE A 44 -26.11 -15.73 46.92
N ASN A 45 -27.21 -16.26 47.45
CA ASN A 45 -27.16 -17.17 48.59
C ASN A 45 -27.41 -18.61 48.13
N GLU A 46 -27.51 -19.53 49.07
CA GLU A 46 -27.61 -20.95 48.76
C GLU A 46 -28.88 -21.29 47.96
N LYS A 47 -29.90 -20.46 48.10
CA LYS A 47 -31.16 -20.65 47.37
C LYS A 47 -31.22 -19.86 46.07
N LYS A 48 -30.07 -19.32 45.67
CA LYS A 48 -29.92 -18.62 44.41
C LYS A 48 -30.78 -17.36 44.32
N ILE A 49 -31.02 -16.73 45.47
CA ILE A 49 -31.67 -15.42 45.50
C ILE A 49 -30.62 -14.34 45.34
N VAL A 50 -30.86 -13.40 44.42
CA VAL A 50 -29.91 -12.31 44.17
C VAL A 50 -30.16 -11.14 45.12
N SER A 51 -29.08 -10.65 45.72
CA SER A 51 -29.12 -9.47 46.58
C SER A 51 -28.00 -8.54 46.12
N PHE A 52 -27.82 -7.43 46.82
CA PHE A 52 -26.77 -6.49 46.46
C PHE A 52 -26.05 -5.91 47.67
N TYR A 53 -24.74 -5.78 47.54
CA TYR A 53 -23.97 -4.91 48.41
C TYR A 53 -23.82 -3.58 47.70
N ILE A 54 -23.95 -2.50 48.47
CA ILE A 54 -23.78 -1.16 47.93
C ILE A 54 -22.52 -0.57 48.54
N PHE A 55 -21.68 0.01 47.69
CA PHE A 55 -20.43 0.61 48.11
C PHE A 55 -20.41 2.08 47.77
N LEU A 56 -20.03 2.89 48.75
CA LEU A 56 -19.95 4.34 48.58
C LEU A 56 -18.64 4.87 49.15
N GLN A 57 -17.92 5.63 48.33
CA GLN A 57 -16.68 6.27 48.77
C GLN A 57 -17.02 7.38 49.74
N ASP A 58 -16.44 7.34 50.92
CA ASP A 58 -16.74 8.34 51.94
C ASP A 58 -16.33 9.74 51.47
N ASP A 59 -15.19 9.83 50.79
CA ASP A 59 -14.67 11.12 50.37
C ASP A 59 -15.41 11.73 49.18
N GLN A 60 -16.37 10.97 48.63
CA GLN A 60 -17.22 11.47 47.56
C GLN A 60 -18.54 12.05 48.07
N ILE A 61 -18.70 12.06 49.39
CA ILE A 61 -19.86 12.69 50.01
C ILE A 61 -19.65 14.20 50.14
N PRO A 62 -20.51 15.01 49.51
CA PRO A 62 -20.33 16.45 49.69
C PRO A 62 -20.57 16.84 51.15
N GLU A 63 -19.57 17.47 51.79
CA GLU A 63 -19.65 17.78 53.23
C GLU A 63 -20.83 18.69 53.59
N ARG A 64 -21.20 19.59 52.69
CA ARG A 64 -22.33 20.46 52.93
C ARG A 64 -23.56 19.63 53.32
N HIS A 65 -23.68 18.46 52.71
CA HIS A 65 -24.84 17.61 52.88
C HIS A 65 -24.53 16.31 53.63
N ARG A 66 -23.35 16.24 54.26
CA ARG A 66 -22.93 15.01 54.94
C ARG A 66 -23.94 14.55 55.99
N GLU A 67 -24.42 15.50 56.79
CA GLU A 67 -25.35 15.17 57.87
C GLU A 67 -26.58 14.42 57.38
N GLU A 68 -27.26 14.99 56.40
CA GLU A 68 -28.48 14.39 55.87
C GLU A 68 -28.18 13.03 55.24
N ILE A 69 -27.08 12.95 54.51
CA ILE A 69 -26.73 11.72 53.81
C ILE A 69 -26.38 10.61 54.79
N GLU A 70 -25.59 10.92 55.82
CA GLU A 70 -25.21 9.93 56.81
C GLU A 70 -26.41 9.39 57.57
N SER A 71 -27.38 10.24 57.85
CA SER A 71 -28.56 9.84 58.61
C SER A 71 -29.41 8.86 57.80
N VAL A 72 -29.40 9.03 56.48
CA VAL A 72 -30.09 8.10 55.59
C VAL A 72 -29.34 6.78 55.48
N LEU A 73 -28.02 6.86 55.37
CA LEU A 73 -27.18 5.68 55.21
C LEU A 73 -27.23 4.78 56.44
N ASN A 74 -27.23 5.40 57.62
CA ASN A 74 -27.16 4.66 58.88
C ASN A 74 -28.40 3.82 59.17
N LYS A 75 -29.51 4.12 58.47
CA LYS A 75 -30.73 3.33 58.59
C LYS A 75 -30.59 1.93 57.97
N PHE A 76 -29.53 1.73 57.19
CA PHE A 76 -29.34 0.48 56.46
C PHE A 76 -28.21 -0.38 57.03
N ASN A 77 -27.87 -0.13 58.27
CA ASN A 77 -26.90 -0.95 59.01
C ASN A 77 -25.55 -1.03 58.30
N PRO A 78 -24.95 0.13 58.00
CA PRO A 78 -23.71 0.17 57.22
C PRO A 78 -22.48 -0.28 57.99
N VAL A 79 -21.48 -0.77 57.26
CA VAL A 79 -20.16 -1.02 57.79
C VAL A 79 -19.20 -0.06 57.10
N ILE A 80 -18.44 0.69 57.89
CA ILE A 80 -17.50 1.66 57.33
C ILE A 80 -16.07 1.21 57.60
N LYS A 81 -15.29 1.12 56.52
CA LYS A 81 -13.94 0.59 56.59
C LYS A 81 -13.15 1.03 55.36
N ASN A 82 -11.90 1.42 55.57
CA ASN A 82 -11.04 1.87 54.47
C ASN A 82 -11.69 2.96 53.64
N GLY A 83 -12.39 3.88 54.32
CA GLY A 83 -12.99 5.02 53.67
C GLY A 83 -14.21 4.68 52.82
N ILE A 84 -14.75 3.48 53.03
CA ILE A 84 -15.84 2.97 52.20
C ILE A 84 -17.05 2.54 53.04
N TRP A 85 -18.23 3.00 52.63
CA TRP A 85 -19.48 2.55 53.22
C TRP A 85 -19.96 1.29 52.52
N LYS A 86 -20.24 0.23 53.28
CA LYS A 86 -20.79 -1.00 52.72
C LYS A 86 -22.18 -1.27 53.29
N ILE A 87 -23.16 -1.43 52.40
CA ILE A 87 -24.56 -1.64 52.78
C ILE A 87 -25.13 -2.87 52.08
N TYR A 88 -25.78 -3.74 52.83
CA TYR A 88 -26.42 -4.92 52.26
C TYR A 88 -27.91 -4.62 52.01
N LEU A 89 -28.33 -4.75 50.76
CA LEU A 89 -29.72 -4.53 50.35
C LEU A 89 -30.48 -5.75 49.81
N ASP A 90 -31.38 -6.32 50.61
CA ASP A 90 -32.22 -7.45 50.19
C ASP A 90 -33.67 -7.05 49.87
N THR A 91 -34.07 -7.21 48.61
CA THR A 91 -35.45 -6.94 48.17
C THR A 91 -36.22 -8.21 47.80
N GLU A 92 -35.57 -9.11 47.08
CA GLU A 92 -36.21 -10.33 46.54
C GLU A 92 -36.39 -11.60 47.40
N SER A 93 -35.70 -11.75 48.52
CA SER A 93 -35.74 -13.02 49.27
C SER A 93 -37.10 -13.43 49.86
N PHE A 94 -38.08 -12.52 49.85
CA PHE A 94 -39.33 -12.77 50.56
C PHE A 94 -40.52 -12.60 49.61
N LYS A 95 -40.68 -11.40 49.07
CA LYS A 95 -41.88 -11.06 48.29
C LYS A 95 -42.04 -11.95 47.03
N LEU A 96 -43.08 -11.66 46.25
CA LEU A 96 -43.41 -12.45 45.06
C LEU A 96 -42.44 -12.17 43.91
N SER A 97 -42.52 -10.98 43.34
CA SER A 97 -41.60 -10.53 42.29
C SER A 97 -40.13 -10.70 42.68
N GLU A 98 -39.33 -11.39 41.86
CA GLU A 98 -37.93 -11.63 42.18
C GLU A 98 -37.21 -11.63 40.82
N PRO A 99 -37.14 -10.44 40.19
CA PRO A 99 -36.64 -10.36 38.82
C PRO A 99 -35.17 -10.75 38.60
N PHE A 100 -34.27 -10.23 39.41
CA PHE A 100 -32.84 -10.52 39.24
C PHE A 100 -32.51 -11.98 39.54
N SER A 101 -33.24 -12.57 40.47
CA SER A 101 -33.08 -13.98 40.78
C SER A 101 -33.56 -14.82 39.58
N THR A 102 -34.61 -14.36 38.92
CA THR A 102 -35.11 -15.02 37.72
C THR A 102 -34.10 -14.94 36.57
N PHE A 103 -33.52 -13.77 36.36
CA PHE A 103 -32.50 -13.62 35.31
C PHE A 103 -31.33 -14.54 35.59
N PHE A 104 -30.90 -14.57 36.85
CA PHE A 104 -29.77 -15.38 37.27
C PHE A 104 -30.01 -16.85 36.98
N GLY A 105 -31.26 -17.29 37.17
CA GLY A 105 -31.62 -18.68 36.99
C GLY A 105 -31.49 -19.16 35.56
N ILE A 106 -31.44 -18.22 34.62
CA ILE A 106 -31.17 -18.55 33.23
C ILE A 106 -29.71 -18.97 33.12
N ASP A 107 -29.48 -20.16 32.60
CA ASP A 107 -28.21 -20.88 32.81
C ASP A 107 -26.94 -20.10 32.45
N SER A 108 -26.89 -19.48 31.28
CA SER A 108 -25.66 -18.86 30.80
C SER A 108 -25.47 -17.41 31.26
N ILE A 109 -26.42 -16.89 32.04
CA ILE A 109 -26.35 -15.50 32.48
C ILE A 109 -25.26 -15.30 33.51
N VAL A 110 -24.36 -14.36 33.22
CA VAL A 110 -23.29 -13.96 34.13
C VAL A 110 -23.49 -12.50 34.51
N PHE A 111 -23.61 -12.24 35.81
CA PHE A 111 -23.76 -10.87 36.30
C PHE A 111 -22.41 -10.19 36.44
N ASP A 112 -22.30 -8.97 35.92
CA ASP A 112 -21.11 -8.14 36.14
C ASP A 112 -21.38 -7.15 37.27
N GLY A 114 -22.42 -3.83 38.97
CA GLY A 114 -23.37 -2.79 38.62
C GLY A 114 -23.00 -1.49 39.29
N SER A 115 -23.81 -0.46 39.02
CA SER A 115 -23.61 0.84 39.64
C SER A 115 -24.94 1.53 39.79
N LYS A 117 -26.33 5.64 39.63
CA LYS A 117 -25.99 7.03 39.35
C LYS A 117 -27.21 7.75 38.80
N GLY A 118 -27.45 8.97 39.28
CA GLY A 118 -28.62 9.71 38.86
C GLY A 118 -29.93 9.02 39.22
N GLY A 119 -29.91 8.25 40.31
CA GLY A 119 -31.09 7.55 40.77
C GLY A 119 -31.39 6.25 40.03
N GLU A 120 -30.58 5.93 39.04
CA GLU A 120 -30.78 4.72 38.23
C GLU A 120 -29.68 3.68 38.40
N LEU A 122 -27.57 0.50 36.92
CA LEU A 122 -27.16 -0.15 35.68
C LEU A 122 -26.46 -1.45 36.02
N LEU A 123 -26.91 -2.54 35.40
CA LEU A 123 -26.35 -3.86 35.65
C LEU A 123 -26.05 -4.60 34.35
N PRO A 124 -24.77 -4.76 34.02
CA PRO A 124 -24.44 -5.53 32.81
C PRO A 124 -24.50 -7.03 33.05
N VAL A 125 -24.94 -7.77 32.05
CA VAL A 125 -24.89 -9.23 32.08
C VAL A 125 -24.33 -9.74 30.76
N ARG A 126 -23.63 -10.87 30.84
CA ARG A 126 -23.10 -11.52 29.65
C ARG A 126 -23.69 -12.93 29.60
N PHE A 127 -23.97 -13.42 28.40
CA PHE A 127 -24.63 -14.70 28.26
C PHE A 127 -24.49 -15.25 26.85
N ILE A 128 -25.10 -16.42 26.63
CA ILE A 128 -25.03 -17.09 25.36
C ILE A 128 -26.37 -16.94 24.66
N SER A 129 -26.33 -16.64 23.37
CA SER A 129 -27.48 -16.09 22.65
C SER A 129 -28.71 -16.99 22.65
N LYS A 130 -28.54 -18.30 22.81
CA LYS A 130 -29.69 -19.19 22.91
C LYS A 130 -30.61 -18.79 24.07
N ASP A 131 -30.05 -18.14 25.08
CA ASP A 131 -30.82 -17.73 26.27
C ASP A 131 -31.40 -16.32 26.17
N LYS A 132 -31.22 -15.66 25.03
CA LYS A 132 -31.69 -14.28 24.87
C LYS A 132 -33.20 -14.15 25.07
N ASP A 133 -33.95 -15.03 24.40
CA ASP A 133 -35.41 -14.93 24.43
C ASP A 133 -35.96 -15.16 25.84
N ALA A 134 -35.32 -16.05 26.59
CA ALA A 134 -35.73 -16.31 27.96
C ALA A 134 -35.51 -15.07 28.82
N LEU A 135 -34.39 -14.38 28.60
CA LEU A 135 -34.07 -13.16 29.35
C LEU A 135 -35.07 -12.05 29.03
N VAL A 136 -35.33 -11.84 27.75
CA VAL A 136 -36.28 -10.82 27.31
C VAL A 136 -37.67 -11.08 27.87
N ASN A 137 -38.10 -12.33 27.82
CA ASN A 137 -39.44 -12.71 28.26
C ASN A 137 -39.65 -12.48 29.75
N SER A 138 -38.63 -12.76 30.56
CA SER A 138 -38.77 -12.56 32.00
C SER A 138 -38.73 -11.07 32.34
N ILE A 139 -38.05 -10.27 31.52
CA ILE A 139 -38.08 -8.83 31.68
C ILE A 139 -39.47 -8.29 31.36
N ILE A 140 -40.09 -8.83 30.32
CA ILE A 140 -41.43 -8.43 29.93
C ILE A 140 -42.47 -8.92 30.94
N ASP A 141 -42.32 -10.16 31.41
CA ASP A 141 -43.21 -10.70 32.43
C ASP A 141 -43.07 -9.89 33.71
N SER A 142 -41.82 -9.58 34.05
CA SER A 142 -41.52 -8.76 35.22
C SER A 142 -42.26 -7.42 35.18
N ALA A 143 -42.41 -6.84 33.99
CA ALA A 143 -43.09 -5.55 33.84
C ALA A 143 -44.59 -5.71 34.10
N GLY A 144 -45.07 -6.95 34.06
CA GLY A 144 -46.47 -7.21 34.27
C GLY A 144 -46.76 -7.30 35.76
N TYR A 145 -45.70 -7.49 36.54
CA TYR A 145 -45.82 -7.44 38.00
C TYR A 145 -45.53 -6.07 38.63
N GLY A 146 -45.44 -5.01 37.82
CA GLY A 146 -45.19 -3.69 38.39
C GLY A 146 -43.77 -3.20 38.13
N GLU A 147 -42.87 -4.16 38.01
CA GLU A 147 -41.43 -3.94 37.96
C GLU A 147 -40.98 -3.02 36.82
N ASN A 148 -40.08 -2.07 37.13
CA ASN A 148 -39.66 -1.07 36.16
C ASN A 148 -38.30 -1.34 35.50
N ILE A 149 -37.87 -2.61 35.51
CA ILE A 149 -36.61 -2.98 34.89
C ILE A 149 -36.72 -2.99 33.37
N TYR A 150 -35.71 -2.44 32.69
CA TYR A 150 -35.71 -2.38 31.23
C TYR A 150 -34.31 -2.57 30.66
N LEU A 151 -34.20 -2.52 29.34
CA LEU A 151 -32.94 -2.75 28.64
C LEU A 151 -32.43 -1.48 27.98
N ARG A 152 -31.20 -1.10 28.33
CA ARG A 152 -30.51 -0.01 27.64
C ARG A 152 -29.65 -0.58 26.51
N TYR A 153 -29.45 -1.89 26.53
CA TYR A 153 -28.69 -2.57 25.49
C TYR A 153 -28.96 -4.06 25.53
N ILE A 154 -29.12 -4.66 24.35
CA ILE A 154 -29.03 -6.11 24.22
C ILE A 154 -28.59 -6.45 22.80
N GLY A 155 -27.56 -7.29 22.72
CA GLY A 155 -26.99 -7.66 21.44
C GLY A 155 -25.69 -8.40 21.64
N GLN A 156 -24.74 -8.18 20.73
CA GLN A 156 -23.45 -8.84 20.79
C GLN A 156 -22.69 -8.48 22.07
N ASN A 157 -21.87 -9.40 22.55
CA ASN A 157 -20.99 -9.10 23.66
C ASN A 157 -19.90 -8.15 23.20
N LYS A 158 -19.90 -6.94 23.77
CA LYS A 158 -18.87 -5.95 23.45
C LYS A 158 -17.62 -6.18 24.29
N GLY A 159 -17.69 -7.12 25.23
CA GLY A 159 -16.57 -7.45 26.09
C GLY A 159 -16.87 -7.17 27.55
N PHE A 160 -16.28 -7.97 28.42
CA PHE A 160 -16.38 -7.76 29.86
C PHE A 160 -15.99 -6.34 30.23
N ASP A 161 -15.05 -5.76 29.48
CA ASP A 161 -14.55 -4.43 29.80
C ASP A 161 -15.50 -3.32 29.36
N TYR A 162 -16.41 -3.61 28.44
CA TYR A 162 -17.46 -2.64 28.10
C TYR A 162 -18.38 -2.45 29.30
N SER A 163 -18.57 -3.49 30.09
CA SER A 163 -19.39 -3.41 31.29
C SER A 163 -18.95 -2.28 32.20
N PHE A 164 -17.64 -2.06 32.31
CA PHE A 164 -17.10 -0.99 33.16
C PHE A 164 -17.56 0.36 32.65
N ILE A 165 -17.56 0.52 31.33
CA ILE A 165 -17.98 1.77 30.70
C ILE A 165 -19.48 1.95 30.82
N ALA A 166 -20.22 0.85 30.64
CA ALA A 166 -21.67 0.88 30.70
C ALA A 166 -22.18 1.40 32.05
N ILE A 167 -21.50 1.01 33.13
CA ILE A 167 -21.93 1.42 34.47
C ILE A 167 -21.32 2.76 34.88
N LYS A 168 -20.62 3.40 33.95
CA LYS A 168 -20.12 4.76 34.16
C LYS A 168 -19.07 4.86 35.26
N LEU A 169 -18.27 3.80 35.39
CA LEU A 169 -17.12 3.81 36.29
C LEU A 169 -15.98 4.60 35.64
N LEU A 170 -15.57 5.69 36.27
CA LEU A 170 -14.56 6.57 35.70
C LEU A 170 -13.17 6.24 36.24
N ASP A 171 -13.12 5.52 37.36
CA ASP A 171 -11.85 5.15 37.98
C ASP A 171 -10.98 4.28 37.07
N GLN A 172 -9.67 4.45 37.20
CA GLN A 172 -8.71 3.58 36.52
C GLN A 172 -8.90 2.14 36.95
N VAL A 173 -9.00 1.24 35.97
CA VAL A 173 -9.10 -0.18 36.23
C VAL A 173 -7.74 -0.85 36.04
N TYR A 174 -7.45 -1.84 36.88
CA TYR A 174 -6.18 -2.56 36.82
C TYR A 174 -6.43 -4.04 36.61
N LYS A 175 -5.51 -4.70 35.93
CA LYS A 175 -5.56 -6.14 35.77
C LYS A 175 -4.48 -6.81 36.62
N LEU A 176 -4.92 -7.67 37.52
CA LEU A 176 -4.02 -8.45 38.36
C LEU A 176 -4.03 -9.90 37.91
N THR A 177 -2.85 -10.46 37.71
CA THR A 177 -2.71 -11.87 37.32
C THR A 177 -1.94 -12.62 38.40
N LEU A 178 -2.58 -13.64 38.95
CA LEU A 178 -1.93 -14.52 39.91
C LEU A 178 -1.73 -15.89 39.27
N SER A 179 -0.64 -16.56 39.62
CA SER A 179 -0.40 -17.91 39.16
C SER A 179 -0.07 -18.83 40.32
N ILE A 180 -0.57 -20.06 40.23
CA ILE A 180 -0.36 -21.08 41.23
C ILE A 180 0.08 -22.34 40.50
N ASP A 181 1.35 -22.71 40.67
CA ASP A 181 1.94 -23.79 39.88
C ASP A 181 1.76 -25.18 40.51
N ASN A 182 1.19 -25.24 41.70
CA ASN A 182 0.97 -26.52 42.38
C ASN A 182 -0.42 -26.65 43.00
N PRO A 183 -1.47 -26.30 42.24
CA PRO A 183 -2.82 -26.28 42.79
C PRO A 183 -3.30 -27.65 43.27
N HIS A 184 -2.67 -28.71 42.80
CA HIS A 184 -3.04 -30.07 43.20
C HIS A 184 -2.94 -30.31 44.69
N VAL A 185 -2.18 -29.48 45.42
CA VAL A 185 -2.05 -29.65 46.86
C VAL A 185 -3.34 -29.30 47.59
N HIS A 187 -6.23 -30.40 46.27
CA HIS A 187 -7.12 -31.49 45.87
C HIS A 187 -8.38 -30.94 45.22
N GLY A 188 -9.50 -31.63 45.39
CA GLY A 188 -10.75 -31.18 44.80
C GLY A 188 -10.67 -31.18 43.29
N ILE A 189 -11.06 -30.06 42.68
CA ILE A 189 -11.05 -29.95 41.23
C ILE A 189 -9.65 -29.98 40.64
N PHE A 190 -8.63 -29.93 41.49
CA PHE A 190 -7.23 -29.96 41.05
C PHE A 190 -6.54 -31.30 41.32
N ALA A 191 -7.30 -32.28 41.80
CA ALA A 191 -6.73 -33.55 42.23
C ALA A 191 -6.14 -34.37 41.08
N GLU A 192 -6.78 -34.33 39.92
CA GLU A 192 -6.33 -35.11 38.77
C GLU A 192 -5.14 -34.45 38.08
N THR A 193 -3.97 -35.09 38.18
CA THR A 193 -2.73 -34.53 37.64
C THR A 193 -2.16 -35.31 36.45
N LYS A 194 -2.73 -36.46 36.14
CA LYS A 194 -2.22 -37.33 35.06
C LYS A 194 -2.83 -37.06 33.70
N LYS A 195 -4.08 -36.60 33.68
CA LYS A 195 -4.73 -36.23 32.43
C LYS A 195 -4.50 -34.75 32.10
N ASN A 196 -4.34 -34.45 30.82
CA ASN A 196 -4.06 -33.08 30.39
C ASN A 196 -5.34 -32.23 30.38
N ILE A 197 -5.97 -32.14 31.55
CA ILE A 197 -7.22 -31.41 31.69
C ILE A 197 -6.98 -29.92 31.51
N ALA A 198 -7.89 -29.26 30.80
CA ALA A 198 -7.81 -27.83 30.61
C ALA A 198 -9.20 -27.21 30.66
N TRP A 199 -9.35 -26.14 31.42
CA TRP A 199 -10.60 -25.40 31.43
C TRP A 199 -10.45 -23.92 31.77
N ARG A 200 -11.53 -23.18 31.54
CA ARG A 200 -11.65 -21.79 31.96
C ARG A 200 -12.89 -21.71 32.84
N ARG A 201 -12.93 -20.69 33.71
CA ARG A 201 -14.03 -20.58 34.65
C ARG A 201 -14.35 -19.13 34.98
N GLU A 202 -15.64 -18.84 35.10
CA GLU A 202 -16.11 -17.55 35.59
C GLU A 202 -17.40 -17.76 36.36
N SER A 203 -17.53 -17.08 37.49
CA SER A 203 -18.73 -17.18 38.30
C SER A 203 -19.90 -16.43 37.66
N LYS A 204 -21.10 -16.95 37.85
CA LYS A 204 -22.31 -16.26 37.39
C LYS A 204 -22.60 -15.05 38.28
N ALA A 205 -22.11 -15.09 39.52
CA ALA A 205 -22.25 -13.98 40.46
C ALA A 205 -20.88 -13.56 41.00
N PRO A 206 -20.60 -12.25 41.03
CA PRO A 206 -19.28 -11.82 41.50
C PRO A 206 -19.03 -12.18 42.96
N HIS A 207 -20.08 -12.18 43.77
CA HIS A 207 -19.99 -12.55 45.18
C HIS A 207 -21.06 -13.57 45.50
N LYS A 208 -20.81 -14.39 46.50
CA LYS A 208 -21.75 -15.44 46.86
C LYS A 208 -21.59 -15.85 48.32
N ASP A 209 -22.63 -16.48 48.86
CA ASP A 209 -22.66 -16.87 50.25
C ASP A 209 -23.05 -18.34 50.39
N ASN A 210 -22.08 -19.16 50.77
CA ASN A 210 -22.30 -20.59 51.00
C ASN A 210 -22.92 -21.28 49.78
N THR A 211 -22.32 -21.05 48.62
CA THR A 211 -22.78 -21.69 47.39
C THR A 211 -21.73 -21.52 46.29
N GLU A 212 -21.90 -22.28 45.22
CA GLU A 212 -21.08 -22.14 44.02
C GLU A 212 -22.00 -22.11 42.81
N ASP A 213 -21.70 -21.26 41.85
CA ASP A 213 -22.49 -21.20 40.63
C ASP A 213 -21.63 -20.64 39.51
N TYR A 214 -20.98 -21.55 38.79
CA TYR A 214 -19.95 -21.22 37.84
C TYR A 214 -20.34 -21.55 36.41
N ILE A 215 -19.73 -20.86 35.45
CA ILE A 215 -19.66 -21.34 34.09
C ILE A 215 -18.27 -21.91 33.88
N TYR A 216 -18.19 -23.21 33.58
CA TYR A 216 -16.93 -23.83 33.21
C TYR A 216 -16.89 -24.08 31.71
N ALA A 217 -15.79 -23.71 31.07
CA ALA A 217 -15.51 -24.12 29.71
C ALA A 217 -14.42 -25.17 29.73
N LEU A 218 -14.79 -26.40 29.41
CA LEU A 218 -13.89 -27.55 29.54
C LEU A 218 -13.49 -28.08 28.17
N ASP A 219 -12.19 -28.18 27.93
CA ASP A 219 -11.68 -28.78 26.69
C ASP A 219 -12.31 -30.17 26.55
N ASP A 220 -13.00 -30.40 25.43
CA ASP A 220 -13.91 -31.54 25.33
C ASP A 220 -13.19 -32.88 25.21
N THR A 221 -11.87 -32.85 25.32
CA THR A 221 -11.10 -34.07 25.47
C THR A 221 -11.56 -34.81 26.72
N HIS A 222 -11.99 -34.06 27.73
CA HIS A 222 -12.41 -34.63 29.01
C HIS A 222 -13.84 -34.28 29.40
N THR A 223 -14.33 -34.96 30.43
CA THR A 223 -15.67 -34.78 30.96
C THR A 223 -15.59 -34.38 32.43
N ILE A 224 -16.73 -34.03 33.02
CA ILE A 224 -16.77 -33.59 34.42
C ILE A 224 -16.27 -34.68 35.38
N PRO A 225 -16.67 -35.95 35.17
CA PRO A 225 -16.15 -37.00 36.05
C PRO A 225 -14.62 -37.13 36.06
N ASP A 226 -13.96 -36.71 34.98
CA ASP A 226 -12.50 -36.72 34.96
C ASP A 226 -11.93 -35.75 35.98
N ILE A 227 -12.66 -34.67 36.24
CA ILE A 227 -12.25 -33.67 37.22
C ILE A 227 -12.57 -34.11 38.65
N LEU A 228 -13.80 -34.58 38.85
CA LEU A 228 -14.29 -34.88 40.20
C LEU A 228 -13.96 -36.31 40.61
N ILE A 229 -12.73 -36.53 41.05
CA ILE A 229 -12.28 -37.87 41.43
C ILE A 229 -12.23 -38.06 42.95
N ASP A 230 -12.36 -36.96 43.70
CA ASP A 230 -12.45 -37.03 45.16
C ASP A 230 -13.65 -36.23 45.66
N THR A 231 -13.75 -36.06 46.98
CA THR A 231 -14.89 -35.38 47.60
C THR A 231 -14.48 -34.05 48.23
N ALA A 232 -13.32 -33.52 47.86
CA ALA A 232 -12.73 -32.38 48.55
C ALA A 232 -12.99 -31.05 47.84
N TYR A 233 -13.81 -31.06 46.80
CA TYR A 233 -14.25 -29.82 46.16
C TYR A 233 -15.28 -29.13 47.04
N THR A 234 -15.44 -27.82 46.89
CA THR A 234 -16.51 -27.09 47.55
C THR A 234 -17.78 -27.21 46.72
N GLY A 235 -18.94 -27.08 47.36
CA GLY A 235 -20.22 -27.13 46.68
C GLY A 235 -20.71 -28.53 46.34
N GLU A 236 -21.37 -28.66 45.19
CA GLU A 236 -22.00 -29.91 44.78
C GLU A 236 -21.52 -30.34 43.38
N LYS A 237 -21.61 -31.64 43.09
CA LYS A 237 -21.09 -32.18 41.85
C LYS A 237 -21.96 -31.85 40.64
N GLY A 238 -23.17 -31.34 40.88
CA GLY A 238 -24.14 -31.16 39.82
C GLY A 238 -23.71 -30.18 38.74
N THR A 239 -24.12 -30.47 37.51
CA THR A 239 -23.89 -29.58 36.38
C THR A 239 -25.10 -29.50 35.46
N VAL A 240 -25.14 -28.47 34.62
CA VAL A 240 -26.10 -28.38 33.54
C VAL A 240 -25.32 -28.09 32.25
N TYR A 241 -25.46 -28.97 31.27
CA TYR A 241 -24.77 -28.79 30.00
C TYR A 241 -25.42 -27.66 29.21
N ILE A 242 -24.63 -26.66 28.85
CA ILE A 242 -25.14 -25.49 28.14
C ILE A 242 -24.95 -25.61 26.63
N GLY A 243 -23.79 -26.10 26.22
CA GLY A 243 -23.49 -26.22 24.81
C GLY A 243 -22.01 -26.23 24.49
N LYS A 244 -21.70 -26.00 23.22
CA LYS A 244 -20.32 -26.02 22.73
C LYS A 244 -19.82 -24.70 22.20
N HIS A 245 -18.56 -24.41 22.50
CA HIS A 245 -17.83 -23.34 21.85
C HIS A 245 -16.51 -23.91 21.34
N SER A 246 -16.40 -24.03 20.02
CA SER A 246 -15.21 -24.59 19.40
C SER A 246 -15.00 -26.01 19.94
N ASN A 247 -13.85 -26.28 20.55
CA ASN A 247 -13.56 -27.59 21.13
C ASN A 247 -13.76 -27.61 22.63
N TYR A 248 -14.61 -26.73 23.13
CA TYR A 248 -14.90 -26.64 24.57
C TYR A 248 -16.36 -26.95 24.87
N ASP A 249 -16.58 -27.76 25.89
CA ASP A 249 -17.92 -27.99 26.43
C ASP A 249 -18.23 -26.96 27.51
N ILE A 250 -19.40 -26.33 27.41
CA ILE A 250 -19.80 -25.31 28.38
C ILE A 250 -20.76 -25.90 29.40
N TYR A 251 -20.46 -25.70 30.68
CA TYR A 251 -21.30 -26.19 31.77
C TYR A 251 -21.63 -25.08 32.75
N ARG A 252 -22.84 -25.14 33.29
CA ARG A 252 -23.14 -24.48 34.55
C ARG A 252 -22.85 -25.51 35.62
N ALA A 253 -22.09 -25.12 36.64
CA ALA A 253 -21.61 -26.08 37.64
C ALA A 253 -21.68 -25.50 39.04
N PHE A 254 -21.88 -26.40 40.01
CA PHE A 254 -22.14 -26.01 41.39
C PHE A 254 -21.00 -26.40 42.33
N PHE A 255 -19.82 -26.61 41.77
CA PHE A 255 -18.62 -26.89 42.56
C PHE A 255 -17.49 -25.89 42.29
N GLY A 256 -16.61 -25.73 43.26
CA GLY A 256 -15.51 -24.79 43.14
C GLY A 256 -14.32 -25.15 44.01
N ASP A 257 -13.57 -24.12 44.45
CA ASP A 257 -12.39 -24.30 45.27
C ASP A 257 -12.42 -23.32 46.45
N ALA A 258 -11.69 -23.65 47.51
CA ALA A 258 -11.74 -22.89 48.75
C ALA A 258 -10.85 -21.63 48.72
N LEU A 259 -9.84 -21.64 47.87
CA LEU A 259 -8.88 -20.54 47.83
C LEU A 259 -9.51 -19.26 47.28
N THR A 260 -10.22 -19.37 46.16
CA THR A 260 -10.91 -18.20 45.60
C THR A 260 -11.98 -17.70 46.56
N ASN A 261 -12.68 -18.63 47.21
CA ASN A 261 -13.68 -18.26 48.21
C ASN A 261 -13.06 -17.47 49.35
N HIS A 262 -11.91 -17.92 49.84
CA HIS A 262 -11.24 -17.28 50.95
C HIS A 262 -10.87 -15.84 50.61
N SER A 264 -12.21 -13.87 48.40
CA SER A 264 -13.42 -13.06 48.27
C SER A 264 -13.95 -12.58 49.62
N SER A 265 -13.97 -13.46 50.62
CA SER A 265 -14.51 -13.10 51.92
C SER A 265 -13.57 -12.17 52.69
N VAL A 266 -12.27 -12.33 52.51
CA VAL A 266 -11.31 -11.45 53.17
C VAL A 266 -11.43 -10.04 52.62
N ILE A 268 -13.95 -8.55 50.99
CA ILE A 268 -15.22 -7.87 51.25
C ILE A 268 -15.35 -7.49 52.73
N SER A 269 -14.65 -8.22 53.59
CA SER A 269 -14.60 -7.86 54.99
C SER A 269 -13.82 -6.56 55.17
N GLU A 270 -13.05 -6.20 54.14
CA GLU A 270 -12.32 -4.93 54.09
C GLU A 270 -13.05 -3.90 53.23
N ASN A 271 -14.29 -4.22 52.85
CA ASN A 271 -15.12 -3.33 52.04
C ASN A 271 -14.54 -3.03 50.64
N VAL A 272 -13.72 -3.94 50.14
CA VAL A 272 -13.24 -3.85 48.76
C VAL A 272 -13.59 -5.12 48.00
N TYR A 273 -13.66 -4.99 46.68
CA TYR A 273 -13.97 -6.13 45.83
C TYR A 273 -13.49 -5.88 44.41
N TYR A 274 -13.42 -6.94 43.62
CA TYR A 274 -13.04 -6.82 42.22
C TYR A 274 -14.27 -6.54 41.36
N LEU A 275 -14.02 -6.02 40.16
CA LEU A 275 -15.09 -5.78 39.19
C LEU A 275 -15.38 -7.07 38.44
N ARG A 276 -14.34 -7.88 38.25
CA ARG A 276 -14.47 -9.13 37.52
C ARG A 276 -13.35 -10.09 37.90
N ARG A 277 -13.68 -11.38 37.91
CA ARG A 277 -12.70 -12.42 38.14
C ARG A 277 -12.99 -13.62 37.26
N TRP A 278 -11.96 -14.18 36.67
CA TRP A 278 -12.07 -15.47 36.00
C TRP A 278 -10.76 -16.22 36.18
N SER A 279 -10.76 -17.51 35.87
CA SER A 279 -9.56 -18.32 36.05
C SER A 279 -9.32 -19.28 34.90
N LYS A 280 -8.05 -19.66 34.74
CA LYS A 280 -7.63 -20.60 33.72
C LYS A 280 -6.85 -21.73 34.36
N TYR A 281 -7.16 -22.96 33.97
CA TYR A 281 -6.42 -24.12 34.41
C TYR A 281 -5.90 -24.89 33.19
N GLU A 282 -4.60 -25.03 33.08
CA GLU A 282 -4.01 -25.86 32.04
C GLU A 282 -2.57 -26.21 32.38
N ASP A 283 -2.14 -27.38 31.92
CA ASP A 283 -0.81 -27.90 32.24
C ASP A 283 -0.60 -27.90 33.74
N GLY A 284 -1.55 -28.48 34.47
CA GLY A 284 -1.52 -28.58 35.92
C GLY A 284 -1.28 -27.27 36.66
N LYS A 285 -1.44 -26.14 35.96
CA LYS A 285 -1.17 -24.83 36.53
C LYS A 285 -2.45 -23.99 36.59
N LEU A 286 -2.63 -23.23 37.66
CA LEU A 286 -3.81 -22.36 37.82
C LEU A 286 -3.48 -20.88 37.68
N PHE A 287 -4.30 -20.17 36.89
CA PHE A 287 -4.18 -18.72 36.73
C PHE A 287 -5.44 -18.02 37.24
N LEU A 288 -5.26 -16.97 38.04
CA LEU A 288 -6.38 -16.14 38.49
C LEU A 288 -6.23 -14.72 37.93
N TYR A 289 -7.29 -14.21 37.33
CA TYR A 289 -7.30 -12.88 36.74
C TYR A 289 -8.33 -12.01 37.46
N PHE A 290 -7.87 -10.87 37.99
CA PHE A 290 -8.74 -9.92 38.67
C PHE A 290 -8.73 -8.59 37.95
N TYR A 291 -9.89 -7.98 37.79
CA TYR A 291 -10.00 -6.62 37.27
C TYR A 291 -10.58 -5.73 38.36
N THR A 292 -9.84 -4.70 38.75
CA THR A 292 -10.18 -3.93 39.95
C THR A 292 -9.77 -2.47 39.87
N THR A 293 -10.29 -1.67 40.80
CA THR A 293 -9.82 -0.31 41.02
C THR A 293 -8.71 -0.35 42.07
N VAL A 294 -8.18 0.83 42.40
CA VAL A 294 -7.00 0.91 43.27
C VAL A 294 -7.25 0.46 44.72
N ASP A 295 -8.49 0.57 45.19
CA ASP A 295 -8.82 0.18 46.57
C ASP A 295 -8.37 -1.24 46.87
N PHE A 296 -8.68 -2.13 45.93
CA PHE A 296 -8.30 -3.53 46.04
C PHE A 296 -6.78 -3.69 46.00
N LEU A 297 -6.11 -2.89 45.18
CA LEU A 297 -4.65 -2.98 45.06
C LEU A 297 -3.96 -2.69 46.38
N ARG A 298 -4.46 -1.71 47.13
CA ARG A 298 -3.87 -1.36 48.41
C ARG A 298 -3.84 -2.55 49.37
N LEU A 299 -4.81 -3.44 49.22
CA LEU A 299 -4.99 -4.53 50.18
C LEU A 299 -4.48 -5.88 49.66
N ILE A 300 -4.00 -5.90 48.41
CA ILE A 300 -3.46 -7.12 47.82
C ILE A 300 -2.36 -7.77 48.68
N PRO A 301 -1.40 -6.97 49.16
CA PRO A 301 -0.35 -7.55 50.00
C PRO A 301 -0.92 -8.27 51.24
N ALA A 302 -1.82 -7.59 51.95
CA ALA A 302 -2.43 -8.17 53.15
C ALA A 302 -3.26 -9.40 52.81
N ILE A 303 -4.04 -9.30 51.75
CA ILE A 303 -4.91 -10.39 51.31
C ILE A 303 -4.10 -11.62 50.91
N LEU A 304 -2.97 -11.41 50.25
CA LEU A 304 -2.12 -12.53 49.82
C LEU A 304 -1.36 -13.12 51.01
N ASP A 305 -1.01 -12.26 51.96
CA ASP A 305 -0.40 -12.74 53.19
C ASP A 305 -1.35 -13.68 53.93
N SER A 306 -2.60 -13.24 54.07
CA SER A 306 -3.63 -14.04 54.71
C SER A 306 -3.88 -15.35 53.95
N THR A 307 -4.01 -15.25 52.63
CA THR A 307 -4.28 -16.40 51.79
C THR A 307 -3.16 -17.44 51.86
N ARG A 308 -1.93 -16.97 51.91
CA ARG A 308 -0.78 -17.88 51.99
C ARG A 308 -0.77 -18.63 53.31
N LYS A 309 -1.04 -17.91 54.40
CA LYS A 309 -1.05 -18.51 55.73
C LYS A 309 -2.18 -19.51 55.92
N ASN A 310 -3.32 -19.27 55.27
CA ASN A 310 -4.44 -20.21 55.30
C ASN A 310 -4.27 -21.38 54.33
N PHE A 311 -3.42 -21.19 53.33
CA PHE A 311 -3.10 -22.25 52.38
C PHE A 311 -1.58 -22.40 52.21
N PRO A 312 -0.91 -22.83 53.29
CA PRO A 312 0.55 -22.80 53.38
C PRO A 312 1.29 -23.71 52.40
N LYS A 313 0.62 -24.72 51.83
CA LYS A 313 1.29 -25.59 50.87
C LYS A 313 1.28 -25.02 49.45
N VAL A 314 0.47 -23.97 49.24
CA VAL A 314 0.29 -23.41 47.91
C VAL A 314 1.38 -22.40 47.53
N ASN A 315 1.97 -22.58 46.36
CA ASN A 315 2.89 -21.59 45.80
C ASN A 315 2.10 -20.56 45.01
N LYS A 317 2.13 -16.68 43.18
CA LYS A 317 2.90 -15.57 42.61
C LYS A 317 2.00 -14.47 42.10
N ILE A 318 2.51 -13.24 42.10
CA ILE A 318 1.95 -12.17 41.28
C ILE A 318 2.69 -12.19 39.96
N ASP A 319 1.98 -12.46 38.88
CA ASP A 319 2.59 -12.46 37.56
C ASP A 319 2.67 -11.04 37.04
N GLU A 320 1.62 -10.26 37.25
CA GLU A 320 1.51 -8.95 36.64
C GLU A 320 0.44 -8.08 37.30
N ILE A 321 0.72 -6.79 37.37
CA ILE A 321 -0.30 -5.78 37.68
C ILE A 321 -0.15 -4.66 36.66
N THR A 322 -1.15 -4.48 35.83
CA THR A 322 -1.09 -3.48 34.75
C THR A 322 -2.35 -2.62 34.69
N PRO A 323 -2.18 -1.33 34.43
CA PRO A 323 -3.37 -0.51 34.18
C PRO A 323 -3.99 -0.91 32.85
N ALA A 325 -6.01 -0.21 29.28
CA ALA A 325 -6.18 0.82 28.26
C ALA A 325 -7.56 0.70 27.60
N VAL B 5 -29.17 -3.88 -3.72
CA VAL B 5 -30.10 -4.48 -2.77
C VAL B 5 -30.65 -3.45 -1.79
N LEU B 6 -31.97 -3.46 -1.62
CA LEU B 6 -32.65 -2.50 -0.75
C LEU B 6 -32.86 -3.10 0.64
N GLN B 7 -32.19 -2.53 1.63
CA GLN B 7 -32.43 -2.91 3.02
C GLN B 7 -33.36 -1.89 3.67
N ASP B 8 -32.80 -0.85 4.27
CA ASP B 8 -33.62 0.21 4.85
C ASP B 8 -34.39 0.92 3.74
N ILE B 9 -35.69 1.11 3.96
CA ILE B 9 -36.54 1.81 2.99
C ILE B 9 -36.04 3.23 2.77
N ASP B 10 -35.27 3.76 3.72
CA ASP B 10 -34.66 5.07 3.57
C ASP B 10 -33.95 5.21 2.22
N GLY B 11 -33.51 4.08 1.67
CA GLY B 11 -32.79 4.07 0.41
C GLY B 11 -33.59 4.44 -0.82
N ILE B 12 -34.93 4.44 -0.73
CA ILE B 12 -35.76 4.84 -1.86
C ILE B 12 -35.92 6.36 -1.91
N PHE B 13 -35.66 7.01 -0.78
CA PHE B 13 -35.78 8.45 -0.70
C PHE B 13 -34.43 9.10 -1.04
N ASP B 14 -34.34 9.66 -2.24
CA ASP B 14 -33.09 10.25 -2.71
C ASP B 14 -32.97 11.72 -2.30
N SER B 15 -34.04 12.27 -1.73
CA SER B 15 -34.08 13.69 -1.38
C SER B 15 -34.48 13.91 0.07
N GLN B 16 -34.09 15.08 0.59
CA GLN B 16 -34.37 15.46 1.96
C GLN B 16 -34.39 16.97 2.08
N ALA B 17 -35.23 17.47 2.99
CA ALA B 17 -35.28 18.91 3.24
C ALA B 17 -35.49 19.18 4.73
N ILE B 18 -34.96 20.32 5.18
CA ILE B 18 -35.18 20.77 6.55
C ILE B 18 -36.02 22.04 6.51
N LEU B 19 -37.27 21.91 6.91
CA LEU B 19 -38.19 23.03 6.96
C LEU B 19 -37.99 23.78 8.26
N ALA B 20 -38.09 25.09 8.20
CA ALA B 20 -37.96 25.93 9.38
C ALA B 20 -39.03 26.98 9.35
N GLY B 21 -39.47 27.39 10.53
CA GLY B 21 -40.51 28.40 10.62
C GLY B 21 -40.75 28.87 12.03
N ARG B 22 -41.59 29.90 12.14
CA ARG B 22 -41.94 30.50 13.41
C ARG B 22 -43.43 30.79 13.46
N PHE B 23 -44.09 30.43 14.56
CA PHE B 23 -45.46 30.90 14.79
C PHE B 23 -45.59 31.55 16.17
N HIS B 24 -46.34 32.65 16.23
CA HIS B 24 -46.48 33.44 17.44
C HIS B 24 -47.56 32.88 18.35
N ASN B 25 -47.17 32.69 19.61
CA ASN B 25 -47.93 31.89 20.56
C ASN B 25 -47.05 31.87 21.80
N ASP B 26 -47.65 31.77 22.98
CA ASP B 26 -46.92 31.92 24.23
C ASP B 26 -45.90 30.80 24.45
N LEU B 27 -46.19 29.61 23.93
CA LEU B 27 -45.24 28.49 23.99
C LEU B 27 -43.94 28.84 23.29
N THR B 28 -44.04 29.55 22.17
CA THR B 28 -42.88 29.97 21.41
C THR B 28 -42.08 31.01 22.20
N VAL B 29 -42.79 31.94 22.84
CA VAL B 29 -42.15 32.99 23.61
C VAL B 29 -41.28 32.44 24.75
N ILE B 30 -41.80 31.50 25.54
CA ILE B 30 -41.04 30.98 26.68
C ILE B 30 -39.88 30.09 26.24
N ASN B 31 -40.07 29.34 25.17
CA ASN B 31 -39.00 28.53 24.59
C ASN B 31 -37.76 29.34 24.24
N GLU B 32 -38.00 30.47 23.57
CA GLU B 32 -36.91 31.36 23.19
C GLU B 32 -36.35 32.07 24.40
N LYS B 33 -37.23 32.51 25.29
CA LYS B 33 -36.84 33.34 26.41
C LYS B 33 -35.96 32.57 27.40
N TYR B 34 -36.29 31.29 27.59
CA TYR B 34 -35.62 30.47 28.61
C TYR B 34 -34.87 29.26 28.04
N ASP B 35 -34.54 29.31 26.76
CA ASP B 35 -33.70 28.29 26.12
C ASP B 35 -34.24 26.87 26.32
N LEU B 36 -35.54 26.69 26.10
CA LEU B 36 -36.15 25.38 26.24
C LEU B 36 -36.04 24.58 24.95
N PHE B 37 -36.26 23.27 25.07
CA PHE B 37 -36.25 22.39 23.91
C PHE B 37 -37.54 21.58 23.86
N TYR B 38 -38.29 21.75 22.77
CA TYR B 38 -39.47 20.94 22.53
C TYR B 38 -39.19 19.92 21.44
N LEU B 39 -39.72 18.71 21.60
CA LEU B 39 -39.86 17.81 20.48
C LEU B 39 -41.26 18.02 19.92
N LEU B 41 -44.06 16.43 17.47
CA LEU B 41 -44.50 15.21 16.81
C LEU B 41 -45.62 15.53 15.82
N PRO B 42 -45.36 15.38 14.51
CA PRO B 42 -46.46 15.62 13.57
C PRO B 42 -47.54 14.55 13.66
N THR B 43 -48.80 14.96 13.61
CA THR B 43 -49.92 14.03 13.63
C THR B 43 -50.91 14.42 12.55
N ILE B 44 -51.45 13.42 11.86
CA ILE B 44 -52.50 13.66 10.86
C ILE B 44 -53.80 13.03 11.32
N ASN B 45 -54.91 13.64 10.92
CA ASN B 45 -56.23 13.07 11.17
C ASN B 45 -56.78 12.45 9.89
N GLU B 46 -58.02 11.98 9.94
CA GLU B 46 -58.62 11.27 8.83
C GLU B 46 -58.74 12.17 7.59
N LYS B 47 -58.74 13.48 7.81
CA LYS B 47 -58.86 14.45 6.74
C LYS B 47 -57.49 14.91 6.25
N LYS B 48 -56.44 14.24 6.73
CA LYS B 48 -55.06 14.50 6.33
C LYS B 48 -54.61 15.91 6.70
N ILE B 49 -55.21 16.47 7.76
CA ILE B 49 -54.77 17.75 8.30
C ILE B 49 -53.66 17.53 9.32
N VAL B 50 -52.57 18.28 9.17
CA VAL B 50 -51.43 18.13 10.06
C VAL B 50 -51.59 18.99 11.31
N SER B 51 -51.33 18.38 12.47
CA SER B 51 -51.27 19.07 13.74
C SER B 51 -50.01 18.60 14.45
N PHE B 52 -49.77 19.07 15.68
CA PHE B 52 -48.58 18.68 16.42
C PHE B 52 -48.81 18.42 17.91
N TYR B 53 -48.12 17.41 18.41
CA TYR B 53 -47.92 17.24 19.83
C TYR B 53 -46.58 17.87 20.21
N ILE B 54 -46.54 18.52 21.37
CA ILE B 54 -45.31 19.10 21.88
C ILE B 54 -44.89 18.37 23.14
N PHE B 55 -43.62 17.98 23.20
CA PHE B 55 -43.07 17.28 24.34
C PHE B 55 -41.96 18.08 25.00
N LEU B 56 -42.03 18.21 26.32
CA LEU B 56 -41.05 18.95 27.08
C LEU B 56 -40.61 18.15 28.31
N GLN B 57 -39.30 17.99 28.46
CA GLN B 57 -38.76 17.31 29.62
C GLN B 57 -38.91 18.20 30.85
N ASP B 58 -39.54 17.68 31.89
CA ASP B 58 -39.80 18.45 33.10
C ASP B 58 -38.50 18.90 33.75
N ASP B 59 -37.50 18.02 33.75
CA ASP B 59 -36.23 18.30 34.42
C ASP B 59 -35.35 19.28 33.64
N GLN B 60 -35.80 19.68 32.45
CA GLN B 60 -35.09 20.68 31.65
C GLN B 60 -35.65 22.09 31.88
N ILE B 61 -36.62 22.21 32.77
CA ILE B 61 -37.16 23.51 33.14
C ILE B 61 -36.27 24.15 34.21
N PRO B 62 -35.70 25.35 33.93
CA PRO B 62 -34.88 26.01 34.95
C PRO B 62 -35.75 26.34 36.17
N GLU B 63 -35.35 25.86 37.34
CA GLU B 63 -36.20 25.93 38.52
C GLU B 63 -36.58 27.36 38.96
N ARG B 64 -35.67 28.31 38.80
CA ARG B 64 -35.96 29.71 39.08
C ARG B 64 -37.19 30.23 38.34
N HIS B 65 -37.39 29.77 37.11
CA HIS B 65 -38.45 30.31 36.25
C HIS B 65 -39.59 29.30 36.07
N ARG B 66 -39.61 28.25 36.89
CA ARG B 66 -40.63 27.20 36.75
C ARG B 66 -42.03 27.79 36.85
N GLU B 67 -42.23 28.66 37.84
CA GLU B 67 -43.54 29.25 38.09
C GLU B 67 -44.13 29.89 36.84
N GLU B 68 -43.36 30.79 36.23
CA GLU B 68 -43.81 31.48 35.03
C GLU B 68 -44.04 30.50 33.89
N ILE B 69 -43.11 29.55 33.73
CA ILE B 69 -43.18 28.59 32.64
C ILE B 69 -44.39 27.67 32.79
N GLU B 70 -44.62 27.18 34.00
CA GLU B 70 -45.75 26.28 34.24
C GLU B 70 -47.09 26.97 34.01
N SER B 71 -47.18 28.26 34.35
CA SER B 71 -48.43 28.99 34.19
C SER B 71 -48.76 29.17 32.71
N VAL B 72 -47.73 29.28 31.88
CA VAL B 72 -47.92 29.35 30.43
C VAL B 72 -48.30 27.99 29.86
N LEU B 73 -47.64 26.94 30.34
CA LEU B 73 -47.88 25.59 29.84
C LEU B 73 -49.29 25.12 30.16
N ASN B 74 -49.76 25.45 31.36
CA ASN B 74 -51.06 24.98 31.84
C ASN B 74 -52.25 25.53 31.06
N LYS B 75 -52.04 26.62 30.33
CA LYS B 75 -53.07 27.19 29.48
C LYS B 75 -53.40 26.31 28.26
N PHE B 76 -52.53 25.33 27.99
CA PHE B 76 -52.65 24.50 26.79
C PHE B 76 -53.09 23.07 27.09
N ASN B 77 -53.71 22.90 28.26
CA ASN B 77 -54.32 21.62 28.65
C ASN B 77 -53.30 20.47 28.62
N PRO B 78 -52.18 20.64 29.33
CA PRO B 78 -51.11 19.65 29.26
C PRO B 78 -51.41 18.35 30.01
N VAL B 79 -50.77 17.26 29.57
CA VAL B 79 -50.77 16.01 30.30
C VAL B 79 -49.34 15.75 30.77
N ILE B 80 -49.17 15.53 32.07
CA ILE B 80 -47.85 15.30 32.63
C ILE B 80 -47.73 13.86 33.10
N LYS B 81 -46.72 13.17 32.59
CA LYS B 81 -46.54 11.75 32.84
C LYS B 81 -45.11 11.35 32.53
N ASN B 82 -44.52 10.51 33.39
CA ASN B 82 -43.15 10.04 33.20
C ASN B 82 -42.15 11.18 33.01
N GLY B 83 -42.34 12.27 33.76
CA GLY B 83 -41.43 13.39 33.72
C GLY B 83 -41.51 14.22 32.45
N ILE B 84 -42.60 14.05 31.70
CA ILE B 84 -42.75 14.69 30.40
C ILE B 84 -44.07 15.45 30.29
N TRP B 85 -43.99 16.70 29.82
CA TRP B 85 -45.17 17.49 29.50
C TRP B 85 -45.59 17.20 28.07
N LYS B 86 -46.85 16.82 27.88
CA LYS B 86 -47.38 16.63 26.54
C LYS B 86 -48.50 17.62 26.26
N ILE B 87 -48.36 18.35 25.16
CA ILE B 87 -49.31 19.38 24.77
C ILE B 87 -49.76 19.15 23.33
N TYR B 88 -51.07 19.17 23.12
CA TYR B 88 -51.61 19.04 21.78
C TYR B 88 -51.91 20.41 21.19
N LEU B 89 -51.42 20.63 19.98
CA LEU B 89 -51.71 21.85 19.23
C LEU B 89 -52.66 21.52 18.08
N ASP B 90 -53.93 21.85 18.28
CA ASP B 90 -54.95 21.62 17.28
C ASP B 90 -54.81 22.64 16.15
N THR B 91 -55.50 22.38 15.05
CA THR B 91 -55.45 23.22 13.86
C THR B 91 -55.69 24.69 14.16
N GLU B 92 -56.58 24.94 15.11
CA GLU B 92 -56.97 26.31 15.47
C GLU B 92 -55.85 27.07 16.18
N SER B 93 -55.25 26.42 17.18
CA SER B 93 -54.15 26.99 17.97
C SER B 93 -52.84 27.06 17.19
N PHE B 94 -52.81 26.43 16.02
CA PHE B 94 -51.58 26.21 15.26
C PHE B 94 -51.74 26.74 13.84
N LYS B 95 -51.46 28.03 13.68
CA LYS B 95 -51.75 28.76 12.44
C LYS B 95 -51.16 28.06 11.22
N LEU B 96 -49.94 27.56 11.36
CA LEU B 96 -49.21 26.96 10.24
C LEU B 96 -49.77 25.60 9.79
N SER B 97 -50.86 25.14 10.40
CA SER B 97 -51.49 23.88 9.97
C SER B 97 -51.79 23.73 8.46
N GLU B 98 -51.93 24.82 7.71
CA GLU B 98 -52.33 24.69 6.30
C GLU B 98 -51.14 24.55 5.33
N PRO B 99 -49.97 25.17 5.63
CA PRO B 99 -48.87 24.85 4.71
C PRO B 99 -48.39 23.41 4.87
N PHE B 100 -48.23 22.97 6.12
CA PHE B 100 -47.73 21.62 6.40
C PHE B 100 -48.66 20.54 5.88
N SER B 101 -49.96 20.81 5.88
CA SER B 101 -50.92 19.87 5.32
C SER B 101 -50.72 19.78 3.80
N THR B 102 -50.40 20.90 3.18
CA THR B 102 -50.11 20.93 1.75
C THR B 102 -48.85 20.12 1.45
N PHE B 103 -47.80 20.30 2.24
CA PHE B 103 -46.57 19.53 2.06
C PHE B 103 -46.86 18.04 2.17
N PHE B 104 -47.64 17.70 3.20
CA PHE B 104 -47.96 16.31 3.47
C PHE B 104 -48.68 15.68 2.28
N GLY B 105 -49.54 16.47 1.63
CA GLY B 105 -50.32 15.97 0.51
C GLY B 105 -49.49 15.61 -0.70
N ILE B 106 -48.25 16.10 -0.75
CA ILE B 106 -47.32 15.70 -1.79
C ILE B 106 -46.92 14.25 -1.51
N ASP B 107 -47.13 13.39 -2.51
CA ASP B 107 -47.20 11.95 -2.30
C ASP B 107 -46.01 11.32 -1.56
N SER B 108 -44.79 11.62 -1.99
CA SER B 108 -43.62 10.94 -1.46
C SER B 108 -43.05 11.58 -0.19
N ILE B 109 -43.67 12.65 0.27
CA ILE B 109 -43.17 13.36 1.45
C ILE B 109 -43.39 12.56 2.73
N VAL B 110 -42.31 12.35 3.47
CA VAL B 110 -42.37 11.68 4.77
C VAL B 110 -41.92 12.65 5.86
N PHE B 111 -42.78 12.89 6.84
CA PHE B 111 -42.44 13.77 7.95
C PHE B 111 -41.63 13.02 8.99
N ASP B 112 -40.53 13.61 9.42
CA ASP B 112 -39.75 13.10 10.54
C ASP B 112 -40.13 13.85 11.81
N GLY B 114 -39.91 16.58 14.53
CA GLY B 114 -39.45 17.96 14.53
C GLY B 114 -39.06 18.41 15.93
N SER B 115 -38.61 19.66 16.04
CA SER B 115 -38.25 20.23 17.33
C SER B 115 -38.47 21.72 17.32
N LYS B 117 -36.47 25.13 19.16
CA LYS B 117 -35.38 25.63 19.97
C LYS B 117 -35.09 27.07 19.57
N GLY B 118 -34.87 27.93 20.56
CA GLY B 118 -34.68 29.35 20.30
C GLY B 118 -35.88 29.98 19.63
N GLY B 119 -37.05 29.41 19.88
CA GLY B 119 -38.28 29.92 19.30
C GLY B 119 -38.51 29.53 17.85
N GLU B 120 -37.57 28.77 17.28
CA GLU B 120 -37.70 28.34 15.88
C GLU B 120 -37.99 26.86 15.76
N LEU B 122 -38.06 23.39 13.68
CA LEU B 122 -37.34 22.67 12.64
C LEU B 122 -38.03 21.34 12.34
N LEU B 123 -38.33 21.10 11.07
CA LEU B 123 -39.02 19.88 10.66
C LEU B 123 -38.36 19.23 9.45
N PRO B 124 -37.70 18.08 9.65
CA PRO B 124 -37.11 17.39 8.51
C PRO B 124 -38.14 16.60 7.71
N VAL B 125 -37.97 16.55 6.40
CA VAL B 125 -38.78 15.68 5.55
C VAL B 125 -37.90 14.94 4.57
N ARG B 126 -38.30 13.72 4.24
CA ARG B 126 -37.61 12.91 3.25
C ARG B 126 -38.59 12.62 2.12
N PHE B 127 -38.10 12.57 0.89
CA PHE B 127 -38.97 12.40 -0.26
C PHE B 127 -38.21 11.98 -1.50
N ILE B 128 -38.95 11.83 -2.60
CA ILE B 128 -38.38 11.40 -3.87
C ILE B 128 -38.33 12.61 -4.81
N SER B 129 -37.20 12.74 -5.51
CA SER B 129 -36.82 14.00 -6.15
C SER B 129 -37.81 14.53 -7.18
N LYS B 130 -38.61 13.65 -7.78
CA LYS B 130 -39.63 14.11 -8.73
C LYS B 130 -40.60 15.10 -8.06
N ASP B 131 -40.76 14.98 -6.74
CA ASP B 131 -41.67 15.83 -5.99
C ASP B 131 -41.00 17.10 -5.44
N LYS B 132 -39.72 17.31 -5.76
CA LYS B 132 -38.99 18.45 -5.21
C LYS B 132 -39.62 19.78 -5.60
N ASP B 133 -39.93 19.96 -6.88
CA ASP B 133 -40.44 21.23 -7.36
C ASP B 133 -41.79 21.55 -6.74
N ALA B 134 -42.62 20.53 -6.54
CA ALA B 134 -43.92 20.72 -5.92
C ALA B 134 -43.78 21.23 -4.50
N LEU B 135 -42.80 20.69 -3.77
CA LEU B 135 -42.55 21.10 -2.40
C LEU B 135 -42.07 22.55 -2.36
N VAL B 136 -41.09 22.87 -3.21
CA VAL B 136 -40.53 24.21 -3.27
C VAL B 136 -41.60 25.24 -3.63
N ASN B 137 -42.44 24.90 -4.61
CA ASN B 137 -43.46 25.82 -5.07
C ASN B 137 -44.51 26.13 -4.02
N SER B 138 -44.89 25.14 -3.20
CA SER B 138 -45.89 25.40 -2.16
C SER B 138 -45.25 26.21 -1.02
N ILE B 139 -43.95 26.05 -0.81
CA ILE B 139 -43.25 26.90 0.14
C ILE B 139 -43.21 28.36 -0.34
N ILE B 140 -42.97 28.53 -1.64
CA ILE B 140 -42.93 29.88 -2.21
C ILE B 140 -44.31 30.50 -2.28
N ASP B 141 -45.31 29.71 -2.67
CA ASP B 141 -46.68 30.20 -2.70
C ASP B 141 -47.13 30.59 -1.30
N SER B 142 -46.80 29.73 -0.34
CA SER B 142 -47.10 29.99 1.06
C SER B 142 -46.51 31.33 1.53
N ALA B 143 -45.32 31.66 1.04
CA ALA B 143 -44.65 32.90 1.42
C ALA B 143 -45.37 34.10 0.84
N GLY B 144 -46.21 33.86 -0.15
CA GLY B 144 -46.97 34.92 -0.80
C GLY B 144 -48.22 35.21 -0.01
N TYR B 145 -48.60 34.28 0.86
CA TYR B 145 -49.71 34.52 1.77
C TYR B 145 -49.31 35.08 3.14
N GLY B 146 -48.03 35.35 3.36
CA GLY B 146 -47.62 35.91 4.64
C GLY B 146 -46.66 34.99 5.38
N GLU B 147 -46.86 33.69 5.16
CA GLU B 147 -46.23 32.61 5.91
C GLU B 147 -44.70 32.66 5.89
N ASN B 148 -44.08 32.43 7.05
CA ASN B 148 -42.63 32.56 7.18
C ASN B 148 -41.88 31.23 7.15
N ILE B 149 -42.45 30.21 6.52
CA ILE B 149 -41.76 28.92 6.42
C ILE B 149 -40.69 28.99 5.34
N TYR B 150 -39.50 28.46 5.65
CA TYR B 150 -38.39 28.49 4.71
C TYR B 150 -37.56 27.21 4.80
N LEU B 151 -36.52 27.15 3.98
CA LEU B 151 -35.67 25.97 3.88
C LEU B 151 -34.26 26.22 4.42
N ARG B 152 -33.85 25.41 5.38
CA ARG B 152 -32.46 25.41 5.86
C ARG B 152 -31.64 24.39 5.10
N TYR B 153 -32.31 23.50 4.39
CA TYR B 153 -31.65 22.49 3.58
C TYR B 153 -32.62 21.89 2.57
N ILE B 154 -32.16 21.69 1.35
CA ILE B 154 -32.87 20.83 0.41
C ILE B 154 -31.85 20.29 -0.59
N GLY B 155 -31.87 18.97 -0.77
CA GLY B 155 -30.91 18.30 -1.64
C GLY B 155 -30.98 16.81 -1.43
N GLN B 156 -29.83 16.15 -1.54
CA GLN B 156 -29.75 14.69 -1.35
C GLN B 156 -30.18 14.28 0.03
N ASN B 157 -30.74 13.08 0.14
CA ASN B 157 -31.05 12.51 1.44
C ASN B 157 -29.75 12.17 2.16
N LYS B 158 -29.49 12.85 3.27
CA LYS B 158 -28.28 12.56 4.06
C LYS B 158 -28.52 11.39 4.99
N GLY B 159 -29.77 10.91 5.03
CA GLY B 159 -30.15 9.80 5.87
C GLY B 159 -31.18 10.20 6.91
N PHE B 160 -32.04 9.25 7.27
CA PHE B 160 -33.03 9.46 8.33
C PHE B 160 -32.36 9.93 9.61
N ASP B 161 -31.14 9.49 9.84
CA ASP B 161 -30.44 9.80 11.08
C ASP B 161 -29.87 11.23 11.07
N TYR B 162 -29.71 11.82 9.90
CA TYR B 162 -29.33 13.23 9.83
C TYR B 162 -30.45 14.11 10.38
N SER B 163 -31.70 13.66 10.22
CA SER B 163 -32.84 14.38 10.75
C SER B 163 -32.70 14.66 12.25
N PHE B 164 -32.15 13.69 12.98
CA PHE B 164 -31.97 13.84 14.43
C PHE B 164 -31.03 14.99 14.72
N ILE B 165 -29.99 15.09 13.91
CA ILE B 165 -28.99 16.15 14.07
C ILE B 165 -29.57 17.50 13.66
N ALA B 166 -30.33 17.50 12.57
CA ALA B 166 -30.92 18.72 12.04
C ALA B 166 -31.81 19.41 13.07
N ILE B 167 -32.54 18.62 13.86
CA ILE B 167 -33.45 19.18 14.85
C ILE B 167 -32.75 19.43 16.19
N LYS B 168 -31.43 19.22 16.22
CA LYS B 168 -30.62 19.57 17.37
C LYS B 168 -30.95 18.74 18.60
N LEU B 169 -31.33 17.48 18.37
CA LEU B 169 -31.52 16.52 19.45
C LEU B 169 -30.16 16.03 19.93
N LEU B 170 -29.84 16.29 21.19
CA LEU B 170 -28.53 15.93 21.74
C LEU B 170 -28.57 14.60 22.46
N ASP B 171 -29.77 14.15 22.81
CA ASP B 171 -29.95 12.89 23.54
C ASP B 171 -29.43 11.70 22.75
N GLN B 172 -28.92 10.70 23.47
CA GLN B 172 -28.53 9.43 22.88
C GLN B 172 -29.72 8.78 22.19
N VAL B 173 -29.53 8.36 20.94
CA VAL B 173 -30.56 7.64 20.20
C VAL B 173 -30.25 6.15 20.20
N TYR B 174 -31.30 5.34 20.29
CA TYR B 174 -31.16 3.88 20.32
C TYR B 174 -31.95 3.26 19.18
N LYS B 175 -31.45 2.15 18.66
CA LYS B 175 -32.16 1.38 17.65
C LYS B 175 -32.74 0.12 18.27
N LEU B 176 -34.06 -0.02 18.19
CA LEU B 176 -34.76 -1.21 18.67
C LEU B 176 -35.27 -2.01 17.49
N THR B 177 -34.98 -3.31 17.49
CA THR B 177 -35.45 -4.21 16.44
C THR B 177 -36.36 -5.29 17.03
N LEU B 178 -37.59 -5.33 16.55
CA LEU B 178 -38.54 -6.38 16.92
C LEU B 178 -38.77 -7.29 15.73
N SER B 179 -38.97 -8.58 15.99
CA SER B 179 -39.29 -9.52 14.94
C SER B 179 -40.52 -10.34 15.31
N ILE B 180 -41.33 -10.61 14.30
CA ILE B 180 -42.56 -11.38 14.46
C ILE B 180 -42.58 -12.46 13.38
N ASP B 181 -42.39 -13.71 13.79
CA ASP B 181 -42.21 -14.79 12.82
C ASP B 181 -43.51 -15.43 12.33
N ASN B 182 -44.63 -15.01 12.90
CA ASN B 182 -45.93 -15.56 12.52
C ASN B 182 -47.00 -14.49 12.31
N PRO B 183 -46.68 -13.42 11.58
CA PRO B 183 -47.60 -12.28 11.45
C PRO B 183 -48.93 -12.64 10.78
N HIS B 184 -48.95 -13.75 10.05
CA HIS B 184 -50.16 -14.19 9.36
C HIS B 184 -51.34 -14.42 10.31
N VAL B 185 -51.07 -14.61 11.60
CA VAL B 185 -52.17 -14.81 12.56
C VAL B 185 -52.96 -13.53 12.78
N HIS B 187 -53.66 -11.66 10.06
CA HIS B 187 -54.35 -11.57 8.79
C HIS B 187 -54.15 -10.17 8.20
N GLY B 188 -55.14 -9.68 7.47
CA GLY B 188 -55.01 -8.37 6.84
C GLY B 188 -53.90 -8.41 5.82
N ILE B 189 -52.97 -7.47 5.89
CA ILE B 189 -51.87 -7.39 4.94
C ILE B 189 -50.90 -8.58 5.05
N PHE B 190 -51.08 -9.41 6.08
CA PHE B 190 -50.23 -10.58 6.29
C PHE B 190 -50.94 -11.90 5.95
N ALA B 191 -52.13 -11.81 5.38
CA ALA B 191 -52.95 -13.00 5.13
C ALA B 191 -52.34 -13.92 4.08
N GLU B 192 -51.72 -13.35 3.05
CA GLU B 192 -51.12 -14.14 1.97
C GLU B 192 -49.80 -14.75 2.40
N THR B 193 -49.78 -16.08 2.52
CA THR B 193 -48.59 -16.81 2.95
C THR B 193 -48.00 -17.69 1.86
N LYS B 194 -48.69 -17.79 0.72
CA LYS B 194 -48.30 -18.75 -0.31
C LYS B 194 -47.31 -18.14 -1.29
N LYS B 195 -47.47 -16.84 -1.53
CA LYS B 195 -46.59 -16.10 -2.42
C LYS B 195 -45.44 -15.48 -1.64
N ASN B 196 -44.26 -15.46 -2.25
CA ASN B 196 -43.08 -14.91 -1.59
C ASN B 196 -43.10 -13.39 -1.64
N ILE B 197 -44.14 -12.81 -1.06
CA ILE B 197 -44.31 -11.36 -1.05
C ILE B 197 -43.23 -10.73 -0.19
N ALA B 198 -42.69 -9.60 -0.66
CA ALA B 198 -41.69 -8.86 0.10
C ALA B 198 -41.92 -7.38 -0.04
N TRP B 199 -41.91 -6.66 1.08
CA TRP B 199 -41.99 -5.21 1.03
C TRP B 199 -41.35 -4.53 2.23
N ARG B 200 -41.17 -3.21 2.08
CA ARG B 200 -40.73 -2.34 3.16
C ARG B 200 -41.80 -1.28 3.34
N ARG B 201 -41.85 -0.67 4.52
CA ARG B 201 -42.90 0.30 4.81
C ARG B 201 -42.44 1.38 5.78
N GLU B 202 -42.86 2.61 5.53
CA GLU B 202 -42.67 3.71 6.47
C GLU B 202 -43.84 4.68 6.38
N SER B 203 -44.32 5.14 7.53
CA SER B 203 -45.43 6.08 7.55
C SER B 203 -44.99 7.46 7.10
N LYS B 204 -45.88 8.18 6.42
CA LYS B 204 -45.62 9.56 6.03
C LYS B 204 -45.70 10.48 7.24
N ALA B 205 -46.45 10.04 8.26
CA ALA B 205 -46.58 10.80 9.51
C ALA B 205 -46.23 9.90 10.69
N PRO B 206 -45.40 10.40 11.63
CA PRO B 206 -45.00 9.56 12.76
C PRO B 206 -46.16 9.15 13.66
N HIS B 207 -47.15 10.03 13.77
CA HIS B 207 -48.35 9.73 14.55
C HIS B 207 -49.57 10.04 13.70
N LYS B 208 -50.67 9.37 13.98
CA LYS B 208 -51.88 9.56 13.19
C LYS B 208 -53.11 9.19 14.00
N ASP B 209 -54.26 9.70 13.57
CA ASP B 209 -55.51 9.52 14.28
C ASP B 209 -56.58 9.02 13.34
N ASN B 210 -56.95 7.76 13.51
CA ASN B 210 -58.02 7.14 12.71
C ASN B 210 -57.75 7.26 11.22
N THR B 211 -56.53 6.89 10.81
CA THR B 211 -56.14 6.90 9.41
C THR B 211 -54.85 6.13 9.18
N GLU B 212 -54.56 5.86 7.92
CA GLU B 212 -53.29 5.26 7.51
C GLU B 212 -52.77 6.05 6.31
N ASP B 213 -51.46 6.28 6.28
CA ASP B 213 -50.86 6.97 5.15
C ASP B 213 -49.39 6.57 5.06
N TYR B 214 -49.15 5.52 4.28
CA TYR B 214 -47.85 4.84 4.24
C TYR B 214 -47.18 4.99 2.90
N ILE B 215 -45.85 4.86 2.92
CA ILE B 215 -45.09 4.54 1.72
C ILE B 215 -44.74 3.05 1.79
N TYR B 216 -45.22 2.27 0.83
CA TYR B 216 -44.82 0.87 0.70
C TYR B 216 -43.87 0.72 -0.48
N ALA B 217 -42.76 0.01 -0.25
CA ALA B 217 -41.91 -0.42 -1.34
C ALA B 217 -42.11 -1.91 -1.53
N LEU B 218 -42.74 -2.28 -2.63
CA LEU B 218 -43.17 -3.66 -2.87
C LEU B 218 -42.35 -4.28 -4.00
N ASP B 219 -41.73 -5.43 -3.71
CA ASP B 219 -41.02 -6.18 -4.74
C ASP B 219 -42.00 -6.38 -5.89
N ASP B 220 -41.61 -5.95 -7.08
CA ASP B 220 -42.54 -5.80 -8.19
C ASP B 220 -42.97 -7.13 -8.79
N THR B 221 -42.49 -8.23 -8.23
CA THR B 221 -43.02 -9.55 -8.56
C THR B 221 -44.52 -9.59 -8.27
N HIS B 222 -44.94 -8.82 -7.28
CA HIS B 222 -46.33 -8.84 -6.86
C HIS B 222 -46.98 -7.46 -6.95
N THR B 223 -48.30 -7.44 -6.82
CA THR B 223 -49.07 -6.20 -6.88
C THR B 223 -49.86 -6.04 -5.59
N ILE B 224 -50.52 -4.88 -5.42
CA ILE B 224 -51.28 -4.61 -4.21
C ILE B 224 -52.40 -5.64 -3.98
N PRO B 225 -53.14 -6.01 -5.05
CA PRO B 225 -54.18 -7.03 -4.85
C PRO B 225 -53.66 -8.36 -4.32
N ASP B 226 -52.39 -8.68 -4.56
CA ASP B 226 -51.81 -9.90 -4.02
C ASP B 226 -51.74 -9.83 -2.49
N ILE B 227 -51.60 -8.63 -1.96
CA ILE B 227 -51.57 -8.41 -0.51
C ILE B 227 -52.97 -8.39 0.11
N LEU B 228 -53.86 -7.65 -0.53
CA LEU B 228 -55.20 -7.41 0.02
C LEU B 228 -56.18 -8.50 -0.39
N ILE B 229 -56.17 -9.59 0.37
CA ILE B 229 -56.99 -10.76 0.08
C ILE B 229 -58.23 -10.84 0.95
N ASP B 230 -58.20 -10.12 2.07
CA ASP B 230 -59.34 -10.06 2.95
C ASP B 230 -59.66 -8.62 3.31
N THR B 231 -60.56 -8.44 4.25
CA THR B 231 -61.04 -7.13 4.63
C THR B 231 -60.59 -6.77 6.05
N ALA B 232 -59.58 -7.47 6.55
CA ALA B 232 -59.17 -7.37 7.95
C ALA B 232 -57.99 -6.42 8.15
N TYR B 233 -57.57 -5.74 7.08
CA TYR B 233 -56.57 -4.69 7.19
C TYR B 233 -57.21 -3.45 7.79
N THR B 234 -56.40 -2.57 8.38
CA THR B 234 -56.88 -1.28 8.85
C THR B 234 -56.85 -0.28 7.69
N GLY B 235 -57.70 0.74 7.75
CA GLY B 235 -57.74 1.77 6.73
C GLY B 235 -58.48 1.38 5.46
N GLU B 236 -57.98 1.86 4.32
CA GLU B 236 -58.64 1.66 3.03
C GLU B 236 -57.69 1.05 2.00
N LYS B 237 -58.27 0.41 0.99
CA LYS B 237 -57.49 -0.34 -0.01
C LYS B 237 -56.77 0.58 -1.01
N GLY B 238 -57.12 1.87 -1.01
CA GLY B 238 -56.63 2.79 -2.02
C GLY B 238 -55.13 2.99 -2.02
N THR B 239 -54.57 3.21 -3.21
CA THR B 239 -53.16 3.52 -3.36
C THR B 239 -52.91 4.58 -4.44
N VAL B 240 -51.71 5.16 -4.40
CA VAL B 240 -51.23 6.02 -5.47
C VAL B 240 -49.86 5.52 -5.90
N TYR B 241 -49.73 5.15 -7.17
CA TYR B 241 -48.44 4.66 -7.67
C TYR B 241 -47.47 5.82 -7.81
N ILE B 242 -46.32 5.72 -7.15
CA ILE B 242 -45.34 6.79 -7.14
C ILE B 242 -44.25 6.57 -8.17
N GLY B 243 -43.78 5.34 -8.30
CA GLY B 243 -42.69 5.04 -9.21
C GLY B 243 -41.91 3.80 -8.86
N LYS B 244 -40.72 3.67 -9.43
CA LYS B 244 -39.90 2.48 -9.25
C LYS B 244 -38.57 2.81 -8.59
N HIS B 245 -38.11 1.93 -7.71
CA HIS B 245 -36.73 1.96 -7.21
C HIS B 245 -36.16 0.56 -7.40
N SER B 246 -35.23 0.43 -8.34
CA SER B 246 -34.63 -0.86 -8.65
C SER B 246 -35.76 -1.84 -9.02
N ASN B 247 -35.89 -2.94 -8.30
CA ASN B 247 -36.94 -3.93 -8.58
C ASN B 247 -38.13 -3.79 -7.64
N TYR B 248 -38.32 -2.59 -7.10
CA TYR B 248 -39.41 -2.30 -6.18
C TYR B 248 -40.39 -1.27 -6.73
N ASP B 249 -41.69 -1.56 -6.60
CA ASP B 249 -42.71 -0.57 -6.90
C ASP B 249 -43.02 0.25 -5.66
N ILE B 250 -43.04 1.58 -5.80
CA ILE B 250 -43.30 2.48 -4.69
C ILE B 250 -44.76 2.95 -4.72
N TYR B 251 -45.44 2.79 -3.60
CA TYR B 251 -46.83 3.22 -3.47
C TYR B 251 -47.04 4.12 -2.26
N ARG B 252 -47.93 5.09 -2.40
CA ARG B 252 -48.58 5.69 -1.25
C ARG B 252 -49.85 4.88 -1.01
N ALA B 253 -50.06 4.45 0.24
CA ALA B 253 -51.16 3.52 0.54
C ALA B 253 -51.86 3.88 1.83
N PHE B 254 -53.15 3.57 1.88
CA PHE B 254 -54.01 3.99 2.98
C PHE B 254 -54.49 2.83 3.84
N PHE B 255 -53.75 1.72 3.81
CA PHE B 255 -54.04 0.57 4.64
C PHE B 255 -52.83 0.21 5.51
N GLY B 256 -53.10 -0.45 6.64
CA GLY B 256 -52.04 -0.82 7.56
C GLY B 256 -52.38 -2.02 8.42
N ASP B 257 -51.82 -2.05 9.62
CA ASP B 257 -52.05 -3.15 10.56
C ASP B 257 -52.38 -2.60 11.96
N ALA B 258 -53.05 -3.42 12.76
CA ALA B 258 -53.54 -2.98 14.06
C ALA B 258 -52.46 -3.04 15.13
N LEU B 259 -51.44 -3.87 14.93
CA LEU B 259 -50.42 -4.06 15.95
C LEU B 259 -49.56 -2.81 16.11
N THR B 260 -49.08 -2.26 15.00
CA THR B 260 -48.29 -1.04 15.04
C THR B 260 -49.11 0.13 15.58
N ASN B 261 -50.39 0.20 15.17
CA ASN B 261 -51.30 1.21 15.70
C ASN B 261 -51.45 1.12 17.21
N HIS B 262 -51.58 -0.10 17.72
CA HIS B 262 -51.74 -0.32 19.15
C HIS B 262 -50.52 0.18 19.92
N SER B 264 -48.29 2.40 19.07
CA SER B 264 -48.24 3.86 18.98
C SER B 264 -49.21 4.51 19.96
N SER B 265 -50.41 3.94 20.07
CA SER B 265 -51.44 4.52 20.92
C SER B 265 -51.12 4.33 22.40
N VAL B 266 -50.51 3.20 22.74
CA VAL B 266 -50.12 2.94 24.12
C VAL B 266 -48.97 3.86 24.55
N ILE B 268 -47.85 6.79 23.39
CA ILE B 268 -48.14 8.22 23.50
C ILE B 268 -49.04 8.52 24.70
N SER B 269 -49.80 7.52 25.14
CA SER B 269 -50.61 7.66 26.36
C SER B 269 -49.68 7.73 27.57
N GLU B 270 -48.43 7.30 27.39
CA GLU B 270 -47.40 7.40 28.41
C GLU B 270 -46.46 8.59 28.15
N ASN B 271 -46.85 9.45 27.21
CA ASN B 271 -46.08 10.65 26.85
C ASN B 271 -44.69 10.32 26.27
N VAL B 272 -44.54 9.14 25.69
CA VAL B 272 -43.31 8.80 24.98
C VAL B 272 -43.62 8.40 23.54
N TYR B 273 -42.61 8.52 22.68
CA TYR B 273 -42.77 8.17 21.28
C TYR B 273 -41.41 7.91 20.66
N TYR B 274 -41.42 7.30 19.48
CA TYR B 274 -40.17 7.07 18.75
C TYR B 274 -39.87 8.26 17.84
N LEU B 275 -38.61 8.37 17.42
CA LEU B 275 -38.18 9.39 16.47
C LEU B 275 -38.48 8.92 15.05
N ARG B 276 -38.39 7.61 14.85
CA ARG B 276 -38.61 7.02 13.54
C ARG B 276 -39.00 5.56 13.66
N ARG B 277 -39.86 5.12 12.75
CA ARG B 277 -40.22 3.72 12.65
C ARG B 277 -40.38 3.31 11.20
N TRP B 278 -39.86 2.12 10.86
CA TRP B 278 -40.17 1.50 9.58
C TRP B 278 -40.22 -0.01 9.78
N SER B 279 -40.75 -0.73 8.79
CA SER B 279 -40.86 -2.18 8.90
C SER B 279 -40.50 -2.90 7.63
N LYS B 280 -40.11 -4.17 7.80
CA LYS B 280 -39.73 -5.04 6.68
C LYS B 280 -40.54 -6.31 6.75
N TYR B 281 -41.09 -6.73 5.62
CA TYR B 281 -41.77 -8.02 5.51
C TYR B 281 -41.15 -8.85 4.40
N GLU B 282 -40.63 -10.02 4.75
CA GLU B 282 -40.13 -10.95 3.75
C GLU B 282 -40.01 -12.35 4.33
N ASP B 283 -40.17 -13.36 3.49
CA ASP B 283 -40.17 -14.75 3.91
C ASP B 283 -41.18 -14.95 5.05
N GLY B 284 -42.39 -14.44 4.84
CA GLY B 284 -43.46 -14.52 5.81
C GLY B 284 -43.13 -14.03 7.22
N LYS B 285 -42.04 -13.26 7.35
CA LYS B 285 -41.59 -12.78 8.65
C LYS B 285 -41.65 -11.24 8.69
N LEU B 286 -42.07 -10.67 9.82
CA LEU B 286 -42.15 -9.20 9.97
C LEU B 286 -41.07 -8.63 10.90
N PHE B 287 -40.42 -7.55 10.47
CA PHE B 287 -39.46 -6.83 11.30
C PHE B 287 -39.92 -5.40 11.56
N LEU B 288 -39.84 -4.97 12.82
CA LEU B 288 -40.14 -3.58 13.18
C LEU B 288 -38.88 -2.91 13.71
N TYR B 289 -38.58 -1.73 13.17
CA TYR B 289 -37.40 -0.98 13.55
C TYR B 289 -37.81 0.36 14.15
N PHE B 290 -37.37 0.60 15.39
CA PHE B 290 -37.66 1.85 16.09
C PHE B 290 -36.38 2.59 16.42
N TYR B 291 -36.38 3.91 16.21
CA TYR B 291 -35.28 4.76 16.64
C TYR B 291 -35.82 5.73 17.69
N THR B 292 -35.22 5.69 18.87
CA THR B 292 -35.80 6.37 20.03
C THR B 292 -34.76 6.86 21.03
N THR B 293 -35.21 7.74 21.93
CA THR B 293 -34.42 8.11 23.10
C THR B 293 -34.75 7.16 24.25
N VAL B 294 -34.12 7.36 25.40
CA VAL B 294 -34.23 6.42 26.50
C VAL B 294 -35.64 6.37 27.12
N ASP B 295 -36.39 7.46 27.04
CA ASP B 295 -37.74 7.50 27.61
C ASP B 295 -38.60 6.34 27.13
N PHE B 296 -38.55 6.10 25.83
CA PHE B 296 -39.28 5.01 25.22
C PHE B 296 -38.76 3.64 25.69
N LEU B 297 -37.43 3.55 25.86
CA LEU B 297 -36.82 2.30 26.30
C LEU B 297 -37.31 1.86 27.66
N ARG B 298 -37.51 2.82 28.56
CA ARG B 298 -37.97 2.52 29.92
C ARG B 298 -39.30 1.78 29.90
N LEU B 299 -40.11 2.07 28.88
CA LEU B 299 -41.48 1.59 28.83
C LEU B 299 -41.68 0.42 27.86
N ILE B 300 -40.61 0.02 27.16
CA ILE B 300 -40.67 -1.09 26.22
C ILE B 300 -41.22 -2.38 26.86
N PRO B 301 -40.73 -2.75 28.05
CA PRO B 301 -41.27 -3.95 28.68
C PRO B 301 -42.79 -3.89 28.89
N ALA B 302 -43.27 -2.78 29.43
CA ALA B 302 -44.70 -2.61 29.68
C ALA B 302 -45.47 -2.59 28.36
N ILE B 303 -44.95 -1.87 27.38
CA ILE B 303 -45.58 -1.74 26.08
C ILE B 303 -45.68 -3.09 25.37
N LEU B 304 -44.64 -3.92 25.48
CA LEU B 304 -44.65 -5.22 24.85
C LEU B 304 -45.55 -6.20 25.60
N ASP B 305 -45.64 -6.05 26.91
CA ASP B 305 -46.55 -6.84 27.73
C ASP B 305 -47.99 -6.58 27.29
N SER B 306 -48.33 -5.30 27.15
CA SER B 306 -49.66 -4.90 26.69
C SER B 306 -49.93 -5.41 25.29
N THR B 307 -48.96 -5.24 24.40
CA THR B 307 -49.12 -5.64 23.01
C THR B 307 -49.31 -7.16 22.88
N ARG B 308 -48.59 -7.92 23.70
CA ARG B 308 -48.70 -9.38 23.68
C ARG B 308 -50.09 -9.81 24.14
N LYS B 309 -50.58 -9.19 25.20
CA LYS B 309 -51.88 -9.55 25.75
C LYS B 309 -53.02 -9.19 24.81
N ASN B 310 -52.87 -8.10 24.06
CA ASN B 310 -53.88 -7.72 23.07
C ASN B 310 -53.77 -8.50 21.77
N PHE B 311 -52.59 -9.08 21.53
CA PHE B 311 -52.34 -9.91 20.35
C PHE B 311 -51.70 -11.24 20.78
N PRO B 312 -52.44 -12.06 21.53
CA PRO B 312 -51.89 -13.23 22.24
C PRO B 312 -51.34 -14.36 21.36
N LYS B 313 -51.73 -14.42 20.10
CA LYS B 313 -51.23 -15.45 19.19
C LYS B 313 -49.92 -15.06 18.52
N VAL B 314 -49.54 -13.79 18.64
CA VAL B 314 -48.37 -13.28 17.93
C VAL B 314 -47.10 -13.59 18.72
N ASN B 315 -46.12 -14.19 18.04
CA ASN B 315 -44.81 -14.40 18.61
C ASN B 315 -43.95 -13.17 18.36
N LYS B 317 -40.45 -11.00 19.42
CA LYS B 317 -39.11 -11.00 20.01
C LYS B 317 -38.47 -9.63 19.96
N ILE B 318 -37.58 -9.36 20.92
CA ILE B 318 -36.62 -8.28 20.77
C ILE B 318 -35.39 -8.89 20.15
N ASP B 319 -35.05 -8.45 18.95
CA ASP B 319 -33.85 -8.93 18.29
C ASP B 319 -32.63 -8.20 18.82
N GLU B 320 -32.76 -6.90 19.01
CA GLU B 320 -31.63 -6.08 19.36
C GLU B 320 -32.04 -4.71 19.90
N ILE B 321 -31.27 -4.21 20.85
CA ILE B 321 -31.33 -2.81 21.27
C ILE B 321 -29.89 -2.30 21.32
N THR B 322 -29.58 -1.35 20.46
CA THR B 322 -28.22 -0.84 20.36
C THR B 322 -28.18 0.69 20.34
N PRO B 323 -27.18 1.28 21.02
CA PRO B 323 -26.99 2.71 20.87
C PRO B 323 -26.46 3.01 19.48
N ALA B 325 -24.11 5.22 16.86
CA ALA B 325 -22.88 6.00 16.80
C ALA B 325 -23.06 7.23 15.93
N VAL C 5 -10.96 21.78 -16.96
CA VAL C 5 -12.34 22.23 -17.21
C VAL C 5 -12.73 23.29 -16.18
N LEU C 6 -13.31 24.39 -16.64
CA LEU C 6 -13.67 25.49 -15.76
C LEU C 6 -15.10 25.36 -15.29
N GLN C 7 -15.27 25.12 -13.98
CA GLN C 7 -16.58 25.12 -13.36
C GLN C 7 -16.83 26.47 -12.68
N ASP C 8 -16.47 26.58 -11.41
CA ASP C 8 -16.61 27.85 -10.70
C ASP C 8 -15.67 28.89 -11.33
N ILE C 9 -16.21 30.06 -11.62
CA ILE C 9 -15.42 31.14 -12.20
C ILE C 9 -14.25 31.53 -11.29
N ASP C 10 -14.36 31.20 -10.01
CA ASP C 10 -13.28 31.44 -9.06
C ASP C 10 -11.94 30.92 -9.60
N GLY C 11 -12.01 29.92 -10.46
CA GLY C 11 -10.82 29.30 -11.03
C GLY C 11 -10.00 30.16 -11.98
N ILE C 12 -10.57 31.27 -12.45
CA ILE C 12 -9.82 32.17 -13.34
C ILE C 12 -8.99 33.16 -12.54
N PHE C 13 -9.34 33.31 -11.26
CA PHE C 13 -8.63 34.22 -10.38
C PHE C 13 -7.51 33.47 -9.66
N ASP C 14 -6.27 33.69 -10.09
CA ASP C 14 -5.14 32.99 -9.51
C ASP C 14 -4.57 33.71 -8.29
N SER C 15 -5.07 34.92 -8.02
CA SER C 15 -4.55 35.73 -6.92
C SER C 15 -5.64 36.22 -5.98
N GLN C 16 -5.22 36.55 -4.75
CA GLN C 16 -6.13 37.01 -3.71
C GLN C 16 -5.37 37.90 -2.75
N ALA C 17 -6.05 38.90 -2.19
CA ALA C 17 -5.44 39.75 -1.18
C ALA C 17 -6.45 40.11 -0.09
N ILE C 18 -5.94 40.34 1.12
CA ILE C 18 -6.77 40.79 2.22
C ILE C 18 -6.35 42.21 2.59
N LEU C 19 -7.21 43.17 2.25
CA LEU C 19 -6.95 44.56 2.57
C LEU C 19 -7.41 44.85 3.99
N ALA C 20 -6.65 45.69 4.68
CA ALA C 20 -7.00 46.07 6.05
C ALA C 20 -6.78 47.56 6.27
N GLY C 21 -7.58 48.13 7.16
CA GLY C 21 -7.47 49.54 7.47
C GLY C 21 -8.35 49.96 8.62
N ARG C 22 -8.19 51.20 9.04
CA ARG C 22 -8.98 51.79 10.10
C ARG C 22 -9.41 53.17 9.66
N PHE C 23 -10.69 53.50 9.83
CA PHE C 23 -11.09 54.89 9.71
C PHE C 23 -11.81 55.25 11.00
N HIS C 24 -11.43 56.38 11.58
CA HIS C 24 -11.97 56.81 12.88
C HIS C 24 -13.20 57.68 12.69
N ASN C 25 -14.21 57.30 13.45
CA ASN C 25 -15.58 57.69 13.24
C ASN C 25 -16.27 56.95 14.38
N ASP C 26 -17.40 57.46 14.84
CA ASP C 26 -17.99 56.95 16.07
C ASP C 26 -18.42 55.47 15.98
N LEU C 27 -18.79 55.02 14.77
CA LEU C 27 -19.10 53.61 14.56
C LEU C 27 -17.90 52.72 14.85
N THR C 28 -16.72 53.20 14.46
CA THR C 28 -15.47 52.45 14.68
C THR C 28 -15.16 52.39 16.16
N VAL C 29 -15.36 53.50 16.86
CA VAL C 29 -15.05 53.56 18.29
C VAL C 29 -15.88 52.53 19.07
N ILE C 30 -17.18 52.45 18.81
CA ILE C 30 -18.03 51.51 19.56
C ILE C 30 -17.75 50.08 19.15
N ASN C 31 -17.44 49.86 17.88
CA ASN C 31 -17.06 48.54 17.38
C ASN C 31 -15.89 47.98 18.19
N GLU C 32 -14.86 48.81 18.35
CA GLU C 32 -13.68 48.43 19.11
C GLU C 32 -14.01 48.39 20.60
N LYS C 33 -14.80 49.36 21.06
CA LYS C 33 -15.11 49.53 22.47
C LYS C 33 -15.90 48.36 23.05
N TYR C 34 -16.84 47.82 22.28
CA TYR C 34 -17.72 46.78 22.77
C TYR C 34 -17.65 45.46 22.00
N ASP C 35 -16.55 45.23 21.30
CA ASP C 35 -16.32 43.95 20.63
C ASP C 35 -17.48 43.59 19.69
N LEU C 36 -17.92 44.57 18.90
CA LEU C 36 -18.99 44.35 17.95
C LEU C 36 -18.45 43.80 16.64
N PHE C 37 -19.35 43.25 15.83
CA PHE C 37 -18.99 42.74 14.51
C PHE C 37 -19.91 43.35 13.46
N TYR C 38 -19.30 44.04 12.50
CA TYR C 38 -20.03 44.56 11.36
C TYR C 38 -19.71 43.74 10.14
N LEU C 39 -20.71 43.49 9.31
CA LEU C 39 -20.46 43.10 7.93
C LEU C 39 -20.45 44.37 7.10
N LEU C 41 -20.60 45.76 3.30
CA LEU C 41 -20.97 45.44 1.92
C LEU C 41 -20.50 46.55 0.97
N PRO C 42 -19.52 46.25 0.10
CA PRO C 42 -19.10 47.27 -0.86
C PRO C 42 -20.17 47.57 -1.90
N THR C 43 -20.38 48.84 -2.20
CA THR C 43 -21.34 49.23 -3.23
C THR C 43 -20.70 50.28 -4.14
N ILE C 44 -20.92 50.15 -5.44
CA ILE C 44 -20.44 51.13 -6.41
C ILE C 44 -21.61 51.87 -7.03
N ASN C 45 -21.38 53.12 -7.41
CA ASN C 45 -22.37 53.90 -8.14
C ASN C 45 -21.98 54.01 -9.60
N GLU C 46 -22.73 54.79 -10.38
CA GLU C 46 -22.54 54.86 -11.81
C GLU C 46 -21.16 55.40 -12.22
N LYS C 47 -20.54 56.20 -11.36
CA LYS C 47 -19.20 56.72 -11.62
C LYS C 47 -18.11 55.85 -10.98
N LYS C 48 -18.50 54.66 -10.54
CA LYS C 48 -17.57 53.66 -10.00
C LYS C 48 -16.89 54.09 -8.71
N ILE C 49 -17.57 54.92 -7.92
CA ILE C 49 -17.09 55.28 -6.59
C ILE C 49 -17.56 54.25 -5.58
N VAL C 50 -16.64 53.77 -4.75
CA VAL C 50 -16.95 52.75 -3.76
C VAL C 50 -17.48 53.35 -2.47
N SER C 51 -18.56 52.75 -1.97
CA SER C 51 -19.14 53.10 -0.67
C SER C 51 -19.40 51.81 0.08
N PHE C 52 -19.97 51.91 1.28
CA PHE C 52 -20.25 50.71 2.07
C PHE C 52 -21.57 50.78 2.83
N TYR C 53 -22.25 49.65 2.86
CA TYR C 53 -23.34 49.40 3.80
C TYR C 53 -22.77 48.66 4.99
N ILE C 54 -23.23 49.01 6.19
CA ILE C 54 -22.83 48.34 7.40
C ILE C 54 -24.02 47.59 7.99
N PHE C 55 -23.80 46.32 8.33
CA PHE C 55 -24.84 45.48 8.89
C PHE C 55 -24.45 45.04 10.30
N LEU C 56 -25.38 45.18 11.23
CA LEU C 56 -25.15 44.78 12.61
C LEU C 56 -26.32 43.97 13.14
N GLN C 57 -26.02 42.81 13.68
CA GLN C 57 -27.04 41.96 14.31
C GLN C 57 -27.49 42.60 15.60
N ASP C 58 -28.80 42.84 15.73
CA ASP C 58 -29.34 43.48 16.91
C ASP C 58 -29.07 42.66 18.18
N ASP C 59 -29.19 41.34 18.04
CA ASP C 59 -29.03 40.45 19.19
C ASP C 59 -27.57 40.28 19.63
N GLN C 60 -26.65 40.85 18.87
CA GLN C 60 -25.23 40.83 19.24
C GLN C 60 -24.82 42.09 20.01
N ILE C 61 -25.78 42.97 20.26
CA ILE C 61 -25.52 44.15 21.08
C ILE C 61 -25.61 43.76 22.56
N PRO C 62 -24.51 43.95 23.32
CA PRO C 62 -24.57 43.63 24.75
C PRO C 62 -25.58 44.51 25.47
N GLU C 63 -26.54 43.89 26.16
CA GLU C 63 -27.64 44.62 26.78
C GLU C 63 -27.18 45.67 27.79
N ARG C 64 -26.09 45.41 28.50
CA ARG C 64 -25.52 46.39 29.43
C ARG C 64 -25.33 47.75 28.75
N HIS C 65 -24.89 47.73 27.49
CA HIS C 65 -24.49 48.95 26.79
C HIS C 65 -25.41 49.36 25.64
N ARG C 66 -26.60 48.79 25.58
CA ARG C 66 -27.50 49.07 24.47
C ARG C 66 -27.79 50.57 24.30
N GLU C 67 -28.05 51.24 25.42
CA GLU C 67 -28.39 52.67 25.38
C GLU C 67 -27.32 53.50 24.65
N GLU C 68 -26.07 53.37 25.07
CA GLU C 68 -24.99 54.12 24.47
C GLU C 68 -24.79 53.75 23.00
N ILE C 69 -24.83 52.45 22.71
CA ILE C 69 -24.60 51.97 21.35
C ILE C 69 -25.69 52.45 20.39
N GLU C 70 -26.94 52.36 20.82
CA GLU C 70 -28.06 52.78 19.98
C GLU C 70 -28.01 54.27 19.66
N SER C 71 -27.57 55.07 20.63
CA SER C 71 -27.51 56.52 20.44
C SER C 71 -26.45 56.89 19.41
N VAL C 72 -25.38 56.09 19.35
CA VAL C 72 -24.35 56.29 18.33
C VAL C 72 -24.84 55.84 16.97
N LEU C 73 -25.54 54.71 16.93
CA LEU C 73 -26.03 54.15 15.68
C LEU C 73 -27.06 55.05 15.03
N ASN C 74 -27.94 55.63 15.84
CA ASN C 74 -29.05 56.44 15.32
C ASN C 74 -28.62 57.73 14.63
N LYS C 75 -27.40 58.17 14.89
CA LYS C 75 -26.84 59.34 14.22
C LYS C 75 -26.57 59.10 12.74
N PHE C 76 -26.58 57.84 12.32
CA PHE C 76 -26.20 57.46 10.96
C PHE C 76 -27.41 57.03 10.12
N ASN C 77 -28.59 57.45 10.55
CA ASN C 77 -29.82 57.24 9.80
C ASN C 77 -30.07 55.76 9.50
N PRO C 78 -30.06 54.92 10.55
CA PRO C 78 -30.16 53.47 10.34
C PRO C 78 -31.55 53.01 9.95
N VAL C 79 -31.60 51.88 9.25
CA VAL C 79 -32.84 51.17 8.99
C VAL C 79 -32.77 49.85 9.75
N ILE C 80 -33.79 49.58 10.56
CA ILE C 80 -33.82 48.35 11.35
C ILE C 80 -34.93 47.45 10.83
N LYS C 81 -34.56 46.22 10.49
CA LYS C 81 -35.47 45.28 9.87
C LYS C 81 -34.93 43.87 10.01
N ASN C 82 -35.81 42.92 10.32
CA ASN C 82 -35.42 41.53 10.50
C ASN C 82 -34.27 41.34 11.48
N GLY C 83 -34.28 42.11 12.56
CA GLY C 83 -33.26 41.99 13.59
C GLY C 83 -31.90 42.51 13.19
N ILE C 84 -31.86 43.30 12.12
CA ILE C 84 -30.60 43.78 11.56
C ILE C 84 -30.60 45.30 11.40
N TRP C 85 -29.52 45.93 11.87
CA TRP C 85 -29.29 47.36 11.65
C TRP C 85 -28.56 47.54 10.33
N LYS C 86 -29.11 48.38 9.46
CA LYS C 86 -28.44 48.71 8.19
C LYS C 86 -28.09 50.19 8.15
N ILE C 87 -26.81 50.48 7.90
CA ILE C 87 -26.31 51.84 7.86
C ILE C 87 -25.53 52.08 6.58
N TYR C 88 -25.85 53.17 5.88
CA TYR C 88 -25.15 53.54 4.67
C TYR C 88 -24.04 54.55 4.95
N LEU C 89 -22.84 54.24 4.46
CA LEU C 89 -21.72 55.17 4.54
C LEU C 89 -21.44 55.73 3.17
N ASP C 90 -21.86 56.98 2.95
CA ASP C 90 -21.64 57.64 1.66
C ASP C 90 -20.17 58.06 1.56
N THR C 91 -19.77 58.50 0.38
CA THR C 91 -18.37 58.86 0.10
C THR C 91 -17.79 59.81 1.13
N GLU C 92 -18.60 60.78 1.55
CA GLU C 92 -18.17 61.75 2.54
C GLU C 92 -18.05 61.17 3.93
N SER C 93 -19.04 60.39 4.35
CA SER C 93 -19.04 59.75 5.66
C SER C 93 -17.92 58.71 5.79
N PHE C 94 -17.31 58.38 4.65
CA PHE C 94 -16.36 57.27 4.54
C PHE C 94 -15.05 57.71 3.89
N LYS C 95 -14.13 58.22 4.70
CA LYS C 95 -12.93 58.91 4.21
C LYS C 95 -12.13 58.04 3.22
N LEU C 96 -12.09 56.73 3.47
CA LEU C 96 -11.32 55.79 2.66
C LEU C 96 -11.92 55.50 1.27
N SER C 97 -13.03 56.14 0.94
CA SER C 97 -13.63 55.98 -0.39
C SER C 97 -12.76 56.16 -1.64
N GLU C 98 -11.64 56.87 -1.53
CA GLU C 98 -10.87 57.17 -2.74
C GLU C 98 -9.81 56.10 -3.04
N PRO C 99 -9.20 55.50 -2.00
CA PRO C 99 -8.30 54.38 -2.33
C PRO C 99 -9.05 53.16 -2.85
N PHE C 100 -10.16 52.80 -2.20
CA PHE C 100 -10.93 51.62 -2.62
C PHE C 100 -11.51 51.79 -4.01
N SER C 101 -11.83 53.02 -4.40
CA SER C 101 -12.30 53.29 -5.75
C SER C 101 -11.17 53.02 -6.75
N THR C 102 -9.94 53.36 -6.36
CA THR C 102 -8.77 53.09 -7.17
C THR C 102 -8.52 51.60 -7.35
N PHE C 103 -8.61 50.83 -6.27
CA PHE C 103 -8.42 49.38 -6.36
C PHE C 103 -9.47 48.78 -7.29
N PHE C 104 -10.70 49.23 -7.13
CA PHE C 104 -11.82 48.72 -7.93
C PHE C 104 -11.57 48.97 -9.41
N GLY C 105 -10.96 50.11 -9.72
CA GLY C 105 -10.70 50.48 -11.11
C GLY C 105 -9.71 49.58 -11.80
N ILE C 106 -8.94 48.82 -11.02
CA ILE C 106 -8.05 47.81 -11.60
C ILE C 106 -8.92 46.68 -12.12
N ASP C 107 -8.76 46.36 -13.40
CA ASP C 107 -9.76 45.60 -14.16
C ASP C 107 -10.21 44.28 -13.53
N SER C 108 -9.27 43.43 -13.12
CA SER C 108 -9.64 42.08 -12.68
C SER C 108 -10.00 42.00 -11.19
N ILE C 109 -9.94 43.13 -10.48
CA ILE C 109 -10.20 43.10 -9.05
C ILE C 109 -11.67 42.85 -8.76
N VAL C 110 -11.93 41.84 -7.94
CA VAL C 110 -13.27 41.52 -7.48
C VAL C 110 -13.36 41.72 -5.97
N PHE C 111 -14.28 42.57 -5.53
CA PHE C 111 -14.48 42.80 -4.10
C PHE C 111 -15.37 41.72 -3.49
N ASP C 112 -14.93 41.15 -2.37
CA ASP C 112 -15.76 40.25 -1.59
C ASP C 112 -16.40 40.99 -0.42
N GLY C 114 -16.83 42.37 3.16
CA GLY C 114 -15.88 42.78 4.18
C GLY C 114 -16.49 42.73 5.57
N SER C 115 -15.69 43.08 6.57
CA SER C 115 -16.16 43.13 7.95
C SER C 115 -15.40 44.18 8.75
N LYS C 117 -14.07 44.43 12.87
CA LYS C 117 -13.98 43.82 14.19
C LYS C 117 -12.75 44.39 14.88
N GLY C 118 -12.89 44.70 16.17
CA GLY C 118 -11.82 45.33 16.93
C GLY C 118 -11.44 46.69 16.35
N GLY C 119 -12.39 47.33 15.69
CA GLY C 119 -12.17 48.63 15.09
C GLY C 119 -11.44 48.59 13.76
N GLU C 120 -11.07 47.40 13.30
CA GLU C 120 -10.33 47.27 12.05
C GLU C 120 -11.17 46.64 10.94
N LEU C 122 -11.65 44.70 7.39
CA LEU C 122 -11.00 43.68 6.56
C LEU C 122 -11.80 43.51 5.28
N LEU C 123 -11.10 43.58 4.14
CA LEU C 123 -11.75 43.44 2.84
C LEU C 123 -10.96 42.49 1.93
N PRO C 124 -11.51 41.29 1.68
CA PRO C 124 -10.83 40.40 0.74
C PRO C 124 -11.09 40.80 -0.71
N VAL C 125 -10.10 40.62 -1.58
CA VAL C 125 -10.30 40.81 -3.01
C VAL C 125 -9.67 39.65 -3.75
N ARG C 126 -10.25 39.30 -4.90
CA ARG C 126 -9.71 38.27 -5.77
C ARG C 126 -9.42 38.90 -7.12
N PHE C 127 -8.37 38.45 -7.78
CA PHE C 127 -7.94 39.06 -9.03
C PHE C 127 -6.99 38.16 -9.81
N ILE C 128 -6.53 38.68 -10.94
CA ILE C 128 -5.63 37.95 -11.83
C ILE C 128 -4.25 38.54 -11.70
N SER C 129 -3.24 37.68 -11.63
CA SER C 129 -1.93 38.07 -11.13
C SER C 129 -1.24 39.18 -11.93
N LYS C 130 -1.58 39.34 -13.21
CA LYS C 130 -1.01 40.43 -13.99
C LYS C 130 -1.31 41.80 -13.36
N ASP C 131 -2.41 41.88 -12.61
CA ASP C 131 -2.82 43.13 -11.99
C ASP C 131 -2.25 43.30 -10.57
N LYS C 132 -1.43 42.36 -10.13
CA LYS C 132 -0.90 42.42 -8.76
C LYS C 132 -0.09 43.69 -8.51
N ASP C 133 0.81 44.01 -9.42
CA ASP C 133 1.70 45.15 -9.24
C ASP C 133 0.93 46.47 -9.20
N ALA C 134 -0.13 46.55 -10.00
CA ALA C 134 -0.96 47.76 -10.01
C ALA C 134 -1.65 47.94 -8.66
N LEU C 135 -2.11 46.83 -8.07
CA LEU C 135 -2.77 46.88 -6.77
C LEU C 135 -1.79 47.30 -5.67
N VAL C 136 -0.63 46.66 -5.65
CA VAL C 136 0.40 46.97 -4.68
C VAL C 136 0.84 48.43 -4.79
N ASN C 137 1.02 48.91 -6.00
CA ASN C 137 1.50 50.27 -6.22
C ASN C 137 0.51 51.33 -5.74
N SER C 138 -0.78 51.10 -5.93
CA SER C 138 -1.77 52.07 -5.49
C SER C 138 -1.91 52.06 -3.97
N ILE C 139 -1.65 50.92 -3.35
CA ILE C 139 -1.60 50.84 -1.90
C ILE C 139 -0.41 51.63 -1.37
N ILE C 140 0.72 51.52 -2.05
CA ILE C 140 1.93 52.24 -1.65
C ILE C 140 1.84 53.74 -1.95
N ASP C 141 1.29 54.10 -3.10
CA ASP C 141 1.10 55.51 -3.45
C ASP C 141 0.15 56.18 -2.46
N SER C 142 -0.93 55.48 -2.15
CA SER C 142 -1.93 55.92 -1.17
C SER C 142 -1.34 56.24 0.20
N ALA C 143 -0.24 55.58 0.56
CA ALA C 143 0.32 55.70 1.89
C ALA C 143 0.81 57.11 2.23
N GLY C 144 0.30 57.61 3.34
CA GLY C 144 0.67 58.91 3.86
C GLY C 144 1.24 58.73 5.24
N TYR C 145 1.16 59.78 6.06
CA TYR C 145 1.54 59.68 7.46
C TYR C 145 0.24 59.35 8.19
N GLY C 146 0.31 58.52 9.23
CA GLY C 146 -0.88 58.12 9.95
C GLY C 146 -1.43 56.82 9.39
N GLU C 147 -2.71 56.54 9.66
CA GLU C 147 -3.32 55.27 9.29
C GLU C 147 -3.40 55.01 7.79
N ASN C 148 -2.83 53.89 7.35
CA ASN C 148 -2.79 53.55 5.94
C ASN C 148 -3.44 52.20 5.67
N ILE C 149 -3.99 52.04 4.47
CA ILE C 149 -4.54 50.76 4.07
C ILE C 149 -3.33 49.86 3.80
N TYR C 150 -3.40 48.62 4.26
CA TYR C 150 -2.28 47.71 4.12
C TYR C 150 -2.74 46.30 3.80
N LEU C 151 -1.77 45.39 3.67
CA LEU C 151 -2.04 44.02 3.27
C LEU C 151 -1.75 43.05 4.40
N ARG C 152 -2.77 42.27 4.77
CA ARG C 152 -2.60 41.17 5.71
C ARG C 152 -2.31 39.89 4.94
N TYR C 153 -2.56 39.93 3.64
CA TYR C 153 -2.29 38.81 2.77
C TYR C 153 -2.27 39.25 1.31
N ILE C 154 -1.30 38.74 0.56
CA ILE C 154 -1.36 38.79 -0.89
C ILE C 154 -0.55 37.62 -1.46
N GLY C 155 -1.19 36.89 -2.36
CA GLY C 155 -0.56 35.73 -2.95
C GLY C 155 -1.57 34.96 -3.79
N GLN C 156 -1.38 33.65 -3.87
CA GLN C 156 -2.29 32.82 -4.67
C GLN C 156 -3.69 32.83 -4.07
N ASN C 157 -4.69 32.67 -4.93
CA ASN C 157 -6.07 32.59 -4.48
C ASN C 157 -6.33 31.34 -3.66
N LYS C 158 -6.69 31.54 -2.39
CA LYS C 158 -7.02 30.44 -1.48
C LYS C 158 -8.47 29.98 -1.67
N GLY C 159 -9.23 30.72 -2.48
CA GLY C 159 -10.61 30.40 -2.75
C GLY C 159 -11.54 31.48 -2.24
N PHE C 160 -12.66 31.67 -2.93
CA PHE C 160 -13.68 32.62 -2.51
C PHE C 160 -14.11 32.36 -1.07
N ASP C 161 -14.07 31.09 -0.66
CA ASP C 161 -14.53 30.71 0.66
C ASP C 161 -13.52 31.05 1.76
N TYR C 162 -12.26 31.22 1.39
CA TYR C 162 -11.27 31.70 2.36
C TYR C 162 -11.61 33.12 2.79
N SER C 163 -12.20 33.90 1.90
CA SER C 163 -12.61 35.26 2.20
C SER C 163 -13.51 35.30 3.44
N PHE C 164 -14.39 34.32 3.59
CA PHE C 164 -15.30 34.26 4.73
C PHE C 164 -14.52 34.13 6.02
N ILE C 165 -13.46 33.33 5.98
CA ILE C 165 -12.60 33.10 7.14
C ILE C 165 -11.76 34.34 7.44
N ALA C 166 -11.26 34.97 6.37
CA ALA C 166 -10.41 36.14 6.50
C ALA C 166 -11.09 37.29 7.25
N ILE C 167 -12.39 37.46 7.01
CA ILE C 167 -13.15 38.55 7.64
C ILE C 167 -13.74 38.15 9.00
N LYS C 168 -13.38 36.97 9.49
CA LYS C 168 -13.78 36.48 10.81
C LYS C 168 -15.28 36.26 10.93
N LEU C 169 -15.92 35.86 9.83
CA LEU C 169 -17.33 35.47 9.88
C LEU C 169 -17.42 34.07 10.47
N LEU C 170 -18.09 33.96 11.62
CA LEU C 170 -18.19 32.68 12.32
C LEU C 170 -19.50 31.96 12.01
N ASP C 171 -20.46 32.70 11.46
CA ASP C 171 -21.76 32.14 11.13
C ASP C 171 -21.67 31.03 10.08
N GLN C 172 -22.55 30.06 10.20
CA GLN C 172 -22.70 29.01 9.19
C GLN C 172 -23.03 29.62 7.84
N VAL C 173 -22.29 29.21 6.81
CA VAL C 173 -22.56 29.65 5.45
C VAL C 173 -23.31 28.56 4.68
N TYR C 174 -24.20 28.98 3.80
CA TYR C 174 -25.00 28.06 2.99
C TYR C 174 -24.80 28.35 1.51
N LYS C 175 -24.89 27.30 0.69
CA LYS C 175 -24.85 27.45 -0.76
C LYS C 175 -26.24 27.22 -1.34
N LEU C 176 -26.76 28.24 -2.03
CA LEU C 176 -28.03 28.16 -2.72
C LEU C 176 -27.80 28.11 -4.23
N THR C 177 -28.44 27.16 -4.90
CA THR C 177 -28.36 27.05 -6.35
C THR C 177 -29.74 27.21 -6.97
N LEU C 178 -29.87 28.21 -7.83
CA LEU C 178 -31.09 28.41 -8.60
C LEU C 178 -30.82 28.09 -10.05
N SER C 179 -31.82 27.56 -10.74
CA SER C 179 -31.71 27.29 -12.17
C SER C 179 -32.89 27.88 -12.92
N ILE C 180 -32.59 28.39 -14.11
CA ILE C 180 -33.57 29.00 -14.98
C ILE C 180 -33.38 28.41 -16.36
N ASP C 181 -34.33 27.58 -16.79
CA ASP C 181 -34.17 26.81 -18.01
C ASP C 181 -34.65 27.55 -19.27
N ASN C 182 -35.25 28.73 -19.10
CA ASN C 182 -35.74 29.51 -20.23
C ASN C 182 -35.36 30.99 -20.17
N PRO C 183 -34.09 31.29 -19.87
CA PRO C 183 -33.67 32.68 -19.67
C PRO C 183 -33.86 33.56 -20.90
N HIS C 184 -33.97 32.94 -22.07
CA HIS C 184 -34.17 33.67 -23.32
C HIS C 184 -35.43 34.53 -23.28
N VAL C 185 -36.31 34.21 -22.33
CA VAL C 185 -37.56 34.94 -22.16
C VAL C 185 -37.30 36.38 -21.74
N HIS C 187 -34.66 38.09 -22.86
CA HIS C 187 -33.91 38.72 -23.93
C HIS C 187 -32.57 39.24 -23.40
N GLY C 188 -32.07 40.33 -23.97
CA GLY C 188 -30.81 40.89 -23.52
C GLY C 188 -29.66 39.93 -23.78
N ILE C 189 -28.86 39.69 -22.75
CA ILE C 189 -27.70 38.81 -22.88
C ILE C 189 -28.11 37.35 -23.13
N PHE C 190 -29.41 37.06 -23.00
CA PHE C 190 -29.92 35.70 -23.21
C PHE C 190 -30.69 35.55 -24.52
N ALA C 191 -30.67 36.59 -25.36
CA ALA C 191 -31.49 36.60 -26.57
C ALA C 191 -31.03 35.56 -27.60
N GLU C 192 -29.73 35.36 -27.72
CA GLU C 192 -29.18 34.43 -28.71
C GLU C 192 -29.33 32.98 -28.24
N THR C 193 -30.17 32.23 -28.93
CA THR C 193 -30.46 30.84 -28.54
C THR C 193 -29.94 29.79 -29.53
N LYS C 194 -29.46 30.21 -30.69
CA LYS C 194 -29.02 29.25 -31.71
C LYS C 194 -27.54 28.89 -31.61
N LYS C 195 -26.71 29.82 -31.15
CA LYS C 195 -25.30 29.53 -30.99
C LYS C 195 -25.07 28.95 -29.60
N ASN C 196 -24.19 27.97 -29.49
CA ASN C 196 -23.95 27.31 -28.21
C ASN C 196 -23.06 28.15 -27.32
N ILE C 197 -23.53 29.36 -27.02
CA ILE C 197 -22.78 30.30 -26.20
C ILE C 197 -22.68 29.75 -24.78
N ALA C 198 -21.51 29.91 -24.20
CA ALA C 198 -21.27 29.48 -22.82
C ALA C 198 -20.40 30.49 -22.09
N TRP C 199 -20.81 30.90 -20.89
CA TRP C 199 -19.97 31.75 -20.07
C TRP C 199 -20.22 31.60 -18.58
N ARG C 200 -19.29 32.19 -17.81
CA ARG C 200 -19.41 32.32 -16.36
C ARG C 200 -19.32 33.79 -16.04
N ARG C 201 -19.88 34.20 -14.90
CA ARG C 201 -19.92 35.61 -14.56
C ARG C 201 -19.86 35.83 -13.05
N GLU C 202 -19.13 36.87 -12.65
CA GLU C 202 -19.14 37.33 -11.28
C GLU C 202 -18.95 38.84 -11.25
N SER C 203 -19.71 39.52 -10.40
CA SER C 203 -19.62 40.97 -10.28
C SER C 203 -18.34 41.38 -9.55
N LYS C 204 -17.77 42.51 -9.97
CA LYS C 204 -16.62 43.07 -9.28
C LYS C 204 -17.04 43.66 -7.94
N ALA C 205 -18.31 44.06 -7.84
CA ALA C 205 -18.86 44.61 -6.61
C ALA C 205 -20.11 43.82 -6.19
N PRO C 206 -20.20 43.43 -4.91
CA PRO C 206 -21.36 42.64 -4.47
C PRO C 206 -22.69 43.38 -4.60
N HIS C 207 -22.65 44.70 -4.40
CA HIS C 207 -23.85 45.54 -4.55
C HIS C 207 -23.51 46.72 -5.44
N LYS C 208 -24.52 47.27 -6.11
CA LYS C 208 -24.29 48.38 -7.00
C LYS C 208 -25.54 49.22 -7.20
N ASP C 209 -25.35 50.45 -7.67
CA ASP C 209 -26.42 51.41 -7.83
C ASP C 209 -26.40 52.01 -9.23
N ASN C 210 -27.36 51.59 -10.04
CA ASN C 210 -27.50 52.10 -11.40
C ASN C 210 -26.22 51.91 -12.23
N THR C 211 -25.67 50.71 -12.19
CA THR C 211 -24.48 50.39 -12.97
C THR C 211 -24.26 48.88 -13.02
N GLU C 212 -23.39 48.47 -13.95
CA GLU C 212 -22.97 47.08 -14.05
C GLU C 212 -21.45 47.06 -14.17
N ASP C 213 -20.82 46.09 -13.52
CA ASP C 213 -19.38 45.95 -13.60
C ASP C 213 -19.00 44.51 -13.30
N TYR C 214 -18.93 43.71 -14.37
CA TYR C 214 -18.82 42.27 -14.26
C TYR C 214 -17.49 41.75 -14.80
N ILE C 215 -17.08 40.59 -14.30
CA ILE C 215 -16.10 39.76 -14.99
C ILE C 215 -16.86 38.65 -15.68
N TYR C 216 -16.76 38.60 -17.01
CA TYR C 216 -17.30 37.49 -17.79
C TYR C 216 -16.17 36.61 -18.27
N ALA C 217 -16.31 35.30 -18.07
CA ALA C 217 -15.43 34.33 -18.73
C ALA C 217 -16.25 33.66 -19.82
N LEU C 218 -15.90 33.97 -21.07
CA LEU C 218 -16.66 33.55 -22.24
C LEU C 218 -15.89 32.51 -23.04
N ASP C 219 -16.51 31.37 -23.31
CA ASP C 219 -15.90 30.35 -24.17
C ASP C 219 -15.53 31.03 -25.48
N ASP C 220 -14.25 30.94 -25.84
CA ASP C 220 -13.71 31.79 -26.90
C ASP C 220 -14.16 31.38 -28.30
N THR C 221 -15.02 30.38 -28.40
CA THR C 221 -15.69 30.06 -29.66
C THR C 221 -16.48 31.28 -30.13
N HIS C 222 -16.96 32.08 -29.17
CA HIS C 222 -17.77 33.26 -29.48
C HIS C 222 -17.18 34.55 -28.94
N THR C 223 -17.76 35.66 -29.39
CA THR C 223 -17.32 37.00 -28.99
C THR C 223 -18.49 37.75 -28.35
N ILE C 224 -18.21 38.93 -27.83
CA ILE C 224 -19.24 39.75 -27.17
C ILE C 224 -20.39 40.12 -28.11
N PRO C 225 -20.10 40.50 -29.37
CA PRO C 225 -21.20 40.80 -30.30
C PRO C 225 -22.16 39.62 -30.53
N ASP C 226 -21.70 38.39 -30.34
CA ASP C 226 -22.58 37.23 -30.46
C ASP C 226 -23.64 37.25 -29.36
N ILE C 227 -23.29 37.81 -28.22
CA ILE C 227 -24.22 37.92 -27.10
C ILE C 227 -25.16 39.10 -27.26
N LEU C 228 -24.60 40.27 -27.60
CA LEU C 228 -25.38 41.51 -27.64
C LEU C 228 -26.02 41.75 -29.00
N ILE C 229 -27.15 41.09 -29.24
CA ILE C 229 -27.86 41.21 -30.52
C ILE C 229 -29.09 42.11 -30.45
N ASP C 230 -29.51 42.49 -29.24
CA ASP C 230 -30.61 43.44 -29.07
C ASP C 230 -30.22 44.56 -28.09
N THR C 231 -31.21 45.36 -27.69
CA THR C 231 -30.98 46.52 -26.83
C THR C 231 -31.58 46.35 -25.43
N ALA C 232 -31.90 45.12 -25.05
CA ALA C 232 -32.67 44.85 -23.83
C ALA C 232 -31.79 44.45 -22.64
N TYR C 233 -30.48 44.48 -22.80
CA TYR C 233 -29.57 44.24 -21.67
C TYR C 233 -29.54 45.49 -20.77
N THR C 234 -29.16 45.30 -19.51
CA THR C 234 -28.94 46.42 -18.61
C THR C 234 -27.51 46.94 -18.77
N GLY C 235 -27.29 48.21 -18.45
CA GLY C 235 -25.97 48.80 -18.53
C GLY C 235 -25.56 49.19 -19.95
N GLU C 236 -24.26 49.05 -20.26
CA GLU C 236 -23.72 49.47 -21.55
C GLU C 236 -22.95 48.32 -22.21
N LYS C 237 -22.79 48.40 -23.53
CA LYS C 237 -22.16 47.32 -24.30
C LYS C 237 -20.65 47.23 -24.11
N GLY C 238 -20.05 48.24 -23.48
CA GLY C 238 -18.60 48.34 -23.40
C GLY C 238 -17.94 47.19 -22.65
N THR C 239 -16.74 46.82 -23.09
CA THR C 239 -15.93 45.81 -22.40
C THR C 239 -14.46 46.20 -22.39
N VAL C 240 -13.71 45.53 -21.51
CA VAL C 240 -12.25 45.60 -21.52
C VAL C 240 -11.71 44.18 -21.53
N TYR C 241 -10.94 43.84 -22.56
CA TYR C 241 -10.37 42.50 -22.66
C TYR C 241 -9.24 42.35 -21.65
N ILE C 242 -9.36 41.34 -20.79
CA ILE C 242 -8.40 41.11 -19.72
C ILE C 242 -7.34 40.09 -20.13
N GLY C 243 -7.78 39.01 -20.77
CA GLY C 243 -6.86 37.95 -21.15
C GLY C 243 -7.54 36.60 -21.31
N LYS C 244 -6.73 35.54 -21.29
CA LYS C 244 -7.22 34.18 -21.49
C LYS C 244 -7.00 33.26 -20.30
N HIS C 245 -7.99 32.41 -20.05
CA HIS C 245 -7.86 31.28 -19.15
C HIS C 245 -8.31 30.04 -19.89
N SER C 246 -7.35 29.18 -20.23
CA SER C 246 -7.64 27.96 -20.97
C SER C 246 -8.34 28.35 -22.28
N ASN C 247 -9.55 27.84 -22.51
CA ASN C 247 -10.31 28.16 -23.72
C ASN C 247 -11.38 29.23 -23.48
N TYR C 248 -11.15 30.07 -22.47
CA TYR C 248 -12.09 31.14 -22.12
C TYR C 248 -11.45 32.52 -22.28
N ASP C 249 -12.18 33.45 -22.89
CA ASP C 249 -11.79 34.85 -22.91
C ASP C 249 -12.34 35.58 -21.69
N ILE C 250 -11.49 36.32 -20.99
CA ILE C 250 -11.90 37.06 -19.80
C ILE C 250 -12.15 38.53 -20.14
N TYR C 251 -13.32 39.03 -19.77
CA TYR C 251 -13.69 40.43 -20.02
C TYR C 251 -14.14 41.12 -18.74
N ARG C 252 -13.81 42.40 -18.63
CA ARG C 252 -14.55 43.28 -17.76
C ARG C 252 -15.65 43.87 -18.62
N ALA C 253 -16.89 43.83 -18.14
CA ALA C 253 -18.04 44.23 -18.94
C ALA C 253 -19.03 45.03 -18.13
N PHE C 254 -19.72 45.94 -18.82
CA PHE C 254 -20.60 46.91 -18.17
C PHE C 254 -22.07 46.66 -18.50
N PHE C 255 -22.39 45.42 -18.88
CA PHE C 255 -23.78 45.03 -19.12
C PHE C 255 -24.16 43.84 -18.24
N GLY C 256 -25.46 43.70 -17.98
CA GLY C 256 -25.95 42.62 -17.14
C GLY C 256 -27.41 42.26 -17.45
N ASP C 257 -28.11 41.79 -16.43
CA ASP C 257 -29.51 41.39 -16.56
C ASP C 257 -30.34 41.96 -15.41
N ALA C 258 -31.65 42.10 -15.64
CA ALA C 258 -32.53 42.77 -14.69
C ALA C 258 -32.96 41.86 -13.54
N LEU C 259 -32.92 40.55 -13.75
CA LEU C 259 -33.39 39.62 -12.74
C LEU C 259 -32.47 39.59 -11.53
N THR C 260 -31.16 39.48 -11.76
CA THR C 260 -30.20 39.50 -10.67
C THR C 260 -30.25 40.84 -9.94
N ASN C 261 -30.39 41.93 -10.68
CA ASN C 261 -30.55 43.25 -10.08
C ASN C 261 -31.77 43.33 -9.18
N HIS C 262 -32.89 42.78 -9.64
CA HIS C 262 -34.13 42.81 -8.87
C HIS C 262 -33.98 42.09 -7.54
N SER C 264 -31.30 41.52 -5.87
CA SER C 264 -30.38 42.26 -5.02
C SER C 264 -31.06 43.43 -4.30
N SER C 265 -31.91 44.18 -5.01
CA SER C 265 -32.56 45.34 -4.42
C SER C 265 -33.66 44.92 -3.44
N VAL C 266 -34.34 43.81 -3.72
CA VAL C 266 -35.36 43.31 -2.82
C VAL C 266 -34.74 42.83 -1.51
N ILE C 268 -31.78 43.57 -0.11
CA ILE C 268 -31.17 44.62 0.71
C ILE C 268 -32.24 45.53 1.33
N SER C 269 -33.40 45.60 0.69
CA SER C 269 -34.51 46.34 1.28
C SER C 269 -35.01 45.62 2.52
N GLU C 270 -34.65 44.35 2.65
CA GLU C 270 -34.96 43.54 3.84
C GLU C 270 -33.75 43.43 4.77
N ASN C 271 -32.71 44.23 4.50
CA ASN C 271 -31.49 44.23 5.31
C ASN C 271 -30.73 42.90 5.33
N VAL C 272 -30.90 42.11 4.28
CA VAL C 272 -30.12 40.88 4.12
C VAL C 272 -29.39 40.90 2.79
N TYR C 273 -28.32 40.14 2.69
CA TYR C 273 -27.56 40.06 1.46
C TYR C 273 -26.73 38.79 1.43
N TYR C 274 -26.23 38.44 0.24
CA TYR C 274 -25.36 37.28 0.11
C TYR C 274 -23.92 37.69 0.33
N LEU C 275 -23.08 36.72 0.66
CA LEU C 275 -21.65 36.93 0.80
C LEU C 275 -20.97 36.89 -0.56
N ARG C 276 -21.53 36.08 -1.45
CA ARG C 276 -20.98 35.93 -2.79
C ARG C 276 -22.04 35.42 -3.75
N ARG C 277 -21.94 35.87 -5.00
CA ARG C 277 -22.80 35.40 -6.06
C ARG C 277 -22.03 35.29 -7.35
N TRP C 278 -22.26 34.20 -8.09
CA TRP C 278 -21.77 34.09 -9.46
C TRP C 278 -22.78 33.28 -10.25
N SER C 279 -22.65 33.30 -11.58
CA SER C 279 -23.60 32.60 -12.43
C SER C 279 -22.95 31.87 -13.60
N LYS C 280 -23.65 30.86 -14.09
CA LYS C 280 -23.19 30.05 -15.21
C LYS C 280 -24.27 30.01 -16.28
N TYR C 281 -23.87 30.22 -17.54
CA TYR C 281 -24.77 30.07 -18.67
C TYR C 281 -24.20 29.09 -19.68
N GLU C 282 -24.94 28.01 -19.94
CA GLU C 282 -24.56 27.07 -20.98
C GLU C 282 -25.76 26.19 -21.36
N ASP C 283 -25.77 25.75 -22.61
CA ASP C 283 -26.89 24.96 -23.14
C ASP C 283 -28.23 25.66 -22.95
N GLY C 284 -28.22 26.98 -23.04
CA GLY C 284 -29.42 27.79 -22.92
C GLY C 284 -30.00 27.83 -21.53
N LYS C 285 -29.21 27.41 -20.54
CA LYS C 285 -29.67 27.36 -19.17
C LYS C 285 -28.84 28.29 -18.30
N LEU C 286 -29.52 28.97 -17.37
CA LEU C 286 -28.84 29.89 -16.44
C LEU C 286 -28.82 29.30 -15.04
N PHE C 287 -27.65 29.33 -14.41
CA PHE C 287 -27.48 28.92 -13.02
C PHE C 287 -27.04 30.11 -12.18
N LEU C 288 -27.70 30.29 -11.04
CA LEU C 288 -27.30 31.32 -10.08
C LEU C 288 -26.84 30.64 -8.80
N TYR C 289 -25.66 31.02 -8.32
CA TYR C 289 -25.10 30.44 -7.10
C TYR C 289 -24.93 31.53 -6.05
N PHE C 290 -25.55 31.33 -4.90
CA PHE C 290 -25.47 32.28 -3.79
C PHE C 290 -24.82 31.62 -2.60
N TYR C 291 -23.93 32.37 -1.95
CA TYR C 291 -23.35 31.94 -0.68
C TYR C 291 -23.78 32.94 0.38
N THR C 292 -24.47 32.44 1.41
CA THR C 292 -25.16 33.30 2.36
C THR C 292 -25.20 32.71 3.76
N THR C 293 -25.54 33.56 4.73
CA THR C 293 -25.86 33.11 6.07
C THR C 293 -27.37 32.85 6.14
N VAL C 294 -27.86 32.44 7.30
CA VAL C 294 -29.24 32.02 7.44
C VAL C 294 -30.25 33.16 7.25
N ASP C 295 -29.85 34.40 7.53
CA ASP C 295 -30.73 35.56 7.38
C ASP C 295 -31.34 35.60 5.99
N PHE C 296 -30.49 35.40 4.99
CA PHE C 296 -30.90 35.39 3.60
C PHE C 296 -31.85 34.21 3.32
N LEU C 297 -31.58 33.07 3.94
CA LEU C 297 -32.40 31.88 3.74
C LEU C 297 -33.85 32.08 4.18
N ARG C 298 -34.05 32.79 5.29
CA ARG C 298 -35.39 33.02 5.82
C ARG C 298 -36.27 33.73 4.80
N LEU C 299 -35.65 34.55 3.97
CA LEU C 299 -36.38 35.43 3.06
C LEU C 299 -36.40 34.94 1.62
N ILE C 300 -35.71 33.83 1.35
CA ILE C 300 -35.68 33.26 0.00
C ILE C 300 -37.07 33.03 -0.58
N PRO C 301 -37.98 32.41 0.19
CA PRO C 301 -39.33 32.19 -0.33
C PRO C 301 -39.99 33.49 -0.78
N ALA C 302 -39.95 34.52 0.07
CA ALA C 302 -40.55 35.80 -0.26
C ALA C 302 -39.87 36.45 -1.46
N ILE C 303 -38.55 36.40 -1.47
CA ILE C 303 -37.76 36.99 -2.54
C ILE C 303 -38.04 36.32 -3.88
N LEU C 304 -38.22 35.00 -3.87
CA LEU C 304 -38.50 34.27 -5.11
C LEU C 304 -39.94 34.49 -5.55
N ASP C 305 -40.85 34.65 -4.59
CA ASP C 305 -42.22 34.99 -4.90
C ASP C 305 -42.28 36.32 -5.64
N SER C 306 -41.59 37.31 -5.10
CA SER C 306 -41.51 38.63 -5.71
C SER C 306 -40.87 38.56 -7.09
N THR C 307 -39.76 37.85 -7.17
CA THR C 307 -39.02 37.74 -8.43
C THR C 307 -39.85 37.05 -9.51
N ARG C 308 -40.63 36.06 -9.12
CA ARG C 308 -41.50 35.35 -10.06
C ARG C 308 -42.60 36.27 -10.60
N LYS C 309 -43.20 37.04 -9.71
CA LYS C 309 -44.27 37.94 -10.09
C LYS C 309 -43.79 39.10 -10.98
N ASN C 310 -42.56 39.55 -10.75
CA ASN C 310 -41.96 40.60 -11.58
C ASN C 310 -41.41 40.05 -12.90
N PHE C 311 -41.15 38.75 -12.94
CA PHE C 311 -40.68 38.08 -14.15
C PHE C 311 -41.52 36.82 -14.41
N PRO C 312 -42.81 36.99 -14.71
CA PRO C 312 -43.79 35.89 -14.76
C PRO C 312 -43.56 34.84 -15.85
N LYS C 313 -42.77 35.17 -16.86
CA LYS C 313 -42.49 34.23 -17.95
C LYS C 313 -41.35 33.28 -17.60
N VAL C 314 -40.60 33.62 -16.56
CA VAL C 314 -39.39 32.87 -16.21
C VAL C 314 -39.69 31.65 -15.35
N ASN C 315 -39.15 30.51 -15.76
CA ASN C 315 -39.19 29.30 -14.95
C ASN C 315 -37.99 29.28 -14.02
N LYS C 317 -36.22 27.53 -10.49
CA LYS C 317 -36.17 26.42 -9.54
C LYS C 317 -35.10 26.63 -8.48
N ILE C 318 -35.34 26.05 -7.30
CA ILE C 318 -34.28 25.83 -6.33
C ILE C 318 -33.71 24.44 -6.59
N ASP C 319 -32.42 24.36 -6.96
CA ASP C 319 -31.80 23.07 -7.21
C ASP C 319 -31.43 22.44 -5.88
N GLU C 320 -30.82 23.22 -5.00
CA GLU C 320 -30.38 22.70 -3.71
C GLU C 320 -29.99 23.85 -2.77
N ILE C 321 -30.15 23.61 -1.48
CA ILE C 321 -29.62 24.46 -0.43
C ILE C 321 -28.83 23.58 0.51
N THR C 322 -27.53 23.83 0.61
CA THR C 322 -26.64 22.98 1.40
C THR C 322 -25.76 23.81 2.33
N PRO C 323 -25.54 23.32 3.55
CA PRO C 323 -24.55 24.00 4.39
C PRO C 323 -23.17 23.74 3.82
N ALA C 325 -18.91 23.24 3.89
CA ALA C 325 -17.63 22.91 4.52
C ALA C 325 -17.76 22.57 6.00
N VAL D 5 20.51 21.16 -2.50
CA VAL D 5 20.36 22.51 -3.04
C VAL D 5 19.96 23.49 -1.93
N LEU D 6 20.67 24.62 -1.87
CA LEU D 6 20.48 25.58 -0.78
C LEU D 6 19.49 26.68 -1.16
N GLN D 7 18.34 26.71 -0.49
CA GLN D 7 17.39 27.79 -0.66
C GLN D 7 17.56 28.79 0.48
N ASP D 8 16.83 28.59 1.57
CA ASP D 8 16.97 29.44 2.74
C ASP D 8 18.37 29.27 3.33
N ILE D 9 19.04 30.39 3.60
CA ILE D 9 20.37 30.36 4.19
C ILE D 9 20.36 29.65 5.54
N ASP D 10 19.18 29.55 6.16
CA ASP D 10 19.02 28.80 7.40
C ASP D 10 19.63 27.40 7.30
N GLY D 11 19.68 26.87 6.08
CA GLY D 11 20.20 25.53 5.84
C GLY D 11 21.70 25.35 6.07
N ILE D 12 22.45 26.43 6.16
CA ILE D 12 23.89 26.31 6.43
C ILE D 12 24.15 26.20 7.93
N PHE D 13 23.17 26.61 8.74
CA PHE D 13 23.31 26.56 10.18
C PHE D 13 22.77 25.22 10.70
N ASP D 14 23.68 24.33 11.06
CA ASP D 14 23.29 23.00 11.52
C ASP D 14 23.06 22.98 13.03
N SER D 15 23.35 24.09 13.71
CA SER D 15 23.21 24.14 15.16
C SER D 15 22.37 25.31 15.62
N GLN D 16 21.81 25.17 16.83
CA GLN D 16 20.95 26.18 17.42
C GLN D 16 21.02 26.06 18.93
N ALA D 17 20.88 27.18 19.63
CA ALA D 17 20.85 27.18 21.08
C ALA D 17 19.86 28.22 21.58
N ILE D 18 19.29 27.96 22.75
CA ILE D 18 18.40 28.91 23.42
C ILE D 18 19.08 29.38 24.69
N LEU D 19 19.55 30.62 24.67
CA LEU D 19 20.20 31.20 25.84
C LEU D 19 19.13 31.74 26.78
N ALA D 20 19.37 31.61 28.08
CA ALA D 20 18.44 32.11 29.07
C ALA D 20 19.20 32.80 30.18
N GLY D 21 18.56 33.80 30.77
CA GLY D 21 19.19 34.54 31.84
C GLY D 21 18.27 35.51 32.54
N ARG D 22 18.81 36.09 33.60
CA ARG D 22 18.13 37.06 34.44
C ARG D 22 19.07 38.24 34.76
N PHE D 23 18.59 39.47 34.61
CA PHE D 23 19.33 40.66 35.08
C PHE D 23 18.45 41.51 36.00
N HIS D 24 19.03 41.99 37.09
CA HIS D 24 18.24 42.70 38.09
C HIS D 24 18.15 44.18 37.77
N ASN D 25 16.92 44.65 37.73
CA ASN D 25 16.57 45.95 37.18
C ASN D 25 15.05 46.02 37.25
N ASP D 26 14.53 47.23 37.36
CA ASP D 26 13.12 47.43 37.64
C ASP D 26 12.22 46.92 36.51
N LEU D 27 12.72 46.97 35.28
CA LEU D 27 11.98 46.42 34.14
C LEU D 27 11.73 44.92 34.31
N THR D 28 12.72 44.22 34.84
CA THR D 28 12.58 42.79 35.07
C THR D 28 11.55 42.54 36.18
N VAL D 29 11.62 43.33 37.23
CA VAL D 29 10.71 43.16 38.37
C VAL D 29 9.25 43.28 37.92
N ILE D 30 8.91 44.31 37.14
CA ILE D 30 7.51 44.49 36.74
C ILE D 30 7.09 43.44 35.71
N ASN D 31 8.02 43.04 34.85
CA ASN D 31 7.76 41.99 33.88
C ASN D 31 7.29 40.71 34.55
N GLU D 32 8.00 40.32 35.61
CA GLU D 32 7.65 39.12 36.37
C GLU D 32 6.39 39.33 37.21
N LYS D 33 6.29 40.49 37.83
CA LYS D 33 5.24 40.75 38.81
C LYS D 33 3.86 40.79 38.15
N TYR D 34 3.79 41.33 36.94
CA TYR D 34 2.51 41.56 36.26
C TYR D 34 2.37 40.80 34.95
N ASP D 35 3.16 39.74 34.78
CA ASP D 35 3.03 38.84 33.64
C ASP D 35 3.09 39.58 32.30
N LEU D 36 4.05 40.48 32.17
CA LEU D 36 4.21 41.23 30.94
C LEU D 36 5.07 40.44 29.96
N PHE D 37 5.02 40.85 28.69
CA PHE D 37 5.82 40.23 27.65
C PHE D 37 6.62 41.31 26.92
N TYR D 38 7.94 41.19 26.94
CA TYR D 38 8.80 42.08 26.17
C TYR D 38 9.37 41.33 24.97
N LEU D 39 9.44 42.01 23.85
CA LEU D 39 10.31 41.56 22.77
C LEU D 39 11.62 42.31 22.94
N LEU D 41 15.23 43.15 21.13
CA LEU D 41 15.91 43.21 19.85
C LEU D 41 17.40 43.40 20.07
N PRO D 42 18.21 42.38 19.74
CA PRO D 42 19.65 42.57 19.89
C PRO D 42 20.18 43.58 18.88
N THR D 43 21.03 44.48 19.34
CA THR D 43 21.63 45.49 18.48
C THR D 43 23.12 45.60 18.76
N ILE D 44 23.91 45.73 17.69
CA ILE D 44 25.35 45.93 17.82
C ILE D 44 25.77 47.31 17.32
N ASN D 45 26.84 47.84 17.92
CA ASN D 45 27.43 49.09 17.46
C ASN D 45 28.72 48.81 16.70
N GLU D 46 29.43 49.87 16.32
CA GLU D 46 30.61 49.71 15.46
C GLU D 46 31.73 48.89 16.13
N LYS D 47 31.73 48.86 17.45
CA LYS D 47 32.72 48.10 18.22
C LYS D 47 32.21 46.71 18.59
N LYS D 48 31.11 46.32 17.99
CA LYS D 48 30.54 44.98 18.14
C LYS D 48 30.12 44.68 19.57
N ILE D 49 29.72 45.71 20.30
CA ILE D 49 29.13 45.55 21.62
C ILE D 49 27.63 45.33 21.49
N VAL D 50 27.12 44.29 22.13
CA VAL D 50 25.70 43.96 22.05
C VAL D 50 24.87 44.74 23.07
N SER D 51 23.78 45.32 22.60
CA SER D 51 22.82 46.02 23.46
C SER D 51 21.43 45.52 23.10
N PHE D 52 20.40 46.08 23.74
CA PHE D 52 19.03 45.65 23.45
C PHE D 52 18.03 46.79 23.43
N TYR D 53 17.12 46.71 22.47
CA TYR D 53 15.88 47.47 22.51
C TYR D 53 14.82 46.58 23.12
N ILE D 54 13.97 47.16 23.95
CA ILE D 54 12.84 46.44 24.54
C ILE D 54 11.55 47.01 23.99
N PHE D 55 10.66 46.12 23.56
CA PHE D 55 9.37 46.51 23.01
C PHE D 55 8.25 45.96 23.86
N LEU D 56 7.28 46.81 24.18
CA LEU D 56 6.13 46.42 24.98
C LEU D 56 4.84 46.95 24.35
N GLN D 57 3.88 46.05 24.15
CA GLN D 57 2.57 46.42 23.64
C GLN D 57 1.81 47.19 24.72
N ASP D 58 1.37 48.39 24.38
CA ASP D 58 0.66 49.22 25.35
C ASP D 58 -0.64 48.57 25.83
N ASP D 59 -1.35 47.92 24.91
CA ASP D 59 -2.64 47.33 25.23
C ASP D 59 -2.51 46.04 26.05
N GLN D 60 -1.28 45.59 26.25
CA GLN D 60 -1.01 44.41 27.09
C GLN D 60 -0.70 44.80 28.54
N ILE D 61 -0.74 46.09 28.83
CA ILE D 61 -0.57 46.56 30.20
C ILE D 61 -1.90 46.46 30.95
N PRO D 62 -1.93 45.68 32.05
CA PRO D 62 -3.18 45.61 32.81
C PRO D 62 -3.54 46.97 33.39
N GLU D 63 -4.73 47.46 33.07
CA GLU D 63 -5.17 48.79 33.47
C GLU D 63 -5.15 48.93 34.98
N ARG D 64 -5.39 47.82 35.67
CA ARG D 64 -5.36 47.77 37.13
C ARG D 64 -4.08 48.42 37.69
N HIS D 65 -2.94 48.12 37.04
CA HIS D 65 -1.61 48.57 37.51
C HIS D 65 -0.89 49.53 36.56
N ARG D 66 -1.60 50.15 35.62
CA ARG D 66 -0.96 51.01 34.63
C ARG D 66 -0.10 52.10 35.27
N GLU D 67 -0.62 52.73 36.32
CA GLU D 67 0.10 53.82 36.99
C GLU D 67 1.50 53.38 37.45
N GLU D 68 1.56 52.28 38.19
CA GLU D 68 2.84 51.79 38.69
C GLU D 68 3.78 51.40 37.57
N ILE D 69 3.24 50.70 36.56
CA ILE D 69 4.05 50.21 35.46
C ILE D 69 4.62 51.35 34.63
N GLU D 70 3.78 52.35 34.34
CA GLU D 70 4.23 53.50 33.55
C GLU D 70 5.32 54.28 34.26
N SER D 71 5.23 54.38 35.58
CA SER D 71 6.21 55.13 36.36
C SER D 71 7.57 54.45 36.33
N VAL D 72 7.57 53.12 36.24
CA VAL D 72 8.80 52.36 36.11
C VAL D 72 9.37 52.49 34.70
N LEU D 73 8.49 52.43 33.71
CA LEU D 73 8.91 52.49 32.30
C LEU D 73 9.52 53.86 31.96
N ASN D 74 8.91 54.92 32.48
CA ASN D 74 9.33 56.28 32.15
C ASN D 74 10.73 56.64 32.65
N LYS D 75 11.24 55.86 33.58
CA LYS D 75 12.61 56.05 34.07
C LYS D 75 13.67 55.67 33.03
N PHE D 76 13.25 54.97 31.98
CA PHE D 76 14.18 54.43 30.98
C PHE D 76 14.10 55.17 29.64
N ASN D 77 13.57 56.39 29.69
CA ASN D 77 13.55 57.28 28.54
C ASN D 77 12.84 56.64 27.34
N PRO D 78 11.60 56.20 27.54
CA PRO D 78 10.87 55.45 26.50
C PRO D 78 10.39 56.33 25.35
N VAL D 79 10.24 55.71 24.18
CA VAL D 79 9.56 56.34 23.05
C VAL D 79 8.28 55.55 22.82
N ILE D 80 7.15 56.25 22.77
CA ILE D 80 5.86 55.61 22.57
C ILE D 80 5.30 55.99 21.21
N LYS D 81 4.99 54.98 20.41
CA LYS D 81 4.56 55.19 19.04
C LYS D 81 3.85 53.95 18.53
N ASN D 82 2.75 54.15 17.79
CA ASN D 82 1.98 53.04 17.23
C ASN D 82 1.59 52.01 18.29
N GLY D 83 1.24 52.48 19.48
CA GLY D 83 0.78 51.61 20.54
C GLY D 83 1.89 50.78 21.17
N ILE D 84 3.13 51.17 20.93
CA ILE D 84 4.28 50.39 21.37
C ILE D 84 5.28 51.23 22.16
N TRP D 85 5.69 50.71 23.31
CA TRP D 85 6.75 51.30 24.12
C TRP D 85 8.09 50.78 23.64
N LYS D 86 9.01 51.68 23.30
CA LYS D 86 10.35 51.27 22.91
C LYS D 86 11.35 51.81 23.91
N ILE D 87 12.17 50.92 24.45
CA ILE D 87 13.16 51.28 25.46
C ILE D 87 14.53 50.76 25.04
N TYR D 88 15.53 51.64 25.09
CA TYR D 88 16.90 51.26 24.78
C TYR D 88 17.66 50.94 26.05
N LEU D 89 18.30 49.78 26.08
CA LEU D 89 19.16 49.39 27.18
C LEU D 89 20.61 49.48 26.74
N ASP D 90 21.29 50.54 27.16
CA ASP D 90 22.69 50.74 26.83
C ASP D 90 23.55 49.79 27.65
N THR D 91 24.81 49.68 27.25
CA THR D 91 25.75 48.73 27.86
C THR D 91 25.81 48.82 29.40
N GLU D 92 25.79 50.03 29.96
CA GLU D 92 25.85 50.16 31.41
C GLU D 92 24.54 49.75 32.09
N SER D 93 23.41 50.16 31.52
CA SER D 93 22.11 49.81 32.10
C SER D 93 21.87 48.30 31.99
N PHE D 94 22.72 47.63 31.22
CA PHE D 94 22.54 46.23 30.86
C PHE D 94 23.79 45.40 31.16
N LYS D 95 23.89 44.94 32.40
CA LYS D 95 25.10 44.30 32.93
C LYS D 95 25.58 43.13 32.07
N LEU D 96 24.66 42.35 31.52
CA LEU D 96 24.99 41.17 30.76
C LEU D 96 25.59 41.49 29.37
N SER D 97 25.72 42.77 29.03
CA SER D 97 26.36 43.19 27.78
C SER D 97 27.74 42.58 27.45
N GLU D 98 28.42 42.04 28.45
CA GLU D 98 29.79 41.54 28.27
C GLU D 98 29.81 40.09 27.79
N PRO D 99 28.92 39.24 28.33
CA PRO D 99 28.85 37.88 27.80
C PRO D 99 28.26 37.79 26.39
N PHE D 100 27.17 38.50 26.13
CA PHE D 100 26.52 38.45 24.82
C PHE D 100 27.42 38.98 23.70
N SER D 101 28.25 39.96 24.01
CA SER D 101 29.21 40.47 23.03
C SER D 101 30.25 39.41 22.72
N THR D 102 30.62 38.62 23.73
CA THR D 102 31.54 37.50 23.52
C THR D 102 30.91 36.44 22.62
N PHE D 103 29.64 36.09 22.87
CA PHE D 103 28.95 35.11 22.03
C PHE D 103 28.89 35.61 20.58
N PHE D 104 28.56 36.89 20.43
CA PHE D 104 28.46 37.50 19.12
C PHE D 104 29.77 37.39 18.36
N GLY D 105 30.88 37.55 19.08
CA GLY D 105 32.20 37.54 18.47
C GLY D 105 32.59 36.20 17.88
N ILE D 106 31.88 35.15 18.29
CA ILE D 106 32.06 33.83 17.69
C ILE D 106 31.48 33.88 16.29
N ASP D 107 32.31 33.55 15.29
CA ASP D 107 32.07 33.94 13.91
C ASP D 107 30.69 33.55 13.35
N SER D 108 30.28 32.29 13.53
CA SER D 108 29.06 31.81 12.88
C SER D 108 27.79 32.10 13.68
N ILE D 109 27.93 32.72 14.86
CA ILE D 109 26.76 32.96 15.71
C ILE D 109 25.85 34.03 15.12
N VAL D 110 24.58 33.66 14.97
CA VAL D 110 23.54 34.59 14.52
C VAL D 110 22.52 34.76 15.62
N PHE D 111 22.31 36.00 16.05
CA PHE D 111 21.32 36.31 17.07
C PHE D 111 19.93 36.43 16.45
N ASP D 112 18.95 35.78 17.06
CA ASP D 112 17.55 35.96 16.67
C ASP D 112 16.87 36.93 17.63
N GLY D 114 14.81 38.04 20.70
CA GLY D 114 14.65 37.49 22.02
C GLY D 114 13.37 37.98 22.67
N SER D 115 13.11 37.51 23.88
CA SER D 115 11.94 37.95 24.64
C SER D 115 12.20 37.89 26.13
N LYS D 117 9.84 37.13 29.64
CA LYS D 117 8.56 36.72 30.20
C LYS D 117 8.82 36.04 31.54
N GLY D 118 8.00 36.35 32.54
CA GLY D 118 8.19 35.83 33.88
C GLY D 118 9.52 36.27 34.46
N GLY D 119 10.00 37.41 34.00
CA GLY D 119 11.27 37.96 34.48
C GLY D 119 12.49 37.30 33.87
N GLU D 120 12.29 36.32 32.99
CA GLU D 120 13.41 35.61 32.39
C GLU D 120 13.58 35.95 30.91
N LEU D 122 14.95 35.20 27.19
CA LEU D 122 15.25 34.10 26.27
C LEU D 122 15.78 34.64 24.95
N LEU D 123 16.93 34.12 24.53
CA LEU D 123 17.57 34.56 23.31
C LEU D 123 18.04 33.38 22.46
N PRO D 124 17.36 33.13 21.33
CA PRO D 124 17.82 32.05 20.45
C PRO D 124 19.01 32.47 19.60
N VAL D 125 19.93 31.55 19.34
CA VAL D 125 21.02 31.78 18.41
C VAL D 125 21.13 30.60 17.47
N ARG D 126 21.57 30.86 16.25
CA ARG D 126 21.82 29.82 15.27
C ARG D 126 23.28 29.91 14.87
N PHE D 127 23.90 28.77 14.59
CA PHE D 127 25.33 28.75 14.31
C PHE D 127 25.76 27.46 13.67
N ILE D 128 27.05 27.35 13.41
CA ILE D 128 27.63 26.19 12.76
C ILE D 128 28.40 25.40 13.81
N SER D 129 28.23 24.08 13.79
CA SER D 129 28.60 23.21 14.91
C SER D 129 30.07 23.33 15.27
N LYS D 130 30.84 23.82 14.31
CA LYS D 130 32.26 24.10 14.49
C LYS D 130 32.51 25.03 15.68
N ASP D 131 31.56 25.92 15.94
CA ASP D 131 31.67 26.91 17.00
C ASP D 131 31.00 26.53 18.32
N LYS D 132 30.43 25.32 18.41
CA LYS D 132 29.68 24.93 19.59
C LYS D 132 30.50 24.97 20.88
N ASP D 133 31.70 24.41 20.85
CA ASP D 133 32.53 24.33 22.06
C ASP D 133 32.94 25.71 22.55
N ALA D 134 33.18 26.63 21.61
CA ALA D 134 33.54 28.00 21.96
C ALA D 134 32.36 28.69 22.67
N LEU D 135 31.15 28.44 22.19
CA LEU D 135 29.97 29.04 22.80
C LEU D 135 29.75 28.49 24.20
N VAL D 136 29.82 27.17 24.32
CA VAL D 136 29.64 26.51 25.61
C VAL D 136 30.69 26.98 26.61
N ASN D 137 31.93 27.07 26.15
CA ASN D 137 33.03 27.47 27.03
C ASN D 137 32.91 28.90 27.55
N SER D 138 32.43 29.83 26.72
CA SER D 138 32.27 31.19 27.17
C SER D 138 31.09 31.31 28.11
N ILE D 139 30.08 30.46 27.93
CA ILE D 139 28.96 30.42 28.88
C ILE D 139 29.45 29.90 30.23
N ILE D 140 30.32 28.90 30.21
CA ILE D 140 30.87 28.34 31.44
C ILE D 140 31.88 29.31 32.07
N ASP D 141 32.71 29.94 31.26
CA ASP D 141 33.64 30.96 31.76
C ASP D 141 32.89 32.18 32.28
N SER D 142 31.91 32.64 31.51
CA SER D 142 31.05 33.75 31.90
C SER D 142 30.38 33.44 33.23
N ALA D 143 30.11 32.16 33.45
CA ALA D 143 29.46 31.70 34.68
C ALA D 143 30.39 31.92 35.86
N GLY D 144 31.63 31.49 35.71
CA GLY D 144 32.67 31.66 36.71
C GLY D 144 32.77 33.08 37.27
N TYR D 145 32.43 34.07 36.44
CA TYR D 145 32.42 35.48 36.85
C TYR D 145 31.08 35.94 37.42
N GLY D 146 30.20 34.99 37.72
CA GLY D 146 28.85 35.31 38.18
C GLY D 146 27.93 34.52 37.25
N GLU D 147 27.26 33.56 37.86
CA GLU D 147 26.63 32.41 37.21
C GLU D 147 25.46 32.56 36.22
N ASN D 148 24.97 33.77 35.99
CA ASN D 148 23.59 33.93 35.49
C ASN D 148 23.13 33.28 34.16
N ILE D 149 23.85 33.48 33.05
CA ILE D 149 23.39 32.94 31.76
C ILE D 149 23.56 31.42 31.64
N TYR D 150 22.53 30.75 31.09
CA TYR D 150 22.55 29.31 30.92
C TYR D 150 21.84 28.86 29.64
N LEU D 151 21.80 27.55 29.41
CA LEU D 151 21.24 26.97 28.19
C LEU D 151 19.96 26.17 28.45
N ARG D 152 18.88 26.55 27.76
CA ARG D 152 17.64 25.76 27.77
C ARG D 152 17.61 24.78 26.60
N TYR D 153 18.50 24.98 25.65
CA TYR D 153 18.63 24.11 24.48
C TYR D 153 19.97 24.31 23.79
N ILE D 154 20.59 23.23 23.39
CA ILE D 154 21.69 23.31 22.42
C ILE D 154 21.78 21.99 21.66
N GLY D 155 21.80 22.08 20.35
CA GLY D 155 21.81 20.90 19.50
C GLY D 155 21.58 21.29 18.06
N GLN D 156 20.89 20.43 17.32
CA GLN D 156 20.58 20.69 15.92
C GLN D 156 19.73 21.93 15.74
N ASN D 157 19.91 22.60 14.60
CA ASN D 157 19.03 23.70 14.23
C ASN D 157 17.65 23.15 13.92
N LYS D 158 16.67 23.52 14.74
CA LYS D 158 15.29 23.11 14.53
C LYS D 158 14.63 24.05 13.53
N GLY D 159 15.34 25.10 13.15
CA GLY D 159 14.85 26.07 12.19
C GLY D 159 14.72 27.46 12.79
N PHE D 160 14.91 28.48 11.95
CA PHE D 160 14.72 29.86 12.36
C PHE D 160 13.34 30.07 12.98
N ASP D 161 12.35 29.31 12.51
CA ASP D 161 10.98 29.49 12.96
C ASP D 161 10.74 28.87 14.34
N TYR D 162 11.59 27.94 14.75
CA TYR D 162 11.52 27.42 16.11
C TYR D 162 11.88 28.52 17.12
N SER D 163 12.76 29.43 16.72
CA SER D 163 13.15 30.55 17.56
C SER D 163 11.93 31.34 18.05
N PHE D 164 10.93 31.51 17.17
CA PHE D 164 9.72 32.24 17.53
C PHE D 164 8.98 31.52 18.65
N ILE D 165 8.97 30.19 18.59
CA ILE D 165 8.31 29.37 19.61
C ILE D 165 9.10 29.39 20.90
N ALA D 166 10.42 29.32 20.79
CA ALA D 166 11.30 29.29 21.95
C ALA D 166 11.11 30.51 22.84
N ILE D 167 10.91 31.67 22.22
CA ILE D 167 10.77 32.92 22.98
C ILE D 167 9.32 33.18 23.38
N LYS D 168 8.47 32.20 23.09
CA LYS D 168 7.06 32.19 23.52
C LYS D 168 6.26 33.32 22.89
N LEU D 169 6.59 33.64 21.65
CA LEU D 169 5.79 34.58 20.89
C LEU D 169 4.54 33.88 20.38
N LEU D 170 3.38 34.37 20.83
CA LEU D 170 2.11 33.72 20.51
C LEU D 170 1.43 34.37 19.29
N ASP D 171 1.88 35.58 18.95
CA ASP D 171 1.30 36.32 17.83
C ASP D 171 1.48 35.59 16.50
N GLN D 172 0.51 35.77 15.61
CA GLN D 172 0.62 35.27 14.25
C GLN D 172 1.83 35.89 13.56
N VAL D 173 2.66 35.03 12.95
CA VAL D 173 3.82 35.50 12.20
C VAL D 173 3.51 35.47 10.70
N TYR D 174 4.03 36.44 9.97
CA TYR D 174 3.82 36.56 8.54
C TYR D 174 5.14 36.56 7.79
N LYS D 175 5.13 36.02 6.58
CA LYS D 175 6.29 36.05 5.71
C LYS D 175 6.08 37.06 4.58
N LEU D 176 6.96 38.05 4.49
CA LEU D 176 6.93 39.04 3.43
C LEU D 176 8.09 38.81 2.47
N THR D 177 7.79 38.76 1.17
CA THR D 177 8.80 38.60 0.15
C THR D 177 8.82 39.81 -0.77
N LEU D 178 9.97 40.47 -0.82
CA LEU D 178 10.18 41.57 -1.74
C LEU D 178 11.17 41.12 -2.80
N SER D 179 10.98 41.60 -4.02
CA SER D 179 11.92 41.33 -5.10
C SER D 179 12.33 42.61 -5.79
N ILE D 180 13.60 42.66 -6.18
CA ILE D 180 14.17 43.81 -6.85
C ILE D 180 14.90 43.29 -8.07
N ASP D 181 14.38 43.58 -9.25
CA ASP D 181 14.90 42.98 -10.47
C ASP D 181 16.03 43.77 -11.11
N ASN D 182 16.34 44.95 -10.56
CA ASN D 182 17.41 45.79 -11.09
C ASN D 182 18.34 46.35 -10.01
N PRO D 183 18.80 45.49 -9.09
CA PRO D 183 19.59 45.97 -7.95
C PRO D 183 20.91 46.62 -8.36
N HIS D 184 21.37 46.32 -9.57
CA HIS D 184 22.63 46.89 -10.06
C HIS D 184 22.63 48.43 -10.10
N VAL D 185 21.46 49.05 -10.09
CA VAL D 185 21.41 50.52 -10.10
C VAL D 185 21.88 51.12 -8.77
N HIS D 187 24.61 49.83 -7.39
CA HIS D 187 26.04 49.55 -7.43
C HIS D 187 26.44 48.76 -6.19
N GLY D 188 27.68 48.95 -5.74
CA GLY D 188 28.15 48.25 -4.55
C GLY D 188 28.19 46.76 -4.78
N ILE D 189 27.62 46.00 -3.86
CA ILE D 189 27.65 44.54 -3.95
C ILE D 189 26.82 44.02 -5.13
N PHE D 190 26.09 44.91 -5.80
CA PHE D 190 25.28 44.54 -6.96
C PHE D 190 25.87 45.03 -8.28
N ALA D 191 27.07 45.60 -8.23
CA ALA D 191 27.65 46.24 -9.40
C ALA D 191 27.99 45.24 -10.51
N GLU D 192 28.47 44.05 -10.13
CA GLU D 192 28.88 43.04 -11.11
C GLU D 192 27.68 42.33 -11.72
N THR D 193 27.42 42.57 -13.00
CA THR D 193 26.25 42.01 -13.67
C THR D 193 26.59 40.97 -14.74
N LYS D 194 27.86 40.81 -15.05
CA LYS D 194 28.27 39.97 -16.17
C LYS D 194 28.58 38.53 -15.75
N LYS D 195 29.02 38.35 -14.51
CA LYS D 195 29.27 37.03 -13.95
C LYS D 195 28.02 36.51 -13.25
N ASN D 196 27.77 35.21 -13.34
CA ASN D 196 26.57 34.62 -12.75
C ASN D 196 26.75 34.42 -11.24
N ILE D 197 26.99 35.52 -10.53
CA ILE D 197 27.21 35.48 -9.09
C ILE D 197 25.91 35.09 -8.37
N ALA D 198 26.03 34.24 -7.35
CA ALA D 198 24.89 33.85 -6.54
C ALA D 198 25.27 33.75 -5.08
N TRP D 199 24.47 34.35 -4.21
CA TRP D 199 24.69 34.20 -2.78
C TRP D 199 23.42 34.35 -1.95
N ARG D 200 23.53 33.97 -0.68
CA ARG D 200 22.50 34.18 0.33
C ARG D 200 23.13 34.97 1.46
N ARG D 201 22.32 35.69 2.23
CA ARG D 201 22.85 36.56 3.28
C ARG D 201 21.91 36.67 4.48
N GLU D 202 22.49 36.68 5.67
CA GLU D 202 21.76 36.97 6.89
C GLU D 202 22.65 37.69 7.89
N SER D 203 22.11 38.70 8.54
CA SER D 203 22.86 39.45 9.53
C SER D 203 23.06 38.64 10.81
N LYS D 204 24.20 38.82 11.46
CA LYS D 204 24.46 38.20 12.75
C LYS D 204 23.64 38.89 13.84
N ALA D 205 23.29 40.14 13.61
CA ALA D 205 22.46 40.91 14.54
C ALA D 205 21.24 41.48 13.80
N PRO D 206 20.04 41.35 14.40
CA PRO D 206 18.85 41.85 13.72
C PRO D 206 18.86 43.35 13.50
N HIS D 207 19.47 44.08 14.42
CA HIS D 207 19.60 45.53 14.32
C HIS D 207 21.05 45.92 14.55
N LYS D 208 21.46 47.03 13.97
CA LYS D 208 22.84 47.48 14.10
C LYS D 208 22.95 48.98 13.91
N ASP D 209 24.06 49.53 14.39
CA ASP D 209 24.29 50.97 14.37
C ASP D 209 25.65 51.27 13.78
N ASN D 210 25.65 51.86 12.59
CA ASN D 210 26.87 52.29 11.91
C ASN D 210 27.88 51.14 11.78
N THR D 211 27.40 50.00 11.29
CA THR D 211 28.26 48.84 11.09
C THR D 211 27.55 47.78 10.24
N GLU D 212 28.33 46.81 9.77
CA GLU D 212 27.80 45.66 9.05
C GLU D 212 28.44 44.42 9.64
N ASP D 213 27.66 43.36 9.79
CA ASP D 213 28.20 42.10 10.27
C ASP D 213 27.29 40.97 9.80
N TYR D 214 27.66 40.43 8.65
CA TYR D 214 26.81 39.50 7.92
C TYR D 214 27.44 38.13 7.82
N ILE D 215 26.57 37.13 7.66
CA ILE D 215 26.99 35.85 7.12
C ILE D 215 26.57 35.81 5.65
N TYR D 216 27.54 35.68 4.75
CA TYR D 216 27.26 35.46 3.34
C TYR D 216 27.55 34.00 2.98
N ALA D 217 26.61 33.38 2.26
CA ALA D 217 26.88 32.10 1.63
C ALA D 217 27.01 32.34 0.14
N LEU D 218 28.22 32.19 -0.37
CA LEU D 218 28.55 32.53 -1.75
C LEU D 218 28.87 31.29 -2.57
N ASP D 219 28.17 31.10 -3.69
CA ASP D 219 28.47 29.99 -4.60
C ASP D 219 29.95 30.07 -4.93
N ASP D 220 30.67 28.98 -4.68
CA ASP D 220 32.12 29.01 -4.67
C ASP D 220 32.76 29.10 -6.06
N THR D 221 31.93 29.21 -7.10
CA THR D 221 32.44 29.56 -8.42
C THR D 221 33.17 30.90 -8.36
N HIS D 222 32.72 31.77 -7.46
CA HIS D 222 33.28 33.11 -7.34
C HIS D 222 33.83 33.37 -5.94
N THR D 223 34.57 34.46 -5.81
CA THR D 223 35.17 34.88 -4.55
C THR D 223 34.65 36.26 -4.19
N ILE D 224 35.00 36.75 -3.01
CA ILE D 224 34.52 38.05 -2.55
C ILE D 224 34.94 39.21 -3.47
N PRO D 225 36.20 39.22 -3.94
CA PRO D 225 36.60 40.28 -4.87
C PRO D 225 35.76 40.34 -6.15
N ASP D 226 35.16 39.23 -6.56
CA ASP D 226 34.27 39.23 -7.73
C ASP D 226 33.05 40.11 -7.48
N ILE D 227 32.64 40.18 -6.22
CA ILE D 227 31.51 41.01 -5.82
C ILE D 227 31.94 42.48 -5.69
N LEU D 228 33.06 42.69 -5.00
CA LEU D 228 33.50 44.05 -4.65
C LEU D 228 34.37 44.64 -5.76
N ILE D 229 33.73 45.16 -6.80
CA ILE D 229 34.47 45.73 -7.93
C ILE D 229 34.47 47.27 -7.93
N ASP D 230 33.67 47.87 -7.05
CA ASP D 230 33.69 49.32 -6.90
C ASP D 230 33.84 49.68 -5.41
N THR D 231 33.69 50.96 -5.09
CA THR D 231 33.88 51.44 -3.73
C THR D 231 32.56 51.91 -3.10
N ALA D 232 31.44 51.50 -3.67
CA ALA D 232 30.13 52.03 -3.30
C ALA D 232 29.33 51.13 -2.34
N TYR D 233 29.95 50.06 -1.86
CA TYR D 233 29.32 49.23 -0.83
C TYR D 233 29.35 49.93 0.52
N THR D 234 28.45 49.56 1.42
CA THR D 234 28.50 50.07 2.79
C THR D 234 29.47 49.21 3.61
N GLY D 235 30.03 49.80 4.67
CA GLY D 235 30.92 49.06 5.55
C GLY D 235 32.33 48.89 5.01
N GLU D 236 32.93 47.74 5.32
CA GLU D 236 34.32 47.45 4.97
C GLU D 236 34.43 46.15 4.18
N LYS D 237 35.52 46.03 3.42
CA LYS D 237 35.70 44.90 2.52
C LYS D 237 36.07 43.61 3.26
N GLY D 238 36.42 43.72 4.52
CA GLY D 238 36.95 42.61 5.28
C GLY D 238 36.02 41.42 5.43
N THR D 239 36.60 40.23 5.45
CA THR D 239 35.85 39.00 5.68
C THR D 239 36.63 38.01 6.54
N VAL D 240 35.92 37.04 7.09
CA VAL D 240 36.53 35.90 7.75
C VAL D 240 35.93 34.63 7.16
N TYR D 241 36.78 33.78 6.59
CA TYR D 241 36.30 32.54 5.99
C TYR D 241 35.89 31.57 7.08
N ILE D 242 34.65 31.10 7.02
CA ILE D 242 34.11 30.21 8.04
C ILE D 242 34.21 28.75 7.61
N GLY D 243 33.90 28.48 6.34
CA GLY D 243 33.92 27.12 5.85
C GLY D 243 33.03 26.89 4.63
N LYS D 244 32.74 25.63 4.37
CA LYS D 244 31.94 25.22 3.21
C LYS D 244 30.64 24.53 3.58
N HIS D 245 29.60 24.84 2.82
CA HIS D 245 28.35 24.10 2.82
C HIS D 245 28.01 23.74 1.40
N SER D 246 28.13 22.46 1.07
CA SER D 246 27.85 21.99 -0.29
C SER D 246 28.77 22.75 -1.25
N ASN D 247 28.18 23.46 -2.21
CA ASN D 247 28.97 24.23 -3.18
C ASN D 247 29.01 25.72 -2.84
N TYR D 248 28.82 26.05 -1.55
CA TYR D 248 28.83 27.43 -1.08
C TYR D 248 29.97 27.68 -0.08
N ASP D 249 30.68 28.79 -0.27
CA ASP D 249 31.64 29.26 0.72
C ASP D 249 30.95 30.17 1.72
N ILE D 250 31.19 29.92 3.01
CA ILE D 250 30.58 30.71 4.07
C ILE D 250 31.56 31.74 4.59
N TYR D 251 31.13 33.00 4.63
CA TYR D 251 31.95 34.10 5.12
C TYR D 251 31.22 34.90 6.18
N ARG D 252 31.98 35.38 7.15
CA ARG D 252 31.55 36.52 7.95
C ARG D 252 32.09 37.74 7.24
N ALA D 253 31.24 38.74 7.01
CA ALA D 253 31.62 39.88 6.18
C ALA D 253 31.12 41.19 6.77
N PHE D 254 31.86 42.25 6.51
CA PHE D 254 31.61 43.56 7.13
C PHE D 254 31.16 44.61 6.12
N PHE D 255 30.60 44.15 5.00
CA PHE D 255 30.03 45.05 3.99
C PHE D 255 28.57 44.70 3.71
N GLY D 256 27.81 45.68 3.23
CA GLY D 256 26.39 45.47 2.95
C GLY D 256 25.86 46.43 1.91
N ASP D 257 24.57 46.75 2.03
CA ASP D 257 23.90 47.65 1.10
C ASP D 257 23.09 48.67 1.87
N ALA D 258 22.83 49.80 1.23
CA ALA D 258 22.19 50.93 1.91
C ALA D 258 20.66 50.77 1.97
N LEU D 259 20.09 49.98 1.08
CA LEU D 259 18.64 49.85 1.01
C LEU D 259 18.08 49.12 2.23
N THR D 260 18.69 47.99 2.58
CA THR D 260 18.27 47.24 3.75
C THR D 260 18.50 48.06 5.02
N ASN D 261 19.61 48.80 5.07
CA ASN D 261 19.86 49.68 6.20
C ASN D 261 18.78 50.72 6.36
N HIS D 262 18.35 51.32 5.25
CA HIS D 262 17.34 52.36 5.28
C HIS D 262 16.03 51.80 5.84
N SER D 264 15.53 49.32 7.76
CA SER D 264 15.68 49.01 9.18
C SER D 264 15.53 50.25 10.06
N SER D 265 16.14 51.37 9.65
CA SER D 265 16.08 52.57 10.48
C SER D 265 14.71 53.22 10.43
N VAL D 266 14.03 53.14 9.28
CA VAL D 266 12.69 53.70 9.15
C VAL D 266 11.71 52.94 10.05
N ILE D 268 12.26 50.99 12.74
CA ILE D 268 12.49 51.10 14.18
C ILE D 268 12.15 52.49 14.69
N SER D 269 12.20 53.48 13.80
CA SER D 269 11.76 54.83 14.17
C SER D 269 10.24 54.84 14.38
N GLU D 270 9.57 53.81 13.87
CA GLU D 270 8.14 53.61 14.07
C GLU D 270 7.84 52.56 15.17
N ASN D 271 8.87 52.17 15.90
CA ASN D 271 8.74 51.19 16.99
C ASN D 271 8.26 49.80 16.55
N VAL D 272 8.52 49.46 15.29
CA VAL D 272 8.27 48.11 14.80
C VAL D 272 9.54 47.53 14.23
N TYR D 273 9.60 46.21 14.18
CA TYR D 273 10.77 45.54 13.61
C TYR D 273 10.38 44.14 13.18
N TYR D 274 11.22 43.52 12.38
CA TYR D 274 10.99 42.14 11.96
C TYR D 274 11.61 41.19 12.97
N LEU D 275 11.13 39.96 12.96
CA LEU D 275 11.68 38.91 13.80
C LEU D 275 12.92 38.32 13.13
N ARG D 276 12.91 38.31 11.81
CA ARG D 276 14.01 37.75 11.04
C ARG D 276 14.03 38.31 9.62
N ARG D 277 15.23 38.47 9.08
CA ARG D 277 15.40 38.89 7.71
C ARG D 277 16.58 38.16 7.08
N TRP D 278 16.42 37.72 5.83
CA TRP D 278 17.55 37.25 5.03
C TRP D 278 17.31 37.62 3.59
N SER D 279 18.35 37.52 2.76
CA SER D 279 18.20 37.86 1.35
C SER D 279 18.90 36.87 0.43
N LYS D 280 18.41 36.83 -0.80
CA LYS D 280 18.94 35.96 -1.84
C LYS D 280 19.29 36.79 -3.06
N TYR D 281 20.45 36.53 -3.63
CA TYR D 281 20.85 37.15 -4.89
C TYR D 281 21.20 36.08 -5.90
N GLU D 282 20.49 36.05 -7.02
CA GLU D 282 20.85 35.18 -8.12
C GLU D 282 20.18 35.63 -9.41
N ASP D 283 20.85 35.37 -10.54
CA ASP D 283 20.37 35.83 -11.84
C ASP D 283 20.04 37.32 -11.82
N GLY D 284 21.00 38.13 -11.37
CA GLY D 284 20.84 39.57 -11.29
C GLY D 284 19.63 40.09 -10.53
N LYS D 285 18.99 39.25 -9.73
CA LYS D 285 17.78 39.61 -8.97
C LYS D 285 18.05 39.54 -7.47
N LEU D 286 17.49 40.48 -6.72
CA LEU D 286 17.58 40.48 -5.27
C LEU D 286 16.22 40.12 -4.66
N PHE D 287 16.24 39.19 -3.71
CA PHE D 287 15.05 38.84 -2.94
C PHE D 287 15.28 39.18 -1.47
N LEU D 288 14.30 39.85 -0.86
CA LEU D 288 14.35 40.13 0.57
C LEU D 288 13.20 39.40 1.26
N TYR D 289 13.54 38.66 2.32
CA TYR D 289 12.54 37.90 3.07
C TYR D 289 12.47 38.43 4.48
N PHE D 290 11.26 38.83 4.89
CA PHE D 290 11.01 39.33 6.23
C PHE D 290 9.99 38.43 6.94
N TYR D 291 10.26 38.13 8.21
CA TYR D 291 9.29 37.43 9.05
C TYR D 291 8.89 38.37 10.19
N THR D 292 7.59 38.65 10.29
CA THR D 292 7.10 39.71 11.17
C THR D 292 5.72 39.41 11.75
N THR D 293 5.34 40.19 12.76
CA THR D 293 3.97 40.19 13.26
C THR D 293 3.20 41.27 12.51
N VAL D 294 1.92 41.43 12.84
CA VAL D 294 1.05 42.32 12.09
C VAL D 294 1.42 43.80 12.21
N ASP D 295 2.04 44.20 13.32
CA ASP D 295 2.43 45.60 13.52
C ASP D 295 3.30 46.10 12.36
N PHE D 296 4.25 45.27 11.95
CA PHE D 296 5.13 45.61 10.84
C PHE D 296 4.33 45.74 9.54
N LEU D 297 3.32 44.88 9.37
CA LEU D 297 2.51 44.87 8.16
C LEU D 297 1.76 46.19 7.98
N ARG D 298 1.28 46.77 9.06
CA ARG D 298 0.54 48.03 9.02
C ARG D 298 1.37 49.13 8.38
N LEU D 299 2.68 49.05 8.56
CA LEU D 299 3.59 50.12 8.17
C LEU D 299 4.34 49.85 6.88
N ILE D 300 4.13 48.67 6.31
CA ILE D 300 4.80 48.31 5.05
C ILE D 300 4.56 49.35 3.95
N PRO D 301 3.32 49.80 3.77
CA PRO D 301 3.07 50.80 2.73
C PRO D 301 3.90 52.07 2.90
N ALA D 302 3.95 52.61 4.11
CA ALA D 302 4.72 53.81 4.39
C ALA D 302 6.22 53.55 4.23
N ILE D 303 6.67 52.40 4.74
CA ILE D 303 8.08 52.04 4.67
C ILE D 303 8.55 51.86 3.23
N LEU D 304 7.72 51.26 2.38
CA LEU D 304 8.10 51.05 0.99
C LEU D 304 8.00 52.35 0.21
N ASP D 305 7.07 53.21 0.58
CA ASP D 305 6.98 54.53 -0.04
C ASP D 305 8.26 55.30 0.22
N SER D 306 8.71 55.30 1.47
CA SER D 306 9.94 55.96 1.86
C SER D 306 11.13 55.34 1.13
N THR D 307 11.19 54.01 1.11
CA THR D 307 12.29 53.30 0.48
C THR D 307 12.36 53.57 -1.03
N ARG D 308 11.19 53.65 -1.68
CA ARG D 308 11.15 53.96 -3.10
C ARG D 308 11.68 55.35 -3.40
N LYS D 309 11.26 56.32 -2.60
CA LYS D 309 11.66 57.71 -2.80
C LYS D 309 13.13 57.97 -2.51
N ASN D 310 13.69 57.25 -1.55
CA ASN D 310 15.11 57.36 -1.26
C ASN D 310 15.96 56.55 -2.24
N PHE D 311 15.33 55.60 -2.93
CA PHE D 311 15.99 54.81 -3.98
C PHE D 311 15.14 54.78 -5.25
N PRO D 312 14.96 55.94 -5.90
CA PRO D 312 13.99 56.11 -6.98
C PRO D 312 14.27 55.29 -8.25
N LYS D 313 15.50 54.83 -8.42
CA LYS D 313 15.86 54.04 -9.61
C LYS D 313 15.51 52.56 -9.44
N VAL D 314 15.22 52.16 -8.21
CA VAL D 314 15.01 50.75 -7.89
C VAL D 314 13.58 50.32 -8.17
N ASN D 315 13.43 49.22 -8.91
CA ASN D 315 12.12 48.58 -9.09
C ASN D 315 11.87 47.61 -7.95
N LYS D 317 9.05 45.28 -5.79
CA LYS D 317 7.77 44.60 -5.79
C LYS D 317 7.53 43.87 -4.48
N ILE D 318 6.25 43.74 -4.12
CA ILE D 318 5.85 42.76 -3.13
C ILE D 318 5.49 41.49 -3.90
N ASP D 319 6.24 40.42 -3.66
CA ASP D 319 5.96 39.14 -4.30
C ASP D 319 4.83 38.43 -3.57
N GLU D 320 4.88 38.47 -2.24
CA GLU D 320 3.97 37.69 -1.44
C GLU D 320 3.91 38.17 0.02
N ILE D 321 2.73 38.09 0.62
CA ILE D 321 2.56 38.22 2.05
C ILE D 321 1.66 37.07 2.49
N THR D 322 2.21 36.17 3.29
CA THR D 322 1.47 34.98 3.72
C THR D 322 1.60 34.74 5.21
N PRO D 323 0.51 34.31 5.86
CA PRO D 323 0.65 33.88 7.24
C PRO D 323 1.45 32.60 7.30
N ALA D 325 2.43 28.84 8.85
CA ALA D 325 1.79 27.69 9.47
C ALA D 325 2.75 27.00 10.43
N VAL E 5 23.54 -10.55 13.07
CA VAL E 5 23.82 -11.87 13.61
C VAL E 5 24.50 -12.75 12.55
N LEU E 6 25.58 -13.42 12.94
CA LEU E 6 26.35 -14.23 12.00
C LEU E 6 25.90 -15.69 12.04
N GLN E 7 25.30 -16.15 10.93
CA GLN E 7 24.96 -17.55 10.78
C GLN E 7 26.02 -18.25 9.95
N ASP E 8 25.84 -18.28 8.63
CA ASP E 8 26.85 -18.88 7.76
C ASP E 8 28.13 -18.05 7.84
N ILE E 9 29.26 -18.74 8.02
CA ILE E 9 30.56 -18.06 8.07
C ILE E 9 30.84 -17.30 6.78
N ASP E 10 30.17 -17.67 5.70
CA ASP E 10 30.28 -16.94 4.42
C ASP E 10 30.11 -15.43 4.61
N GLY E 11 29.39 -15.04 5.65
CA GLY E 11 29.11 -13.65 5.91
C GLY E 11 30.30 -12.80 6.33
N ILE E 12 31.41 -13.43 6.73
CA ILE E 12 32.60 -12.68 7.10
C ILE E 12 33.45 -12.33 5.89
N PHE E 13 33.22 -13.05 4.79
CA PHE E 13 33.96 -12.83 3.55
C PHE E 13 33.20 -11.82 2.70
N ASP E 14 33.69 -10.58 2.67
CA ASP E 14 33.02 -9.53 1.93
C ASP E 14 33.47 -9.47 0.48
N SER E 15 34.49 -10.26 0.13
CA SER E 15 35.05 -10.23 -1.22
C SER E 15 35.09 -11.61 -1.85
N GLN E 16 35.13 -11.61 -3.18
CA GLN E 16 35.14 -12.85 -3.95
C GLN E 16 35.83 -12.58 -5.28
N ALA E 17 36.53 -13.58 -5.80
CA ALA E 17 37.16 -13.48 -7.11
C ALA E 17 37.05 -14.80 -7.85
N ILE E 18 36.99 -14.72 -9.17
CA ILE E 18 37.00 -15.90 -10.01
C ILE E 18 38.28 -15.90 -10.85
N LEU E 19 39.19 -16.81 -10.50
CA LEU E 19 40.45 -16.95 -11.20
C LEU E 19 40.24 -17.82 -12.43
N ALA E 20 40.95 -17.49 -13.52
CA ALA E 20 40.87 -18.27 -14.74
C ALA E 20 42.25 -18.46 -15.35
N GLY E 21 42.45 -19.59 -16.01
CA GLY E 21 43.74 -19.86 -16.63
C GLY E 21 43.78 -21.10 -17.51
N ARG E 22 44.92 -21.27 -18.17
CA ARG E 22 45.19 -22.40 -19.04
C ARG E 22 46.59 -22.95 -18.76
N PHE E 23 46.71 -24.27 -18.64
CA PHE E 23 48.01 -24.92 -18.66
C PHE E 23 48.00 -26.02 -19.71
N HIS E 24 49.09 -26.15 -20.45
CA HIS E 24 49.14 -27.07 -21.57
C HIS E 24 49.56 -28.46 -21.10
N ASN E 25 48.79 -29.45 -21.55
CA ASN E 25 48.82 -30.80 -21.02
C ASN E 25 47.72 -31.54 -21.77
N ASP E 26 47.89 -32.84 -21.95
CA ASP E 26 46.99 -33.59 -22.83
C ASP E 26 45.56 -33.64 -22.29
N LEU E 27 45.40 -33.60 -20.97
CA LEU E 27 44.08 -33.51 -20.36
C LEU E 27 43.35 -32.25 -20.81
N THR E 28 44.09 -31.16 -20.94
CA THR E 28 43.52 -29.90 -21.38
C THR E 28 43.09 -29.99 -22.85
N VAL E 29 43.93 -30.62 -23.67
CA VAL E 29 43.63 -30.75 -25.10
C VAL E 29 42.33 -31.50 -25.34
N ILE E 30 42.12 -32.64 -24.69
CA ILE E 30 40.90 -33.42 -24.90
C ILE E 30 39.70 -32.72 -24.29
N ASN E 31 39.91 -32.05 -23.16
CA ASN E 31 38.85 -31.28 -22.52
C ASN E 31 38.24 -30.28 -23.49
N GLU E 32 39.11 -29.53 -24.17
CA GLU E 32 38.68 -28.54 -25.14
C GLU E 32 38.15 -29.17 -26.42
N LYS E 33 38.81 -30.22 -26.89
CA LYS E 33 38.51 -30.81 -28.18
C LYS E 33 37.13 -31.47 -28.20
N TYR E 34 36.76 -32.09 -27.08
CA TYR E 34 35.52 -32.87 -27.00
C TYR E 34 34.51 -32.33 -25.97
N ASP E 35 34.65 -31.06 -25.62
CA ASP E 35 33.68 -30.38 -24.75
C ASP E 35 33.44 -31.15 -23.44
N LEU E 36 34.52 -31.57 -22.80
CA LEU E 36 34.40 -32.28 -21.54
C LEU E 36 34.32 -31.31 -20.37
N PHE E 37 33.89 -31.82 -19.23
CA PHE E 37 33.81 -31.04 -18.01
C PHE E 37 34.55 -31.77 -16.89
N TYR E 38 35.56 -31.10 -16.34
CA TYR E 38 36.27 -31.61 -15.18
C TYR E 38 35.87 -30.79 -13.97
N LEU E 39 35.72 -31.46 -12.83
CA LEU E 39 35.73 -30.77 -11.55
C LEU E 39 37.16 -30.83 -11.04
N LEU E 41 39.52 -30.22 -7.78
CA LEU E 41 39.54 -30.14 -6.34
C LEU E 41 40.91 -29.68 -5.85
N PRO E 42 41.00 -28.47 -5.28
CA PRO E 42 42.31 -28.04 -4.77
C PRO E 42 42.75 -28.84 -3.55
N THR E 43 44.03 -29.19 -3.51
CA THR E 43 44.61 -29.92 -2.40
C THR E 43 45.90 -29.25 -1.96
N ILE E 44 46.08 -29.12 -0.65
CA ILE E 44 47.32 -28.61 -0.10
C ILE E 44 48.03 -29.71 0.68
N ASN E 45 49.35 -29.65 0.70
CA ASN E 45 50.15 -30.56 1.51
C ASN E 45 50.69 -29.81 2.72
N GLU E 46 51.54 -30.47 3.51
CA GLU E 46 52.00 -29.90 4.77
C GLU E 46 52.82 -28.62 4.60
N LYS E 47 53.42 -28.44 3.42
CA LYS E 47 54.18 -27.23 3.12
C LYS E 47 53.32 -26.19 2.38
N LYS E 48 52.01 -26.42 2.37
CA LYS E 48 51.06 -25.47 1.80
C LYS E 48 51.23 -25.27 0.29
N ILE E 49 51.70 -26.31 -0.39
CA ILE E 49 51.75 -26.30 -1.86
C ILE E 49 50.43 -26.77 -2.42
N VAL E 50 49.88 -26.02 -3.36
CA VAL E 50 48.58 -26.35 -3.94
C VAL E 50 48.73 -27.38 -5.06
N SER E 51 47.85 -28.38 -5.01
CA SER E 51 47.77 -29.41 -6.03
C SER E 51 46.31 -29.57 -6.43
N PHE E 52 46.03 -30.47 -7.36
CA PHE E 52 44.64 -30.70 -7.79
C PHE E 52 44.31 -32.15 -8.10
N TYR E 53 43.10 -32.54 -7.69
CA TYR E 53 42.46 -33.75 -8.20
C TYR E 53 41.52 -33.34 -9.33
N ILE E 54 41.45 -34.17 -10.36
CA ILE E 54 40.53 -33.96 -11.46
C ILE E 54 39.49 -35.08 -11.47
N PHE E 55 38.22 -34.69 -11.59
CA PHE E 55 37.12 -35.65 -11.62
C PHE E 55 36.37 -35.55 -12.93
N LEU E 56 36.10 -36.70 -13.54
CA LEU E 56 35.38 -36.75 -14.80
C LEU E 56 34.30 -37.82 -14.72
N GLN E 57 33.07 -37.43 -15.04
CA GLN E 57 31.95 -38.36 -15.08
C GLN E 57 32.11 -39.27 -16.28
N ASP E 58 32.11 -40.58 -16.05
CA ASP E 58 32.32 -41.54 -17.13
C ASP E 58 31.22 -41.44 -18.19
N ASP E 59 29.99 -41.22 -17.75
CA ASP E 59 28.85 -41.18 -18.67
C ASP E 59 28.78 -39.89 -19.49
N GLN E 60 29.68 -38.95 -19.20
CA GLN E 60 29.77 -37.72 -19.97
C GLN E 60 30.81 -37.80 -21.09
N ILE E 61 31.43 -38.96 -21.25
CA ILE E 61 32.35 -39.19 -22.35
C ILE E 61 31.56 -39.56 -23.61
N PRO E 62 31.71 -38.76 -24.69
CA PRO E 62 30.99 -39.13 -25.92
C PRO E 62 31.46 -40.48 -26.44
N GLU E 63 30.53 -41.41 -26.61
CA GLU E 63 30.87 -42.79 -26.92
C GLU E 63 31.70 -42.89 -28.20
N ARG E 64 31.40 -42.03 -29.17
CA ARG E 64 32.13 -42.02 -30.44
C ARG E 64 33.64 -41.86 -30.23
N HIS E 65 34.03 -41.08 -29.23
CA HIS E 65 35.44 -40.73 -29.02
C HIS E 65 36.01 -41.37 -27.74
N ARG E 66 35.33 -42.36 -27.19
CA ARG E 66 35.75 -42.97 -25.93
C ARG E 66 37.17 -43.55 -25.98
N GLU E 67 37.48 -44.27 -27.06
CA GLU E 67 38.79 -44.89 -27.21
C GLU E 67 39.93 -43.89 -27.07
N GLU E 68 39.87 -42.81 -27.85
CA GLU E 68 40.93 -41.80 -27.82
C GLU E 68 41.02 -41.14 -26.46
N ILE E 69 39.87 -40.81 -25.87
CA ILE E 69 39.83 -40.12 -24.59
C ILE E 69 40.39 -41.00 -23.48
N GLU E 70 40.01 -42.27 -23.46
CA GLU E 70 40.49 -43.19 -22.43
C GLU E 70 42.00 -43.38 -22.50
N SER E 71 42.55 -43.40 -23.72
CA SER E 71 43.99 -43.60 -23.88
C SER E 71 44.78 -42.41 -23.35
N VAL E 72 44.19 -41.23 -23.44
CA VAL E 72 44.80 -40.03 -22.86
C VAL E 72 44.69 -40.05 -21.35
N LEU E 73 43.53 -40.44 -20.85
CA LEU E 73 43.27 -40.45 -19.41
C LEU E 73 44.15 -41.46 -18.68
N ASN E 74 44.34 -42.62 -19.30
CA ASN E 74 45.09 -43.71 -18.67
C ASN E 74 46.57 -43.41 -18.48
N LYS E 75 47.09 -42.41 -19.19
CA LYS E 75 48.47 -42.00 -18.99
C LYS E 75 48.72 -41.31 -17.66
N PHE E 76 47.63 -40.93 -16.97
CA PHE E 76 47.73 -40.15 -15.74
C PHE E 76 47.38 -40.96 -14.50
N ASN E 77 47.47 -42.28 -14.62
CA ASN E 77 47.31 -43.20 -13.49
C ASN E 77 45.95 -43.01 -12.80
N PRO E 78 44.86 -43.10 -13.57
CA PRO E 78 43.53 -42.81 -13.04
C PRO E 78 42.98 -43.90 -12.12
N VAL E 79 42.09 -43.49 -11.22
CA VAL E 79 41.31 -44.41 -10.42
C VAL E 79 39.85 -44.26 -10.85
N ILE E 80 39.22 -45.36 -11.22
CA ILE E 80 37.84 -45.34 -11.67
C ILE E 80 36.96 -46.05 -10.65
N LYS E 81 35.94 -45.34 -10.18
CA LYS E 81 35.08 -45.84 -9.11
C LYS E 81 33.78 -45.06 -9.10
N ASN E 82 32.67 -45.76 -8.91
CA ASN E 82 31.35 -45.11 -8.88
C ASN E 82 31.07 -44.25 -10.10
N GLY E 83 31.49 -44.73 -11.27
CA GLY E 83 31.22 -44.04 -12.52
C GLY E 83 32.04 -42.77 -12.70
N ILE E 84 33.10 -42.63 -11.91
CA ILE E 84 33.90 -41.41 -11.90
C ILE E 84 35.39 -41.70 -12.08
N TRP E 85 36.02 -40.95 -12.98
CA TRP E 85 37.47 -40.99 -13.16
C TRP E 85 38.12 -39.98 -12.21
N LYS E 86 39.07 -40.43 -11.41
CA LYS E 86 39.82 -39.53 -10.53
C LYS E 86 41.30 -39.52 -10.92
N ILE E 87 41.83 -38.33 -11.16
CA ILE E 87 43.22 -38.15 -11.58
C ILE E 87 43.89 -37.14 -10.67
N TYR E 88 45.07 -37.49 -10.17
CA TYR E 88 45.85 -36.58 -9.34
C TYR E 88 46.90 -35.84 -10.17
N LEU E 89 46.91 -34.52 -10.04
CA LEU E 89 47.92 -33.68 -10.67
C LEU E 89 48.88 -33.16 -9.61
N ASP E 90 50.05 -33.76 -9.54
CA ASP E 90 51.09 -33.37 -8.58
C ASP E 90 51.76 -32.07 -9.02
N THR E 91 52.58 -31.52 -8.14
CA THR E 91 53.27 -30.26 -8.37
C THR E 91 54.02 -30.21 -9.72
N GLU E 92 54.68 -31.29 -10.10
CA GLU E 92 55.41 -31.27 -11.38
C GLU E 92 54.46 -31.36 -12.58
N SER E 93 53.46 -32.23 -12.50
CA SER E 93 52.50 -32.40 -13.62
C SER E 93 51.62 -31.17 -13.84
N PHE E 94 51.66 -30.22 -12.91
CA PHE E 94 50.75 -29.08 -12.87
C PHE E 94 51.52 -27.77 -12.82
N LYS E 95 51.73 -27.17 -13.99
CA LYS E 95 52.64 -26.04 -14.17
C LYS E 95 52.32 -24.89 -13.22
N LEU E 96 51.03 -24.57 -13.13
CA LEU E 96 50.51 -23.43 -12.38
C LEU E 96 50.54 -23.59 -10.85
N SER E 97 51.10 -24.70 -10.34
CA SER E 97 51.19 -24.90 -8.88
C SER E 97 51.74 -23.78 -7.98
N GLU E 98 52.62 -22.91 -8.48
CA GLU E 98 53.21 -21.89 -7.59
C GLU E 98 52.42 -20.58 -7.49
N PRO E 99 51.73 -20.17 -8.57
CA PRO E 99 50.90 -19.00 -8.37
C PRO E 99 49.74 -19.28 -7.42
N PHE E 100 49.09 -20.43 -7.58
CA PHE E 100 47.98 -20.80 -6.71
C PHE E 100 48.44 -21.01 -5.26
N SER E 101 49.67 -21.49 -5.08
CA SER E 101 50.24 -21.63 -3.74
C SER E 101 50.47 -20.25 -3.12
N THR E 102 50.87 -19.29 -3.95
CA THR E 102 51.03 -17.91 -3.50
C THR E 102 49.68 -17.30 -3.10
N PHE E 103 48.64 -17.52 -3.90
CA PHE E 103 47.30 -17.03 -3.56
C PHE E 103 46.83 -17.63 -2.25
N PHE E 104 47.04 -18.94 -2.09
CA PHE E 104 46.62 -19.64 -0.90
C PHE E 104 47.28 -19.06 0.34
N GLY E 105 48.54 -18.65 0.20
CA GLY E 105 49.31 -18.13 1.31
C GLY E 105 48.78 -16.80 1.84
N ILE E 106 47.96 -16.13 1.04
CA ILE E 106 47.28 -14.93 1.50
C ILE E 106 46.23 -15.36 2.52
N ASP E 107 46.30 -14.77 3.71
CA ASP E 107 45.65 -15.34 4.89
C ASP E 107 44.16 -15.64 4.76
N SER E 108 43.37 -14.69 4.26
CA SER E 108 41.92 -14.84 4.27
C SER E 108 41.38 -15.56 3.02
N ILE E 109 42.27 -15.95 2.11
CA ILE E 109 41.83 -16.59 0.87
C ILE E 109 41.31 -17.99 1.12
N VAL E 110 40.09 -18.24 0.65
CA VAL E 110 39.47 -19.55 0.74
C VAL E 110 39.22 -20.08 -0.67
N PHE E 111 39.79 -21.24 -0.97
CA PHE E 111 39.60 -21.87 -2.27
C PHE E 111 38.28 -22.65 -2.31
N ASP E 112 37.51 -22.42 -3.36
CA ASP E 112 36.31 -23.21 -3.61
C ASP E 112 36.62 -24.29 -4.64
N GLY E 114 36.87 -25.92 -8.14
CA GLY E 114 37.11 -25.38 -9.47
C GLY E 114 36.58 -26.30 -10.54
N SER E 115 36.76 -25.90 -11.79
CA SER E 115 36.36 -26.73 -12.93
C SER E 115 37.25 -26.47 -14.13
N LYS E 117 36.53 -26.38 -18.40
CA LYS E 117 35.60 -26.51 -19.50
C LYS E 117 36.11 -25.69 -20.68
N GLY E 118 36.03 -26.26 -21.88
CA GLY E 118 36.56 -25.61 -23.06
C GLY E 118 38.05 -25.37 -22.96
N GLY E 119 38.73 -26.21 -22.19
CA GLY E 119 40.16 -26.10 -22.01
C GLY E 119 40.59 -25.03 -21.03
N GLU E 120 39.63 -24.31 -20.44
CA GLU E 120 39.94 -23.26 -19.49
C GLU E 120 39.56 -23.64 -18.06
N LEU E 122 38.65 -22.69 -14.21
CA LEU E 122 38.00 -21.65 -13.41
C LEU E 122 38.08 -22.02 -11.93
N LEU E 123 38.56 -21.08 -11.12
CA LEU E 123 38.69 -21.32 -9.68
C LEU E 123 38.16 -20.14 -8.86
N PRO E 124 37.03 -20.34 -8.17
CA PRO E 124 36.53 -19.26 -7.30
C PRO E 124 37.27 -19.20 -5.97
N VAL E 125 37.46 -17.99 -5.46
CA VAL E 125 37.99 -17.80 -4.11
C VAL E 125 37.15 -16.76 -3.38
N ARG E 126 37.07 -16.92 -2.07
CA ARG E 126 36.39 -15.96 -1.21
C ARG E 126 37.40 -15.46 -0.19
N PHE E 127 37.29 -14.20 0.19
CA PHE E 127 38.28 -13.59 1.07
C PHE E 127 37.79 -12.29 1.68
N ILE E 128 38.66 -11.66 2.46
CA ILE E 128 38.35 -10.42 3.15
C ILE E 128 39.09 -9.28 2.46
N SER E 129 38.39 -8.17 2.25
CA SER E 129 38.79 -7.16 1.27
C SER E 129 40.17 -6.55 1.52
N LYS E 130 40.64 -6.55 2.77
CA LYS E 130 41.98 -6.04 3.06
C LYS E 130 43.05 -6.79 2.28
N ASP E 131 42.77 -8.05 1.91
CA ASP E 131 43.72 -8.87 1.18
C ASP E 131 43.59 -8.77 -0.33
N LYS E 132 42.68 -7.92 -0.80
CA LYS E 132 42.43 -7.80 -2.23
C LYS E 132 43.68 -7.39 -3.01
N ASP E 133 44.36 -6.35 -2.53
CA ASP E 133 45.51 -5.81 -3.24
C ASP E 133 46.65 -6.82 -3.32
N ALA E 134 46.82 -7.62 -2.27
CA ALA E 134 47.84 -8.65 -2.26
C ALA E 134 47.55 -9.71 -3.33
N LEU E 135 46.27 -10.06 -3.47
CA LEU E 135 45.85 -11.05 -4.47
C LEU E 135 46.09 -10.52 -5.88
N VAL E 136 45.63 -9.29 -6.13
CA VAL E 136 45.77 -8.66 -7.44
C VAL E 136 47.24 -8.54 -7.81
N ASN E 137 48.06 -8.13 -6.86
CA ASN E 137 49.48 -7.92 -7.12
C ASN E 137 50.22 -9.20 -7.50
N SER E 138 49.88 -10.32 -6.87
CA SER E 138 50.54 -11.58 -7.19
C SER E 138 50.07 -12.11 -8.54
N ILE E 139 48.83 -11.79 -8.92
CA ILE E 139 48.34 -12.13 -10.26
C ILE E 139 49.08 -11.32 -11.31
N ILE E 140 49.32 -10.03 -11.02
CA ILE E 140 50.02 -9.16 -11.96
C ILE E 140 51.51 -9.52 -12.02
N ASP E 141 52.11 -9.82 -10.87
CA ASP E 141 53.50 -10.25 -10.83
C ASP E 141 53.64 -11.56 -11.59
N SER E 142 52.71 -12.48 -11.35
CA SER E 142 52.68 -13.75 -12.03
C SER E 142 52.65 -13.58 -13.55
N ALA E 143 51.93 -12.56 -14.01
CA ALA E 143 51.81 -12.31 -15.46
C ALA E 143 53.11 -11.79 -16.05
N GLY E 144 54.01 -11.33 -15.18
CA GLY E 144 55.29 -10.82 -15.63
C GLY E 144 56.29 -11.94 -15.78
N TYR E 145 55.97 -13.10 -15.20
CA TYR E 145 56.79 -14.29 -15.41
C TYR E 145 56.33 -15.16 -16.58
N GLY E 146 55.26 -14.76 -17.25
CA GLY E 146 54.77 -15.51 -18.39
C GLY E 146 53.35 -16.02 -18.22
N GLU E 147 53.03 -16.35 -16.97
CA GLU E 147 51.78 -17.05 -16.62
C GLU E 147 50.52 -16.32 -17.05
N ASN E 148 49.55 -17.11 -17.50
CA ASN E 148 48.33 -16.59 -18.09
C ASN E 148 47.11 -16.57 -17.17
N ILE E 149 47.33 -16.51 -15.86
CA ILE E 149 46.21 -16.46 -14.93
C ILE E 149 45.63 -15.05 -14.91
N TYR E 150 44.30 -14.96 -14.95
CA TYR E 150 43.63 -13.66 -14.95
C TYR E 150 42.32 -13.73 -14.17
N LEU E 151 41.63 -12.60 -14.10
CA LEU E 151 40.41 -12.46 -13.31
C LEU E 151 39.18 -12.27 -14.19
N ARG E 152 38.20 -13.16 -14.03
CA ARG E 152 36.91 -13.00 -14.69
C ARG E 152 35.94 -12.24 -13.77
N TYR E 153 36.31 -12.13 -12.50
CA TYR E 153 35.53 -11.39 -11.53
C TYR E 153 36.37 -11.09 -10.31
N ILE E 154 36.24 -9.87 -9.79
CA ILE E 154 36.71 -9.56 -8.46
C ILE E 154 35.88 -8.40 -7.91
N GLY E 155 35.34 -8.59 -6.71
CA GLY E 155 34.49 -7.59 -6.09
C GLY E 155 33.83 -8.13 -4.85
N GLN E 156 32.63 -7.65 -4.54
CA GLN E 156 31.92 -8.10 -3.35
C GLN E 156 31.56 -9.58 -3.46
N ASN E 157 31.50 -10.25 -2.32
CA ASN E 157 31.10 -11.65 -2.28
C ASN E 157 29.64 -11.85 -2.65
N LYS E 158 29.42 -12.54 -3.77
CA LYS E 158 28.07 -12.84 -4.24
C LYS E 158 27.51 -14.07 -3.54
N GLY E 159 28.35 -14.73 -2.74
CA GLY E 159 27.94 -15.91 -2.01
C GLY E 159 28.71 -17.15 -2.42
N PHE E 160 28.91 -18.06 -1.48
CA PHE E 160 29.55 -19.34 -1.74
C PHE E 160 28.86 -20.08 -2.88
N ASP E 161 27.55 -19.87 -3.00
CA ASP E 161 26.76 -20.58 -3.99
C ASP E 161 26.93 -20.00 -5.40
N TYR E 162 27.38 -18.75 -5.49
CA TYR E 162 27.71 -18.19 -6.80
C TYR E 162 28.88 -18.93 -7.40
N SER E 163 29.78 -19.40 -6.54
CA SER E 163 30.95 -20.16 -6.99
C SER E 163 30.54 -21.35 -7.86
N PHE E 164 29.43 -22.00 -7.50
CA PHE E 164 28.94 -23.15 -8.25
C PHE E 164 28.56 -22.73 -9.66
N ILE E 165 27.95 -21.55 -9.77
CA ILE E 165 27.53 -21.00 -11.05
C ILE E 165 28.74 -20.55 -11.87
N ALA E 166 29.70 -19.94 -11.19
CA ALA E 166 30.91 -19.42 -11.84
C ALA E 166 31.68 -20.53 -12.56
N ILE E 167 31.73 -21.71 -11.96
CA ILE E 167 32.49 -22.82 -12.55
C ILE E 167 31.64 -23.65 -13.52
N LYS E 168 30.41 -23.20 -13.77
CA LYS E 168 29.55 -23.79 -14.78
C LYS E 168 29.11 -25.22 -14.43
N LEU E 169 28.94 -25.47 -13.14
CA LEU E 169 28.37 -26.72 -12.67
C LEU E 169 26.86 -26.67 -12.87
N LEU E 170 26.33 -27.57 -13.69
CA LEU E 170 24.91 -27.57 -14.04
C LEU E 170 24.13 -28.54 -13.16
N ASP E 171 24.84 -29.45 -12.52
CA ASP E 171 24.21 -30.45 -11.67
C ASP E 171 23.46 -29.85 -10.48
N GLN E 172 22.38 -30.51 -10.08
CA GLN E 172 21.64 -30.15 -8.87
C GLN E 172 22.55 -30.22 -7.65
N VAL E 173 22.56 -29.15 -6.86
CA VAL E 173 23.33 -29.11 -5.63
C VAL E 173 22.40 -29.35 -4.44
N TYR E 174 22.90 -30.08 -3.45
CA TYR E 174 22.14 -30.41 -2.25
C TYR E 174 22.84 -29.91 -1.01
N LYS E 175 22.06 -29.54 0.00
CA LYS E 175 22.60 -29.16 1.30
C LYS E 175 22.36 -30.25 2.33
N LEU E 176 23.45 -30.77 2.89
CA LEU E 176 23.40 -31.77 3.95
C LEU E 176 23.81 -31.14 5.26
N THR E 177 22.99 -31.35 6.29
CA THR E 177 23.28 -30.85 7.63
C THR E 177 23.42 -32.03 8.57
N LEU E 178 24.59 -32.14 9.18
CA LEU E 178 24.83 -33.12 10.22
C LEU E 178 24.95 -32.43 11.55
N SER E 179 24.51 -33.12 12.59
CA SER E 179 24.66 -32.61 13.94
C SER E 179 25.26 -33.61 14.90
N ILE E 180 26.10 -33.09 15.79
CA ILE E 180 26.75 -33.90 16.79
C ILE E 180 26.57 -33.23 18.15
N ASP E 181 25.77 -33.84 19.03
CA ASP E 181 25.40 -33.20 20.29
C ASP E 181 26.36 -33.48 21.44
N ASN E 182 27.37 -34.33 21.20
CA ASN E 182 28.35 -34.66 22.24
C ASN E 182 29.79 -34.64 21.73
N PRO E 183 30.17 -33.59 20.99
CA PRO E 183 31.49 -33.53 20.35
C PRO E 183 32.65 -33.55 21.35
N HIS E 184 32.37 -33.21 22.61
CA HIS E 184 33.40 -33.23 23.65
C HIS E 184 34.06 -34.59 23.87
N VAL E 185 33.40 -35.67 23.44
CA VAL E 185 33.98 -37.00 23.60
C VAL E 185 35.20 -37.18 22.70
N HIS E 187 37.37 -34.68 22.48
CA HIS E 187 38.36 -33.79 23.10
C HIS E 187 38.88 -32.79 22.08
N GLY E 188 40.14 -32.38 22.22
CA GLY E 188 40.72 -31.42 21.30
C GLY E 188 40.02 -30.08 21.38
N ILE E 189 39.62 -29.54 20.23
CA ILE E 189 38.96 -28.25 20.18
C ILE E 189 37.58 -28.26 20.83
N PHE E 190 37.09 -29.45 21.19
CA PHE E 190 35.78 -29.61 21.82
C PHE E 190 35.88 -29.93 23.32
N ALA E 191 37.09 -29.89 23.86
CA ALA E 191 37.32 -30.30 25.25
C ALA E 191 36.66 -29.37 26.26
N GLU E 192 36.68 -28.06 26.00
CA GLU E 192 36.14 -27.08 26.93
C GLU E 192 34.61 -27.04 26.85
N THR E 193 33.94 -27.50 27.91
CA THR E 193 32.48 -27.59 27.90
C THR E 193 31.76 -26.65 28.88
N LYS E 194 32.50 -25.97 29.75
CA LYS E 194 31.83 -25.15 30.76
C LYS E 194 31.66 -23.71 30.28
N LYS E 195 32.57 -23.24 29.44
CA LYS E 195 32.48 -21.89 28.89
C LYS E 195 31.63 -21.94 27.64
N ASN E 196 30.80 -20.92 27.45
CA ASN E 196 29.88 -20.91 26.32
C ASN E 196 30.59 -20.47 25.05
N ILE E 197 31.60 -21.24 24.67
CA ILE E 197 32.38 -20.94 23.48
C ILE E 197 31.51 -21.11 22.25
N ALA E 198 31.65 -20.20 21.30
CA ALA E 198 30.92 -20.26 20.04
C ALA E 198 31.83 -19.85 18.89
N TRP E 199 31.84 -20.64 17.82
CA TRP E 199 32.58 -20.26 16.62
C TRP E 199 32.02 -20.87 15.34
N ARG E 200 32.51 -20.35 14.21
CA ARG E 200 32.23 -20.90 12.90
C ARG E 200 33.57 -21.25 12.26
N ARG E 201 33.57 -22.15 11.29
CA ARG E 201 34.81 -22.60 10.69
C ARG E 201 34.63 -22.99 9.22
N GLU E 202 35.62 -22.64 8.41
CA GLU E 202 35.70 -23.12 7.04
C GLU E 202 37.16 -23.28 6.64
N SER E 203 37.46 -24.37 5.94
CA SER E 203 38.83 -24.63 5.48
C SER E 203 39.19 -23.73 4.30
N LYS E 204 40.46 -23.32 4.25
CA LYS E 204 40.96 -22.54 3.14
C LYS E 204 41.11 -23.42 1.89
N ALA E 205 41.27 -24.73 2.12
CA ALA E 205 41.37 -25.69 1.02
C ALA E 205 40.33 -26.81 1.19
N PRO E 206 39.62 -27.16 0.11
CA PRO E 206 38.58 -28.19 0.24
C PRO E 206 39.14 -29.55 0.63
N HIS E 207 40.34 -29.86 0.16
CA HIS E 207 41.01 -31.11 0.51
C HIS E 207 42.43 -30.79 0.95
N LYS E 208 42.99 -31.67 1.77
CA LYS E 208 44.33 -31.43 2.30
C LYS E 208 44.99 -32.75 2.69
N ASP E 209 46.32 -32.71 2.80
CA ASP E 209 47.10 -33.91 3.08
C ASP E 209 48.05 -33.64 4.24
N ASN E 210 47.75 -34.25 5.39
CA ASN E 210 48.58 -34.12 6.59
C ASN E 210 48.80 -32.67 6.99
N THR E 211 47.71 -31.89 7.06
CA THR E 211 47.79 -30.50 7.48
C THR E 211 46.42 -29.93 7.79
N GLU E 212 46.42 -28.78 8.45
CA GLU E 212 45.20 -28.03 8.72
C GLU E 212 45.42 -26.57 8.35
N ASP E 213 44.41 -25.96 7.75
CA ASP E 213 44.49 -24.54 7.41
C ASP E 213 43.09 -23.97 7.32
N TYR E 214 42.63 -23.44 8.44
CA TYR E 214 41.23 -23.05 8.62
C TYR E 214 41.08 -21.54 8.79
N ILE E 215 39.90 -21.04 8.46
CA ILE E 215 39.43 -19.75 8.96
C ILE E 215 38.45 -20.04 10.08
N TYR E 216 38.77 -19.57 11.29
CA TYR E 216 37.84 -19.64 12.42
C TYR E 216 37.27 -18.25 12.69
N ALA E 217 35.96 -18.19 12.84
CA ALA E 217 35.32 -16.99 13.37
C ALA E 217 34.88 -17.28 14.79
N LEU E 218 35.55 -16.65 15.75
CA LEU E 218 35.35 -16.94 17.16
C LEU E 218 34.67 -15.77 17.85
N ASP E 219 33.56 -16.04 18.52
CA ASP E 219 32.85 -15.05 19.32
C ASP E 219 33.87 -14.45 20.29
N ASP E 220 34.01 -13.12 20.25
CA ASP E 220 35.16 -12.47 20.90
C ASP E 220 35.06 -12.47 22.42
N THR E 221 34.02 -13.09 22.96
CA THR E 221 33.93 -13.36 24.39
C THR E 221 35.14 -14.19 24.84
N HIS E 222 35.63 -15.05 23.96
CA HIS E 222 36.74 -15.96 24.27
C HIS E 222 37.92 -15.79 23.30
N THR E 223 39.03 -16.41 23.66
CA THR E 223 40.26 -16.37 22.88
C THR E 223 40.67 -17.80 22.50
N ILE E 224 41.71 -17.93 21.68
CA ILE E 224 42.16 -19.24 21.23
C ILE E 224 42.59 -20.15 22.39
N PRO E 225 43.34 -19.62 23.37
CA PRO E 225 43.71 -20.47 24.51
C PRO E 225 42.53 -21.06 25.28
N ASP E 226 41.37 -20.41 25.22
CA ASP E 226 40.17 -20.96 25.85
C ASP E 226 39.75 -22.27 25.18
N ILE E 227 40.01 -22.38 23.89
CA ILE E 227 39.68 -23.59 23.14
C ILE E 227 40.73 -24.67 23.34
N LEU E 228 42.00 -24.30 23.23
CA LEU E 228 43.09 -25.27 23.24
C LEU E 228 43.57 -25.53 24.67
N ILE E 229 42.85 -26.40 25.38
CA ILE E 229 43.19 -26.72 26.77
C ILE E 229 43.87 -28.09 26.90
N ASP E 230 43.87 -28.87 25.82
CA ASP E 230 44.57 -30.15 25.80
C ASP E 230 45.46 -30.28 24.56
N THR E 231 46.00 -31.48 24.34
CA THR E 231 46.95 -31.73 23.26
C THR E 231 46.34 -32.65 22.18
N ALA E 232 45.03 -32.81 22.21
CA ALA E 232 44.39 -33.83 21.39
C ALA E 232 43.79 -33.29 20.09
N TYR E 233 44.02 -32.02 19.79
CA TYR E 233 43.61 -31.47 18.50
C TYR E 233 44.56 -31.96 17.41
N THR E 234 44.11 -31.95 16.17
CA THR E 234 44.98 -32.26 15.03
C THR E 234 45.70 -30.98 14.62
N GLY E 235 46.87 -31.13 13.99
CA GLY E 235 47.63 -30.00 13.51
C GLY E 235 48.42 -29.27 14.58
N GLU E 236 48.51 -27.95 14.46
CA GLU E 236 49.32 -27.13 15.37
C GLU E 236 48.52 -25.99 16.00
N LYS E 237 48.97 -25.50 17.14
CA LYS E 237 48.24 -24.48 17.90
C LYS E 237 48.30 -23.10 17.27
N GLY E 238 49.18 -22.92 16.29
CA GLY E 238 49.45 -21.61 15.74
C GLY E 238 48.25 -20.95 15.07
N THR E 239 48.17 -19.63 15.19
CA THR E 239 47.14 -18.85 14.51
C THR E 239 47.71 -17.55 13.95
N VAL E 240 46.96 -16.95 13.03
CA VAL E 240 47.25 -15.60 12.56
C VAL E 240 45.97 -14.79 12.69
N TYR E 241 46.04 -13.70 13.45
CA TYR E 241 44.87 -12.85 13.63
C TYR E 241 44.61 -12.05 12.35
N ILE E 242 43.40 -12.19 11.82
CA ILE E 242 43.04 -11.54 10.57
C ILE E 242 42.29 -10.24 10.81
N GLY E 243 41.37 -10.24 11.77
CA GLY E 243 40.56 -9.07 12.04
C GLY E 243 39.23 -9.37 12.70
N LYS E 244 38.32 -8.39 12.64
CA LYS E 244 37.01 -8.50 13.27
C LYS E 244 35.85 -8.42 12.29
N HIS E 245 34.83 -9.22 12.55
CA HIS E 245 33.53 -9.09 11.90
C HIS E 245 32.47 -9.05 12.98
N SER E 246 31.87 -7.88 13.17
CA SER E 246 30.86 -7.70 14.21
C SER E 246 31.48 -8.05 15.57
N ASN E 247 30.90 -9.01 16.28
CA ASN E 247 31.43 -9.44 17.58
C ASN E 247 32.24 -10.72 17.48
N TYR E 248 32.81 -10.98 16.30
CA TYR E 248 33.61 -12.17 16.07
C TYR E 248 35.06 -11.82 15.72
N ASP E 249 36.00 -12.54 16.33
CA ASP E 249 37.40 -12.45 15.95
C ASP E 249 37.69 -13.47 14.86
N ILE E 250 38.36 -13.03 13.78
CA ILE E 250 38.69 -13.91 12.67
C ILE E 250 40.14 -14.36 12.75
N TYR E 251 40.35 -15.66 12.66
CA TYR E 251 41.70 -16.24 12.71
C TYR E 251 41.95 -17.17 11.53
N ARG E 252 43.19 -17.16 11.06
CA ARG E 252 43.70 -18.29 10.29
C ARG E 252 44.34 -19.21 11.32
N ALA E 253 44.00 -20.49 11.26
CA ALA E 253 44.44 -21.43 12.29
C ALA E 253 44.85 -22.76 11.69
N PHE E 254 45.80 -23.42 12.36
CA PHE E 254 46.44 -24.62 11.85
C PHE E 254 46.08 -25.85 12.68
N PHE E 255 44.95 -25.78 13.38
CA PHE E 255 44.45 -26.93 14.13
C PHE E 255 43.03 -27.29 13.70
N GLY E 256 42.66 -28.56 13.89
CA GLY E 256 41.36 -29.04 13.50
C GLY E 256 40.89 -30.24 14.30
N ASP E 257 40.07 -31.08 13.68
CA ASP E 257 39.53 -32.28 14.33
C ASP E 257 39.65 -33.49 13.41
N ALA E 258 39.66 -34.69 14.01
CA ALA E 258 39.92 -35.92 13.27
C ALA E 258 38.69 -36.44 12.53
N LEU E 259 37.50 -36.06 12.98
CA LEU E 259 36.27 -36.61 12.40
C LEU E 259 36.05 -36.07 10.99
N THR E 260 36.19 -34.76 10.81
CA THR E 260 36.04 -34.16 9.49
C THR E 260 37.10 -34.67 8.53
N ASN E 261 38.32 -34.85 9.03
CA ASN E 261 39.40 -35.42 8.22
C ASN E 261 39.06 -36.83 7.74
N HIS E 262 38.51 -37.65 8.65
CA HIS E 262 38.18 -39.02 8.31
C HIS E 262 37.15 -39.07 7.19
N SER E 264 36.51 -36.87 4.93
CA SER E 264 37.11 -36.41 3.69
C SER E 264 37.91 -37.51 2.99
N SER E 265 38.70 -38.27 3.75
CA SER E 265 39.54 -39.30 3.15
C SER E 265 38.71 -40.50 2.69
N VAL E 266 37.64 -40.82 3.41
CA VAL E 266 36.78 -41.92 3.00
C VAL E 266 36.05 -41.57 1.71
N ILE E 268 36.78 -39.37 -0.68
CA ILE E 268 37.62 -39.23 -1.86
C ILE E 268 38.17 -40.59 -2.30
N SER E 269 38.25 -41.53 -1.37
CA SER E 269 38.62 -42.91 -1.72
C SER E 269 37.51 -43.54 -2.55
N GLU E 270 36.32 -42.95 -2.50
CA GLU E 270 35.19 -43.38 -3.32
C GLU E 270 34.99 -42.47 -4.54
N ASN E 271 35.98 -41.61 -4.80
CA ASN E 271 35.95 -40.68 -5.93
C ASN E 271 34.78 -39.69 -5.89
N VAL E 272 34.30 -39.39 -4.68
CA VAL E 272 33.31 -38.33 -4.50
C VAL E 272 33.81 -37.30 -3.50
N TYR E 273 33.25 -36.11 -3.56
CA TYR E 273 33.62 -35.04 -2.65
C TYR E 273 32.52 -33.98 -2.60
N TYR E 274 32.60 -33.11 -1.61
CA TYR E 274 31.67 -31.99 -1.51
C TYR E 274 32.19 -30.79 -2.27
N LEU E 275 31.29 -29.87 -2.62
CA LEU E 275 31.66 -28.63 -3.26
C LEU E 275 32.10 -27.62 -2.21
N ARG E 276 31.50 -27.72 -1.03
CA ARG E 276 31.80 -26.82 0.07
C ARG E 276 31.44 -27.45 1.40
N ARG E 277 32.21 -27.12 2.42
CA ARG E 277 31.92 -27.55 3.78
C ARG E 277 32.27 -26.45 4.76
N TRP E 278 31.40 -26.24 5.75
CA TRP E 278 31.73 -25.39 6.88
C TRP E 278 31.06 -25.96 8.11
N SER E 279 31.44 -25.48 9.29
CA SER E 279 30.87 -26.00 10.52
C SER E 279 30.56 -24.90 11.53
N LYS E 280 29.63 -25.21 12.42
CA LYS E 280 29.22 -24.30 13.49
C LYS E 280 29.32 -25.01 14.82
N TYR E 281 29.91 -24.33 15.80
CA TYR E 281 29.95 -24.80 17.17
C TYR E 281 29.36 -23.74 18.07
N GLU E 282 28.32 -24.09 18.81
CA GLU E 282 27.74 -23.18 19.80
C GLU E 282 26.96 -24.00 20.80
N ASP E 283 26.85 -23.48 22.01
CA ASP E 283 26.38 -24.25 23.14
C ASP E 283 27.33 -25.44 23.22
N GLY E 284 26.82 -26.67 23.26
CA GLY E 284 27.68 -27.84 23.32
C GLY E 284 27.63 -28.67 22.06
N LYS E 285 27.10 -28.10 20.98
CA LYS E 285 26.85 -28.85 19.76
C LYS E 285 27.63 -28.42 18.53
N LEU E 286 27.99 -29.42 17.73
CA LEU E 286 28.70 -29.24 16.47
C LEU E 286 27.74 -29.49 15.32
N PHE E 287 27.74 -28.57 14.37
CA PHE E 287 26.97 -28.70 13.13
C PHE E 287 27.93 -28.76 11.96
N LEU E 288 27.70 -29.73 11.07
CA LEU E 288 28.48 -29.82 9.83
C LEU E 288 27.56 -29.59 8.63
N TYR E 289 27.97 -28.69 7.75
CA TYR E 289 27.18 -28.35 6.56
C TYR E 289 27.95 -28.73 5.31
N PHE E 290 27.33 -29.55 4.48
CA PHE E 290 27.93 -29.98 3.22
C PHE E 290 27.07 -29.54 2.06
N TYR E 291 27.73 -29.04 1.01
CA TYR E 291 27.06 -28.74 -0.25
C TYR E 291 27.64 -29.65 -1.32
N THR E 292 26.78 -30.44 -1.96
CA THR E 292 27.24 -31.52 -2.82
C THR E 292 26.28 -31.78 -3.98
N THR E 293 26.78 -32.54 -4.95
CA THR E 293 25.94 -33.13 -5.99
C THR E 293 25.47 -34.51 -5.51
N VAL E 294 24.70 -35.20 -6.34
CA VAL E 294 24.06 -36.45 -5.93
C VAL E 294 25.06 -37.60 -5.68
N ASP E 295 26.21 -37.57 -6.35
CA ASP E 295 27.23 -38.61 -6.19
C ASP E 295 27.59 -38.83 -4.72
N PHE E 296 27.79 -37.72 -4.02
CA PHE E 296 28.10 -37.73 -2.62
C PHE E 296 26.94 -38.29 -1.80
N LEU E 297 25.72 -37.96 -2.20
CA LEU E 297 24.53 -38.42 -1.48
C LEU E 297 24.40 -39.94 -1.47
N ARG E 298 24.72 -40.56 -2.60
CA ARG E 298 24.60 -42.02 -2.72
C ARG E 298 25.43 -42.73 -1.66
N LEU E 299 26.53 -42.09 -1.27
CA LEU E 299 27.52 -42.71 -0.40
C LEU E 299 27.45 -42.23 1.05
N ILE E 300 26.55 -41.30 1.33
CA ILE E 300 26.39 -40.77 2.68
C ILE E 300 26.15 -41.88 3.72
N PRO E 301 25.23 -42.81 3.43
CA PRO E 301 24.99 -43.90 4.39
C PRO E 301 26.25 -44.69 4.71
N ALA E 302 27.01 -45.09 3.68
CA ALA E 302 28.23 -45.86 3.87
C ALA E 302 29.27 -45.04 4.62
N ILE E 303 29.42 -43.78 4.23
CA ILE E 303 30.39 -42.88 4.85
C ILE E 303 30.09 -42.65 6.32
N LEU E 304 28.81 -42.52 6.67
CA LEU E 304 28.41 -42.29 8.06
C LEU E 304 28.54 -43.58 8.87
N ASP E 305 28.31 -44.72 8.23
CA ASP E 305 28.52 -46.01 8.88
C ASP E 305 29.98 -46.16 9.27
N SER E 306 30.88 -45.87 8.34
CA SER E 306 32.31 -45.91 8.59
C SER E 306 32.71 -44.92 9.67
N THR E 307 32.21 -43.69 9.55
CA THR E 307 32.54 -42.63 10.51
C THR E 307 32.08 -42.97 11.91
N ARG E 308 30.90 -43.58 12.03
CA ARG E 308 30.38 -43.96 13.34
C ARG E 308 31.24 -45.03 13.98
N LYS E 309 31.63 -46.02 13.17
CA LYS E 309 32.44 -47.13 13.66
C LYS E 309 33.85 -46.69 14.07
N ASN E 310 34.40 -45.70 13.38
CA ASN E 310 35.70 -45.15 13.73
C ASN E 310 35.62 -44.16 14.88
N PHE E 311 34.43 -43.63 15.14
CA PHE E 311 34.20 -42.73 16.26
C PHE E 311 32.96 -43.17 17.06
N PRO E 312 33.05 -44.35 17.70
CA PRO E 312 31.89 -45.01 18.30
C PRO E 312 31.25 -44.26 19.47
N LYS E 313 31.94 -43.32 20.10
CA LYS E 313 31.34 -42.59 21.22
C LYS E 313 30.53 -41.38 20.74
N VAL E 314 30.67 -41.03 19.47
CA VAL E 314 30.03 -39.83 18.93
C VAL E 314 28.58 -40.09 18.49
N ASN E 315 27.67 -39.24 18.97
CA ASN E 315 26.28 -39.26 18.49
C ASN E 315 26.17 -38.38 17.25
N LYS E 317 23.82 -37.29 13.85
CA LYS E 317 22.51 -37.26 13.20
C LYS E 317 22.56 -36.59 11.84
N ILE E 318 21.63 -36.99 10.96
CA ILE E 318 21.31 -36.20 9.78
C ILE E 318 20.14 -35.30 10.17
N ASP E 319 20.37 -33.99 10.15
CA ASP E 319 19.33 -33.02 10.45
C ASP E 319 18.46 -32.78 9.24
N GLU E 320 19.10 -32.69 8.07
CA GLU E 320 18.39 -32.30 6.87
C GLU E 320 19.18 -32.64 5.61
N ILE E 321 18.46 -33.00 4.56
CA ILE E 321 19.01 -33.05 3.21
C ILE E 321 18.00 -32.37 2.31
N THR E 322 18.41 -31.25 1.71
CA THR E 322 17.50 -30.46 0.88
C THR E 322 18.15 -30.07 -0.43
N PRO E 323 17.38 -30.09 -1.53
CA PRO E 323 17.93 -29.52 -2.75
C PRO E 323 18.05 -28.02 -2.59
N ALA E 325 17.84 -24.07 -3.99
CA ALA E 325 17.15 -23.23 -4.96
C ALA E 325 18.08 -22.12 -5.46
N VAL F 5 21.40 -4.63 19.60
CA VAL F 5 22.49 -3.77 20.03
C VAL F 5 22.05 -2.90 21.22
N LEU F 6 22.88 -2.87 22.26
CA LEU F 6 22.54 -2.17 23.49
C LEU F 6 23.06 -0.74 23.51
N GLN F 7 22.14 0.21 23.49
CA GLN F 7 22.50 1.62 23.67
C GLN F 7 22.25 2.03 25.11
N ASP F 8 21.06 2.52 25.42
CA ASP F 8 20.72 2.88 26.79
C ASP F 8 20.71 1.64 27.67
N ILE F 9 21.37 1.71 28.82
CA ILE F 9 21.42 0.61 29.76
C ILE F 9 20.02 0.20 30.21
N ASP F 10 19.05 1.11 30.08
CA ASP F 10 17.66 0.80 30.37
C ASP F 10 17.20 -0.48 29.68
N GLY F 11 17.84 -0.82 28.56
CA GLY F 11 17.48 -1.99 27.80
C GLY F 11 17.76 -3.33 28.47
N ILE F 12 18.59 -3.34 29.51
CA ILE F 12 18.88 -4.60 30.22
C ILE F 12 17.81 -4.88 31.26
N PHE F 13 17.06 -3.84 31.64
CA PHE F 13 16.00 -3.99 32.62
C PHE F 13 14.69 -4.31 31.92
N ASP F 14 14.26 -5.57 32.00
CA ASP F 14 13.04 -6.00 31.33
C ASP F 14 11.81 -5.81 32.19
N SER F 15 12.00 -5.43 33.45
CA SER F 15 10.88 -5.28 34.38
C SER F 15 10.85 -3.92 35.07
N GLN F 16 9.67 -3.56 35.54
CA GLN F 16 9.46 -2.28 36.21
C GLN F 16 8.30 -2.41 37.18
N ALA F 17 8.37 -1.67 38.28
CA ALA F 17 7.28 -1.66 39.25
C ALA F 17 7.10 -0.28 39.83
N ILE F 18 5.86 0.02 40.20
CA ILE F 18 5.54 1.27 40.88
C ILE F 18 5.08 0.98 42.31
N LEU F 19 5.95 1.32 43.26
CA LEU F 19 5.66 1.15 44.67
C LEU F 19 4.84 2.33 45.14
N ALA F 20 3.89 2.09 46.03
CA ALA F 20 3.08 3.16 46.60
C ALA F 20 2.88 2.92 48.09
N GLY F 21 2.77 4.00 48.85
CA GLY F 21 2.59 3.89 50.28
C GLY F 21 2.32 5.19 50.99
N ARG F 22 2.04 5.07 52.29
CA ARG F 22 1.79 6.20 53.17
C ARG F 22 2.54 6.02 54.48
N PHE F 23 3.21 7.07 54.95
CA PHE F 23 3.72 7.10 56.32
C PHE F 23 3.21 8.35 57.02
N HIS F 24 2.82 8.21 58.27
CA HIS F 24 2.19 9.31 58.99
C HIS F 24 3.24 10.20 59.65
N ASN F 25 3.08 11.49 59.44
CA ASN F 25 4.11 12.48 59.71
C ASN F 25 3.52 13.79 59.22
N ASP F 26 3.91 14.90 59.84
CA ASP F 26 3.25 16.17 59.57
C ASP F 26 3.45 16.63 58.14
N LEU F 27 4.58 16.27 57.54
CA LEU F 27 4.81 16.57 56.12
C LEU F 27 3.76 15.92 55.22
N THR F 28 3.35 14.71 55.59
CA THR F 28 2.34 14.00 54.82
C THR F 28 0.96 14.67 54.96
N VAL F 29 0.63 15.08 56.17
CA VAL F 29 -0.67 15.70 56.44
C VAL F 29 -0.86 16.97 55.60
N ILE F 30 0.15 17.82 55.54
CA ILE F 30 0.05 19.09 54.82
C ILE F 30 0.04 18.93 53.31
N ASN F 31 0.81 17.96 52.82
CA ASN F 31 0.81 17.63 51.40
C ASN F 31 -0.58 17.26 50.91
N GLU F 32 -1.25 16.42 51.68
CA GLU F 32 -2.61 15.99 51.37
C GLU F 32 -3.55 17.15 51.59
N LYS F 33 -3.32 17.90 52.66
CA LYS F 33 -4.21 18.99 53.05
C LYS F 33 -4.22 20.14 52.04
N TYR F 34 -3.08 20.46 51.47
CA TYR F 34 -2.95 21.60 50.57
C TYR F 34 -2.49 21.25 49.15
N ASP F 35 -2.68 19.99 48.75
CA ASP F 35 -2.40 19.59 47.38
C ASP F 35 -0.98 19.97 46.95
N LEU F 36 -0.01 19.70 47.81
CA LEU F 36 1.38 20.00 47.51
C LEU F 36 2.00 18.86 46.74
N PHE F 37 3.15 19.14 46.12
CA PHE F 37 3.89 18.13 45.40
C PHE F 37 5.33 18.09 45.90
N TYR F 38 5.76 16.94 46.40
CA TYR F 38 7.14 16.73 46.78
C TYR F 38 7.83 15.82 45.78
N LEU F 39 9.08 16.12 45.47
CA LEU F 39 9.95 15.14 44.85
C LEU F 39 10.72 14.45 45.97
N LEU F 41 13.86 12.01 46.79
CA LEU F 41 15.12 11.50 46.27
C LEU F 41 15.65 10.38 47.16
N PRO F 42 15.67 9.14 46.64
CA PRO F 42 16.23 8.07 47.48
C PRO F 42 17.73 8.22 47.66
N THR F 43 18.19 8.03 48.89
CA THR F 43 19.60 8.10 49.21
C THR F 43 20.01 6.92 50.09
N ILE F 44 21.15 6.33 49.79
CA ILE F 44 21.69 5.24 50.59
C ILE F 44 22.99 5.67 51.28
N ASN F 45 23.23 5.09 52.46
CA ASN F 45 24.48 5.31 53.17
C ASN F 45 25.37 4.08 53.02
N GLU F 46 26.51 4.09 53.72
CA GLU F 46 27.50 3.03 53.55
C GLU F 46 26.96 1.66 53.95
N LYS F 47 25.95 1.64 54.83
CA LYS F 47 25.35 0.36 55.23
C LYS F 47 24.14 0.03 54.37
N LYS F 48 23.94 0.79 53.29
CA LYS F 48 22.88 0.53 52.33
C LYS F 48 21.48 0.65 52.92
N ILE F 49 21.35 1.54 53.91
CA ILE F 49 20.05 1.88 54.46
C ILE F 49 19.47 3.01 53.61
N VAL F 50 18.22 2.86 53.20
CA VAL F 50 17.56 3.85 52.35
C VAL F 50 16.93 4.97 53.17
N SER F 51 17.18 6.19 52.73
CA SER F 51 16.59 7.38 53.32
C SER F 51 16.05 8.22 52.18
N PHE F 52 15.49 9.39 52.50
CA PHE F 52 14.97 10.28 51.46
C PHE F 52 15.23 11.75 51.72
N TYR F 53 15.55 12.47 50.65
CA TYR F 53 15.48 13.92 50.62
C TYR F 53 14.13 14.30 50.04
N ILE F 54 13.53 15.35 50.58
CA ILE F 54 12.27 15.86 50.06
C ILE F 54 12.51 17.25 49.50
N PHE F 55 12.00 17.47 48.28
CA PHE F 55 12.14 18.76 47.61
C PHE F 55 10.77 19.37 47.37
N LEU F 56 10.63 20.64 47.72
CA LEU F 56 9.38 21.35 47.54
C LEU F 56 9.65 22.70 46.89
N GLN F 57 8.95 22.97 45.80
CA GLN F 57 9.05 24.23 45.10
C GLN F 57 8.38 25.30 45.93
N ASP F 58 9.10 26.38 46.24
CA ASP F 58 8.56 27.44 47.08
C ASP F 58 7.35 28.12 46.44
N ASP F 59 7.39 28.33 45.13
CA ASP F 59 6.34 29.05 44.43
C ASP F 59 5.07 28.21 44.25
N GLN F 60 5.14 26.94 44.64
CA GLN F 60 3.97 26.07 44.61
C GLN F 60 3.22 26.04 45.94
N ILE F 61 3.70 26.82 46.91
CA ILE F 61 3.01 26.96 48.18
C ILE F 61 1.88 27.98 48.03
N PRO F 62 0.62 27.57 48.29
CA PRO F 62 -0.47 28.55 48.20
C PRO F 62 -0.29 29.67 49.21
N GLU F 63 -0.27 30.91 48.74
CA GLU F 63 0.06 32.05 49.60
C GLU F 63 -0.93 32.13 50.77
N ARG F 64 -2.18 31.73 50.51
CA ARG F 64 -3.21 31.71 51.54
C ARG F 64 -2.76 30.97 52.81
N HIS F 65 -2.03 29.87 52.61
CA HIS F 65 -1.68 28.98 53.71
C HIS F 65 -0.18 28.91 54.02
N ARG F 66 0.59 29.88 53.52
CA ARG F 66 2.04 29.85 53.68
C ARG F 66 2.48 29.77 55.15
N GLU F 67 1.87 30.55 56.02
CA GLU F 67 2.24 30.58 57.43
C GLU F 67 2.21 29.19 58.06
N GLU F 68 1.08 28.50 57.94
CA GLU F 68 0.93 27.18 58.53
C GLU F 68 1.91 26.18 57.91
N ILE F 69 2.06 26.24 56.59
CA ILE F 69 2.91 25.29 55.89
C ILE F 69 4.38 25.49 56.28
N GLU F 70 4.82 26.74 56.34
CA GLU F 70 6.20 27.04 56.70
C GLU F 70 6.54 26.59 58.12
N SER F 71 5.58 26.73 59.04
CA SER F 71 5.82 26.36 60.43
C SER F 71 5.98 24.85 60.57
N VAL F 72 5.29 24.09 59.71
CA VAL F 72 5.44 22.64 59.70
C VAL F 72 6.78 22.24 59.07
N LEU F 73 7.14 22.92 57.99
CA LEU F 73 8.37 22.60 57.27
C LEU F 73 9.61 22.89 58.13
N ASN F 74 9.57 24.00 58.87
CA ASN F 74 10.71 24.43 59.65
C ASN F 74 11.08 23.50 60.81
N LYS F 75 10.15 22.65 61.20
CA LYS F 75 10.40 21.65 62.23
C LYS F 75 11.36 20.56 61.77
N PHE F 76 11.60 20.50 60.46
CA PHE F 76 12.42 19.44 59.88
C PHE F 76 13.77 19.96 59.39
N ASN F 77 14.18 21.13 59.90
CA ASN F 77 15.51 21.65 59.61
C ASN F 77 15.77 21.79 58.11
N PRO F 78 14.89 22.53 57.42
CA PRO F 78 14.98 22.65 55.97
C PRO F 78 16.13 23.56 55.52
N VAL F 79 16.62 23.31 54.32
CA VAL F 79 17.55 24.23 53.66
C VAL F 79 16.82 24.83 52.47
N ILE F 80 16.81 26.15 52.39
CA ILE F 80 16.14 26.85 51.30
C ILE F 80 17.16 27.53 50.40
N LYS F 81 17.11 27.21 49.11
CA LYS F 81 18.07 27.73 48.15
C LYS F 81 17.48 27.58 46.75
N ASN F 82 17.70 28.59 45.90
CA ASN F 82 17.22 28.58 44.54
C ASN F 82 15.71 28.30 44.45
N GLY F 83 14.95 28.86 45.38
CA GLY F 83 13.51 28.74 45.36
C GLY F 83 12.99 27.37 45.74
N ILE F 84 13.86 26.55 46.34
CA ILE F 84 13.54 25.16 46.66
C ILE F 84 13.80 24.83 48.13
N TRP F 85 12.81 24.21 48.76
CA TRP F 85 12.96 23.69 50.11
C TRP F 85 13.53 22.28 50.05
N LYS F 86 14.62 22.03 50.77
CA LYS F 86 15.19 20.69 50.87
C LYS F 86 15.14 20.18 52.30
N ILE F 87 14.56 19.00 52.47
CA ILE F 87 14.40 18.38 53.78
C ILE F 87 14.95 16.96 53.77
N TYR F 88 15.78 16.64 54.75
CA TYR F 88 16.30 15.28 54.88
C TYR F 88 15.48 14.47 55.87
N LEU F 89 15.05 13.29 55.44
CA LEU F 89 14.35 12.35 56.30
C LEU F 89 15.27 11.18 56.64
N ASP F 90 15.81 11.21 57.85
CA ASP F 90 16.68 10.14 58.31
C ASP F 90 15.84 8.92 58.64
N THR F 91 16.52 7.80 58.83
CA THR F 91 15.87 6.51 59.07
C THR F 91 14.82 6.53 60.18
N GLU F 92 15.09 7.25 61.26
CA GLU F 92 14.17 7.24 62.40
C GLU F 92 12.87 7.98 62.08
N SER F 93 12.99 9.18 61.51
CA SER F 93 11.82 9.98 61.15
C SER F 93 11.03 9.36 60.00
N PHE F 94 11.61 8.34 59.38
CA PHE F 94 11.07 7.74 58.17
C PHE F 94 10.89 6.26 58.41
N LYS F 95 9.76 5.94 59.01
CA LYS F 95 9.47 4.61 59.53
C LYS F 95 9.69 3.55 58.45
N LEU F 96 9.29 3.88 57.23
CA LEU F 96 9.32 2.94 56.11
C LEU F 96 10.74 2.62 55.62
N SER F 97 11.75 3.21 56.23
CA SER F 97 13.15 2.93 55.86
C SER F 97 13.57 1.45 55.80
N GLU F 98 12.84 0.55 56.44
CA GLU F 98 13.31 -0.84 56.51
C GLU F 98 12.80 -1.70 55.34
N PRO F 99 11.57 -1.47 54.87
CA PRO F 99 11.16 -2.20 53.67
C PRO F 99 11.92 -1.76 52.42
N PHE F 100 12.09 -0.46 52.23
CA PHE F 100 12.79 0.04 51.05
C PHE F 100 14.25 -0.39 51.02
N SER F 101 14.85 -0.53 52.20
CA SER F 101 16.22 -1.03 52.28
C SER F 101 16.26 -2.50 51.84
N THR F 102 15.21 -3.24 52.17
CA THR F 102 15.10 -4.63 51.73
C THR F 102 14.96 -4.72 50.20
N PHE F 103 14.11 -3.86 49.62
CA PHE F 103 13.95 -3.84 48.18
C PHE F 103 15.27 -3.51 47.50
N PHE F 104 15.97 -2.51 48.03
CA PHE F 104 17.24 -2.08 47.48
C PHE F 104 18.25 -3.22 47.47
N GLY F 105 18.20 -4.05 48.52
CA GLY F 105 19.14 -5.14 48.67
C GLY F 105 18.98 -6.22 47.62
N ILE F 106 17.84 -6.23 46.94
CA ILE F 106 17.65 -7.12 45.81
C ILE F 106 18.52 -6.62 44.66
N ASP F 107 19.38 -7.50 44.15
CA ASP F 107 20.55 -7.08 43.36
C ASP F 107 20.23 -6.17 42.17
N SER F 108 19.26 -6.53 41.34
CA SER F 108 19.03 -5.80 40.10
C SER F 108 18.11 -4.59 40.26
N ILE F 109 17.62 -4.34 41.48
CA ILE F 109 16.67 -3.25 41.70
C ILE F 109 17.34 -1.88 41.58
N VAL F 110 16.78 -1.04 40.72
CA VAL F 110 17.23 0.33 40.56
C VAL F 110 16.11 1.28 40.97
N PHE F 111 16.40 2.16 41.93
CA PHE F 111 15.45 3.16 42.38
C PHE F 111 15.46 4.36 41.44
N ASP F 112 14.28 4.80 41.03
CA ASP F 112 14.14 6.05 40.29
C ASP F 112 13.71 7.16 41.25
N GLY F 114 11.26 9.46 43.15
CA GLY F 114 9.90 9.30 43.64
C GLY F 114 9.21 10.63 43.85
N SER F 115 7.96 10.59 44.27
CA SER F 115 7.21 11.80 44.58
C SER F 115 6.17 11.53 45.66
N LYS F 117 2.19 13.01 46.53
CA LYS F 117 1.07 13.83 46.11
C LYS F 117 -0.20 13.25 46.71
N GLY F 118 -1.07 14.12 47.21
CA GLY F 118 -2.28 13.67 47.89
C GLY F 118 -1.97 12.84 49.11
N GLY F 119 -0.80 13.06 49.70
CA GLY F 119 -0.38 12.33 50.88
C GLY F 119 0.16 10.94 50.59
N GLU F 120 0.19 10.56 49.32
CA GLU F 120 0.69 9.24 48.94
C GLU F 120 2.02 9.31 48.22
N LEU F 122 4.90 7.76 45.79
CA LEU F 122 5.07 6.89 44.63
C LEU F 122 6.56 6.74 44.32
N LEU F 123 7.02 5.50 44.20
CA LEU F 123 8.44 5.23 43.92
C LEU F 123 8.58 4.18 42.82
N PRO F 124 9.05 4.61 41.63
CA PRO F 124 9.29 3.63 40.56
C PRO F 124 10.62 2.89 40.74
N VAL F 125 10.64 1.61 40.37
CA VAL F 125 11.88 0.85 40.35
C VAL F 125 11.97 0.07 39.04
N ARG F 126 13.20 -0.13 38.58
CA ARG F 126 13.46 -0.93 37.40
C ARG F 126 14.36 -2.08 37.81
N PHE F 127 14.17 -3.24 37.20
CA PHE F 127 14.91 -4.43 37.59
C PHE F 127 14.85 -5.52 36.53
N ILE F 128 15.47 -6.65 36.84
CA ILE F 128 15.53 -7.78 35.93
C ILE F 128 14.60 -8.87 36.45
N SER F 129 13.84 -9.48 35.55
CA SER F 129 12.66 -10.25 35.92
C SER F 129 12.92 -11.43 36.84
N LYS F 130 14.14 -11.97 36.84
CA LYS F 130 14.46 -13.05 37.78
C LYS F 130 14.26 -12.62 39.24
N ASP F 131 14.36 -11.31 39.49
CA ASP F 131 14.21 -10.78 40.84
C ASP F 131 12.78 -10.38 41.20
N LYS F 132 11.84 -10.61 40.30
CA LYS F 132 10.45 -10.21 40.54
C LYS F 132 9.84 -10.85 41.78
N ASP F 133 10.00 -12.16 41.90
CA ASP F 133 9.37 -12.90 43.00
C ASP F 133 9.93 -12.47 44.35
N ALA F 134 11.22 -12.14 44.39
CA ALA F 134 11.85 -11.67 45.61
C ALA F 134 11.27 -10.32 46.03
N LEU F 135 11.03 -9.45 45.05
CA LEU F 135 10.46 -8.14 45.31
C LEU F 135 9.02 -8.26 45.82
N VAL F 136 8.23 -9.07 45.12
CA VAL F 136 6.85 -9.29 45.50
C VAL F 136 6.76 -9.90 46.90
N ASN F 137 7.61 -10.87 47.18
CA ASN F 137 7.59 -11.55 48.48
C ASN F 137 7.93 -10.64 49.65
N SER F 138 8.88 -9.72 49.47
CA SER F 138 9.24 -8.82 50.56
C SER F 138 8.15 -7.77 50.77
N ILE F 139 7.43 -7.43 49.70
CA ILE F 139 6.27 -6.55 49.84
C ILE F 139 5.15 -7.25 50.62
N ILE F 140 4.95 -8.54 50.35
CA ILE F 140 3.92 -9.30 51.04
C ILE F 140 4.30 -9.61 52.48
N ASP F 141 5.56 -9.97 52.70
CA ASP F 141 6.05 -10.21 54.06
C ASP F 141 5.97 -8.91 54.86
N SER F 142 6.36 -7.81 54.23
CA SER F 142 6.27 -6.50 54.84
C SER F 142 4.84 -6.19 55.28
N ALA F 143 3.85 -6.59 54.48
CA ALA F 143 2.46 -6.32 54.80
C ALA F 143 2.00 -7.13 56.00
N GLY F 144 2.76 -8.15 56.36
CA GLY F 144 2.42 -8.99 57.48
C GLY F 144 2.94 -8.37 58.77
N TYR F 145 3.84 -7.39 58.63
CA TYR F 145 4.30 -6.61 59.77
C TYR F 145 3.52 -5.31 60.02
N GLY F 146 2.47 -5.04 59.25
CA GLY F 146 1.70 -3.83 59.44
C GLY F 146 1.72 -2.93 58.22
N GLU F 147 2.85 -3.00 57.52
CA GLU F 147 3.22 -2.10 56.43
C GLU F 147 2.28 -2.01 55.24
N ASN F 148 2.00 -0.77 54.86
CA ASN F 148 0.99 -0.47 53.85
C ASN F 148 1.56 -0.22 52.47
N ILE F 149 2.77 -0.69 52.20
CA ILE F 149 3.35 -0.54 50.86
C ILE F 149 2.69 -1.53 49.91
N TYR F 150 2.34 -1.05 48.72
CA TYR F 150 1.69 -1.88 47.73
C TYR F 150 2.15 -1.53 46.32
N LEU F 151 1.60 -2.24 45.34
CA LEU F 151 2.01 -2.09 43.94
C LEU F 151 0.89 -1.49 43.09
N ARG F 152 1.19 -0.37 42.45
CA ARG F 152 0.27 0.21 41.47
C ARG F 152 0.61 -0.32 40.08
N TYR F 153 1.77 -0.94 39.96
CA TYR F 153 2.19 -1.54 38.71
C TYR F 153 3.34 -2.52 38.93
N ILE F 154 3.29 -3.66 38.25
CA ILE F 154 4.45 -4.52 38.12
C ILE F 154 4.34 -5.33 36.83
N GLY F 155 5.39 -5.28 36.02
CA GLY F 155 5.39 -5.98 34.75
C GLY F 155 6.58 -5.60 33.92
N GLN F 156 6.42 -5.62 32.59
CA GLN F 156 7.52 -5.27 31.70
C GLN F 156 7.91 -3.80 31.88
N ASN F 157 9.20 -3.51 31.65
CA ASN F 157 9.69 -2.14 31.71
C ASN F 157 9.14 -1.26 30.59
N LYS F 158 8.38 -0.24 30.98
CA LYS F 158 7.84 0.72 30.04
C LYS F 158 8.85 1.81 29.69
N GLY F 159 9.99 1.80 30.38
CA GLY F 159 11.05 2.77 30.12
C GLY F 159 11.31 3.64 31.33
N PHE F 160 12.57 4.06 31.48
CA PHE F 160 12.97 4.99 32.53
C PHE F 160 12.10 6.24 32.51
N ASP F 161 11.67 6.63 31.32
CA ASP F 161 10.89 7.86 31.17
C ASP F 161 9.43 7.70 31.58
N TYR F 162 8.93 6.48 31.63
CA TYR F 162 7.60 6.24 32.18
C TYR F 162 7.58 6.57 33.68
N SER F 163 8.71 6.36 34.35
CA SER F 163 8.84 6.67 35.76
C SER F 163 8.46 8.11 36.06
N PHE F 164 8.82 9.03 35.16
CA PHE F 164 8.51 10.45 35.34
C PHE F 164 7.00 10.65 35.34
N ILE F 165 6.32 9.92 34.46
CA ILE F 165 4.87 10.00 34.36
C ILE F 165 4.21 9.35 35.58
N ALA F 166 4.75 8.22 36.00
CA ALA F 166 4.20 7.46 37.13
C ALA F 166 4.15 8.30 38.40
N ILE F 167 5.16 9.13 38.61
CA ILE F 167 5.25 9.94 39.82
C ILE F 167 4.53 11.28 39.68
N LYS F 168 3.83 11.45 38.55
CA LYS F 168 2.96 12.60 38.32
C LYS F 168 3.75 13.90 38.20
N LEU F 169 4.97 13.81 37.68
CA LEU F 169 5.78 15.00 37.39
C LEU F 169 5.29 15.65 36.11
N LEU F 170 4.83 16.89 36.21
CA LEU F 170 4.25 17.59 35.08
C LEU F 170 5.27 18.51 34.40
N ASP F 171 6.36 18.82 35.10
CA ASP F 171 7.39 19.71 34.56
C ASP F 171 8.05 19.15 33.31
N GLN F 172 8.44 20.04 32.40
CA GLN F 172 9.23 19.67 31.23
C GLN F 172 10.55 19.01 31.65
N VAL F 173 10.85 17.86 31.07
CA VAL F 173 12.10 17.17 31.32
C VAL F 173 13.08 17.41 30.17
N TYR F 174 14.35 17.54 30.52
CA TYR F 174 15.41 17.79 29.54
C TYR F 174 16.46 16.69 29.61
N LYS F 175 17.06 16.40 28.45
CA LYS F 175 18.18 15.47 28.40
C LYS F 175 19.50 16.22 28.18
N LEU F 176 20.43 16.06 29.11
CA LEU F 176 21.77 16.64 29.00
C LEU F 176 22.78 15.55 28.73
N THR F 177 23.61 15.76 27.72
CA THR F 177 24.67 14.81 27.37
C THR F 177 26.03 15.49 27.50
N LEU F 178 26.86 14.91 28.36
CA LEU F 178 28.24 15.33 28.51
C LEU F 178 29.16 14.26 27.95
N SER F 179 30.29 14.69 27.38
CA SER F 179 31.30 13.76 26.90
C SER F 179 32.66 14.13 27.43
N ILE F 180 33.45 13.11 27.74
CA ILE F 180 34.80 13.27 28.25
C ILE F 180 35.70 12.36 27.43
N ASP F 181 36.55 12.95 26.61
CA ASP F 181 37.33 12.17 25.65
C ASP F 181 38.66 11.66 26.20
N ASN F 182 39.00 12.06 27.43
CA ASN F 182 40.26 11.64 28.05
C ASN F 182 40.10 11.18 29.50
N PRO F 183 39.10 10.32 29.76
CA PRO F 183 38.78 9.92 31.13
C PRO F 183 39.92 9.18 31.83
N HIS F 184 40.85 8.65 31.05
CA HIS F 184 41.99 7.93 31.61
C HIS F 184 42.86 8.78 32.54
N VAL F 185 42.75 10.11 32.44
CA VAL F 185 43.54 10.98 33.32
C VAL F 185 43.07 10.90 34.77
N HIS F 187 42.31 7.92 36.02
CA HIS F 187 42.73 6.58 36.40
C HIS F 187 41.51 5.79 36.91
N GLY F 188 41.75 4.89 37.85
CA GLY F 188 40.65 4.09 38.40
C GLY F 188 40.05 3.20 37.33
N ILE F 189 38.72 3.24 37.21
CA ILE F 189 38.01 2.40 36.24
C ILE F 189 38.33 2.80 34.80
N PHE F 190 39.04 3.91 34.61
CA PHE F 190 39.41 4.38 33.28
C PHE F 190 40.89 4.18 32.97
N ALA F 191 41.61 3.50 33.85
CA ALA F 191 43.06 3.36 33.73
C ALA F 191 43.47 2.51 32.53
N GLU F 192 42.71 1.46 32.24
CA GLU F 192 43.04 0.56 31.14
C GLU F 192 42.65 1.15 29.80
N THR F 193 43.65 1.52 28.99
CA THR F 193 43.41 2.17 27.71
C THR F 193 43.79 1.32 26.50
N LYS F 194 44.42 0.17 26.74
CA LYS F 194 44.95 -0.64 25.64
C LYS F 194 43.93 -1.69 25.17
N LYS F 195 43.09 -2.15 26.07
CA LYS F 195 42.02 -3.08 25.73
C LYS F 195 40.76 -2.30 25.35
N ASN F 196 40.02 -2.79 24.36
CA ASN F 196 38.82 -2.09 23.89
C ASN F 196 37.63 -2.35 24.82
N ILE F 197 37.79 -1.98 26.08
CA ILE F 197 36.76 -2.20 27.08
C ILE F 197 35.55 -1.32 26.75
N ALA F 198 34.36 -1.88 26.94
CA ALA F 198 33.13 -1.14 26.72
C ALA F 198 32.10 -1.53 27.79
N TRP F 199 31.48 -0.52 28.40
CA TRP F 199 30.39 -0.79 29.34
C TRP F 199 29.37 0.33 29.45
N ARG F 200 28.26 0.01 30.09
CA ARG F 200 27.22 0.96 30.46
C ARG F 200 27.06 0.88 31.96
N ARG F 201 26.54 1.94 32.57
CA ARG F 201 26.43 2.00 34.02
C ARG F 201 25.24 2.83 34.47
N GLU F 202 24.57 2.36 35.52
CA GLU F 202 23.55 3.15 36.19
C GLU F 202 23.53 2.81 37.67
N SER F 203 23.41 3.83 38.52
CA SER F 203 23.38 3.63 39.95
C SER F 203 22.05 3.01 40.38
N LYS F 204 22.10 2.17 41.40
CA LYS F 204 20.89 1.60 42.00
C LYS F 204 20.16 2.66 42.82
N ALA F 205 20.90 3.66 43.28
CA ALA F 205 20.34 4.77 44.03
C ALA F 205 20.72 6.10 43.38
N PRO F 206 19.75 7.02 43.22
CA PRO F 206 20.08 8.29 42.57
C PRO F 206 21.08 9.13 43.35
N HIS F 207 21.02 9.03 44.68
CA HIS F 207 21.94 9.74 45.55
C HIS F 207 22.53 8.76 46.56
N LYS F 208 23.73 9.06 47.06
CA LYS F 208 24.38 8.17 47.99
C LYS F 208 25.40 8.91 48.84
N ASP F 209 25.75 8.31 49.97
CA ASP F 209 26.63 8.94 50.94
C ASP F 209 27.76 7.97 51.32
N ASN F 210 28.96 8.28 50.84
CA ASN F 210 30.15 7.48 51.15
C ASN F 210 29.96 6.02 50.76
N THR F 211 29.50 5.78 49.54
CA THR F 211 29.31 4.43 49.06
C THR F 211 29.11 4.41 47.54
N GLU F 212 29.23 3.23 46.96
CA GLU F 212 28.94 3.01 45.54
C GLU F 212 28.06 1.78 45.42
N ASP F 213 27.07 1.85 44.54
CA ASP F 213 26.22 0.69 44.30
C ASP F 213 25.62 0.81 42.90
N TYR F 214 26.33 0.21 41.95
CA TYR F 214 26.05 0.40 40.54
C TYR F 214 25.58 -0.89 39.89
N ILE F 215 24.84 -0.75 38.80
CA ILE F 215 24.69 -1.82 37.84
C ILE F 215 25.61 -1.50 36.67
N TYR F 216 26.57 -2.38 36.40
CA TYR F 216 27.42 -2.28 35.22
C TYR F 216 26.99 -3.32 34.19
N ALA F 217 26.85 -2.90 32.95
CA ALA F 217 26.72 -3.83 31.84
C ALA F 217 28.03 -3.80 31.07
N LEU F 218 28.78 -4.88 31.16
CA LEU F 218 30.13 -4.95 30.60
C LEU F 218 30.15 -5.91 29.41
N ASP F 219 30.64 -5.44 28.27
CA ASP F 219 30.82 -6.30 27.10
C ASP F 219 31.66 -7.49 27.55
N ASP F 220 31.13 -8.69 27.33
CA ASP F 220 31.68 -9.88 27.97
C ASP F 220 33.02 -10.33 27.37
N THR F 221 33.53 -9.57 26.42
CA THR F 221 34.90 -9.76 25.94
C THR F 221 35.87 -9.62 27.11
N HIS F 222 35.51 -8.77 28.07
CA HIS F 222 36.37 -8.51 29.21
C HIS F 222 35.69 -8.82 30.54
N THR F 223 36.50 -8.83 31.59
CA THR F 223 36.04 -9.13 32.94
C THR F 223 36.35 -7.95 33.86
N ILE F 224 35.87 -8.03 35.10
CA ILE F 224 36.08 -6.95 36.06
C ILE F 224 37.57 -6.70 36.34
N PRO F 225 38.37 -7.76 36.49
CA PRO F 225 39.82 -7.54 36.69
C PRO F 225 40.49 -6.77 35.55
N ASP F 226 39.94 -6.82 34.35
CA ASP F 226 40.48 -6.06 33.23
C ASP F 226 40.32 -4.56 33.48
N ILE F 227 39.26 -4.19 34.19
CA ILE F 227 39.00 -2.79 34.52
C ILE F 227 39.83 -2.33 35.70
N LEU F 228 39.84 -3.13 36.77
CA LEU F 228 40.46 -2.73 38.02
C LEU F 228 41.93 -3.11 38.07
N ILE F 229 42.77 -2.29 37.45
CA ILE F 229 44.21 -2.57 37.39
C ILE F 229 45.00 -1.70 38.37
N ASP F 230 44.35 -0.69 38.95
CA ASP F 230 44.97 0.13 39.98
C ASP F 230 44.07 0.24 41.22
N THR F 231 44.44 1.10 42.15
CA THR F 231 43.72 1.25 43.41
C THR F 231 43.03 2.61 43.53
N ALA F 232 42.88 3.30 42.41
CA ALA F 232 42.44 4.70 42.43
C ALA F 232 40.94 4.87 42.15
N TYR F 233 40.22 3.76 42.06
CA TYR F 233 38.76 3.82 41.94
C TYR F 233 38.17 4.18 43.31
N THR F 234 36.95 4.72 43.31
CA THR F 234 36.22 4.95 44.55
C THR F 234 35.49 3.67 44.96
N GLY F 235 35.22 3.52 46.26
CA GLY F 235 34.50 2.36 46.76
C GLY F 235 35.35 1.10 46.88
N GLU F 236 34.72 -0.05 46.62
CA GLU F 236 35.37 -1.37 46.75
C GLU F 236 35.28 -2.23 45.49
N LYS F 237 36.21 -3.17 45.38
CA LYS F 237 36.34 -4.01 44.20
C LYS F 237 35.25 -5.07 44.04
N GLY F 238 34.45 -5.27 45.10
CA GLY F 238 33.48 -6.35 45.10
C GLY F 238 32.41 -6.22 44.04
N THR F 239 31.95 -7.37 43.53
CA THR F 239 30.84 -7.40 42.60
C THR F 239 29.93 -8.59 42.90
N VAL F 240 28.72 -8.53 42.36
CA VAL F 240 27.81 -9.67 42.35
C VAL F 240 27.34 -9.89 40.92
N TYR F 241 27.61 -11.07 40.38
CA TYR F 241 27.21 -11.38 39.01
C TYR F 241 25.71 -11.59 38.96
N ILE F 242 25.04 -10.84 38.09
CA ILE F 242 23.59 -10.89 38.00
C ILE F 242 23.15 -11.80 36.85
N GLY F 243 23.83 -11.71 35.71
CA GLY F 243 23.46 -12.49 34.55
C GLY F 243 23.92 -11.88 33.24
N LYS F 244 23.30 -12.34 32.15
CA LYS F 244 23.64 -11.90 30.80
C LYS F 244 22.49 -11.21 30.09
N HIS F 245 22.84 -10.17 29.33
CA HIS F 245 21.94 -9.56 28.36
C HIS F 245 22.68 -9.48 27.03
N SER F 246 22.27 -10.30 26.08
CA SER F 246 22.93 -10.36 24.78
C SER F 246 24.40 -10.70 24.99
N ASN F 247 25.31 -9.84 24.51
CA ASN F 247 26.74 -10.06 24.68
C ASN F 247 27.34 -9.25 25.84
N TYR F 248 26.50 -8.90 26.81
CA TYR F 248 26.93 -8.11 27.97
C TYR F 248 26.77 -8.89 29.28
N ASP F 249 27.79 -8.84 30.13
CA ASP F 249 27.69 -9.36 31.50
C ASP F 249 27.17 -8.25 32.43
N ILE F 250 26.16 -8.60 33.23
CA ILE F 250 25.55 -7.65 34.16
C ILE F 250 26.10 -7.88 35.56
N TYR F 251 26.58 -6.80 36.19
CA TYR F 251 27.11 -6.87 37.54
C TYR F 251 26.47 -5.82 38.44
N ARG F 252 26.28 -6.19 39.70
CA ARG F 252 26.14 -5.20 40.75
C ARG F 252 27.55 -4.97 41.26
N ALA F 253 27.97 -3.72 41.36
CA ALA F 253 29.35 -3.39 41.68
C ALA F 253 29.45 -2.24 42.66
N PHE F 254 30.50 -2.26 43.47
CA PHE F 254 30.65 -1.34 44.58
C PHE F 254 31.81 -0.36 44.39
N PHE F 255 32.20 -0.16 43.13
CA PHE F 255 33.23 0.81 42.79
C PHE F 255 32.71 1.83 41.78
N GLY F 256 33.31 3.02 41.77
CA GLY F 256 32.89 4.09 40.87
C GLY F 256 33.99 5.09 40.56
N ASP F 257 33.59 6.33 40.28
CA ASP F 257 34.52 7.39 39.95
C ASP F 257 34.20 8.65 40.73
N ALA F 258 35.20 9.51 40.92
CA ALA F 258 35.06 10.68 41.78
C ALA F 258 34.37 11.85 41.09
N LEU F 259 34.42 11.88 39.76
CA LEU F 259 33.88 13.00 39.02
C LEU F 259 32.35 13.05 39.11
N THR F 260 31.70 11.91 38.89
CA THR F 260 30.25 11.85 39.01
C THR F 260 29.82 12.15 40.44
N ASN F 261 30.57 11.65 41.42
CA ASN F 261 30.29 11.94 42.82
C ASN F 261 30.35 13.43 43.12
N HIS F 262 31.37 14.10 42.60
CA HIS F 262 31.56 15.53 42.83
C HIS F 262 30.38 16.33 42.31
N SER F 264 27.38 15.36 41.82
CA SER F 264 26.19 15.07 42.61
C SER F 264 26.15 15.88 43.91
N SER F 265 27.28 15.98 44.59
CA SER F 265 27.31 16.69 45.86
C SER F 265 27.21 18.20 45.66
N VAL F 266 27.77 18.70 44.57
CA VAL F 266 27.67 20.13 44.27
C VAL F 266 26.23 20.53 43.95
N ILE F 268 23.34 18.96 44.74
CA ILE F 268 22.40 18.82 45.85
C ILE F 268 22.67 19.90 46.91
N SER F 269 23.90 20.40 46.96
CA SER F 269 24.21 21.53 47.84
C SER F 269 23.49 22.79 47.35
N GLU F 270 23.05 22.77 46.10
CA GLU F 270 22.25 23.85 45.51
C GLU F 270 20.77 23.51 45.48
N ASN F 271 20.39 22.41 46.15
CA ASN F 271 18.99 21.96 46.20
C ASN F 271 18.41 21.57 44.85
N VAL F 272 19.27 21.19 43.91
CA VAL F 272 18.79 20.64 42.65
C VAL F 272 19.38 19.25 42.43
N TYR F 273 18.71 18.46 41.60
CA TYR F 273 19.19 17.12 41.30
C TYR F 273 18.60 16.64 39.99
N TYR F 274 19.17 15.57 39.45
CA TYR F 274 18.64 14.97 38.24
C TYR F 274 17.59 13.93 38.59
N LEU F 275 16.73 13.62 37.63
CA LEU F 275 15.72 12.58 37.78
C LEU F 275 16.34 11.23 37.49
N ARG F 276 17.32 11.21 36.60
CA ARG F 276 17.98 9.99 36.21
C ARG F 276 19.37 10.30 35.64
N ARG F 277 20.31 9.42 35.90
CA ARG F 277 21.65 9.51 35.32
C ARG F 277 22.15 8.13 34.95
N TRP F 278 22.76 8.00 33.78
CA TRP F 278 23.51 6.79 33.43
C TRP F 278 24.71 7.21 32.58
N SER F 279 25.65 6.29 32.38
CA SER F 279 26.84 6.61 31.60
C SER F 279 27.25 5.47 30.67
N LYS F 280 27.99 5.86 29.63
CA LYS F 280 28.50 4.93 28.64
C LYS F 280 30.00 5.11 28.49
N TYR F 281 30.74 4.00 28.47
CA TYR F 281 32.17 4.02 28.20
C TYR F 281 32.49 3.12 27.02
N GLU F 282 33.06 3.69 25.96
CA GLU F 282 33.54 2.90 24.84
C GLU F 282 34.51 3.71 23.98
N ASP F 283 35.45 3.01 23.35
CA ASP F 283 36.50 3.65 22.56
C ASP F 283 37.19 4.75 23.37
N GLY F 284 37.53 4.42 24.62
CA GLY F 284 38.20 5.34 25.52
C GLY F 284 37.49 6.65 25.83
N LYS F 285 36.20 6.71 25.52
CA LYS F 285 35.38 7.91 25.73
C LYS F 285 34.30 7.65 26.76
N LEU F 286 34.07 8.64 27.63
CA LEU F 286 33.00 8.55 28.63
C LEU F 286 31.88 9.49 28.25
N PHE F 287 30.64 8.97 28.29
CA PHE F 287 29.45 9.77 28.07
C PHE F 287 28.60 9.77 29.33
N LEU F 288 28.16 10.95 29.76
CA LEU F 288 27.26 11.08 30.89
C LEU F 288 25.92 11.62 30.40
N TYR F 289 24.84 10.95 30.79
CA TYR F 289 23.49 11.35 30.39
C TYR F 289 22.68 11.72 31.62
N PHE F 290 22.16 12.94 31.64
CA PHE F 290 21.33 13.42 32.74
C PHE F 290 19.92 13.73 32.23
N TYR F 291 18.91 13.33 32.99
CA TYR F 291 17.54 13.70 32.70
C TYR F 291 17.05 14.56 33.86
N THR F 292 16.62 15.78 33.56
CA THR F 292 16.37 16.78 34.59
C THR F 292 15.27 17.77 34.23
N THR F 293 14.81 18.50 35.24
CA THR F 293 13.95 19.65 35.02
C THR F 293 14.83 20.89 34.86
N VAL F 294 14.21 22.05 34.66
CA VAL F 294 14.93 23.27 34.34
C VAL F 294 15.81 23.78 35.49
N ASP F 295 15.44 23.48 36.73
CA ASP F 295 16.21 23.96 37.89
C ASP F 295 17.69 23.58 37.77
N PHE F 296 17.93 22.34 37.39
CA PHE F 296 19.28 21.83 37.20
C PHE F 296 19.98 22.54 36.05
N LEU F 297 19.22 22.83 34.99
CA LEU F 297 19.80 23.50 33.82
C LEU F 297 20.37 24.87 34.16
N ARG F 298 19.68 25.60 35.03
CA ARG F 298 20.12 26.94 35.43
C ARG F 298 21.51 26.90 36.02
N LEU F 299 21.84 25.79 36.66
CA LEU F 299 23.07 25.66 37.43
C LEU F 299 24.17 24.85 36.74
N ILE F 300 23.87 24.33 35.55
CA ILE F 300 24.85 23.55 34.79
C ILE F 300 26.17 24.28 34.57
N PRO F 301 26.11 25.56 34.14
CA PRO F 301 27.37 26.28 33.95
C PRO F 301 28.23 26.33 35.21
N ALA F 302 27.62 26.64 36.35
CA ALA F 302 28.36 26.69 37.61
C ALA F 302 28.92 25.33 37.99
N ILE F 303 28.08 24.30 37.85
CA ILE F 303 28.47 22.95 38.22
C ILE F 303 29.63 22.45 37.35
N LEU F 304 29.62 22.79 36.08
CA LEU F 304 30.69 22.39 35.18
C LEU F 304 31.95 23.23 35.41
N ASP F 305 31.76 24.49 35.78
CA ASP F 305 32.88 25.33 36.15
C ASP F 305 33.59 24.75 37.36
N SER F 306 32.81 24.40 38.38
CA SER F 306 33.35 23.80 39.60
C SER F 306 34.02 22.46 39.29
N THR F 307 33.35 21.63 38.51
CA THR F 307 33.86 20.30 38.17
C THR F 307 35.16 20.38 37.37
N ARG F 308 35.26 21.35 36.48
CA ARG F 308 36.48 21.53 35.69
C ARG F 308 37.64 21.93 36.59
N LYS F 309 37.39 22.85 37.50
CA LYS F 309 38.42 23.33 38.41
C LYS F 309 38.88 22.25 39.40
N ASN F 310 37.98 21.38 39.81
CA ASN F 310 38.34 20.26 40.69
C ASN F 310 38.97 19.09 39.92
N PHE F 311 38.74 19.05 38.61
CA PHE F 311 39.34 18.03 37.75
C PHE F 311 39.97 18.68 36.52
N PRO F 312 41.03 19.48 36.72
CA PRO F 312 41.58 20.36 35.68
C PRO F 312 42.18 19.62 34.48
N LYS F 313 42.49 18.35 34.65
CA LYS F 313 43.05 17.53 33.58
C LYS F 313 42.00 16.96 32.63
N VAL F 314 40.73 17.00 33.05
CA VAL F 314 39.64 16.40 32.28
C VAL F 314 39.08 17.35 31.22
N ASN F 315 38.97 16.86 29.98
CA ASN F 315 38.29 17.60 28.93
C ASN F 315 36.80 17.30 28.95
N LYS F 317 32.85 18.38 27.63
CA LYS F 317 32.02 19.06 26.66
C LYS F 317 30.55 18.87 26.97
N ILE F 318 29.73 19.84 26.59
CA ILE F 318 28.30 19.63 26.46
C ILE F 318 28.05 19.21 25.03
N ASP F 319 27.57 17.99 24.84
CA ASP F 319 27.25 17.50 23.51
C ASP F 319 25.91 18.04 23.08
N GLU F 320 24.95 18.02 24.00
CA GLU F 320 23.57 18.32 23.68
C GLU F 320 22.73 18.62 24.91
N ILE F 321 21.78 19.54 24.75
CA ILE F 321 20.70 19.73 25.72
C ILE F 321 19.41 19.82 24.93
N THR F 322 18.52 18.85 25.12
CA THR F 322 17.28 18.78 24.36
C THR F 322 16.08 18.53 25.25
N PRO F 323 14.95 19.18 24.95
CA PRO F 323 13.73 18.83 25.68
C PRO F 323 13.27 17.44 25.26
N ALA F 325 10.44 14.52 24.37
CA ALA F 325 9.11 14.36 23.79
C ALA F 325 8.39 13.16 24.41
N VAL G 5 23.27 15.04 -8.65
CA VAL G 5 24.69 14.78 -8.47
C VAL G 5 25.24 13.93 -9.62
N LEU G 6 26.36 14.37 -10.18
CA LEU G 6 26.93 13.73 -11.37
C LEU G 6 27.96 12.67 -11.02
N GLN G 7 27.64 11.42 -11.34
CA GLN G 7 28.60 10.32 -11.21
C GLN G 7 29.21 10.03 -12.59
N ASP G 8 28.60 9.10 -13.32
CA ASP G 8 29.08 8.81 -14.68
C ASP G 8 28.90 10.03 -15.56
N ILE G 9 29.97 10.38 -16.28
CA ILE G 9 29.94 11.51 -17.19
C ILE G 9 28.87 11.33 -18.27
N ASP G 10 28.46 10.08 -18.48
CA ASP G 10 27.36 9.78 -19.41
C ASP G 10 26.14 10.67 -19.14
N GLY G 11 26.00 11.13 -17.90
CA GLY G 11 24.87 11.95 -17.51
C GLY G 11 24.82 13.35 -18.09
N ILE G 12 25.93 13.85 -18.65
CA ILE G 12 25.92 15.18 -19.26
C ILE G 12 25.44 15.11 -20.71
N PHE G 13 25.47 13.92 -21.29
CA PHE G 13 25.01 13.72 -22.66
C PHE G 13 23.54 13.35 -22.64
N ASP G 14 22.69 14.30 -23.01
CA ASP G 14 21.25 14.10 -22.99
C ASP G 14 20.74 13.52 -24.30
N SER G 15 21.62 13.40 -25.29
CA SER G 15 21.23 12.92 -26.61
C SER G 15 22.09 11.76 -27.09
N GLN G 16 21.54 10.99 -28.02
CA GLN G 16 22.20 9.83 -28.58
C GLN G 16 21.68 9.57 -29.98
N ALA G 17 22.54 9.06 -30.85
CA ALA G 17 22.12 8.68 -32.19
C ALA G 17 22.83 7.41 -32.63
N ILE G 18 22.17 6.65 -33.48
CA ILE G 18 22.77 5.47 -34.10
C ILE G 18 22.89 5.69 -35.59
N LEU G 19 24.14 5.87 -36.03
CA LEU G 19 24.44 6.08 -37.44
C LEU G 19 24.53 4.73 -38.13
N ALA G 20 24.04 4.66 -39.36
CA ALA G 20 24.10 3.43 -40.14
C ALA G 20 24.48 3.74 -41.58
N GLY G 21 25.15 2.78 -42.21
CA GLY G 21 25.57 2.97 -43.59
C GLY G 21 26.17 1.71 -44.19
N ARG G 22 26.45 1.78 -45.49
CA ARG G 22 27.08 0.67 -46.21
C ARG G 22 28.16 1.23 -47.10
N PHE G 23 29.33 0.59 -47.11
CA PHE G 23 30.34 0.91 -48.12
C PHE G 23 30.76 -0.32 -48.90
N HIS G 24 30.94 -0.11 -50.19
CA HIS G 24 31.24 -1.18 -51.13
C HIS G 24 32.74 -1.41 -51.15
N ASN G 25 33.10 -2.65 -50.91
CA ASN G 25 34.46 -3.05 -50.56
C ASN G 25 34.34 -4.54 -50.26
N ASP G 26 35.41 -5.29 -50.49
CA ASP G 26 35.32 -6.75 -50.41
C ASP G 26 35.05 -7.24 -48.98
N LEU G 27 35.53 -6.51 -47.97
CA LEU G 27 35.24 -6.84 -46.59
C LEU G 27 33.74 -6.82 -46.30
N THR G 28 33.04 -5.86 -46.88
CA THR G 28 31.60 -5.74 -46.72
C THR G 28 30.89 -6.92 -47.38
N VAL G 29 31.34 -7.29 -48.58
CA VAL G 29 30.73 -8.39 -49.31
C VAL G 29 30.77 -9.70 -48.52
N ILE G 30 31.93 -10.05 -47.95
CA ILE G 30 32.03 -11.32 -47.23
C ILE G 30 31.29 -11.25 -45.90
N ASN G 31 31.30 -10.08 -45.26
CA ASN G 31 30.57 -9.86 -44.02
C ASN G 31 29.09 -10.21 -44.19
N GLU G 32 28.51 -9.71 -45.27
CA GLU G 32 27.11 -9.98 -45.58
C GLU G 32 26.89 -11.41 -46.06
N LYS G 33 27.79 -11.88 -46.92
CA LYS G 33 27.61 -13.16 -47.59
C LYS G 33 27.68 -14.32 -46.60
N TYR G 34 28.54 -14.20 -45.59
CA TYR G 34 28.79 -15.31 -44.66
C TYR G 34 28.44 -14.98 -43.20
N ASP G 35 27.58 -13.99 -43.00
CA ASP G 35 27.06 -13.66 -41.68
C ASP G 35 28.17 -13.45 -40.65
N LEU G 36 29.17 -12.67 -41.01
CA LEU G 36 30.27 -12.38 -40.10
C LEU G 36 29.93 -11.17 -39.24
N PHE G 37 30.68 -11.01 -38.16
CA PHE G 37 30.52 -9.87 -37.26
C PHE G 37 31.86 -9.18 -37.08
N TYR G 38 31.91 -7.90 -37.44
CA TYR G 38 33.09 -7.08 -37.19
C TYR G 38 32.81 -6.10 -36.08
N LEU G 39 33.79 -5.89 -35.20
CA LEU G 39 33.80 -4.73 -34.34
C LEU G 39 34.61 -3.66 -35.05
N LEU G 41 36.43 -0.02 -34.59
CA LEU G 41 36.96 0.93 -33.63
C LEU G 41 37.29 2.25 -34.31
N PRO G 42 36.53 3.32 -33.99
CA PRO G 42 36.88 4.61 -34.59
C PRO G 42 38.21 5.12 -34.06
N THR G 43 39.04 5.63 -34.96
CA THR G 43 40.34 6.19 -34.58
C THR G 43 40.55 7.51 -35.29
N ILE G 44 41.07 8.50 -34.56
CA ILE G 44 41.41 9.79 -35.14
C ILE G 44 42.91 10.00 -35.14
N ASN G 45 43.39 10.76 -36.13
CA ASN G 45 44.79 11.16 -36.20
C ASN G 45 44.94 12.62 -35.77
N GLU G 46 46.14 13.16 -35.93
CA GLU G 46 46.45 14.49 -35.42
C GLU G 46 45.59 15.59 -36.05
N LYS G 47 45.14 15.37 -37.28
CA LYS G 47 44.28 16.32 -37.97
C LYS G 47 42.80 16.00 -37.87
N LYS G 48 42.47 15.12 -36.94
CA LYS G 48 41.08 14.80 -36.62
C LYS G 48 40.34 14.13 -37.75
N ILE G 49 41.06 13.39 -38.59
CA ILE G 49 40.45 12.56 -39.62
C ILE G 49 40.09 11.21 -39.02
N VAL G 50 38.85 10.79 -39.23
CA VAL G 50 38.37 9.53 -38.67
C VAL G 50 38.71 8.35 -39.58
N SER G 51 39.24 7.29 -38.97
CA SER G 51 39.50 6.03 -39.66
C SER G 51 38.93 4.91 -38.80
N PHE G 52 39.12 3.66 -39.23
CA PHE G 52 38.61 2.53 -38.46
C PHE G 52 39.56 1.34 -38.44
N TYR G 53 39.64 0.71 -37.26
CA TYR G 53 40.19 -0.62 -37.14
C TYR G 53 39.01 -1.60 -37.18
N ILE G 54 39.22 -2.73 -37.85
CA ILE G 54 38.23 -3.78 -37.90
C ILE G 54 38.75 -5.00 -37.16
N PHE G 55 37.91 -5.55 -36.31
CA PHE G 55 38.25 -6.73 -35.51
C PHE G 55 37.32 -7.88 -35.85
N LEU G 56 37.90 -9.06 -36.09
CA LEU G 56 37.13 -10.25 -36.44
C LEU G 56 37.59 -11.45 -35.63
N GLN G 57 36.64 -12.15 -35.01
CA GLN G 57 36.95 -13.35 -34.26
C GLN G 57 37.30 -14.48 -35.22
N ASP G 58 38.48 -15.06 -35.03
CA ASP G 58 38.93 -16.13 -35.91
C ASP G 58 38.01 -17.34 -35.81
N ASP G 59 37.58 -17.66 -34.60
CA ASP G 59 36.76 -18.85 -34.37
C ASP G 59 35.32 -18.65 -34.85
N GLN G 60 34.99 -17.43 -35.27
CA GLN G 60 33.68 -17.14 -35.83
C GLN G 60 33.66 -17.25 -37.35
N ILE G 61 34.80 -17.62 -37.94
CA ILE G 61 34.86 -17.86 -39.37
C ILE G 61 34.37 -19.28 -39.67
N PRO G 62 33.31 -19.40 -40.49
CA PRO G 62 32.85 -20.76 -40.82
C PRO G 62 33.91 -21.53 -41.59
N GLU G 63 34.32 -22.68 -41.07
CA GLU G 63 35.40 -23.45 -41.68
C GLU G 63 35.09 -23.82 -43.12
N ARG G 64 33.80 -24.03 -43.42
CA ARG G 64 33.39 -24.29 -44.79
C ARG G 64 33.95 -23.27 -45.77
N HIS G 65 33.97 -22.00 -45.36
CA HIS G 65 34.36 -20.92 -46.26
C HIS G 65 35.66 -20.23 -45.86
N ARG G 66 36.45 -20.85 -44.98
CA ARG G 66 37.68 -20.22 -44.47
C ARG G 66 38.63 -19.78 -45.57
N GLU G 67 38.85 -20.65 -46.56
CA GLU G 67 39.78 -20.35 -47.65
C GLU G 67 39.44 -19.04 -48.35
N GLU G 68 38.19 -18.90 -48.79
CA GLU G 68 37.76 -17.71 -49.50
C GLU G 68 37.85 -16.46 -48.62
N ILE G 69 37.42 -16.59 -47.37
CA ILE G 69 37.39 -15.46 -46.45
C ILE G 69 38.79 -14.97 -46.14
N GLU G 70 39.71 -15.90 -45.88
CA GLU G 70 41.08 -15.54 -45.54
C GLU G 70 41.78 -14.83 -46.72
N SER G 71 41.46 -15.25 -47.93
CA SER G 71 42.09 -14.65 -49.11
C SER G 71 41.62 -13.21 -49.31
N VAL G 72 40.38 -12.92 -48.90
CA VAL G 72 39.88 -11.56 -48.94
C VAL G 72 40.48 -10.71 -47.82
N LEU G 73 40.60 -11.29 -46.64
CA LEU G 73 41.13 -10.58 -45.48
C LEU G 73 42.60 -10.21 -45.66
N ASN G 74 43.38 -11.12 -46.24
CA ASN G 74 44.82 -10.93 -46.39
C ASN G 74 45.22 -9.80 -47.33
N LYS G 75 44.29 -9.37 -48.17
CA LYS G 75 44.51 -8.23 -49.06
C LYS G 75 44.60 -6.90 -48.31
N PHE G 76 44.18 -6.92 -47.04
CA PHE G 76 44.10 -5.69 -46.25
C PHE G 76 45.18 -5.62 -45.16
N ASN G 77 46.24 -6.41 -45.33
CA ASN G 77 47.40 -6.35 -44.45
C ASN G 77 47.03 -6.59 -42.99
N PRO G 78 46.36 -7.72 -42.71
CA PRO G 78 45.86 -7.99 -41.36
C PRO G 78 46.96 -8.37 -40.39
N VAL G 79 46.72 -8.12 -39.11
CA VAL G 79 47.55 -8.62 -38.02
C VAL G 79 46.72 -9.62 -37.23
N ILE G 80 47.23 -10.83 -37.06
CA ILE G 80 46.51 -11.87 -36.34
C ILE G 80 47.21 -12.15 -35.02
N LYS G 81 46.45 -12.05 -33.94
CA LYS G 81 47.00 -12.17 -32.59
C LYS G 81 45.87 -12.47 -31.61
N ASN G 82 46.12 -13.38 -30.66
CA ASN G 82 45.14 -13.75 -29.66
C ASN G 82 43.80 -14.16 -30.28
N GLY G 83 43.86 -14.88 -31.39
CA GLY G 83 42.66 -15.37 -32.05
C GLY G 83 41.84 -14.31 -32.74
N ILE G 84 42.43 -13.14 -32.96
CA ILE G 84 41.71 -11.99 -33.50
C ILE G 84 42.39 -11.41 -34.74
N TRP G 85 41.62 -11.18 -35.79
CA TRP G 85 42.11 -10.47 -36.97
C TRP G 85 41.93 -8.98 -36.77
N LYS G 86 43.01 -8.22 -36.94
CA LYS G 86 42.93 -6.76 -36.89
C LYS G 86 43.30 -6.16 -38.23
N ILE G 87 42.41 -5.33 -38.75
CA ILE G 87 42.59 -4.71 -40.05
C ILE G 87 42.40 -3.20 -39.93
N TYR G 88 43.35 -2.45 -40.48
CA TYR G 88 43.25 -1.00 -40.47
C TYR G 88 42.68 -0.49 -41.79
N LEU G 89 41.65 0.34 -41.69
CA LEU G 89 41.08 1.00 -42.85
C LEU G 89 41.46 2.47 -42.81
N ASP G 90 42.46 2.84 -43.59
CA ASP G 90 42.87 4.24 -43.67
C ASP G 90 41.83 4.94 -44.52
N THR G 91 41.88 6.26 -44.52
CA THR G 91 40.92 7.10 -45.21
C THR G 91 40.68 6.73 -46.66
N GLU G 92 41.73 6.34 -47.38
CA GLU G 92 41.58 6.07 -48.80
C GLU G 92 40.86 4.72 -49.02
N SER G 93 41.18 3.71 -48.21
CA SER G 93 40.51 2.41 -48.38
C SER G 93 39.03 2.51 -48.05
N PHE G 94 38.65 3.57 -47.35
CA PHE G 94 37.27 3.72 -46.90
C PHE G 94 36.69 5.11 -47.18
N LYS G 95 35.76 5.11 -48.13
CA LYS G 95 35.23 6.30 -48.74
C LYS G 95 34.53 7.27 -47.78
N LEU G 96 33.73 6.73 -46.87
CA LEU G 96 32.90 7.52 -45.94
C LEU G 96 33.70 8.23 -44.84
N SER G 97 35.02 8.13 -44.89
CA SER G 97 35.85 8.87 -43.93
C SER G 97 35.55 10.38 -43.82
N GLU G 98 34.89 10.98 -44.81
CA GLU G 98 34.70 12.43 -44.76
C GLU G 98 33.41 12.85 -44.06
N PRO G 99 32.35 12.02 -44.14
CA PRO G 99 31.24 12.40 -43.27
C PRO G 99 31.56 12.20 -41.79
N PHE G 100 32.17 11.08 -41.44
CA PHE G 100 32.45 10.78 -40.03
C PHE G 100 33.42 11.79 -39.41
N SER G 101 34.34 12.32 -40.21
CA SER G 101 35.24 13.37 -39.73
C SER G 101 34.44 14.66 -39.46
N THR G 102 33.44 14.91 -40.29
CA THR G 102 32.56 16.05 -40.08
C THR G 102 31.75 15.90 -38.79
N PHE G 103 31.18 14.72 -38.56
CA PHE G 103 30.42 14.47 -37.35
C PHE G 103 31.31 14.66 -36.12
N PHE G 104 32.52 14.11 -36.19
CA PHE G 104 33.46 14.18 -35.08
C PHE G 104 33.78 15.63 -34.73
N GLY G 105 33.86 16.47 -35.75
CA GLY G 105 34.20 17.86 -35.58
C GLY G 105 33.16 18.66 -34.81
N ILE G 106 31.95 18.12 -34.72
CA ILE G 106 30.90 18.72 -33.90
C ILE G 106 31.28 18.50 -32.44
N ASP G 107 31.34 19.58 -31.67
CA ASP G 107 32.05 19.59 -30.39
C ASP G 107 31.66 18.50 -29.39
N SER G 108 30.37 18.31 -29.14
CA SER G 108 29.95 17.40 -28.08
C SER G 108 29.82 15.95 -28.52
N ILE G 109 30.09 15.66 -29.79
CA ILE G 109 29.91 14.31 -30.31
C ILE G 109 30.97 13.36 -29.76
N VAL G 110 30.51 12.26 -29.17
CA VAL G 110 31.38 11.21 -28.68
C VAL G 110 31.10 9.92 -29.46
N PHE G 111 32.12 9.38 -30.10
CA PHE G 111 31.98 8.13 -30.85
C PHE G 111 32.09 6.93 -29.91
N ASP G 112 31.15 6.01 -30.03
CA ASP G 112 31.24 4.72 -29.33
C ASP G 112 31.76 3.65 -30.27
N GLY G 114 31.71 0.75 -32.82
CA GLY G 114 30.78 0.39 -33.87
C GLY G 114 30.89 -1.08 -34.24
N SER G 115 30.07 -1.51 -35.19
CA SER G 115 30.12 -2.88 -35.67
C SER G 115 29.69 -2.97 -37.13
N LYS G 117 27.49 -5.89 -39.45
CA LYS G 117 26.76 -7.15 -39.49
C LYS G 117 25.77 -7.08 -40.64
N GLY G 118 25.66 -8.18 -41.39
CA GLY G 118 24.81 -8.21 -42.56
C GLY G 118 25.22 -7.18 -43.59
N GLY G 119 26.50 -6.82 -43.60
CA GLY G 119 27.03 -5.84 -44.54
C GLY G 119 26.75 -4.40 -44.17
N GLU G 120 26.07 -4.18 -43.05
CA GLU G 120 25.74 -2.81 -42.63
C GLU G 120 26.51 -2.37 -41.39
N LEU G 122 27.08 -0.01 -38.15
CA LEU G 122 26.34 0.70 -37.12
C LEU G 122 27.31 1.41 -36.20
N LEU G 123 27.10 2.72 -36.00
CA LEU G 123 27.98 3.51 -35.15
C LEU G 123 27.18 4.40 -34.20
N PRO G 124 27.19 4.05 -32.90
CA PRO G 124 26.48 4.92 -31.95
C PRO G 124 27.30 6.16 -31.59
N VAL G 125 26.62 7.27 -31.38
CA VAL G 125 27.26 8.48 -30.87
C VAL G 125 26.41 9.07 -29.75
N ARG G 126 27.08 9.70 -28.80
CA ARG G 126 26.41 10.39 -27.71
C ARG G 126 26.82 11.85 -27.78
N PHE G 127 25.91 12.74 -27.44
CA PHE G 127 26.18 14.16 -27.58
C PHE G 127 25.19 14.99 -26.78
N ILE G 128 25.35 16.30 -26.87
CA ILE G 128 24.51 17.25 -26.15
C ILE G 128 23.57 17.92 -27.14
N SER G 129 22.30 18.05 -26.74
CA SER G 129 21.22 18.29 -27.69
C SER G 129 21.35 19.56 -28.53
N LYS G 130 22.09 20.55 -28.04
CA LYS G 130 22.30 21.77 -28.83
C LYS G 130 22.98 21.46 -30.17
N ASP G 131 23.72 20.37 -30.23
CA ASP G 131 24.44 19.97 -31.44
C ASP G 131 23.63 19.04 -32.35
N LYS G 132 22.38 18.75 -31.98
CA LYS G 132 21.56 17.82 -32.75
C LYS G 132 21.35 18.28 -34.19
N ASP G 133 20.98 19.55 -34.37
CA ASP G 133 20.66 20.07 -35.69
C ASP G 133 21.88 20.06 -36.60
N ALA G 134 23.05 20.33 -36.02
CA ALA G 134 24.28 20.30 -36.79
C ALA G 134 24.57 18.89 -37.28
N LEU G 135 24.32 17.90 -36.44
CA LEU G 135 24.55 16.51 -36.80
C LEU G 135 23.59 16.07 -37.91
N VAL G 136 22.31 16.37 -37.72
CA VAL G 136 21.28 16.03 -38.71
C VAL G 136 21.57 16.69 -40.05
N ASN G 137 21.95 17.96 -40.01
CA ASN G 137 22.22 18.71 -41.23
C ASN G 137 23.39 18.17 -42.04
N SER G 138 24.44 17.71 -41.38
CA SER G 138 25.58 17.18 -42.10
C SER G 138 25.25 15.80 -42.68
N ILE G 139 24.36 15.08 -42.02
CA ILE G 139 23.87 13.81 -42.55
C ILE G 139 23.04 14.04 -43.82
N ILE G 140 22.22 15.09 -43.79
CA ILE G 140 21.39 15.42 -44.95
C ILE G 140 22.23 16.02 -46.09
N ASP G 141 23.17 16.89 -45.76
CA ASP G 141 24.07 17.48 -46.76
C ASP G 141 24.91 16.40 -47.41
N SER G 142 25.42 15.50 -46.58
CA SER G 142 26.21 14.35 -47.02
C SER G 142 25.50 13.47 -48.05
N ALA G 143 24.17 13.45 -48.00
CA ALA G 143 23.38 12.55 -48.84
C ALA G 143 23.48 12.79 -50.36
N GLY G 144 23.71 11.69 -51.09
CA GLY G 144 23.82 11.70 -52.53
C GLY G 144 22.72 10.85 -53.18
N TYR G 145 22.99 10.33 -54.38
CA TYR G 145 22.06 9.40 -55.04
C TYR G 145 22.28 7.92 -54.76
N GLY G 146 23.36 7.58 -54.08
CA GLY G 146 23.64 6.19 -53.75
C GLY G 146 23.38 5.95 -52.27
N GLU G 147 24.04 4.92 -51.75
CA GLU G 147 23.87 4.56 -50.35
C GLU G 147 24.36 5.67 -49.42
N ASN G 148 23.45 6.16 -48.59
CA ASN G 148 23.76 7.28 -47.71
C ASN G 148 23.85 6.86 -46.26
N ILE G 149 24.59 7.65 -45.48
CA ILE G 149 24.64 7.42 -44.05
C ILE G 149 23.30 7.91 -43.55
N TYR G 150 22.68 7.15 -42.65
CA TYR G 150 21.36 7.51 -42.16
C TYR G 150 21.24 7.21 -40.68
N LEU G 151 20.06 7.50 -40.13
CA LEU G 151 19.81 7.37 -38.71
C LEU G 151 18.81 6.25 -38.42
N ARG G 152 19.24 5.31 -37.60
CA ARG G 152 18.35 4.27 -37.08
C ARG G 152 17.77 4.72 -35.75
N TYR G 153 18.36 5.78 -35.19
CA TYR G 153 17.88 6.35 -33.94
C TYR G 153 18.45 7.74 -33.73
N ILE G 154 17.61 8.67 -33.26
CA ILE G 154 18.11 9.91 -32.70
C ILE G 154 17.08 10.44 -31.71
N GLY G 155 17.57 10.75 -30.50
CA GLY G 155 16.69 11.19 -29.43
C GLY G 155 17.44 11.22 -28.12
N GLN G 156 16.75 10.90 -27.03
CA GLN G 156 17.35 10.89 -25.71
C GLN G 156 18.48 9.88 -25.60
N ASN G 157 19.47 10.19 -24.77
CA ASN G 157 20.51 9.23 -24.48
C ASN G 157 19.94 8.08 -23.66
N LYS G 158 19.94 6.88 -24.24
CA LYS G 158 19.44 5.71 -23.54
C LYS G 158 20.53 5.12 -22.65
N GLY G 159 21.74 5.67 -22.75
CA GLY G 159 22.86 5.22 -21.94
C GLY G 159 23.98 4.68 -22.81
N PHE G 160 25.22 4.85 -22.33
CA PHE G 160 26.39 4.31 -23.02
C PHE G 160 26.23 2.82 -23.27
N ASP G 161 25.51 2.14 -22.37
CA ASP G 161 25.35 0.69 -22.47
C ASP G 161 24.32 0.28 -23.51
N TYR G 162 23.43 1.19 -23.89
CA TYR G 162 22.53 0.90 -24.99
C TYR G 162 23.31 0.78 -26.30
N SER G 163 24.41 1.52 -26.40
CA SER G 163 25.28 1.44 -27.57
C SER G 163 25.71 0.01 -27.86
N PHE G 164 26.00 -0.76 -26.81
CA PHE G 164 26.42 -2.15 -26.98
C PHE G 164 25.33 -2.96 -27.65
N ILE G 165 24.09 -2.69 -27.25
CA ILE G 165 22.92 -3.38 -27.80
C ILE G 165 22.66 -2.94 -29.23
N ALA G 166 22.83 -1.64 -29.47
CA ALA G 166 22.57 -1.07 -30.79
C ALA G 166 23.44 -1.72 -31.86
N ILE G 167 24.69 -2.02 -31.52
CA ILE G 167 25.63 -2.59 -32.48
C ILE G 167 25.55 -4.13 -32.53
N LYS G 168 24.58 -4.69 -31.79
CA LYS G 168 24.28 -6.11 -31.85
C LYS G 168 25.42 -6.96 -31.29
N LEU G 169 26.13 -6.40 -30.30
CA LEU G 169 27.15 -7.16 -29.59
C LEU G 169 26.47 -8.10 -28.61
N LEU G 170 26.67 -9.40 -28.79
CA LEU G 170 26.00 -10.41 -27.97
C LEU G 170 26.89 -10.89 -26.83
N ASP G 171 28.18 -10.63 -26.94
CA ASP G 171 29.14 -11.04 -25.91
C ASP G 171 28.86 -10.40 -24.57
N GLN G 172 29.16 -11.14 -23.50
CA GLN G 172 29.12 -10.62 -22.14
C GLN G 172 30.03 -9.40 -21.99
N VAL G 173 29.51 -8.31 -21.45
CA VAL G 173 30.31 -7.13 -21.18
C VAL G 173 30.68 -7.07 -19.70
N TYR G 174 31.90 -6.61 -19.43
CA TYR G 174 32.41 -6.51 -18.07
C TYR G 174 32.80 -5.08 -17.76
N LYS G 175 32.66 -4.70 -16.49
CA LYS G 175 33.12 -3.39 -16.03
C LYS G 175 34.38 -3.55 -15.17
N LEU G 176 35.45 -2.90 -15.60
CA LEU G 176 36.70 -2.88 -14.85
C LEU G 176 36.91 -1.50 -14.25
N THR G 177 37.20 -1.45 -12.95
CA THR G 177 37.48 -0.20 -12.26
C THR G 177 38.91 -0.21 -11.73
N LEU G 178 39.69 0.76 -12.17
CA LEU G 178 41.05 0.97 -11.67
C LEU G 178 41.08 2.25 -10.85
N SER G 179 41.91 2.25 -9.82
CA SER G 179 42.11 3.45 -9.01
C SER G 179 43.57 3.76 -8.83
N ILE G 180 43.88 5.05 -8.84
CA ILE G 180 45.23 5.55 -8.69
C ILE G 180 45.20 6.65 -7.64
N ASP G 181 45.76 6.38 -6.46
CA ASP G 181 45.63 7.28 -5.33
C ASP G 181 46.74 8.35 -5.26
N ASN G 182 47.71 8.27 -6.16
CA ASN G 182 48.81 9.23 -6.19
C ASN G 182 49.12 9.74 -7.59
N PRO G 183 48.10 10.12 -8.36
CA PRO G 183 48.30 10.49 -9.76
C PRO G 183 49.19 11.72 -9.94
N HIS G 184 49.33 12.51 -8.89
CA HIS G 184 50.17 13.71 -8.93
C HIS G 184 51.63 13.43 -9.29
N VAL G 185 52.08 12.20 -9.12
CA VAL G 185 53.46 11.85 -9.45
C VAL G 185 53.67 11.89 -10.96
N HIS G 187 52.36 14.39 -12.68
CA HIS G 187 52.28 15.82 -12.99
C HIS G 187 51.20 16.06 -14.05
N GLY G 188 51.41 17.08 -14.88
CA GLY G 188 50.45 17.40 -15.92
C GLY G 188 49.13 17.84 -15.32
N ILE G 189 48.04 17.23 -15.80
CA ILE G 189 46.70 17.57 -15.33
C ILE G 189 46.48 17.19 -13.86
N PHE G 190 47.43 16.45 -13.29
CA PHE G 190 47.33 16.01 -11.89
C PHE G 190 48.27 16.77 -10.96
N ALA G 191 48.95 17.79 -11.49
CA ALA G 191 49.99 18.49 -10.72
C ALA G 191 49.41 19.27 -9.54
N GLU G 192 48.25 19.88 -9.73
CA GLU G 192 47.63 20.71 -8.69
C GLU G 192 46.99 19.83 -7.61
N THR G 193 47.57 19.85 -6.41
CA THR G 193 47.09 19.00 -5.31
C THR G 193 46.48 19.75 -4.14
N LYS G 194 46.58 21.08 -4.13
CA LYS G 194 46.10 21.87 -2.99
C LYS G 194 44.66 22.34 -3.15
N LYS G 195 44.23 22.54 -4.39
CA LYS G 195 42.84 22.92 -4.66
C LYS G 195 42.03 21.64 -4.83
N ASN G 196 40.80 21.64 -4.33
CA ASN G 196 39.96 20.45 -4.40
C ASN G 196 39.32 20.30 -5.78
N ILE G 197 40.16 20.20 -6.80
CA ILE G 197 39.69 20.09 -8.17
C ILE G 197 38.94 18.77 -8.37
N ALA G 198 37.85 18.83 -9.12
CA ALA G 198 37.07 17.63 -9.43
C ALA G 198 36.59 17.68 -10.87
N TRP G 199 36.78 16.59 -11.60
CA TRP G 199 36.23 16.50 -12.95
C TRP G 199 35.95 15.07 -13.40
N ARG G 200 35.22 14.98 -14.51
CA ARG G 200 34.99 13.72 -15.22
C ARG G 200 35.50 13.90 -16.63
N ARG G 201 35.81 12.78 -17.29
CA ARG G 201 36.40 12.86 -18.62
C ARG G 201 36.01 11.65 -19.47
N GLU G 202 35.75 11.91 -20.75
CA GLU G 202 35.56 10.85 -21.73
C GLU G 202 36.08 11.33 -23.09
N SER G 203 36.79 10.44 -23.79
CA SER G 203 37.32 10.78 -25.10
C SER G 203 36.20 10.83 -26.13
N LYS G 204 36.33 11.72 -27.10
CA LYS G 204 35.39 11.78 -28.22
C LYS G 204 35.64 10.60 -29.17
N ALA G 205 36.86 10.07 -29.15
CA ALA G 205 37.23 8.91 -29.96
C ALA G 205 37.82 7.81 -29.10
N PRO G 206 37.37 6.55 -29.29
CA PRO G 206 37.88 5.46 -28.45
C PRO G 206 39.37 5.22 -28.64
N HIS G 207 39.86 5.42 -29.86
CA HIS G 207 41.28 5.27 -30.14
C HIS G 207 41.77 6.50 -30.88
N LYS G 208 43.06 6.80 -30.74
CA LYS G 208 43.60 7.98 -31.36
C LYS G 208 45.09 7.84 -31.59
N ASP G 209 45.61 8.67 -32.48
CA ASP G 209 47.01 8.61 -32.89
C ASP G 209 47.64 9.99 -32.79
N ASN G 210 48.52 10.17 -31.81
CA ASN G 210 49.24 11.42 -31.63
C ASN G 210 48.31 12.64 -31.51
N THR G 211 47.32 12.53 -30.64
CA THR G 211 46.39 13.62 -30.39
C THR G 211 45.57 13.37 -29.14
N GLU G 212 44.89 14.41 -28.67
CA GLU G 212 43.94 14.32 -27.58
C GLU G 212 42.67 15.06 -27.99
N ASP G 213 41.51 14.50 -27.67
CA ASP G 213 40.26 15.17 -27.96
C ASP G 213 39.20 14.65 -27.00
N TYR G 214 39.08 15.37 -25.88
CA TYR G 214 38.31 14.93 -24.73
C TYR G 214 37.10 15.81 -24.47
N ILE G 215 36.09 15.22 -23.83
CA ILE G 215 35.08 16.02 -23.13
C ILE G 215 35.43 15.98 -21.65
N TYR G 216 35.70 17.14 -21.07
CA TYR G 216 35.88 17.27 -19.63
C TYR G 216 34.65 17.91 -19.00
N ALA G 217 34.16 17.33 -17.92
CA ALA G 217 33.17 17.98 -17.08
C ALA G 217 33.86 18.42 -15.80
N LEU G 218 34.01 19.73 -15.65
CA LEU G 218 34.80 20.29 -14.55
C LEU G 218 33.88 21.01 -13.56
N ASP G 219 33.98 20.62 -12.28
CA ASP G 219 33.24 21.28 -11.21
C ASP G 219 33.56 22.78 -11.30
N ASP G 220 32.51 23.60 -11.41
CA ASP G 220 32.69 24.99 -11.83
C ASP G 220 33.31 25.87 -10.75
N THR G 221 33.65 25.27 -9.61
CA THR G 221 34.46 25.95 -8.62
C THR G 221 35.79 26.40 -9.20
N HIS G 222 36.29 25.62 -10.16
CA HIS G 222 37.60 25.89 -10.78
C HIS G 222 37.51 26.06 -12.29
N THR G 223 38.61 26.53 -12.87
CA THR G 223 38.72 26.76 -14.31
C THR G 223 39.87 25.95 -14.88
N ILE G 224 40.01 25.96 -16.21
CA ILE G 224 41.05 25.17 -16.86
C ILE G 224 42.46 25.58 -16.41
N PRO G 225 42.74 26.89 -16.30
CA PRO G 225 44.07 27.29 -15.83
C PRO G 225 44.44 26.74 -14.45
N ASP G 226 43.46 26.45 -13.61
CA ASP G 226 43.73 25.84 -12.31
C ASP G 226 44.32 24.45 -12.48
N ILE G 227 43.94 23.77 -13.56
CA ILE G 227 44.46 22.44 -13.85
C ILE G 227 45.85 22.51 -14.49
N LEU G 228 45.98 23.37 -15.49
CA LEU G 228 47.20 23.43 -16.30
C LEU G 228 48.22 24.40 -15.71
N ILE G 229 48.96 23.93 -14.71
CA ILE G 229 49.95 24.77 -14.03
C ILE G 229 51.39 24.44 -14.46
N ASP G 230 51.56 23.32 -15.17
CA ASP G 230 52.85 22.95 -15.74
C ASP G 230 52.75 22.61 -17.22
N THR G 231 53.84 22.09 -17.78
CA THR G 231 53.91 21.82 -19.22
C THR G 231 53.98 20.31 -19.51
N ALA G 232 53.64 19.50 -18.51
CA ALA G 232 53.88 18.06 -18.60
C ALA G 232 52.65 17.25 -19.01
N TYR G 233 51.57 17.93 -19.36
CA TYR G 233 50.40 17.26 -19.92
C TYR G 233 50.69 16.83 -21.36
N THR G 234 49.96 15.84 -21.85
CA THR G 234 50.03 15.47 -23.26
C THR G 234 49.09 16.37 -24.05
N GLY G 235 49.38 16.55 -25.33
CA GLY G 235 48.55 17.37 -26.18
C GLY G 235 48.76 18.86 -26.01
N GLU G 236 47.68 19.64 -26.15
CA GLU G 236 47.77 21.09 -26.12
C GLU G 236 46.75 21.68 -25.15
N LYS G 237 46.99 22.91 -24.70
CA LYS G 237 46.19 23.54 -23.65
C LYS G 237 44.80 23.98 -24.11
N GLY G 238 44.56 24.01 -25.42
CA GLY G 238 43.35 24.58 -25.97
C GLY G 238 42.07 23.90 -25.52
N THR G 239 41.01 24.69 -25.39
CA THR G 239 39.68 24.17 -25.07
C THR G 239 38.61 24.90 -25.85
N VAL G 240 37.43 24.29 -25.91
CA VAL G 240 36.23 24.94 -26.42
C VAL G 240 35.14 24.77 -25.37
N TYR G 241 34.59 25.88 -24.89
CA TYR G 241 33.54 25.82 -23.90
C TYR G 241 32.24 25.36 -24.57
N ILE G 242 31.66 24.29 -24.04
CA ILE G 242 30.45 23.71 -24.62
C ILE G 242 29.19 24.17 -23.91
N GLY G 243 29.25 24.23 -22.58
CA GLY G 243 28.09 24.61 -21.80
C GLY G 243 28.13 24.10 -20.37
N LYS G 244 26.97 24.13 -19.72
CA LYS G 244 26.87 23.76 -18.32
C LYS G 244 25.96 22.55 -18.14
N HIS G 245 26.34 21.67 -17.22
CA HIS G 245 25.44 20.63 -16.73
C HIS G 245 25.42 20.72 -15.22
N SER G 246 24.31 21.21 -14.67
CA SER G 246 24.18 21.34 -13.23
C SER G 246 25.32 22.21 -12.70
N ASN G 247 26.15 21.61 -11.84
CA ASN G 247 27.29 22.26 -11.23
C ASN G 247 28.64 22.01 -11.92
N TYR G 248 28.59 21.62 -13.20
CA TYR G 248 29.79 21.33 -14.00
C TYR G 248 29.88 22.18 -15.28
N ASP G 249 31.08 22.70 -15.55
CA ASP G 249 31.37 23.32 -16.84
C ASP G 249 31.85 22.24 -17.82
N ILE G 250 31.27 22.21 -19.01
CA ILE G 250 31.63 21.21 -20.03
C ILE G 250 32.59 21.80 -21.05
N TYR G 251 33.70 21.11 -21.28
CA TYR G 251 34.71 21.54 -22.25
C TYR G 251 35.05 20.44 -23.23
N ARG G 252 35.32 20.84 -24.47
CA ARG G 252 36.10 20.03 -25.37
C ARG G 252 37.55 20.46 -25.15
N ALA G 253 38.45 19.51 -24.96
CA ALA G 253 39.83 19.83 -24.58
C ALA G 253 40.82 18.96 -25.32
N PHE G 254 42.01 19.52 -25.57
CA PHE G 254 43.00 18.87 -26.41
C PHE G 254 44.24 18.45 -25.62
N PHE G 255 44.08 18.29 -24.31
CA PHE G 255 45.16 17.80 -23.44
C PHE G 255 44.72 16.55 -22.69
N GLY G 256 45.70 15.73 -22.30
CA GLY G 256 45.42 14.49 -21.60
C GLY G 256 46.56 14.02 -20.72
N ASP G 257 46.65 12.71 -20.55
CA ASP G 257 47.69 12.08 -19.74
C ASP G 257 48.32 10.90 -20.48
N ALA G 258 49.55 10.57 -20.10
CA ALA G 258 50.33 9.56 -20.82
C ALA G 258 49.98 8.13 -20.41
N LEU G 259 49.42 7.96 -19.22
CA LEU G 259 49.14 6.63 -18.70
C LEU G 259 48.01 5.95 -19.49
N THR G 260 46.91 6.67 -19.69
CA THR G 260 45.80 6.15 -20.46
C THR G 260 46.23 5.87 -21.91
N ASN G 261 47.04 6.75 -22.46
CA ASN G 261 47.58 6.53 -23.81
C ASN G 261 48.38 5.25 -23.90
N HIS G 262 49.23 5.02 -22.90
CA HIS G 262 50.07 3.83 -22.88
C HIS G 262 49.23 2.56 -22.87
N SER G 264 46.24 2.13 -23.92
CA SER G 264 45.54 1.99 -25.19
C SER G 264 46.44 1.39 -26.28
N SER G 265 47.69 1.84 -26.36
CA SER G 265 48.59 1.35 -27.40
C SER G 265 49.06 -0.07 -27.13
N VAL G 266 49.23 -0.42 -25.85
CA VAL G 266 49.62 -1.78 -25.49
C VAL G 266 48.52 -2.76 -25.83
N ILE G 268 45.92 -2.49 -27.94
CA ILE G 268 45.62 -2.63 -29.36
C ILE G 268 46.74 -3.37 -30.09
N SER G 269 47.95 -3.31 -29.54
CA SER G 269 49.06 -4.09 -30.09
C SER G 269 48.81 -5.58 -29.87
N GLU G 270 47.90 -5.89 -28.94
CA GLU G 270 47.49 -7.26 -28.67
C GLU G 270 46.15 -7.59 -29.33
N ASN G 271 45.69 -6.70 -30.20
CA ASN G 271 44.43 -6.86 -30.93
C ASN G 271 43.19 -6.92 -30.03
N VAL G 272 43.29 -6.31 -28.85
CA VAL G 272 42.14 -6.15 -27.97
C VAL G 272 41.92 -4.68 -27.65
N TYR G 273 40.69 -4.34 -27.28
CA TYR G 273 40.36 -2.97 -26.91
C TYR G 273 39.10 -2.96 -26.07
N TYR G 274 38.84 -1.82 -25.43
CA TYR G 274 37.62 -1.65 -24.65
C TYR G 274 36.50 -1.12 -25.53
N LEU G 275 35.26 -1.31 -25.07
CA LEU G 275 34.09 -0.78 -25.75
C LEU G 275 33.88 0.68 -25.35
N ARG G 276 34.28 1.00 -24.12
CA ARG G 276 34.12 2.35 -23.60
C ARG G 276 35.08 2.60 -22.44
N ARG G 277 35.55 3.84 -22.34
CA ARG G 277 36.38 4.25 -21.21
C ARG G 277 36.03 5.68 -20.80
N TRP G 278 35.96 5.90 -19.49
CA TRP G 278 35.88 7.25 -18.95
C TRP G 278 36.63 7.28 -17.62
N SER G 279 36.88 8.48 -17.11
CA SER G 279 37.61 8.62 -15.85
C SER G 279 37.05 9.68 -14.93
N LYS G 280 37.32 9.52 -13.64
CA LYS G 280 36.89 10.45 -12.62
C LYS G 280 38.10 10.90 -11.80
N TYR G 281 38.18 12.20 -11.56
CA TYR G 281 39.20 12.74 -10.67
C TYR G 281 38.55 13.55 -9.56
N GLU G 282 38.78 13.15 -8.32
CA GLU G 282 38.33 13.93 -7.17
C GLU G 282 39.07 13.51 -5.91
N ASP G 283 39.24 14.46 -4.99
CA ASP G 283 40.01 14.21 -3.77
C ASP G 283 41.39 13.62 -4.09
N GLY G 284 42.07 14.24 -5.05
CA GLY G 284 43.40 13.82 -5.47
C GLY G 284 43.59 12.39 -5.95
N LYS G 285 42.49 11.71 -6.23
CA LYS G 285 42.49 10.31 -6.67
C LYS G 285 41.94 10.20 -8.09
N LEU G 286 42.52 9.31 -8.89
CA LEU G 286 42.06 9.06 -10.25
C LEU G 286 41.35 7.71 -10.36
N PHE G 287 40.18 7.70 -10.99
CA PHE G 287 39.45 6.46 -11.27
C PHE G 287 39.35 6.24 -12.77
N LEU G 288 39.68 5.03 -13.21
CA LEU G 288 39.54 4.65 -14.62
C LEU G 288 38.50 3.55 -14.74
N TYR G 289 37.54 3.75 -15.63
CA TYR G 289 36.46 2.79 -15.84
C TYR G 289 36.52 2.25 -17.26
N PHE G 290 36.62 0.94 -17.39
CA PHE G 290 36.64 0.28 -18.69
C PHE G 290 35.45 -0.66 -18.83
N TYR G 291 34.83 -0.64 -20.00
CA TYR G 291 33.79 -1.60 -20.34
C TYR G 291 34.28 -2.45 -21.50
N THR G 292 34.35 -3.76 -21.29
CA THR G 292 35.04 -4.65 -22.22
C THR G 292 34.42 -6.03 -22.31
N THR G 293 34.82 -6.78 -23.33
CA THR G 293 34.52 -8.20 -23.41
C THR G 293 35.67 -8.98 -22.77
N VAL G 294 35.56 -10.30 -22.76
CA VAL G 294 36.51 -11.14 -22.04
C VAL G 294 37.93 -11.10 -22.63
N ASP G 295 38.04 -10.83 -23.92
CA ASP G 295 39.35 -10.79 -24.59
C ASP G 295 40.29 -9.83 -23.86
N PHE G 296 39.77 -8.66 -23.52
CA PHE G 296 40.50 -7.65 -22.79
C PHE G 296 40.87 -8.14 -21.39
N LEU G 297 39.96 -8.87 -20.75
CA LEU G 297 40.19 -9.36 -19.39
C LEU G 297 41.40 -10.29 -19.30
N ARG G 298 41.57 -11.15 -20.31
CA ARG G 298 42.67 -12.11 -20.32
C ARG G 298 44.02 -11.40 -20.23
N LEU G 299 44.08 -10.19 -20.78
CA LEU G 299 45.35 -9.48 -20.94
C LEU G 299 45.55 -8.37 -19.91
N ILE G 300 44.57 -8.15 -19.05
CA ILE G 300 44.66 -7.13 -18.01
C ILE G 300 45.92 -7.26 -17.15
N PRO G 301 46.22 -8.48 -16.67
CA PRO G 301 47.43 -8.65 -15.87
C PRO G 301 48.69 -8.19 -16.59
N ALA G 302 48.85 -8.62 -17.84
CA ALA G 302 50.01 -8.26 -18.63
C ALA G 302 50.04 -6.77 -18.89
N ILE G 303 48.89 -6.20 -19.24
CA ILE G 303 48.78 -4.77 -19.53
C ILE G 303 49.12 -3.92 -18.31
N LEU G 304 48.68 -4.35 -17.13
CA LEU G 304 48.95 -3.59 -15.91
C LEU G 304 50.40 -3.76 -15.47
N ASP G 305 50.98 -4.93 -15.74
CA ASP G 305 52.39 -5.16 -15.48
C ASP G 305 53.23 -4.18 -16.29
N SER G 306 52.92 -4.07 -17.58
CA SER G 306 53.60 -3.15 -18.47
C SER G 306 53.40 -1.70 -18.01
N THR G 307 52.16 -1.36 -17.70
CA THR G 307 51.82 0.00 -17.28
C THR G 307 52.54 0.40 -16.00
N ARG G 308 52.67 -0.55 -15.07
CA ARG G 308 53.37 -0.28 -13.82
C ARG G 308 54.85 -0.04 -14.05
N LYS G 309 55.47 -0.85 -14.91
CA LYS G 309 56.89 -0.74 -15.19
C LYS G 309 57.23 0.55 -15.94
N ASN G 310 56.31 1.00 -16.80
CA ASN G 310 56.51 2.27 -17.50
C ASN G 310 56.15 3.48 -16.65
N PHE G 311 55.38 3.25 -15.59
CA PHE G 311 55.03 4.30 -14.63
C PHE G 311 55.28 3.82 -13.19
N PRO G 312 56.55 3.58 -12.84
CA PRO G 312 56.92 2.90 -11.59
C PRO G 312 56.58 3.66 -10.30
N LYS G 313 56.33 4.96 -10.39
CA LYS G 313 56.00 5.74 -9.21
C LYS G 313 54.51 5.68 -8.87
N VAL G 314 53.71 5.20 -9.82
CA VAL G 314 52.26 5.21 -9.69
C VAL G 314 51.73 4.00 -8.92
N ASN G 315 50.89 4.26 -7.92
CA ASN G 315 50.17 3.19 -7.25
C ASN G 315 48.89 2.89 -7.99
N LYS G 317 45.63 0.15 -8.53
CA LYS G 317 44.82 -0.93 -8.00
C LYS G 317 43.71 -1.35 -8.95
N ILE G 318 43.31 -2.62 -8.87
CA ILE G 318 42.03 -3.04 -9.42
C ILE G 318 41.00 -2.94 -8.31
N ASP G 319 40.03 -2.08 -8.49
CA ASP G 319 38.96 -1.92 -7.50
C ASP G 319 37.92 -3.02 -7.68
N GLU G 320 37.59 -3.30 -8.93
CA GLU G 320 36.50 -4.19 -9.23
C GLU G 320 36.55 -4.69 -10.67
N ILE G 321 36.16 -5.94 -10.86
CA ILE G 321 35.84 -6.48 -12.18
C ILE G 321 34.53 -7.19 -11.99
N THR G 322 33.49 -6.66 -12.62
CA THR G 322 32.16 -7.19 -12.43
C THR G 322 31.46 -7.34 -13.76
N PRO G 323 30.69 -8.44 -13.95
CA PRO G 323 29.90 -8.54 -15.16
C PRO G 323 28.77 -7.53 -15.14
N ALA G 325 24.85 -6.29 -15.96
CA ALA G 325 23.49 -6.80 -16.10
C ALA G 325 22.70 -5.97 -17.12
N VAL H 5 -7.15 16.05 -22.87
CA VAL H 5 -6.37 16.78 -23.85
C VAL H 5 -6.05 15.89 -25.04
N LEU H 6 -6.26 16.41 -26.25
CA LEU H 6 -6.07 15.63 -27.46
C LEU H 6 -4.66 15.82 -28.02
N GLN H 7 -3.87 14.75 -27.98
CA GLN H 7 -2.56 14.76 -28.62
C GLN H 7 -2.65 14.09 -29.98
N ASP H 8 -2.44 12.79 -30.04
CA ASP H 8 -2.56 12.05 -31.30
C ASP H 8 -4.01 12.10 -31.76
N ILE H 9 -4.22 12.44 -33.03
CA ILE H 9 -5.55 12.49 -33.62
C ILE H 9 -6.24 11.13 -33.54
N ASP H 10 -5.46 10.05 -33.39
CA ASP H 10 -6.02 8.71 -33.20
C ASP H 10 -7.09 8.70 -32.11
N GLY H 11 -6.98 9.62 -31.17
CA GLY H 11 -7.91 9.70 -30.05
C GLY H 11 -9.33 10.09 -30.40
N ILE H 12 -9.56 10.65 -31.60
CA ILE H 12 -10.91 11.00 -32.01
C ILE H 12 -11.64 9.80 -32.61
N PHE H 13 -10.88 8.79 -33.00
CA PHE H 13 -11.46 7.59 -33.59
C PHE H 13 -11.73 6.56 -32.50
N ASP H 14 -13.00 6.41 -32.14
CA ASP H 14 -13.38 5.50 -31.07
C ASP H 14 -13.62 4.08 -31.58
N SER H 15 -13.61 3.90 -32.90
CA SER H 15 -13.90 2.59 -33.49
C SER H 15 -12.80 2.14 -34.46
N GLN H 16 -12.74 0.83 -34.66
CA GLN H 16 -11.76 0.21 -35.52
C GLN H 16 -12.33 -1.10 -36.05
N ALA H 17 -11.95 -1.45 -37.27
CA ALA H 17 -12.35 -2.72 -37.84
C ALA H 17 -11.22 -3.29 -38.67
N ILE H 18 -11.17 -4.62 -38.76
CA ILE H 18 -10.20 -5.29 -39.61
C ILE H 18 -10.95 -6.02 -40.72
N LEU H 19 -10.83 -5.49 -41.93
CA LEU H 19 -11.47 -6.09 -43.08
C LEU H 19 -10.59 -7.22 -43.60
N ALA H 20 -11.23 -8.28 -44.07
CA ALA H 20 -10.51 -9.41 -44.62
C ALA H 20 -11.22 -9.87 -45.88
N GLY H 21 -10.44 -10.40 -46.80
CA GLY H 21 -10.99 -10.86 -48.05
C GLY H 21 -10.00 -11.61 -48.90
N ARG H 22 -10.52 -12.12 -50.01
CA ARG H 22 -9.74 -12.85 -50.99
C ARG H 22 -10.02 -12.33 -52.39
N PHE H 23 -8.96 -12.17 -53.17
CA PHE H 23 -9.11 -11.90 -54.59
C PHE H 23 -8.45 -13.00 -55.40
N HIS H 24 -9.14 -13.47 -56.43
CA HIS H 24 -8.65 -14.55 -57.28
C HIS H 24 -7.83 -13.95 -58.42
N ASN H 25 -6.58 -14.39 -58.50
CA ASN H 25 -5.55 -13.73 -59.28
C ASN H 25 -4.23 -14.42 -58.97
N ASP H 26 -3.30 -14.40 -59.92
CA ASP H 26 -2.08 -15.19 -59.79
C ASP H 26 -1.17 -14.72 -58.66
N LEU H 27 -1.18 -13.42 -58.36
CA LEU H 27 -0.43 -12.90 -57.21
C LEU H 27 -0.90 -13.53 -55.91
N THR H 28 -2.21 -13.76 -55.79
CA THR H 28 -2.78 -14.38 -54.61
C THR H 28 -2.35 -15.84 -54.52
N VAL H 29 -2.35 -16.53 -55.66
CA VAL H 29 -1.98 -17.95 -55.70
C VAL H 29 -0.55 -18.17 -55.18
N ILE H 30 0.41 -17.38 -55.66
CA ILE H 30 1.81 -17.57 -55.25
C ILE H 30 2.00 -17.13 -53.79
N ASN H 31 1.29 -16.09 -53.37
CA ASN H 31 1.34 -15.63 -51.99
C ASN H 31 1.00 -16.77 -51.03
N GLU H 32 -0.08 -17.48 -51.34
CA GLU H 32 -0.53 -18.61 -50.52
C GLU H 32 0.40 -19.82 -50.68
N LYS H 33 0.83 -20.08 -51.91
CA LYS H 33 1.62 -21.28 -52.22
C LYS H 33 3.01 -21.28 -51.59
N TYR H 34 3.65 -20.12 -51.52
CA TYR H 34 5.03 -20.02 -51.04
C TYR H 34 5.19 -19.15 -49.80
N ASP H 35 4.11 -18.96 -49.06
CA ASP H 35 4.16 -18.27 -47.78
C ASP H 35 4.82 -16.90 -47.90
N LEU H 36 4.40 -16.13 -48.91
CA LEU H 36 4.94 -14.80 -49.11
C LEU H 36 4.17 -13.78 -48.29
N PHE H 37 4.76 -12.61 -48.12
CA PHE H 37 4.12 -11.50 -47.42
C PHE H 37 4.13 -10.25 -48.28
N TYR H 38 2.93 -9.74 -48.58
CA TYR H 38 2.80 -8.48 -49.28
C TYR H 38 2.33 -7.40 -48.33
N LEU H 39 2.87 -6.20 -48.49
CA LEU H 39 2.24 -5.02 -47.92
C LEU H 39 1.36 -4.42 -49.00
N LEU H 41 -0.76 -1.08 -50.05
CA LEU H 41 -0.94 0.34 -49.82
C LEU H 41 -2.19 0.84 -50.55
N PRO H 42 -3.23 1.23 -49.81
CA PRO H 42 -4.40 1.78 -50.49
C PRO H 42 -4.11 3.14 -51.11
N THR H 43 -4.60 3.37 -52.32
CA THR H 43 -4.43 4.65 -52.99
C THR H 43 -5.75 5.07 -53.61
N ILE H 44 -6.08 6.36 -53.51
CA ILE H 44 -7.29 6.89 -54.13
C ILE H 44 -6.92 7.87 -55.25
N ASN H 45 -7.79 7.94 -56.26
CA ASN H 45 -7.63 8.91 -57.34
C ASN H 45 -8.62 10.05 -57.16
N GLU H 46 -8.68 10.96 -58.12
CA GLU H 46 -9.49 12.16 -57.97
C GLU H 46 -11.00 11.86 -57.91
N LYS H 47 -11.44 10.71 -58.45
CA LYS H 47 -12.84 10.27 -58.32
C LYS H 47 -13.06 9.37 -57.11
N LYS H 48 -12.07 9.32 -56.21
CA LYS H 48 -12.18 8.58 -54.96
C LYS H 48 -12.34 7.08 -55.17
N ILE H 49 -11.76 6.57 -56.25
CA ILE H 49 -11.69 5.13 -56.48
C ILE H 49 -10.48 4.53 -55.78
N VAL H 50 -10.70 3.47 -55.00
CA VAL H 50 -9.61 2.84 -54.26
C VAL H 50 -8.88 1.80 -55.11
N SER H 51 -7.55 1.88 -55.08
CA SER H 51 -6.69 0.91 -55.73
C SER H 51 -5.62 0.48 -54.73
N PHE H 52 -4.69 -0.37 -55.16
CA PHE H 52 -3.63 -0.82 -54.27
C PHE H 52 -2.29 -0.95 -54.96
N TYR H 53 -1.24 -0.54 -54.25
CA TYR H 53 0.12 -0.91 -54.57
C TYR H 53 0.48 -2.13 -53.74
N ILE H 54 1.22 -3.06 -54.34
CA ILE H 54 1.69 -4.24 -53.63
C ILE H 54 3.20 -4.17 -53.52
N PHE H 55 3.71 -4.40 -52.32
CA PHE H 55 5.14 -4.37 -52.05
C PHE H 55 5.60 -5.73 -51.58
N LEU H 56 6.70 -6.20 -52.16
CA LEU H 56 7.28 -7.48 -51.80
C LEU H 56 8.80 -7.35 -51.62
N GLN H 57 9.29 -7.82 -50.48
CA GLN H 57 10.72 -7.83 -50.21
C GLN H 57 11.38 -8.90 -51.08
N ASP H 58 12.38 -8.49 -51.87
CA ASP H 58 13.06 -9.41 -52.77
C ASP H 58 13.74 -10.55 -52.01
N ASP H 59 14.33 -10.23 -50.87
CA ASP H 59 15.08 -11.21 -50.09
C ASP H 59 14.18 -12.20 -49.34
N GLN H 60 12.87 -11.98 -49.39
CA GLN H 60 11.92 -12.90 -48.77
C GLN H 60 11.38 -13.93 -49.77
N ILE H 61 11.88 -13.89 -51.00
CA ILE H 61 11.53 -14.88 -52.00
C ILE H 61 12.38 -16.13 -51.82
N PRO H 62 11.75 -17.30 -51.59
CA PRO H 62 12.56 -18.52 -51.47
C PRO H 62 13.26 -18.81 -52.79
N GLU H 63 14.59 -18.91 -52.75
CA GLU H 63 15.40 -18.98 -53.96
C GLU H 63 15.06 -20.19 -54.83
N ARG H 64 14.70 -21.31 -54.21
CA ARG H 64 14.28 -22.50 -54.93
C ARG H 64 13.19 -22.20 -55.94
N HIS H 65 12.27 -21.30 -55.55
CA HIS H 65 11.07 -21.04 -56.34
C HIS H 65 11.12 -19.66 -56.97
N ARG H 66 12.31 -19.04 -57.00
CA ARG H 66 12.45 -17.69 -57.53
C ARG H 66 11.99 -17.60 -58.98
N GLU H 67 12.40 -18.58 -59.79
CA GLU H 67 12.05 -18.58 -61.21
C GLU H 67 10.55 -18.48 -61.43
N GLU H 68 9.79 -19.38 -60.81
CA GLU H 68 8.34 -19.39 -60.97
C GLU H 68 7.71 -18.11 -60.43
N ILE H 69 8.18 -17.66 -59.28
CA ILE H 69 7.61 -16.48 -58.64
C ILE H 69 7.86 -15.23 -59.47
N GLU H 70 9.09 -15.08 -59.96
CA GLU H 70 9.43 -13.90 -60.76
C GLU H 70 8.63 -13.83 -62.06
N SER H 71 8.37 -15.00 -62.65
CA SER H 71 7.63 -15.05 -63.91
C SER H 71 6.19 -14.62 -63.70
N VAL H 72 5.65 -14.90 -62.51
CA VAL H 72 4.30 -14.46 -62.16
C VAL H 72 4.29 -12.96 -61.88
N LEU H 73 5.30 -12.50 -61.17
CA LEU H 73 5.39 -11.09 -60.81
C LEU H 73 5.55 -10.19 -62.03
N ASN H 74 6.35 -10.65 -63.00
CA ASN H 74 6.67 -9.83 -64.16
C ASN H 74 5.52 -9.52 -65.12
N LYS H 75 4.43 -10.30 -65.10
CA LYS H 75 3.26 -9.94 -65.91
C LYS H 75 2.51 -8.72 -65.40
N PHE H 76 2.84 -8.27 -64.18
CA PHE H 76 2.10 -7.16 -63.58
C PHE H 76 2.94 -5.89 -63.67
N ASN H 77 3.93 -5.90 -64.56
CA ASN H 77 4.71 -4.71 -64.84
C ASN H 77 5.35 -4.11 -63.59
N PRO H 78 6.11 -4.93 -62.86
CA PRO H 78 6.68 -4.49 -61.58
C PRO H 78 7.81 -3.49 -61.74
N VAL H 79 8.01 -2.68 -60.71
CA VAL H 79 9.19 -1.83 -60.61
C VAL H 79 10.01 -2.35 -59.45
N ILE H 80 11.28 -2.63 -59.71
CA ILE H 80 12.18 -3.15 -58.69
C ILE H 80 13.23 -2.11 -58.34
N LYS H 81 13.31 -1.79 -57.05
CA LYS H 81 14.18 -0.72 -56.58
C LYS H 81 14.40 -0.89 -55.08
N ASN H 82 15.64 -0.68 -54.64
CA ASN H 82 15.99 -0.81 -53.22
C ASN H 82 15.55 -2.16 -52.65
N GLY H 83 15.71 -3.21 -53.44
CA GLY H 83 15.40 -4.56 -52.99
C GLY H 83 13.92 -4.84 -52.83
N ILE H 84 13.08 -4.00 -53.42
CA ILE H 84 11.63 -4.10 -53.25
C ILE H 84 10.90 -4.15 -54.59
N TRP H 85 9.99 -5.12 -54.72
CA TRP H 85 9.11 -5.20 -55.88
C TRP H 85 7.88 -4.33 -55.63
N LYS H 86 7.59 -3.42 -56.54
CA LYS H 86 6.36 -2.62 -56.45
C LYS H 86 5.45 -2.91 -57.63
N ILE H 87 4.21 -3.26 -57.31
CA ILE H 87 3.21 -3.62 -58.30
C ILE H 87 1.95 -2.81 -58.09
N TYR H 88 1.45 -2.20 -59.15
CA TYR H 88 0.20 -1.45 -59.10
C TYR H 88 -0.99 -2.29 -59.57
N LEU H 89 -2.04 -2.32 -58.76
CA LEU H 89 -3.28 -2.99 -59.11
C LEU H 89 -4.36 -1.94 -59.42
N ASP H 90 -4.64 -1.73 -60.70
CA ASP H 90 -5.62 -0.74 -61.14
C ASP H 90 -7.03 -1.29 -60.91
N THR H 91 -8.03 -0.45 -61.11
CA THR H 91 -9.43 -0.81 -60.89
C THR H 91 -9.86 -2.12 -61.56
N GLU H 92 -9.43 -2.35 -62.80
CA GLU H 92 -9.79 -3.58 -63.51
C GLU H 92 -9.04 -4.80 -62.97
N SER H 93 -7.73 -4.64 -62.72
CA SER H 93 -6.92 -5.75 -62.22
C SER H 93 -7.35 -6.16 -60.81
N PHE H 94 -8.17 -5.34 -60.18
CA PHE H 94 -8.53 -5.51 -58.77
C PHE H 94 -10.07 -5.42 -58.58
N LYS H 95 -10.82 -6.50 -58.84
CA LYS H 95 -12.30 -6.43 -58.90
C LYS H 95 -12.91 -5.88 -57.60
N LEU H 96 -12.20 -6.05 -56.49
CA LEU H 96 -12.71 -5.63 -55.18
C LEU H 96 -12.66 -4.11 -55.02
N SER H 97 -12.19 -3.41 -56.05
CA SER H 97 -12.15 -1.95 -56.06
C SER H 97 -13.48 -1.26 -55.72
N GLU H 98 -14.62 -1.94 -55.85
CA GLU H 98 -15.91 -1.26 -55.65
C GLU H 98 -16.45 -1.36 -54.22
N PRO H 99 -16.18 -2.47 -53.49
CA PRO H 99 -16.57 -2.39 -52.07
C PRO H 99 -15.71 -1.41 -51.29
N PHE H 100 -14.40 -1.45 -51.51
CA PHE H 100 -13.46 -0.60 -50.79
C PHE H 100 -13.67 0.88 -51.10
N SER H 101 -14.10 1.19 -52.31
CA SER H 101 -14.41 2.58 -52.66
C SER H 101 -15.65 3.04 -51.88
N THR H 102 -16.60 2.13 -51.69
CA THR H 102 -17.79 2.41 -50.91
C THR H 102 -17.45 2.66 -49.44
N PHE H 103 -16.59 1.82 -48.87
CA PHE H 103 -16.17 1.99 -47.49
C PHE H 103 -15.49 3.34 -47.32
N PHE H 104 -14.61 3.68 -48.26
CA PHE H 104 -13.88 4.92 -48.22
C PHE H 104 -14.81 6.13 -48.21
N GLY H 105 -15.90 6.03 -48.97
CA GLY H 105 -16.84 7.12 -49.09
C GLY H 105 -17.56 7.44 -47.80
N ILE H 106 -17.54 6.50 -46.85
CA ILE H 106 -18.08 6.76 -45.52
C ILE H 106 -17.14 7.74 -44.82
N ASP H 107 -17.70 8.85 -44.36
CA ASP H 107 -16.92 10.04 -44.04
C ASP H 107 -15.75 9.84 -43.09
N SER H 108 -15.97 9.18 -41.96
CA SER H 108 -14.95 9.09 -40.92
C SER H 108 -13.98 7.94 -41.11
N ILE H 109 -14.17 7.17 -42.18
CA ILE H 109 -13.33 6.00 -42.43
C ILE H 109 -11.92 6.37 -42.84
N VAL H 110 -10.95 5.83 -42.10
CA VAL H 110 -9.54 6.00 -42.41
C VAL H 110 -8.91 4.64 -42.71
N PHE H 111 -8.33 4.51 -43.90
CA PHE H 111 -7.65 3.29 -44.29
C PHE H 111 -6.22 3.26 -43.75
N ASP H 112 -5.85 2.14 -43.12
CA ASP H 112 -4.47 1.91 -42.72
C ASP H 112 -3.77 1.03 -43.74
N GLY H 114 -2.41 -2.22 -45.37
CA GLY H 114 -2.88 -3.59 -45.36
C GLY H 114 -1.76 -4.57 -45.67
N SER H 115 -2.10 -5.86 -45.66
CA SER H 115 -1.14 -6.90 -45.98
C SER H 115 -1.83 -8.13 -46.57
N LYS H 117 -1.26 -12.31 -46.68
CA LYS H 117 -0.52 -13.46 -46.15
C LYS H 117 -1.43 -14.67 -46.17
N GLY H 118 -0.88 -15.81 -46.60
CA GLY H 118 -1.66 -17.01 -46.75
C GLY H 118 -2.79 -16.85 -47.76
N GLY H 119 -2.59 -15.95 -48.71
CA GLY H 119 -3.57 -15.70 -49.76
C GLY H 119 -4.72 -14.80 -49.33
N GLU H 120 -4.70 -14.35 -48.08
CA GLU H 120 -5.77 -13.49 -47.57
C GLU H 120 -5.33 -12.05 -47.34
N LEU H 122 -5.68 -8.50 -45.53
CA LEU H 122 -6.12 -7.88 -44.29
C LEU H 122 -5.96 -6.37 -44.40
N LEU H 123 -7.04 -5.64 -44.11
CA LEU H 123 -7.01 -4.18 -44.20
C LEU H 123 -7.63 -3.57 -42.94
N PRO H 124 -6.80 -2.94 -42.11
CA PRO H 124 -7.35 -2.27 -40.93
C PRO H 124 -7.99 -0.94 -41.31
N VAL H 125 -9.07 -0.61 -40.63
CA VAL H 125 -9.70 0.68 -40.82
C VAL H 125 -10.05 1.31 -39.47
N ARG H 126 -9.96 2.63 -39.38
CA ARG H 126 -10.32 3.35 -38.16
C ARG H 126 -11.40 4.38 -38.48
N PHE H 127 -12.32 4.59 -37.55
CA PHE H 127 -13.45 5.47 -37.82
C PHE H 127 -14.19 5.87 -36.54
N ILE H 128 -15.25 6.64 -36.71
CA ILE H 128 -16.05 7.15 -35.60
C ILE H 128 -17.37 6.38 -35.57
N SER H 129 -17.78 6.00 -34.36
CA SER H 129 -18.78 4.95 -34.18
C SER H 129 -20.14 5.22 -34.83
N LYS H 130 -20.49 6.50 -35.03
CA LYS H 130 -21.75 6.81 -35.71
C LYS H 130 -21.79 6.20 -37.12
N ASP H 131 -20.62 5.98 -37.72
CA ASP H 131 -20.54 5.44 -39.07
C ASP H 131 -20.45 3.91 -39.10
N LYS H 132 -20.53 3.27 -37.94
CA LYS H 132 -20.38 1.82 -37.86
C LYS H 132 -21.44 1.08 -38.68
N ASP H 133 -22.70 1.46 -38.52
CA ASP H 133 -23.80 0.75 -39.17
C ASP H 133 -23.73 0.87 -40.69
N ALA H 134 -23.26 2.01 -41.17
CA ALA H 134 -23.09 2.23 -42.61
C ALA H 134 -22.02 1.29 -43.17
N LEU H 135 -20.95 1.11 -42.43
CA LEU H 135 -19.86 0.24 -42.84
C LEU H 135 -20.32 -1.21 -42.87
N VAL H 136 -20.99 -1.64 -41.80
CA VAL H 136 -21.48 -3.00 -41.70
C VAL H 136 -22.47 -3.29 -42.83
N ASN H 137 -23.36 -2.34 -43.09
CA ASN H 137 -24.39 -2.54 -44.12
C ASN H 137 -23.82 -2.68 -45.52
N SER H 138 -22.77 -1.93 -45.85
CA SER H 138 -22.18 -2.05 -47.18
C SER H 138 -21.39 -3.34 -47.31
N ILE H 139 -20.85 -3.84 -46.20
CA ILE H 139 -20.21 -5.15 -46.20
C ILE H 139 -21.24 -6.25 -46.43
N ILE H 140 -22.41 -6.12 -45.81
CA ILE H 140 -23.48 -7.10 -45.97
C ILE H 140 -24.11 -7.01 -47.36
N ASP H 141 -24.33 -5.79 -47.83
CA ASP H 141 -24.86 -5.59 -49.18
C ASP H 141 -23.89 -6.15 -50.19
N SER H 142 -22.60 -5.86 -49.98
CA SER H 142 -21.54 -6.38 -50.83
C SER H 142 -21.60 -7.90 -50.90
N ALA H 143 -21.91 -8.54 -49.78
CA ALA H 143 -21.96 -10.01 -49.72
C ALA H 143 -23.13 -10.57 -50.51
N GLY H 144 -24.10 -9.71 -50.81
CA GLY H 144 -25.28 -10.12 -51.55
C GLY H 144 -25.01 -10.06 -53.04
N TYR H 145 -23.92 -9.39 -53.41
CA TYR H 145 -23.48 -9.39 -54.80
C TYR H 145 -22.47 -10.48 -55.12
N GLY H 146 -22.11 -11.32 -54.14
CA GLY H 146 -21.15 -12.38 -54.38
C GLY H 146 -19.92 -12.28 -53.49
N GLU H 147 -19.58 -11.04 -53.19
CA GLU H 147 -18.33 -10.62 -52.57
C GLU H 147 -18.01 -11.20 -51.21
N ASN H 148 -16.76 -11.64 -51.07
CA ASN H 148 -16.33 -12.39 -49.90
C ASN H 148 -15.61 -11.56 -48.85
N ILE H 149 -15.84 -10.25 -48.82
CA ILE H 149 -15.23 -9.41 -47.80
C ILE H 149 -15.96 -9.62 -46.49
N TYR H 150 -15.22 -9.76 -45.40
CA TYR H 150 -15.80 -9.97 -44.09
C TYR H 150 -14.99 -9.27 -43.01
N LEU H 151 -15.45 -9.41 -41.77
CA LEU H 151 -14.84 -8.73 -40.62
C LEU H 151 -14.18 -9.73 -39.67
N ARG H 152 -12.89 -9.52 -39.42
CA ARG H 152 -12.18 -10.28 -38.39
C ARG H 152 -12.24 -9.55 -37.07
N TYR H 153 -12.63 -8.28 -37.12
CA TYR H 153 -12.75 -7.45 -35.93
C TYR H 153 -13.60 -6.21 -36.23
N ILE H 154 -14.48 -5.87 -35.29
CA ILE H 154 -15.10 -4.55 -35.28
C ILE H 154 -15.51 -4.21 -33.85
N GLY H 155 -15.09 -3.03 -33.39
CA GLY H 155 -15.35 -2.62 -32.03
C GLY H 155 -14.55 -1.36 -31.71
N GLN H 156 -14.10 -1.25 -30.46
CA GLN H 156 -13.31 -0.10 -30.03
C GLN H 156 -12.02 0.01 -30.80
N ASN H 157 -11.54 1.24 -30.97
CA ASN H 157 -10.22 1.46 -31.55
C ASN H 157 -9.15 1.00 -30.56
N LYS H 158 -8.40 -0.02 -30.94
CA LYS H 158 -7.32 -0.53 -30.10
C LYS H 158 -6.06 0.30 -30.30
N GLY H 159 -6.11 1.22 -31.26
CA GLY H 159 -4.99 2.09 -31.55
C GLY H 159 -4.47 1.89 -32.96
N PHE H 160 -3.95 2.95 -33.56
CA PHE H 160 -3.33 2.87 -34.88
C PHE H 160 -2.25 1.80 -34.93
N ASP H 161 -1.59 1.58 -33.80
CA ASP H 161 -0.48 0.64 -33.74
C ASP H 161 -0.96 -0.82 -33.69
N TYR H 162 -2.21 -1.04 -33.29
CA TYR H 162 -2.77 -2.38 -33.36
C TYR H 162 -2.90 -2.82 -34.81
N SER H 163 -3.15 -1.87 -35.71
CA SER H 163 -3.25 -2.16 -37.13
C SER H 163 -2.01 -2.89 -37.64
N PHE H 164 -0.84 -2.51 -37.14
CA PHE H 164 0.41 -3.14 -37.57
C PHE H 164 0.40 -4.61 -37.18
N ILE H 165 -0.13 -4.88 -36.00
CA ILE H 165 -0.22 -6.25 -35.50
C ILE H 165 -1.27 -7.05 -36.26
N ALA H 166 -2.40 -6.40 -36.54
CA ALA H 166 -3.51 -7.05 -37.23
C ALA H 166 -3.09 -7.58 -38.60
N ILE H 167 -2.24 -6.83 -39.31
CA ILE H 167 -1.81 -7.20 -40.65
C ILE H 167 -0.59 -8.12 -40.62
N LYS H 168 -0.19 -8.54 -39.42
CA LYS H 168 0.87 -9.54 -39.24
C LYS H 168 2.23 -9.02 -39.67
N LEU H 169 2.45 -7.72 -39.52
CA LEU H 169 3.76 -7.12 -39.78
C LEU H 169 4.67 -7.41 -38.59
N LEU H 170 5.76 -8.14 -38.86
CA LEU H 170 6.68 -8.54 -37.80
C LEU H 170 7.87 -7.61 -37.68
N ASP H 171 8.11 -6.82 -38.73
CA ASP H 171 9.25 -5.90 -38.76
C ASP H 171 9.17 -4.85 -37.65
N GLN H 172 10.34 -4.46 -37.17
CA GLN H 172 10.46 -3.35 -36.23
C GLN H 172 9.89 -2.08 -36.84
N VAL H 173 9.00 -1.42 -36.11
CA VAL H 173 8.44 -0.15 -36.55
C VAL H 173 9.14 1.00 -35.83
N TYR H 174 9.33 2.11 -36.56
CA TYR H 174 9.99 3.29 -36.02
C TYR H 174 9.08 4.50 -36.10
N LYS H 175 9.22 5.41 -35.15
CA LYS H 175 8.50 6.68 -35.18
C LYS H 175 9.45 7.81 -35.53
N LEU H 176 9.14 8.52 -36.63
CA LEU H 176 9.90 9.69 -37.05
C LEU H 176 9.07 10.95 -36.79
N THR H 177 9.69 11.94 -36.15
CA THR H 177 9.04 13.21 -35.89
C THR H 177 9.80 14.34 -36.58
N LEU H 178 9.11 15.05 -37.46
CA LEU H 178 9.64 16.23 -38.11
C LEU H 178 8.93 17.47 -37.59
N SER H 179 9.66 18.58 -37.49
CA SER H 179 9.07 19.84 -37.11
C SER H 179 9.44 20.94 -38.09
N ILE H 180 8.49 21.82 -38.34
CA ILE H 180 8.65 22.94 -39.25
C ILE H 180 8.17 24.19 -38.52
N ASP H 181 9.08 25.07 -38.16
CA ASP H 181 8.73 26.20 -37.30
C ASP H 181 8.26 27.44 -38.07
N ASN H 182 8.32 27.38 -39.39
CA ASN H 182 7.91 28.51 -40.23
C ASN H 182 7.02 28.11 -41.41
N PRO H 183 6.01 27.27 -41.17
CA PRO H 183 5.19 26.72 -42.24
C PRO H 183 4.43 27.80 -43.02
N HIS H 184 4.28 28.98 -42.42
CA HIS H 184 3.58 30.09 -43.06
C HIS H 184 4.20 30.52 -44.39
N VAL H 185 5.48 30.18 -44.62
CA VAL H 185 6.13 30.55 -45.87
C VAL H 185 5.56 29.77 -47.06
N HIS H 187 2.27 29.36 -47.24
CA HIS H 187 0.93 29.93 -47.37
C HIS H 187 -0.12 28.83 -47.30
N GLY H 188 -1.23 28.99 -48.01
CA GLY H 188 -2.29 28.00 -47.98
C GLY H 188 -2.90 27.85 -46.61
N ILE H 189 -3.00 26.63 -46.13
CA ILE H 189 -3.59 26.36 -44.82
C ILE H 189 -2.74 26.92 -43.66
N PHE H 190 -1.54 27.39 -43.97
CA PHE H 190 -0.64 27.95 -42.97
C PHE H 190 -0.53 29.47 -43.05
N ALA H 191 -1.34 30.10 -43.90
CA ALA H 191 -1.24 31.53 -44.16
C ALA H 191 -1.62 32.38 -42.94
N GLU H 192 -2.64 31.95 -42.20
CA GLU H 192 -3.12 32.70 -41.04
C GLU H 192 -2.18 32.52 -39.85
N THR H 193 -1.49 33.59 -39.49
CA THR H 193 -0.50 33.55 -38.40
C THR H 193 -0.88 34.36 -37.17
N LYS H 194 -1.95 35.13 -37.26
CA LYS H 194 -2.30 36.07 -36.20
C LYS H 194 -3.27 35.44 -35.18
N LYS H 195 -4.09 34.51 -35.65
CA LYS H 195 -5.00 33.77 -34.77
C LYS H 195 -4.34 32.51 -34.27
N ASN H 196 -4.61 32.13 -33.02
CA ASN H 196 -3.98 30.96 -32.42
C ASN H 196 -4.66 29.67 -32.90
N ILE H 197 -4.63 29.44 -34.20
CA ILE H 197 -5.28 28.27 -34.78
C ILE H 197 -4.53 27.00 -34.37
N ALA H 198 -5.29 25.96 -34.06
CA ALA H 198 -4.72 24.67 -33.69
C ALA H 198 -5.55 23.53 -34.29
N TRP H 199 -4.87 22.58 -34.93
CA TRP H 199 -5.56 21.39 -35.42
C TRP H 199 -4.65 20.15 -35.53
N ARG H 200 -5.31 19.01 -35.73
CA ARG H 200 -4.63 17.75 -36.03
C ARG H 200 -5.17 17.25 -37.35
N ARG H 201 -4.41 16.40 -38.03
CA ARG H 201 -4.81 15.94 -39.35
C ARG H 201 -4.30 14.53 -39.66
N GLU H 202 -5.15 13.74 -40.30
CA GLU H 202 -4.74 12.45 -40.83
C GLU H 202 -5.52 12.16 -42.12
N SER H 203 -4.82 11.64 -43.12
CA SER H 203 -5.44 11.31 -44.39
C SER H 203 -6.32 10.07 -44.26
N LYS H 204 -7.41 10.05 -45.00
CA LYS H 204 -8.28 8.88 -45.06
C LYS H 204 -7.62 7.77 -45.87
N ALA H 205 -6.72 8.16 -46.78
CA ALA H 205 -5.96 7.21 -47.59
C ALA H 205 -4.45 7.46 -47.44
N PRO H 206 -3.66 6.40 -47.22
CA PRO H 206 -2.22 6.60 -47.02
C PRO H 206 -1.52 7.19 -48.24
N HIS H 207 -2.00 6.83 -49.42
CA HIS H 207 -1.46 7.36 -50.68
C HIS H 207 -2.61 7.87 -51.52
N LYS H 208 -2.33 8.82 -52.39
CA LYS H 208 -3.37 9.41 -53.22
C LYS H 208 -2.78 10.01 -54.48
N ASP H 209 -3.63 10.20 -55.48
CA ASP H 209 -3.23 10.68 -56.79
C ASP H 209 -4.09 11.87 -57.22
N ASN H 210 -3.48 13.06 -57.21
CA ASN H 210 -4.16 14.27 -57.63
C ASN H 210 -5.46 14.51 -56.87
N THR H 211 -5.39 14.42 -55.54
CA THR H 211 -6.56 14.66 -54.71
C THR H 211 -6.16 14.82 -53.24
N GLU H 212 -7.10 15.31 -52.45
CA GLU H 212 -6.93 15.40 -51.01
C GLU H 212 -8.17 14.85 -50.33
N ASP H 213 -7.99 14.12 -49.23
CA ASP H 213 -9.12 13.61 -48.48
C ASP H 213 -8.67 13.35 -47.04
N TYR H 214 -8.87 14.36 -46.20
CA TYR H 214 -8.33 14.39 -44.86
C TYR H 214 -9.40 14.37 -43.79
N ILE H 215 -9.03 13.89 -42.60
CA ILE H 215 -9.78 14.19 -41.39
C ILE H 215 -9.02 15.29 -40.65
N TYR H 216 -9.65 16.44 -40.47
CA TYR H 216 -9.09 17.51 -39.64
C TYR H 216 -9.83 17.57 -38.31
N ALA H 217 -9.09 17.63 -37.22
CA ALA H 217 -9.65 17.96 -35.92
C ALA H 217 -9.22 19.37 -35.56
N LEU H 218 -10.18 20.30 -35.56
CA LEU H 218 -9.91 21.71 -35.40
C LEU H 218 -10.42 22.21 -34.05
N ASP H 219 -9.54 22.84 -33.27
CA ASP H 219 -9.93 23.46 -32.00
C ASP H 219 -11.09 24.42 -32.29
N ASP H 220 -12.22 24.23 -31.60
CA ASP H 220 -13.47 24.85 -32.02
C ASP H 220 -13.52 26.35 -31.74
N THR H 221 -12.41 26.90 -31.25
CA THR H 221 -12.24 28.34 -31.17
C THR H 221 -12.38 28.95 -32.56
N HIS H 222 -11.96 28.20 -33.57
CA HIS H 222 -11.97 28.68 -34.96
C HIS H 222 -12.78 27.78 -35.89
N THR H 223 -13.01 28.30 -37.10
CA THR H 223 -13.76 27.60 -38.13
C THR H 223 -12.89 27.43 -39.38
N ILE H 224 -13.39 26.71 -40.38
CA ILE H 224 -12.63 26.47 -41.60
C ILE H 224 -12.26 27.76 -42.35
N PRO H 225 -13.21 28.71 -42.45
CA PRO H 225 -12.85 29.99 -43.12
C PRO H 225 -11.70 30.74 -42.46
N ASP H 226 -11.46 30.52 -41.17
CA ASP H 226 -10.32 31.14 -40.49
C ASP H 226 -9.01 30.61 -41.07
N ILE H 227 -9.02 29.37 -41.53
CA ILE H 227 -7.83 28.76 -42.13
C ILE H 227 -7.67 29.19 -43.58
N LEU H 228 -8.75 29.10 -44.35
CA LEU H 228 -8.68 29.33 -45.79
C LEU H 228 -8.86 30.80 -46.14
N ILE H 229 -7.79 31.57 -46.03
CA ILE H 229 -7.83 32.99 -46.30
C ILE H 229 -7.20 33.34 -47.65
N ASP H 230 -6.52 32.37 -48.27
CA ASP H 230 -5.97 32.53 -49.61
C ASP H 230 -6.35 31.34 -50.50
N THR H 231 -5.78 31.29 -51.70
CA THR H 231 -6.11 30.26 -52.67
C THR H 231 -4.93 29.31 -52.94
N ALA H 232 -3.94 29.31 -52.05
CA ALA H 232 -2.68 28.62 -52.31
C ALA H 232 -2.63 27.23 -51.68
N TYR H 233 -3.75 26.79 -51.11
CA TYR H 233 -3.86 25.42 -50.62
C TYR H 233 -3.99 24.47 -51.80
N THR H 234 -3.65 23.19 -51.60
CA THR H 234 -3.90 22.17 -52.60
C THR H 234 -5.33 21.65 -52.45
N GLY H 235 -5.89 21.12 -53.53
CA GLY H 235 -7.23 20.56 -53.49
C GLY H 235 -8.36 21.57 -53.54
N GLU H 236 -9.44 21.28 -52.81
CA GLU H 236 -10.65 22.11 -52.83
C GLU H 236 -11.05 22.53 -51.43
N LYS H 237 -11.79 23.63 -51.32
CA LYS H 237 -12.12 24.21 -50.03
C LYS H 237 -13.20 23.42 -49.28
N GLY H 238 -13.84 22.49 -49.98
CA GLY H 238 -15.01 21.80 -49.45
C GLY H 238 -14.74 20.99 -48.20
N THR H 239 -15.74 20.92 -47.32
CA THR H 239 -15.67 20.09 -46.12
C THR H 239 -17.01 19.41 -45.84
N VAL H 240 -16.96 18.38 -45.00
CA VAL H 240 -18.15 17.76 -44.45
C VAL H 240 -18.00 17.69 -42.93
N TYR H 241 -18.93 18.31 -42.21
CA TYR H 241 -18.86 18.30 -40.75
C TYR H 241 -19.24 16.92 -40.23
N ILE H 242 -18.33 16.32 -39.46
CA ILE H 242 -18.53 14.97 -38.95
C ILE H 242 -19.10 15.00 -37.53
N GLY H 243 -18.57 15.89 -36.69
CA GLY H 243 -19.00 15.95 -35.30
C GLY H 243 -17.98 16.56 -34.37
N LYS H 244 -18.18 16.33 -33.08
CA LYS H 244 -17.32 16.89 -32.04
C LYS H 244 -16.60 15.82 -31.22
N HIS H 245 -15.35 16.13 -30.89
CA HIS H 245 -14.60 15.38 -29.89
C HIS H 245 -14.03 16.40 -28.90
N SER H 246 -14.57 16.40 -27.68
CA SER H 246 -14.16 17.35 -26.66
C SER H 246 -14.35 18.77 -27.18
N ASN H 247 -13.28 19.56 -27.22
CA ASN H 247 -13.35 20.93 -27.73
C ASN H 247 -12.84 21.05 -29.16
N TYR H 248 -12.92 19.94 -29.91
CA TYR H 248 -12.48 19.92 -31.30
C TYR H 248 -13.63 19.61 -32.25
N ASP H 249 -13.71 20.37 -33.34
CA ASP H 249 -14.63 20.07 -34.43
C ASP H 249 -13.96 19.13 -35.43
N ILE H 250 -14.66 18.06 -35.80
CA ILE H 250 -14.13 17.08 -36.75
C ILE H 250 -14.69 17.32 -38.14
N TYR H 251 -13.80 17.41 -39.12
CA TYR H 251 -14.19 17.62 -40.52
C TYR H 251 -13.55 16.59 -41.44
N ARG H 252 -14.29 16.20 -42.47
CA ARG H 252 -13.70 15.62 -43.66
C ARG H 252 -13.43 16.79 -44.58
N ALA H 253 -12.22 16.88 -45.13
CA ALA H 253 -11.82 18.04 -45.90
C ALA H 253 -11.01 17.66 -47.13
N PHE H 254 -11.13 18.47 -48.17
CA PHE H 254 -10.56 18.15 -49.49
C PHE H 254 -9.43 19.11 -49.87
N PHE H 255 -8.82 19.74 -48.87
CA PHE H 255 -7.66 20.60 -49.10
C PHE H 255 -6.48 20.13 -48.27
N GLY H 256 -5.27 20.46 -48.72
CA GLY H 256 -4.06 20.04 -48.04
C GLY H 256 -2.88 20.96 -48.32
N ASP H 257 -1.67 20.38 -48.27
CA ASP H 257 -0.43 21.12 -48.51
C ASP H 257 0.48 20.37 -49.47
N ALA H 258 1.37 21.11 -50.14
CA ALA H 258 2.21 20.54 -51.19
C ALA H 258 3.42 19.80 -50.64
N LEU H 259 3.84 20.12 -49.43
CA LEU H 259 5.06 19.53 -48.88
C LEU H 259 4.86 18.06 -48.56
N THR H 260 3.77 17.73 -47.88
CA THR H 260 3.47 16.34 -47.57
C THR H 260 3.28 15.52 -48.83
N ASN H 261 2.61 16.10 -49.82
CA ASN H 261 2.42 15.45 -51.11
C ASN H 261 3.75 15.14 -51.78
N HIS H 262 4.67 16.10 -51.75
CA HIS H 262 5.98 15.91 -52.36
C HIS H 262 6.74 14.75 -51.75
N SER H 264 5.57 12.19 -50.18
CA SER H 264 4.91 10.94 -50.51
C SER H 264 5.29 10.43 -51.90
N SER H 265 5.34 11.32 -52.88
CA SER H 265 5.64 10.90 -54.25
C SER H 265 7.12 10.55 -54.41
N VAL H 266 8.00 11.22 -53.69
CA VAL H 266 9.42 10.92 -53.75
C VAL H 266 9.71 9.54 -53.15
N ILE H 268 7.64 6.93 -52.64
CA ILE H 268 7.06 5.79 -53.37
C ILE H 268 7.79 5.56 -54.69
N SER H 269 8.41 6.61 -55.21
CA SER H 269 9.25 6.47 -56.41
C SER H 269 10.50 5.66 -56.07
N GLU H 270 10.78 5.54 -54.78
CA GLU H 270 11.88 4.71 -54.29
C GLU H 270 11.37 3.38 -53.74
N ASN H 271 10.10 3.07 -54.00
CA ASN H 271 9.46 1.82 -53.56
C ASN H 271 9.41 1.67 -52.03
N VAL H 272 9.42 2.78 -51.31
CA VAL H 272 9.22 2.76 -49.87
C VAL H 272 8.05 3.65 -49.51
N TYR H 273 7.46 3.39 -48.35
CA TYR H 273 6.35 4.20 -47.85
C TYR H 273 6.22 4.04 -46.35
N TYR H 274 5.45 4.93 -45.74
CA TYR H 274 5.18 4.83 -44.31
C TYR H 274 3.96 3.96 -44.06
N LEU H 275 3.85 3.45 -42.84
CA LEU H 275 2.69 2.69 -42.42
C LEU H 275 1.57 3.64 -42.02
N ARG H 276 1.96 4.79 -41.47
CA ARG H 276 1.00 5.77 -41.00
C ARG H 276 1.63 7.16 -40.94
N ARG H 277 0.82 8.18 -41.22
CA ARG H 277 1.25 9.56 -41.08
C ARG H 277 0.12 10.41 -40.54
N TRP H 278 0.44 11.30 -39.60
CA TRP H 278 -0.49 12.34 -39.19
C TRP H 278 0.31 13.58 -38.84
N SER H 279 -0.37 14.72 -38.69
CA SER H 279 0.30 15.97 -38.39
C SER H 279 -0.43 16.81 -37.36
N LYS H 280 0.34 17.68 -36.72
CA LYS H 280 -0.17 18.59 -35.70
C LYS H 280 0.24 20.02 -36.05
N TYR H 281 -0.70 20.95 -35.94
CA TYR H 281 -0.40 22.36 -36.12
C TYR H 281 -0.79 23.14 -34.86
N GLU H 282 0.18 23.83 -34.27
CA GLU H 282 -0.08 24.68 -33.12
C GLU H 282 1.01 25.73 -32.88
N ASP H 283 0.59 26.87 -32.34
CA ASP H 283 1.49 27.99 -32.08
C ASP H 283 2.34 28.37 -33.29
N GLY H 284 1.80 28.10 -34.48
CA GLY H 284 2.48 28.45 -35.72
C GLY H 284 3.50 27.41 -36.15
N LYS H 285 3.47 26.24 -35.51
CA LYS H 285 4.42 25.18 -35.79
C LYS H 285 3.72 23.98 -36.37
N LEU H 286 4.36 23.34 -37.35
CA LEU H 286 3.84 22.12 -37.95
C LEU H 286 4.69 20.93 -37.50
N PHE H 287 4.01 19.88 -37.05
CA PHE H 287 4.68 18.63 -36.70
C PHE H 287 4.19 17.52 -37.63
N LEU H 288 5.13 16.75 -38.17
CA LEU H 288 4.79 15.60 -38.99
C LEU H 288 5.27 14.33 -38.30
N TYR H 289 4.37 13.36 -38.19
CA TYR H 289 4.68 12.10 -37.52
C TYR H 289 4.56 10.96 -38.53
N PHE H 290 5.64 10.21 -38.69
CA PHE H 290 5.68 9.05 -39.59
C PHE H 290 5.95 7.79 -38.79
N TYR H 291 5.21 6.73 -39.10
CA TYR H 291 5.50 5.41 -38.55
C TYR H 291 5.90 4.49 -39.71
N THR H 292 7.10 3.93 -39.60
CA THR H 292 7.72 3.24 -40.73
C THR H 292 8.60 2.07 -40.31
N THR H 293 8.93 1.24 -41.30
CA THR H 293 9.97 0.24 -41.13
C THR H 293 11.32 0.84 -41.55
N VAL H 294 12.39 0.05 -41.47
CA VAL H 294 13.74 0.56 -41.70
C VAL H 294 13.99 1.00 -43.14
N ASP H 295 13.27 0.42 -44.10
CA ASP H 295 13.44 0.78 -45.51
C ASP H 295 13.31 2.29 -45.73
N PHE H 296 12.28 2.85 -45.11
CA PHE H 296 12.01 4.27 -45.18
C PHE H 296 13.14 5.09 -44.54
N LEU H 297 13.69 4.57 -43.44
CA LEU H 297 14.75 5.25 -42.72
C LEU H 297 16.01 5.45 -43.57
N ARG H 298 16.35 4.44 -44.36
CA ARG H 298 17.54 4.48 -45.20
C ARG H 298 17.49 5.67 -46.15
N LEU H 299 16.28 6.05 -46.54
CA LEU H 299 16.08 7.05 -47.59
C LEU H 299 15.68 8.42 -47.06
N ILE H 300 15.52 8.53 -45.74
CA ILE H 300 15.15 9.81 -45.12
C ILE H 300 16.12 10.94 -45.49
N PRO H 301 17.43 10.70 -45.42
CA PRO H 301 18.38 11.77 -45.78
C PRO H 301 18.16 12.28 -47.20
N ALA H 302 18.02 11.36 -48.15
CA ALA H 302 17.78 11.73 -49.54
C ALA H 302 16.44 12.44 -49.70
N ILE H 303 15.40 11.90 -49.06
CA ILE H 303 14.06 12.46 -49.15
C ILE H 303 13.99 13.87 -48.58
N LEU H 304 14.69 14.11 -47.47
CA LEU H 304 14.68 15.43 -46.85
C LEU H 304 15.54 16.41 -47.63
N ASP H 305 16.61 15.91 -48.24
CA ASP H 305 17.43 16.73 -49.12
C ASP H 305 16.59 17.24 -50.28
N SER H 306 15.85 16.33 -50.90
CA SER H 306 14.96 16.69 -51.99
C SER H 306 13.89 17.67 -51.55
N THR H 307 13.25 17.37 -50.42
CA THR H 307 12.18 18.20 -49.91
C THR H 307 12.66 19.61 -49.57
N ARG H 308 13.87 19.73 -49.04
CA ARG H 308 14.42 21.04 -48.71
C ARG H 308 14.68 21.86 -49.98
N LYS H 309 15.23 21.21 -50.99
CA LYS H 309 15.55 21.89 -52.24
C LYS H 309 14.29 22.33 -53.00
N ASN H 310 13.22 21.55 -52.89
CA ASN H 310 11.95 21.92 -53.51
C ASN H 310 11.16 22.94 -52.67
N PHE H 311 11.50 23.05 -51.39
CA PHE H 311 10.89 24.02 -50.50
C PHE H 311 11.96 24.79 -49.73
N PRO H 312 12.77 25.59 -50.44
CA PRO H 312 13.99 26.18 -49.88
C PRO H 312 13.76 27.19 -48.75
N LYS H 313 12.55 27.73 -48.62
CA LYS H 313 12.25 28.68 -47.53
C LYS H 313 11.86 27.99 -46.23
N VAL H 314 11.58 26.69 -46.29
CA VAL H 314 11.08 25.96 -45.13
C VAL H 314 12.21 25.50 -44.23
N ASN H 315 12.09 25.80 -42.94
CA ASN H 315 13.00 25.26 -41.93
C ASN H 315 12.48 23.92 -41.46
N LYS H 317 13.38 20.22 -39.41
CA LYS H 317 14.21 19.51 -38.46
C LYS H 317 13.75 18.07 -38.27
N ILE H 318 14.68 17.19 -37.93
CA ILE H 318 14.33 15.90 -37.36
C ILE H 318 14.32 16.09 -35.85
N ASP H 319 13.15 15.93 -35.24
CA ASP H 319 13.03 16.04 -33.79
C ASP H 319 13.47 14.74 -33.14
N GLU H 320 13.06 13.62 -33.72
CA GLU H 320 13.26 12.33 -33.10
C GLU H 320 13.09 11.18 -34.08
N ILE H 321 13.89 10.13 -33.90
CA ILE H 321 13.66 8.84 -34.55
C ILE H 321 13.81 7.80 -33.45
N THR H 322 12.73 7.10 -33.14
CA THR H 322 12.74 6.12 -32.05
C THR H 322 12.08 4.82 -32.47
N PRO H 323 12.63 3.69 -32.00
CA PRO H 323 11.92 2.43 -32.24
C PRO H 323 10.66 2.41 -31.39
N ALA H 325 7.84 0.49 -29.02
CA ALA H 325 7.70 -0.62 -28.08
C ALA H 325 6.29 -1.20 -28.13
N VAL I 5 -25.78 -9.17 -10.02
CA VAL I 5 -26.48 -8.81 -11.25
C VAL I 5 -26.12 -9.81 -12.35
N LEU I 6 -27.13 -10.32 -13.04
CA LEU I 6 -26.93 -11.37 -14.04
C LEU I 6 -26.77 -10.82 -15.45
N GLN I 7 -25.57 -10.97 -16.01
CA GLN I 7 -25.33 -10.63 -17.41
C GLN I 7 -25.41 -11.90 -18.26
N ASP I 8 -24.26 -12.57 -18.46
CA ASP I 8 -24.24 -13.82 -19.21
C ASP I 8 -25.04 -14.88 -18.45
N ILE I 9 -25.94 -15.56 -19.17
CA ILE I 9 -26.75 -16.63 -18.57
C ILE I 9 -25.87 -17.73 -18.01
N ASP I 10 -24.63 -17.82 -18.48
CA ASP I 10 -23.65 -18.77 -17.93
C ASP I 10 -23.59 -18.70 -16.40
N GLY I 11 -23.92 -17.54 -15.85
CA GLY I 11 -23.86 -17.32 -14.41
C GLY I 11 -24.87 -18.10 -13.59
N ILE I 12 -25.90 -18.65 -14.22
CA ILE I 12 -26.90 -19.43 -13.47
C ILE I 12 -26.46 -20.89 -13.32
N PHE I 13 -25.52 -21.31 -14.16
CA PHE I 13 -25.00 -22.66 -14.12
C PHE I 13 -23.79 -22.71 -13.20
N ASP I 14 -23.98 -23.29 -12.01
CA ASP I 14 -22.92 -23.34 -11.01
C ASP I 14 -22.05 -24.59 -11.17
N SER I 15 -22.46 -25.50 -12.05
CA SER I 15 -21.74 -26.77 -12.22
C SER I 15 -21.36 -27.02 -13.68
N GLN I 16 -20.36 -27.87 -13.86
CA GLN I 16 -19.84 -28.20 -15.18
C GLN I 16 -19.21 -29.59 -15.13
N ALA I 17 -19.28 -30.31 -16.24
CA ALA I 17 -18.64 -31.60 -16.34
C ALA I 17 -18.04 -31.80 -17.74
N ILE I 18 -16.97 -32.59 -17.80
CA ILE I 18 -16.38 -32.97 -19.07
C ILE I 18 -16.57 -34.46 -19.26
N LEU I 19 -17.46 -34.82 -20.18
CA LEU I 19 -17.72 -36.22 -20.48
C LEU I 19 -16.70 -36.71 -21.49
N ALA I 20 -16.27 -37.96 -21.33
CA ALA I 20 -15.32 -38.55 -22.25
C ALA I 20 -15.75 -39.98 -22.56
N GLY I 21 -15.45 -40.44 -23.76
CA GLY I 21 -15.84 -41.78 -24.18
C GLY I 21 -15.25 -42.17 -25.51
N ARG I 22 -15.45 -43.43 -25.88
CA ARG I 22 -14.96 -43.97 -27.14
C ARG I 22 -16.07 -44.80 -27.76
N PHE I 23 -16.29 -44.64 -29.05
CA PHE I 23 -17.17 -45.54 -29.77
C PHE I 23 -16.41 -46.21 -30.89
N HIS I 24 -16.63 -47.52 -31.07
CA HIS I 24 -15.90 -48.29 -32.06
C HIS I 24 -16.61 -48.18 -33.40
N ASN I 25 -15.85 -47.78 -34.42
CA ASN I 25 -16.41 -47.31 -35.68
C ASN I 25 -15.21 -46.82 -36.49
N ASP I 26 -15.30 -46.89 -37.81
CA ASP I 26 -14.14 -46.63 -38.65
C ASP I 26 -13.68 -45.17 -38.57
N LEU I 27 -14.62 -44.25 -38.34
CA LEU I 27 -14.25 -42.84 -38.14
C LEU I 27 -13.33 -42.66 -36.94
N THR I 28 -13.57 -43.43 -35.88
CA THR I 28 -12.74 -43.36 -34.68
C THR I 28 -11.34 -43.91 -34.95
N VAL I 29 -11.26 -45.02 -35.67
CA VAL I 29 -9.99 -45.67 -35.97
C VAL I 29 -9.04 -44.72 -36.70
N ILE I 30 -9.55 -44.04 -37.72
CA ILE I 30 -8.73 -43.13 -38.52
C ILE I 30 -8.38 -41.86 -37.75
N ASN I 31 -9.30 -41.39 -36.92
CA ASN I 31 -9.03 -40.23 -36.06
C ASN I 31 -7.80 -40.51 -35.23
N GLU I 32 -7.77 -41.68 -34.61
CA GLU I 32 -6.63 -42.08 -33.80
C GLU I 32 -5.42 -42.41 -34.67
N LYS I 33 -5.65 -43.10 -35.79
CA LYS I 33 -4.54 -43.60 -36.60
C LYS I 33 -3.73 -42.45 -37.20
N TYR I 34 -4.42 -41.38 -37.61
CA TYR I 34 -3.75 -40.29 -38.32
C TYR I 34 -3.83 -38.91 -37.63
N ASP I 35 -4.05 -38.92 -36.31
CA ASP I 35 -4.02 -37.69 -35.52
C ASP I 35 -4.95 -36.60 -36.07
N LEU I 36 -6.18 -36.99 -36.40
CA LEU I 36 -7.15 -36.04 -36.92
C LEU I 36 -7.89 -35.38 -35.77
N PHE I 37 -8.56 -34.26 -36.09
CA PHE I 37 -9.37 -33.55 -35.12
C PHE I 37 -10.77 -33.34 -35.68
N TYR I 38 -11.76 -33.87 -34.97
CA TYR I 38 -13.16 -33.64 -35.30
C TYR I 38 -13.79 -32.69 -34.31
N LEU I 39 -14.64 -31.80 -34.81
CA LEU I 39 -15.60 -31.11 -33.97
C LEU I 39 -16.89 -31.91 -34.00
N LEU I 41 -20.82 -31.80 -33.09
CA LEU I 41 -21.96 -30.94 -32.81
C LEU I 41 -23.15 -31.77 -32.36
N PRO I 42 -23.56 -31.64 -31.09
CA PRO I 42 -24.74 -32.38 -30.64
C PRO I 42 -26.02 -31.85 -31.29
N THR I 43 -26.88 -32.75 -31.73
CA THR I 43 -28.16 -32.37 -32.32
C THR I 43 -29.26 -33.23 -31.73
N ILE I 44 -30.39 -32.61 -31.42
CA ILE I 44 -31.57 -33.34 -30.94
C ILE I 44 -32.69 -33.27 -31.95
N ASN I 45 -33.52 -34.31 -31.98
CA ASN I 45 -34.71 -34.32 -32.81
C ASN I 45 -35.93 -34.10 -31.94
N GLU I 46 -37.12 -34.19 -32.53
CA GLU I 46 -38.34 -33.87 -31.82
C GLU I 46 -38.58 -34.79 -30.64
N LYS I 47 -37.99 -35.99 -30.67
CA LYS I 47 -38.19 -36.93 -29.58
C LYS I 47 -37.05 -36.84 -28.56
N LYS I 48 -36.24 -35.79 -28.68
CA LYS I 48 -35.16 -35.51 -27.75
C LYS I 48 -34.08 -36.59 -27.75
N ILE I 49 -33.90 -37.25 -28.89
CA ILE I 49 -32.81 -38.19 -29.07
C ILE I 49 -31.57 -37.44 -29.56
N VAL I 50 -30.44 -37.67 -28.90
CA VAL I 50 -29.20 -36.97 -29.25
C VAL I 50 -28.45 -37.68 -30.38
N SER I 51 -28.02 -36.89 -31.36
CA SER I 51 -27.20 -37.37 -32.46
C SER I 51 -26.03 -36.41 -32.59
N PHE I 52 -25.16 -36.63 -33.57
CA PHE I 52 -24.02 -35.76 -33.78
C PHE I 52 -23.71 -35.48 -35.24
N TYR I 53 -23.33 -34.24 -35.51
CA TYR I 53 -22.64 -33.89 -36.74
C TYR I 53 -21.16 -33.89 -36.46
N ILE I 54 -20.37 -34.38 -37.42
CA ILE I 54 -18.92 -34.39 -37.31
C ILE I 54 -18.35 -33.46 -38.37
N PHE I 55 -17.43 -32.61 -37.94
CA PHE I 55 -16.80 -31.65 -38.84
C PHE I 55 -15.30 -31.91 -38.91
N LEU I 56 -14.79 -31.96 -40.14
CA LEU I 56 -13.37 -32.18 -40.35
C LEU I 56 -12.83 -31.19 -41.37
N GLN I 57 -11.77 -30.50 -41.00
CA GLN I 57 -11.12 -29.55 -41.89
C GLN I 57 -10.38 -30.33 -42.97
N ASP I 58 -10.68 -30.04 -44.24
CA ASP I 58 -10.07 -30.78 -45.35
C ASP I 58 -8.55 -30.61 -45.38
N ASP I 59 -8.08 -29.40 -45.09
CA ASP I 59 -6.66 -29.11 -45.18
C ASP I 59 -5.86 -29.71 -44.01
N GLN I 60 -6.57 -30.31 -43.06
CA GLN I 60 -5.94 -31.01 -41.95
C GLN I 60 -5.77 -32.50 -42.21
N ILE I 61 -6.15 -32.95 -43.40
CA ILE I 61 -5.93 -34.33 -43.81
C ILE I 61 -4.51 -34.51 -44.35
N PRO I 62 -3.71 -35.38 -43.71
CA PRO I 62 -2.38 -35.58 -44.30
C PRO I 62 -2.49 -36.24 -45.68
N GLU I 63 -1.96 -35.57 -46.71
CA GLU I 63 -2.09 -36.04 -48.09
C GLU I 63 -1.47 -37.42 -48.27
N ARG I 64 -0.45 -37.71 -47.46
CA ARG I 64 0.25 -38.98 -47.53
C ARG I 64 -0.80 -40.10 -47.50
N HIS I 65 -1.82 -39.92 -46.65
CA HIS I 65 -2.89 -40.90 -46.49
C HIS I 65 -4.28 -40.42 -46.94
N ARG I 66 -4.37 -39.37 -47.74
CA ARG I 66 -5.69 -38.86 -48.14
C ARG I 66 -6.57 -39.94 -48.74
N GLU I 67 -6.01 -40.77 -49.60
CA GLU I 67 -6.78 -41.82 -50.28
C GLU I 67 -7.51 -42.71 -49.29
N GLU I 68 -6.78 -43.26 -48.32
CA GLU I 68 -7.38 -44.15 -47.33
C GLU I 68 -8.43 -43.42 -46.49
N ILE I 69 -8.12 -42.20 -46.08
CA ILE I 69 -9.00 -41.44 -45.22
C ILE I 69 -10.30 -41.08 -45.93
N GLU I 70 -10.20 -40.62 -47.18
CA GLU I 70 -11.39 -40.24 -47.93
C GLU I 70 -12.32 -41.42 -48.16
N SER I 71 -11.75 -42.60 -48.39
CA SER I 71 -12.55 -43.78 -48.65
C SER I 71 -13.36 -44.18 -47.42
N VAL I 72 -12.80 -43.94 -46.24
CA VAL I 72 -13.52 -44.19 -45.00
C VAL I 72 -14.60 -43.13 -44.78
N LEU I 73 -14.27 -41.88 -45.07
CA LEU I 73 -15.21 -40.79 -44.87
C LEU I 73 -16.42 -40.89 -45.79
N ASN I 74 -16.20 -41.29 -47.04
CA ASN I 74 -17.26 -41.34 -48.03
C ASN I 74 -18.34 -42.39 -47.74
N LYS I 75 -18.03 -43.35 -46.89
CA LYS I 75 -19.00 -44.36 -46.48
C LYS I 75 -20.11 -43.78 -45.58
N PHE I 76 -19.90 -42.56 -45.10
CA PHE I 76 -20.81 -41.94 -44.14
C PHE I 76 -21.62 -40.80 -44.75
N ASN I 77 -21.72 -40.79 -46.08
CA ASN I 77 -22.55 -39.83 -46.80
C ASN I 77 -22.17 -38.38 -46.49
N PRO I 78 -20.89 -38.04 -46.69
CA PRO I 78 -20.41 -36.71 -46.30
C PRO I 78 -20.87 -35.60 -47.25
N VAL I 79 -20.95 -34.39 -46.72
CA VAL I 79 -21.13 -33.18 -47.53
C VAL I 79 -19.87 -32.34 -47.39
N ILE I 80 -19.28 -31.97 -48.53
CA ILE I 80 -18.06 -31.18 -48.53
C ILE I 80 -18.35 -29.77 -49.06
N LYS I 81 -18.00 -28.78 -48.25
CA LYS I 81 -18.33 -27.40 -48.56
C LYS I 81 -17.44 -26.47 -47.74
N ASN I 82 -16.94 -25.41 -48.37
CA ASN I 82 -16.08 -24.44 -47.69
C ASN I 82 -14.89 -25.10 -47.00
N GLY I 83 -14.31 -26.10 -47.65
CA GLY I 83 -13.12 -26.77 -47.14
C GLY I 83 -13.39 -27.67 -45.94
N ILE I 84 -14.66 -27.99 -45.71
CA ILE I 84 -15.05 -28.74 -44.52
C ILE I 84 -15.88 -29.97 -44.88
N TRP I 85 -15.51 -31.11 -44.28
CA TRP I 85 -16.31 -32.33 -44.38
C TRP I 85 -17.35 -32.36 -43.28
N LYS I 86 -18.61 -32.54 -43.65
CA LYS I 86 -19.69 -32.68 -42.67
C LYS I 86 -20.31 -34.07 -42.76
N ILE I 87 -20.35 -34.75 -41.62
CA ILE I 87 -20.88 -36.11 -41.54
C ILE I 87 -21.92 -36.21 -40.44
N TYR I 88 -23.07 -36.78 -40.77
CA TYR I 88 -24.13 -37.00 -39.80
C TYR I 88 -24.08 -38.40 -39.22
N LEU I 89 -24.10 -38.49 -37.89
CA LEU I 89 -24.17 -39.77 -37.19
C LEU I 89 -25.55 -39.98 -36.58
N ASP I 90 -26.33 -40.83 -37.24
CA ASP I 90 -27.69 -41.15 -36.83
C ASP I 90 -27.67 -42.07 -35.60
N THR I 91 -28.83 -42.24 -34.97
CA THR I 91 -28.98 -43.04 -33.77
C THR I 91 -28.39 -44.44 -33.90
N GLU I 92 -28.56 -45.08 -35.06
CA GLU I 92 -28.06 -46.44 -35.23
C GLU I 92 -26.54 -46.51 -35.42
N SER I 93 -25.97 -45.64 -36.24
CA SER I 93 -24.51 -45.62 -36.45
C SER I 93 -23.75 -45.16 -35.20
N PHE I 94 -24.49 -44.63 -34.22
CA PHE I 94 -23.91 -43.99 -33.05
C PHE I 94 -24.49 -44.61 -31.77
N LYS I 95 -23.94 -45.75 -31.38
CA LYS I 95 -24.50 -46.58 -30.31
C LYS I 95 -24.70 -45.81 -29.02
N LEU I 96 -23.77 -44.92 -28.70
CA LEU I 96 -23.83 -44.17 -27.46
C LEU I 96 -24.97 -43.14 -27.44
N SER I 97 -25.79 -43.12 -28.50
CA SER I 97 -26.97 -42.26 -28.52
C SER I 97 -27.90 -42.35 -27.30
N GLU I 98 -27.88 -43.45 -26.56
CA GLU I 98 -28.86 -43.60 -25.48
C GLU I 98 -28.35 -43.05 -24.14
N PRO I 99 -27.03 -43.12 -23.87
CA PRO I 99 -26.62 -42.42 -22.65
C PRO I 99 -26.74 -40.90 -22.76
N PHE I 100 -26.29 -40.36 -23.89
CA PHE I 100 -26.32 -38.91 -24.10
C PHE I 100 -27.74 -38.36 -24.14
N SER I 101 -28.67 -39.16 -24.65
CA SER I 101 -30.08 -38.77 -24.63
C SER I 101 -30.59 -38.73 -23.19
N THR I 102 -30.11 -39.66 -22.37
CA THR I 102 -30.46 -39.69 -20.95
C THR I 102 -29.91 -38.45 -20.23
N PHE I 103 -28.65 -38.11 -20.50
CA PHE I 103 -28.05 -36.92 -19.89
C PHE I 103 -28.85 -35.68 -20.27
N PHE I 104 -29.17 -35.59 -21.55
CA PHE I 104 -29.90 -34.44 -22.08
C PHE I 104 -31.24 -34.26 -21.39
N GLY I 105 -31.89 -35.37 -21.07
CA GLY I 105 -33.20 -35.34 -20.45
C GLY I 105 -33.18 -34.76 -19.05
N ILE I 106 -32.00 -34.70 -18.45
CA ILE I 106 -31.85 -34.04 -17.15
C ILE I 106 -32.00 -32.55 -17.39
N ASP I 107 -32.94 -31.94 -16.67
CA ASP I 107 -33.50 -30.64 -17.05
C ASP I 107 -32.48 -29.53 -17.28
N SER I 108 -31.53 -29.33 -16.35
CA SER I 108 -30.64 -28.19 -16.44
C SER I 108 -29.40 -28.43 -17.30
N ILE I 109 -29.26 -29.63 -17.85
CA ILE I 109 -28.07 -29.98 -18.62
C ILE I 109 -28.02 -29.25 -19.96
N VAL I 110 -26.91 -28.56 -20.19
CA VAL I 110 -26.68 -27.88 -21.45
C VAL I 110 -25.45 -28.48 -22.14
N PHE I 111 -25.65 -28.97 -23.36
CA PHE I 111 -24.54 -29.54 -24.13
C PHE I 111 -23.75 -28.44 -24.83
N ASP I 112 -22.43 -28.49 -24.70
CA ASP I 112 -21.55 -27.60 -25.44
C ASP I 112 -21.00 -28.35 -26.67
N GLY I 114 -18.51 -30.42 -28.78
CA GLY I 114 -17.60 -31.49 -28.41
C GLY I 114 -16.52 -31.65 -29.47
N SER I 115 -15.62 -32.60 -29.24
CA SER I 115 -14.58 -32.90 -30.20
C SER I 115 -14.17 -34.36 -30.13
N LYS I 117 -10.40 -36.45 -30.59
CA LYS I 117 -8.96 -36.38 -30.81
C LYS I 117 -8.32 -37.60 -30.19
N GLY I 118 -7.37 -38.20 -30.90
CA GLY I 118 -6.74 -39.43 -30.45
C GLY I 118 -7.74 -40.56 -30.27
N GLY I 119 -8.83 -40.50 -31.01
CA GLY I 119 -9.86 -41.51 -30.95
C GLY I 119 -10.80 -41.36 -29.76
N GLU I 120 -10.57 -40.33 -28.94
CA GLU I 120 -11.43 -40.10 -27.78
C GLU I 120 -12.31 -38.89 -27.95
N LEU I 122 -14.71 -35.92 -26.47
CA LEU I 122 -14.84 -35.05 -25.31
C LEU I 122 -16.07 -34.16 -25.48
N LEU I 123 -16.95 -34.17 -24.48
CA LEU I 123 -18.18 -33.39 -24.52
C LEU I 123 -18.40 -32.62 -23.22
N PRO I 124 -18.26 -31.29 -23.25
CA PRO I 124 -18.54 -30.50 -22.05
C PRO I 124 -20.04 -30.28 -21.84
N VAL I 125 -20.47 -30.27 -20.59
CA VAL I 125 -21.84 -29.90 -20.26
C VAL I 125 -21.84 -28.95 -19.09
N ARG I 126 -22.82 -28.06 -19.07
CA ARG I 126 -23.02 -27.13 -17.97
C ARG I 126 -24.42 -27.37 -17.40
N PHE I 127 -24.56 -27.22 -16.09
CA PHE I 127 -25.82 -27.53 -15.43
C PHE I 127 -25.89 -26.93 -14.05
N ILE I 128 -27.00 -27.20 -13.36
CA ILE I 128 -27.25 -26.67 -12.03
C ILE I 128 -27.08 -27.81 -11.03
N SER I 129 -26.42 -27.52 -9.91
CA SER I 129 -25.85 -28.56 -9.06
C SER I 129 -26.86 -29.56 -8.48
N LYS I 130 -28.13 -29.16 -8.36
CA LYS I 130 -29.14 -30.10 -7.88
C LYS I 130 -29.24 -31.32 -8.79
N ASP I 131 -28.86 -31.16 -10.06
CA ASP I 131 -28.94 -32.24 -11.04
C ASP I 131 -27.66 -33.08 -11.13
N LYS I 132 -26.68 -32.79 -10.28
CA LYS I 132 -25.39 -33.50 -10.34
C LYS I 132 -25.53 -35.00 -10.11
N ASP I 133 -26.26 -35.38 -9.07
CA ASP I 133 -26.36 -36.78 -8.70
C ASP I 133 -27.07 -37.60 -9.78
N ALA I 134 -28.05 -36.99 -10.44
CA ALA I 134 -28.76 -37.65 -11.52
C ALA I 134 -27.83 -37.92 -12.69
N LEU I 135 -26.96 -36.96 -12.99
CA LEU I 135 -25.99 -37.11 -14.07
C LEU I 135 -24.98 -38.21 -13.76
N VAL I 136 -24.43 -38.17 -12.55
CA VAL I 136 -23.45 -39.16 -12.11
C VAL I 136 -24.06 -40.57 -12.14
N ASN I 137 -25.29 -40.68 -11.63
CA ASN I 137 -25.94 -41.98 -11.55
C ASN I 137 -26.19 -42.61 -12.91
N SER I 138 -26.55 -41.81 -13.91
CA SER I 138 -26.79 -42.36 -15.24
C SER I 138 -25.48 -42.74 -15.91
N ILE I 139 -24.40 -42.05 -15.57
CA ILE I 139 -23.08 -42.43 -16.06
C ILE I 139 -22.64 -43.76 -15.45
N ILE I 140 -22.91 -43.95 -14.16
CA ILE I 140 -22.56 -45.19 -13.48
C ILE I 140 -23.45 -46.34 -13.92
N ASP I 141 -24.75 -46.06 -14.07
CA ASP I 141 -25.68 -47.08 -14.56
C ASP I 141 -25.29 -47.48 -15.98
N SER I 142 -24.98 -46.48 -16.80
CA SER I 142 -24.54 -46.72 -18.16
C SER I 142 -23.32 -47.64 -18.21
N ALA I 143 -22.42 -47.48 -17.24
CA ALA I 143 -21.21 -48.30 -17.20
C ALA I 143 -21.52 -49.75 -16.85
N GLY I 144 -22.71 -49.98 -16.30
CA GLY I 144 -23.12 -51.31 -15.92
C GLY I 144 -23.70 -52.04 -17.11
N TYR I 145 -24.02 -51.28 -18.16
CA TYR I 145 -24.45 -51.88 -19.42
C TYR I 145 -23.33 -52.09 -20.42
N GLY I 146 -22.07 -51.80 -20.04
CA GLY I 146 -20.97 -52.00 -20.95
C GLY I 146 -20.28 -50.69 -21.32
N GLU I 147 -21.08 -49.64 -21.34
CA GLU I 147 -20.73 -48.32 -21.88
C GLU I 147 -19.49 -47.70 -21.25
N ASN I 148 -18.59 -47.17 -22.06
CA ASN I 148 -17.32 -46.65 -21.56
C ASN I 148 -17.26 -45.13 -21.39
N ILE I 149 -18.41 -44.51 -21.11
CA ILE I 149 -18.43 -43.06 -20.87
C ILE I 149 -17.94 -42.79 -19.46
N TYR I 150 -17.09 -41.78 -19.30
CA TYR I 150 -16.57 -41.42 -17.99
C TYR I 150 -16.39 -39.92 -17.85
N LEU I 151 -15.92 -39.50 -16.67
CA LEU I 151 -15.77 -38.09 -16.35
C LEU I 151 -14.31 -37.70 -16.20
N ARG I 152 -13.90 -36.71 -16.99
CA ARG I 152 -12.58 -36.11 -16.83
C ARG I 152 -12.65 -34.92 -15.90
N TYR I 153 -13.87 -34.47 -15.63
CA TYR I 153 -14.10 -33.35 -14.72
C TYR I 153 -15.56 -33.30 -14.30
N ILE I 154 -15.79 -33.04 -13.01
CA ILE I 154 -17.11 -32.61 -12.55
C ILE I 154 -16.95 -31.77 -11.29
N GLY I 155 -17.57 -30.60 -11.30
CA GLY I 155 -17.45 -29.67 -10.19
C GLY I 155 -18.03 -28.33 -10.56
N GLN I 156 -17.43 -27.26 -10.02
CA GLN I 156 -17.91 -25.92 -10.29
C GLN I 156 -17.78 -25.56 -11.77
N ASN I 157 -18.67 -24.71 -12.25
CA ASN I 157 -18.58 -24.21 -13.61
C ASN I 157 -17.39 -23.29 -13.77
N LYS I 158 -16.44 -23.73 -14.60
CA LYS I 158 -15.26 -22.93 -14.88
C LYS I 158 -15.53 -21.88 -15.95
N GLY I 159 -16.73 -21.93 -16.53
CA GLY I 159 -17.13 -20.99 -17.56
C GLY I 159 -17.37 -21.69 -18.88
N PHE I 160 -18.30 -21.15 -19.67
CA PHE I 160 -18.56 -21.67 -21.01
C PHE I 160 -17.28 -21.74 -21.84
N ASP I 161 -16.36 -20.80 -21.58
CA ASP I 161 -15.14 -20.71 -22.38
C ASP I 161 -14.10 -21.77 -22.00
N TYR I 162 -14.22 -22.33 -20.80
CA TYR I 162 -13.37 -23.46 -20.44
C TYR I 162 -13.70 -24.69 -21.32
N SER I 163 -14.97 -24.80 -21.73
CA SER I 163 -15.38 -25.88 -22.61
C SER I 163 -14.51 -25.93 -23.87
N PHE I 164 -14.15 -24.76 -24.40
CA PHE I 164 -13.35 -24.70 -25.62
C PHE I 164 -11.98 -25.33 -25.38
N ILE I 165 -11.42 -25.06 -24.20
CA ILE I 165 -10.13 -25.60 -23.80
C ILE I 165 -10.23 -27.10 -23.53
N ALA I 166 -11.31 -27.50 -22.88
CA ALA I 166 -11.52 -28.90 -22.53
C ALA I 166 -11.52 -29.81 -23.76
N ILE I 167 -12.09 -29.33 -24.86
CA ILE I 167 -12.18 -30.13 -26.09
C ILE I 167 -10.96 -29.97 -26.99
N LYS I 168 -9.94 -29.27 -26.50
CA LYS I 168 -8.64 -29.18 -27.17
C LYS I 168 -8.74 -28.38 -28.47
N LEU I 169 -9.65 -27.42 -28.53
CA LEU I 169 -9.75 -26.52 -29.67
C LEU I 169 -8.67 -25.45 -29.60
N LEU I 170 -7.77 -25.45 -30.58
CA LEU I 170 -6.62 -24.56 -30.58
C LEU I 170 -6.88 -23.30 -31.41
N ASP I 171 -7.90 -23.35 -32.27
CA ASP I 171 -8.25 -22.23 -33.12
C ASP I 171 -8.66 -21.00 -32.31
N GLN I 172 -8.35 -19.82 -32.85
CA GLN I 172 -8.80 -18.57 -32.29
C GLN I 172 -10.33 -18.53 -32.25
N VAL I 173 -10.87 -18.18 -31.08
CA VAL I 173 -12.32 -18.03 -30.93
C VAL I 173 -12.68 -16.54 -30.97
N TYR I 174 -13.83 -16.24 -31.57
CA TYR I 174 -14.30 -14.86 -31.70
C TYR I 174 -15.68 -14.72 -31.07
N LYS I 175 -15.96 -13.53 -30.53
CA LYS I 175 -17.28 -13.22 -30.01
C LYS I 175 -18.01 -12.26 -30.94
N LEU I 176 -19.16 -12.70 -31.44
CA LEU I 176 -20.01 -11.86 -32.29
C LEU I 176 -21.26 -11.44 -31.52
N THR I 177 -21.54 -10.14 -31.54
CA THR I 177 -22.73 -9.61 -30.89
C THR I 177 -23.64 -8.96 -31.92
N LEU I 178 -24.86 -9.48 -32.00
CA LEU I 178 -25.90 -8.89 -32.84
C LEU I 178 -26.96 -8.25 -31.96
N SER I 179 -27.54 -7.16 -32.44
CA SER I 179 -28.64 -6.52 -31.73
C SER I 179 -29.81 -6.30 -32.67
N ILE I 180 -31.01 -6.46 -32.13
CA ILE I 180 -32.25 -6.29 -32.87
C ILE I 180 -33.16 -5.40 -32.03
N ASP I 181 -33.38 -4.18 -32.47
CA ASP I 181 -34.08 -3.19 -31.65
C ASP I 181 -35.60 -3.21 -31.82
N ASN I 182 -36.10 -4.04 -32.74
CA ASN I 182 -37.54 -4.13 -32.99
C ASN I 182 -38.05 -5.57 -33.11
N PRO I 183 -37.65 -6.45 -32.18
CA PRO I 183 -38.00 -7.88 -32.28
C PRO I 183 -39.50 -8.14 -32.22
N HIS I 184 -40.28 -7.20 -31.69
CA HIS I 184 -41.73 -7.32 -31.59
C HIS I 184 -42.36 -7.52 -32.97
N VAL I 185 -41.61 -7.15 -34.00
CA VAL I 185 -42.03 -7.26 -35.38
C VAL I 185 -42.17 -8.73 -35.81
N HIS I 187 -43.35 -10.93 -33.52
CA HIS I 187 -44.39 -11.44 -32.62
C HIS I 187 -43.84 -12.61 -31.80
N GLY I 188 -44.71 -13.56 -31.46
CA GLY I 188 -44.30 -14.70 -30.67
C GLY I 188 -43.85 -14.27 -29.29
N ILE I 189 -42.68 -14.74 -28.88
CA ILE I 189 -42.14 -14.43 -27.56
C ILE I 189 -41.79 -12.94 -27.40
N PHE I 190 -41.85 -12.20 -28.51
CA PHE I 190 -41.53 -10.78 -28.50
C PHE I 190 -42.78 -9.90 -28.63
N ALA I 191 -43.96 -10.51 -28.60
CA ALA I 191 -45.21 -9.80 -28.86
C ALA I 191 -45.55 -8.77 -27.77
N GLU I 192 -45.27 -9.11 -26.52
CA GLU I 192 -45.59 -8.24 -25.39
C GLU I 192 -44.59 -7.09 -25.26
N THR I 193 -45.04 -5.88 -25.57
CA THR I 193 -44.18 -4.70 -25.57
C THR I 193 -44.50 -3.70 -24.46
N LYS I 194 -45.58 -3.94 -23.72
CA LYS I 194 -46.04 -3.00 -22.70
C LYS I 194 -45.41 -3.25 -21.34
N LYS I 195 -45.11 -4.51 -21.04
CA LYS I 195 -44.47 -4.88 -19.78
C LYS I 195 -42.95 -4.91 -19.93
N ASN I 196 -42.24 -4.51 -18.88
CA ASN I 196 -40.78 -4.46 -18.93
C ASN I 196 -40.18 -5.85 -18.73
N ILE I 197 -40.55 -6.77 -19.63
CA ILE I 197 -40.08 -8.15 -19.56
C ILE I 197 -38.60 -8.22 -19.84
N ALA I 198 -37.90 -9.05 -19.06
CA ALA I 198 -36.47 -9.25 -19.25
C ALA I 198 -36.10 -10.72 -19.04
N TRP I 199 -35.34 -11.29 -19.97
CA TRP I 199 -34.83 -12.64 -19.78
C TRP I 199 -33.52 -12.91 -20.52
N ARG I 200 -32.91 -14.04 -20.17
CA ARG I 200 -31.74 -14.58 -20.87
C ARG I 200 -32.11 -15.97 -21.36
N ARG I 201 -31.41 -16.45 -22.38
CA ARG I 201 -31.75 -17.74 -22.97
C ARG I 201 -30.54 -18.47 -23.55
N GLU I 202 -30.49 -19.78 -23.35
CA GLU I 202 -29.50 -20.63 -23.98
C GLU I 202 -30.11 -21.99 -24.28
N SER I 203 -29.84 -22.53 -25.46
CA SER I 203 -30.34 -23.83 -25.84
C SER I 203 -29.61 -24.95 -25.11
N LYS I 204 -30.33 -26.02 -24.79
CA LYS I 204 -29.73 -27.20 -24.19
C LYS I 204 -28.92 -27.96 -25.23
N ALA I 205 -29.26 -27.79 -26.50
CA ALA I 205 -28.53 -28.42 -27.60
C ALA I 205 -28.10 -27.37 -28.63
N PRO I 206 -26.82 -27.41 -29.07
CA PRO I 206 -26.34 -26.38 -30.00
C PRO I 206 -27.06 -26.41 -31.33
N HIS I 207 -27.48 -27.59 -31.76
CA HIS I 207 -28.25 -27.76 -32.99
C HIS I 207 -29.46 -28.61 -32.69
N LYS I 208 -30.52 -28.43 -33.47
CA LYS I 208 -31.75 -29.17 -33.24
C LYS I 208 -32.58 -29.27 -34.51
N ASP I 209 -33.49 -30.24 -34.53
CA ASP I 209 -34.29 -30.54 -35.71
C ASP I 209 -35.76 -30.61 -35.36
N ASN I 210 -36.52 -29.61 -35.79
CA ASN I 210 -37.96 -29.55 -35.56
C ASN I 210 -38.33 -29.67 -34.09
N THR I 211 -37.66 -28.87 -33.26
CA THR I 211 -37.94 -28.85 -31.83
C THR I 211 -37.29 -27.64 -31.18
N GLU I 212 -37.71 -27.36 -29.96
CA GLU I 212 -37.09 -26.33 -29.14
C GLU I 212 -36.83 -26.90 -27.76
N ASP I 213 -35.69 -26.57 -27.18
CA ASP I 213 -35.39 -27.02 -25.83
C ASP I 213 -34.39 -26.05 -25.21
N TYR I 214 -34.94 -25.07 -24.51
CA TYR I 214 -34.18 -23.93 -24.01
C TYR I 214 -34.12 -23.89 -22.50
N ILE I 215 -33.10 -23.24 -21.98
CA ILE I 215 -33.11 -22.74 -20.61
C ILE I 215 -33.39 -21.24 -20.69
N TYR I 216 -34.50 -20.81 -20.10
CA TYR I 216 -34.80 -19.39 -19.97
C TYR I 216 -34.58 -18.94 -18.53
N ALA I 217 -33.86 -17.83 -18.36
CA ALA I 217 -33.79 -17.16 -17.08
C ALA I 217 -34.62 -15.89 -17.16
N LEU I 218 -35.74 -15.89 -16.46
CA LEU I 218 -36.73 -14.83 -16.57
C LEU I 218 -36.77 -13.99 -15.29
N ASP I 219 -36.62 -12.67 -15.43
CA ASP I 219 -36.74 -11.76 -14.30
C ASP I 219 -38.07 -12.06 -13.63
N ASP I 220 -38.05 -12.36 -12.33
CA ASP I 220 -39.21 -12.94 -11.68
C ASP I 220 -40.33 -11.94 -11.47
N THR I 221 -40.15 -10.72 -11.96
CA THR I 221 -41.24 -9.75 -12.02
C THR I 221 -42.40 -10.32 -12.84
N HIS I 222 -42.07 -11.14 -13.83
CA HIS I 222 -43.06 -11.71 -14.74
C HIS I 222 -43.04 -13.23 -14.77
N THR I 223 -44.07 -13.80 -15.40
CA THR I 223 -44.23 -15.25 -15.52
C THR I 223 -44.29 -15.62 -17.00
N ILE I 224 -44.30 -16.92 -17.30
CA ILE I 224 -44.31 -17.39 -18.68
C ILE I 224 -45.55 -16.90 -19.44
N PRO I 225 -46.74 -16.95 -18.82
CA PRO I 225 -47.92 -16.45 -19.53
C PRO I 225 -47.83 -14.98 -19.96
N ASP I 226 -47.01 -14.18 -19.27
CA ASP I 226 -46.81 -12.79 -19.67
C ASP I 226 -46.12 -12.70 -21.02
N ILE I 227 -45.29 -13.69 -21.33
CA ILE I 227 -44.59 -13.76 -22.61
C ILE I 227 -45.48 -14.30 -23.72
N LEU I 228 -46.16 -15.41 -23.43
CA LEU I 228 -46.92 -16.13 -24.44
C LEU I 228 -48.35 -15.59 -24.56
N ILE I 229 -48.52 -14.49 -25.27
CA ILE I 229 -49.83 -13.86 -25.42
C ILE I 229 -50.43 -14.13 -26.79
N ASP I 230 -49.65 -14.68 -27.72
CA ASP I 230 -50.16 -15.07 -29.02
C ASP I 230 -49.76 -16.51 -29.36
N THR I 231 -50.02 -16.92 -30.59
CA THR I 231 -49.79 -18.29 -31.03
C THR I 231 -48.66 -18.41 -32.05
N ALA I 232 -47.85 -17.36 -32.16
CA ALA I 232 -46.88 -17.25 -33.24
C ALA I 232 -45.45 -17.63 -32.85
N TYR I 233 -45.27 -18.14 -31.63
CA TYR I 233 -43.97 -18.67 -31.23
C TYR I 233 -43.73 -20.01 -31.91
N THR I 234 -42.47 -20.42 -32.02
CA THR I 234 -42.14 -21.75 -32.51
C THR I 234 -42.23 -22.74 -31.33
N GLY I 235 -42.48 -24.01 -31.64
CA GLY I 235 -42.54 -25.04 -30.61
C GLY I 235 -43.83 -25.07 -29.82
N GLU I 236 -43.73 -25.42 -28.53
CA GLU I 236 -44.88 -25.57 -27.64
C GLU I 236 -44.73 -24.75 -26.36
N LYS I 237 -45.86 -24.48 -25.70
CA LYS I 237 -45.89 -23.63 -24.53
C LYS I 237 -45.28 -24.25 -23.27
N GLY I 238 -45.03 -25.55 -23.32
CA GLY I 238 -44.65 -26.26 -22.11
C GLY I 238 -43.36 -25.76 -21.48
N THR I 239 -43.33 -25.80 -20.15
CA THR I 239 -42.13 -25.46 -19.40
C THR I 239 -41.95 -26.41 -18.22
N VAL I 240 -40.74 -26.45 -17.69
CA VAL I 240 -40.46 -27.13 -16.43
C VAL I 240 -39.71 -26.17 -15.53
N TYR I 241 -40.28 -25.88 -14.38
CA TYR I 241 -39.64 -24.97 -13.44
C TYR I 241 -38.46 -25.64 -12.78
N ILE I 242 -37.29 -25.01 -12.91
CA ILE I 242 -36.04 -25.58 -12.39
C ILE I 242 -35.70 -25.00 -11.03
N GLY I 243 -35.87 -23.69 -10.88
CA GLY I 243 -35.54 -23.00 -9.64
C GLY I 243 -35.26 -21.52 -9.85
N LYS I 244 -34.64 -20.88 -8.86
CA LYS I 244 -34.34 -19.45 -8.93
C LYS I 244 -32.84 -19.18 -8.85
N HIS I 245 -32.40 -18.17 -9.58
CA HIS I 245 -31.06 -17.60 -9.43
C HIS I 245 -31.22 -16.11 -9.18
N SER I 246 -30.92 -15.69 -7.96
CA SER I 246 -31.08 -14.30 -7.57
C SER I 246 -32.55 -13.90 -7.78
N ASN I 247 -32.80 -12.89 -8.60
CA ASN I 247 -34.16 -12.45 -8.89
C ASN I 247 -34.69 -12.98 -10.22
N TYR I 248 -34.13 -14.11 -10.65
CA TYR I 248 -34.51 -14.74 -11.91
C TYR I 248 -35.12 -16.13 -11.72
N ASP I 249 -36.22 -16.39 -12.42
CA ASP I 249 -36.79 -17.73 -12.48
C ASP I 249 -36.17 -18.53 -13.62
N ILE I 250 -35.75 -19.75 -13.33
CA ILE I 250 -35.13 -20.61 -14.34
C ILE I 250 -36.15 -21.62 -14.83
N TYR I 251 -36.31 -21.70 -16.16
CA TYR I 251 -37.23 -22.65 -16.77
C TYR I 251 -36.53 -23.45 -17.85
N ARG I 252 -36.92 -24.71 -17.97
CA ARG I 252 -36.72 -25.44 -19.21
C ARG I 252 -37.96 -25.19 -20.03
N ALA I 253 -37.80 -24.80 -21.29
CA ALA I 253 -38.93 -24.38 -22.11
C ALA I 253 -38.82 -24.90 -23.53
N PHE I 254 -39.98 -25.14 -24.14
CA PHE I 254 -40.05 -25.80 -25.44
C PHE I 254 -40.55 -24.86 -26.53
N PHE I 255 -40.40 -23.56 -26.32
CA PHE I 255 -40.75 -22.57 -27.34
C PHE I 255 -39.56 -21.67 -27.67
N GLY I 256 -39.57 -21.10 -28.87
CA GLY I 256 -38.49 -20.26 -29.33
C GLY I 256 -38.90 -19.26 -30.39
N ASP I 257 -37.96 -18.91 -31.26
CA ASP I 257 -38.20 -17.95 -32.34
C ASP I 257 -37.65 -18.47 -33.66
N ALA I 258 -38.18 -17.96 -34.77
CA ALA I 258 -37.85 -18.46 -36.10
C ALA I 258 -36.54 -17.90 -36.63
N LEU I 259 -36.13 -16.74 -36.14
CA LEU I 259 -34.94 -16.08 -36.66
C LEU I 259 -33.67 -16.84 -36.29
N THR I 260 -33.54 -17.22 -35.02
CA THR I 260 -32.39 -18.01 -34.57
C THR I 260 -32.35 -19.36 -35.28
N ASN I 261 -33.52 -19.97 -35.45
CA ASN I 261 -33.62 -21.23 -36.18
C ASN I 261 -33.13 -21.07 -37.62
N HIS I 262 -33.54 -19.99 -38.27
CA HIS I 262 -33.15 -19.73 -39.65
C HIS I 262 -31.64 -19.63 -39.80
N SER I 264 -29.34 -20.80 -37.89
CA SER I 264 -28.72 -22.10 -37.63
C SER I 264 -28.75 -23.02 -38.84
N SER I 265 -29.88 -23.07 -39.54
CA SER I 265 -30.01 -23.96 -40.68
C SER I 265 -29.22 -23.45 -41.89
N VAL I 266 -29.14 -22.14 -42.04
CA VAL I 266 -28.36 -21.56 -43.15
C VAL I 266 -26.88 -21.84 -42.95
N ILE I 268 -25.33 -24.17 -41.09
CA ILE I 268 -24.94 -25.58 -41.15
C ILE I 268 -25.04 -26.11 -42.58
N SER I 269 -25.88 -25.49 -43.40
CA SER I 269 -25.96 -25.83 -44.81
C SER I 269 -24.66 -25.40 -45.52
N GLU I 270 -23.91 -24.52 -44.87
CA GLU I 270 -22.60 -24.11 -45.36
C GLU I 270 -21.46 -24.82 -44.62
N ASN I 271 -21.82 -25.84 -43.84
CA ASN I 271 -20.86 -26.63 -43.06
C ASN I 271 -20.10 -25.82 -42.00
N VAL I 272 -20.70 -24.73 -41.53
CA VAL I 272 -20.13 -23.98 -40.41
C VAL I 272 -21.15 -23.86 -39.29
N TYR I 273 -20.66 -23.62 -38.08
CA TYR I 273 -21.53 -23.49 -36.92
C TYR I 273 -20.79 -22.75 -35.82
N TYR I 274 -21.55 -22.29 -34.82
CA TYR I 274 -20.95 -21.64 -33.66
C TYR I 274 -20.58 -22.67 -32.60
N LEU I 275 -19.68 -22.28 -31.69
CA LEU I 275 -19.32 -23.11 -30.55
C LEU I 275 -20.34 -22.94 -29.44
N ARG I 276 -20.91 -21.73 -29.37
CA ARG I 276 -21.88 -21.40 -28.34
C ARG I 276 -22.75 -20.24 -28.78
N ARG I 277 -24.01 -20.26 -28.36
CA ARG I 277 -24.92 -19.15 -28.59
C ARG I 277 -25.84 -18.95 -27.39
N TRP I 278 -26.04 -17.70 -26.99
CA TRP I 278 -27.08 -17.36 -26.02
C TRP I 278 -27.65 -16.00 -26.40
N SER I 279 -28.77 -15.63 -25.79
CA SER I 279 -29.40 -14.35 -26.11
C SER I 279 -29.94 -13.63 -24.87
N LYS I 280 -30.07 -12.32 -25.01
CA LYS I 280 -30.58 -11.45 -23.96
C LYS I 280 -31.73 -10.62 -24.50
N TYR I 281 -32.81 -10.54 -23.73
CA TYR I 281 -33.93 -9.66 -24.06
C TYR I 281 -34.22 -8.73 -22.90
N GLU I 282 -34.14 -7.43 -23.15
CA GLU I 282 -34.54 -6.44 -22.15
C GLU I 282 -34.75 -5.07 -22.81
N ASP I 283 -35.65 -4.28 -22.23
CA ASP I 283 -36.02 -2.98 -22.79
C ASP I 283 -36.41 -3.14 -24.26
N GLY I 284 -37.28 -4.13 -24.49
CA GLY I 284 -37.80 -4.46 -25.80
C GLY I 284 -36.84 -4.70 -26.97
N LYS I 285 -35.54 -4.83 -26.70
CA LYS I 285 -34.57 -5.12 -27.77
C LYS I 285 -33.87 -6.45 -27.46
N LEU I 286 -33.55 -7.18 -28.52
CA LEU I 286 -32.91 -8.50 -28.44
C LEU I 286 -31.43 -8.48 -28.79
N PHE I 287 -30.64 -9.18 -27.97
CA PHE I 287 -29.21 -9.35 -28.22
C PHE I 287 -28.90 -10.82 -28.48
N LEU I 288 -28.12 -11.08 -29.54
CA LEU I 288 -27.65 -12.42 -29.84
C LEU I 288 -26.13 -12.48 -29.71
N TYR I 289 -25.64 -13.47 -28.98
CA TYR I 289 -24.21 -13.64 -28.76
C TYR I 289 -23.74 -14.97 -29.34
N PHE I 290 -22.76 -14.91 -30.23
CA PHE I 290 -22.18 -16.10 -30.85
C PHE I 290 -20.69 -16.19 -30.52
N TYR I 291 -20.25 -17.39 -30.20
CA TYR I 291 -18.83 -17.67 -30.03
C TYR I 291 -18.41 -18.67 -31.11
N THR I 292 -17.44 -18.29 -31.94
CA THR I 292 -17.13 -19.04 -33.15
C THR I 292 -15.65 -18.98 -33.53
N THR I 293 -15.27 -19.88 -34.45
CA THR I 293 -13.99 -19.80 -35.12
C THR I 293 -14.15 -18.98 -36.40
N VAL I 294 -13.06 -18.81 -37.15
CA VAL I 294 -13.06 -17.91 -38.29
C VAL I 294 -13.95 -18.38 -39.45
N ASP I 295 -14.17 -19.68 -39.57
CA ASP I 295 -15.00 -20.24 -40.65
C ASP I 295 -16.37 -19.57 -40.69
N PHE I 296 -16.96 -19.43 -39.51
CA PHE I 296 -18.26 -18.79 -39.35
C PHE I 296 -18.19 -17.32 -39.73
N LEU I 297 -17.09 -16.66 -39.38
CA LEU I 297 -16.92 -15.23 -39.65
C LEU I 297 -16.94 -14.91 -41.15
N ARG I 298 -16.32 -15.78 -41.94
CA ARG I 298 -16.26 -15.57 -43.39
C ARG I 298 -17.66 -15.48 -43.99
N LEU I 299 -18.61 -16.18 -43.38
CA LEU I 299 -19.94 -16.34 -43.93
C LEU I 299 -21.00 -15.45 -43.27
N ILE I 300 -20.59 -14.71 -42.24
CA ILE I 300 -21.50 -13.81 -41.52
C ILE I 300 -22.22 -12.84 -42.46
N PRO I 301 -21.47 -12.18 -43.35
CA PRO I 301 -22.12 -11.26 -44.29
C PRO I 301 -23.22 -11.93 -45.12
N ALA I 302 -22.93 -13.09 -45.68
CA ALA I 302 -23.91 -13.82 -46.49
C ALA I 302 -25.09 -14.27 -45.64
N ILE I 303 -24.78 -14.80 -44.45
CA ILE I 303 -25.81 -15.29 -43.55
C ILE I 303 -26.75 -14.18 -43.11
N LEU I 304 -26.21 -12.99 -42.85
CA LEU I 304 -27.04 -11.87 -42.43
C LEU I 304 -27.83 -11.29 -43.60
N ASP I 305 -27.25 -11.34 -44.80
CA ASP I 305 -27.97 -10.93 -46.00
C ASP I 305 -29.20 -11.81 -46.17
N SER I 306 -29.01 -13.13 -46.06
CA SER I 306 -30.10 -14.08 -46.16
C SER I 306 -31.13 -13.86 -45.06
N THR I 307 -30.66 -13.70 -43.84
CA THR I 307 -31.55 -13.52 -42.69
C THR I 307 -32.39 -12.26 -42.81
N ARG I 308 -31.78 -11.19 -43.33
CA ARG I 308 -32.50 -9.94 -43.53
C ARG I 308 -33.60 -10.09 -44.56
N LYS I 309 -33.29 -10.76 -45.66
CA LYS I 309 -34.24 -10.94 -46.74
C LYS I 309 -35.42 -11.84 -46.34
N ASN I 310 -35.16 -12.81 -45.47
CA ASN I 310 -36.22 -13.68 -44.97
C ASN I 310 -37.01 -13.03 -43.82
N PHE I 311 -36.41 -12.02 -43.18
CA PHE I 311 -37.06 -11.26 -42.12
C PHE I 311 -36.92 -9.76 -42.39
N PRO I 312 -37.55 -9.28 -43.47
CA PRO I 312 -37.33 -7.92 -44.00
C PRO I 312 -37.77 -6.78 -43.08
N LYS I 313 -38.64 -7.08 -42.12
CA LYS I 313 -39.13 -6.04 -41.21
C LYS I 313 -38.17 -5.83 -40.03
N VAL I 314 -37.24 -6.77 -39.84
CA VAL I 314 -36.35 -6.76 -38.68
C VAL I 314 -35.13 -5.87 -38.90
N ASN I 315 -34.87 -4.99 -37.94
CA ASN I 315 -33.64 -4.21 -37.94
C ASN I 315 -32.55 -4.99 -37.23
N LYS I 317 -28.32 -5.38 -36.49
CA LYS I 317 -27.00 -4.75 -36.45
C LYS I 317 -25.92 -5.71 -35.98
N ILE I 318 -24.69 -5.48 -36.43
CA ILE I 318 -23.53 -6.06 -35.78
C ILE I 318 -23.03 -5.04 -34.76
N ASP I 319 -23.09 -5.40 -33.48
CA ASP I 319 -22.59 -4.53 -32.43
C ASP I 319 -21.08 -4.64 -32.31
N GLU I 320 -20.59 -5.87 -32.39
CA GLU I 320 -19.19 -6.13 -32.11
C GLU I 320 -18.73 -7.49 -32.63
N ILE I 321 -17.48 -7.53 -33.09
CA ILE I 321 -16.78 -8.78 -33.35
C ILE I 321 -15.39 -8.63 -32.73
N THR I 322 -15.10 -9.44 -31.72
CA THR I 322 -13.84 -9.34 -31.00
C THR I 322 -13.20 -10.70 -30.84
N PRO I 323 -11.86 -10.76 -30.96
CA PRO I 323 -11.19 -12.01 -30.61
C PRO I 323 -11.26 -12.19 -29.11
N ALA I 325 -9.79 -13.44 -25.39
CA ALA I 325 -8.53 -13.60 -24.65
C ALA I 325 -8.65 -14.72 -23.63
N VAL J 5 -6.84 -26.16 12.96
CA VAL J 5 -7.86 -27.13 12.61
C VAL J 5 -7.35 -28.10 11.55
N LEU J 6 -7.56 -29.39 11.78
CA LEU J 6 -7.02 -30.44 10.91
C LEU J 6 -8.00 -30.87 9.84
N GLN J 7 -7.67 -30.58 8.59
CA GLN J 7 -8.45 -31.07 7.45
C GLN J 7 -7.77 -32.32 6.87
N ASP J 8 -6.88 -32.14 5.90
CA ASP J 8 -6.15 -33.26 5.33
C ASP J 8 -5.24 -33.86 6.40
N ILE J 9 -5.29 -35.19 6.53
CA ILE J 9 -4.44 -35.90 7.49
C ILE J 9 -2.96 -35.65 7.21
N ASP J 10 -2.63 -35.24 5.98
CA ASP J 10 -1.27 -34.88 5.64
C ASP J 10 -0.66 -33.92 6.65
N GLY J 11 -1.50 -33.14 7.32
CA GLY J 11 -1.06 -32.16 8.29
C GLY J 11 -0.45 -32.70 9.58
N ILE J 12 -0.65 -33.97 9.88
CA ILE J 12 -0.07 -34.55 11.10
C ILE J 12 1.36 -35.01 10.84
N PHE J 13 1.70 -35.17 9.56
CA PHE J 13 3.04 -35.58 9.17
C PHE J 13 3.90 -34.35 8.94
N ASP J 14 4.79 -34.07 9.89
CA ASP J 14 5.63 -32.88 9.80
C ASP J 14 6.93 -33.16 9.04
N SER J 15 7.16 -34.43 8.71
CA SER J 15 8.39 -34.83 8.04
C SER J 15 8.14 -35.61 6.76
N GLN J 16 9.14 -35.61 5.89
CA GLN J 16 9.06 -36.28 4.60
C GLN J 16 10.47 -36.67 4.17
N ALA J 17 10.59 -37.78 3.45
CA ALA J 17 11.89 -38.19 2.90
C ALA J 17 11.69 -38.82 1.53
N ILE J 18 12.72 -38.68 0.69
CA ILE J 18 12.73 -39.32 -0.61
C ILE J 18 13.85 -40.35 -0.65
N LEU J 19 13.45 -41.60 -0.63
CA LEU J 19 14.39 -42.71 -0.68
C LEU J 19 14.77 -42.97 -2.13
N ALA J 20 16.03 -43.30 -2.34
CA ALA J 20 16.51 -43.59 -3.68
C ALA J 20 17.39 -44.82 -3.62
N GLY J 21 17.43 -45.56 -4.71
CA GLY J 21 18.20 -46.77 -4.75
C GLY J 21 18.28 -47.36 -6.14
N ARG J 22 19.04 -48.43 -6.24
CA ARG J 22 19.22 -49.14 -7.49
C ARG J 22 18.96 -50.60 -7.24
N PHE J 23 18.23 -51.18 -8.17
CA PHE J 23 17.92 -52.59 -8.19
C PHE J 23 18.52 -53.21 -9.43
N HIS J 24 19.40 -54.18 -9.21
CA HIS J 24 20.19 -54.74 -10.30
C HIS J 24 19.38 -55.89 -10.84
N ASN J 25 19.04 -55.79 -12.13
CA ASN J 25 18.00 -56.63 -12.70
C ASN J 25 17.71 -56.10 -14.10
N ASP J 26 17.23 -56.96 -14.99
CA ASP J 26 17.07 -56.58 -16.38
C ASP J 26 16.03 -55.46 -16.60
N LEU J 27 15.00 -55.39 -15.74
CA LEU J 27 14.02 -54.30 -15.82
C LEU J 27 14.68 -52.94 -15.62
N THR J 28 15.66 -52.89 -14.73
CA THR J 28 16.40 -51.66 -14.48
C THR J 28 17.27 -51.31 -15.69
N VAL J 29 17.90 -52.32 -16.28
CA VAL J 29 18.77 -52.09 -17.42
C VAL J 29 18.00 -51.44 -18.59
N ILE J 30 16.83 -51.97 -18.93
CA ILE J 30 16.08 -51.42 -20.06
C ILE J 30 15.49 -50.06 -19.72
N ASN J 31 15.08 -49.88 -18.46
CA ASN J 31 14.56 -48.60 -18.00
C ASN J 31 15.56 -47.48 -18.25
N GLU J 32 16.81 -47.72 -17.86
CA GLU J 32 17.88 -46.75 -18.05
C GLU J 32 18.28 -46.61 -19.51
N LYS J 33 18.37 -47.75 -20.19
CA LYS J 33 18.90 -47.77 -21.55
C LYS J 33 17.97 -47.05 -22.53
N TYR J 34 16.65 -47.19 -22.32
CA TYR J 34 15.67 -46.66 -23.27
C TYR J 34 14.74 -45.60 -22.67
N ASP J 35 15.20 -44.96 -21.59
CA ASP J 35 14.50 -43.83 -21.01
C ASP J 35 13.03 -44.13 -20.71
N LEU J 36 12.78 -45.28 -20.09
CA LEU J 36 11.42 -45.67 -19.75
C LEU J 36 11.04 -45.09 -18.40
N PHE J 37 9.74 -45.09 -18.11
CA PHE J 37 9.23 -44.62 -16.83
C PHE J 37 8.33 -45.69 -16.22
N TYR J 38 8.70 -46.17 -15.04
CA TYR J 38 7.87 -47.10 -14.29
C TYR J 38 7.24 -46.38 -13.12
N LEU J 39 5.98 -46.71 -12.83
CA LEU J 39 5.40 -46.40 -11.53
C LEU J 39 5.58 -47.63 -10.65
N LEU J 41 4.45 -49.37 -7.16
CA LEU J 41 3.42 -49.40 -6.14
C LEU J 41 3.85 -50.30 -4.99
N PRO J 42 4.13 -49.72 -3.80
CA PRO J 42 4.47 -50.56 -2.66
C PRO J 42 3.30 -51.37 -2.17
N THR J 43 3.51 -52.64 -1.86
CA THR J 43 2.46 -53.49 -1.33
C THR J 43 3.01 -54.28 -0.15
N ILE J 44 2.20 -54.41 0.90
CA ILE J 44 2.57 -55.23 2.04
C ILE J 44 1.68 -56.45 2.15
N ASN J 45 2.23 -57.54 2.68
CA ASN J 45 1.46 -58.74 2.96
C ASN J 45 1.19 -58.85 4.46
N GLU J 46 0.60 -59.96 4.87
CA GLU J 46 0.15 -60.12 6.25
C GLU J 46 1.33 -60.10 7.24
N LYS J 47 2.52 -60.41 6.75
CA LYS J 47 3.72 -60.39 7.60
C LYS J 47 4.47 -59.06 7.50
N LYS J 48 3.84 -58.07 6.88
CA LYS J 48 4.38 -56.72 6.78
C LYS J 48 5.69 -56.67 5.99
N ILE J 49 5.84 -57.60 5.03
CA ILE J 49 6.96 -57.56 4.10
C ILE J 49 6.59 -56.68 2.91
N VAL J 50 7.48 -55.76 2.57
CA VAL J 50 7.20 -54.84 1.47
C VAL J 50 7.60 -55.46 0.14
N SER J 51 6.70 -55.35 -0.83
CA SER J 51 6.93 -55.83 -2.18
C SER J 51 6.54 -54.70 -3.14
N PHE J 52 6.65 -54.92 -4.45
CA PHE J 52 6.29 -53.88 -5.42
C PHE J 52 5.60 -54.38 -6.67
N TYR J 53 4.59 -53.64 -7.12
CA TYR J 53 4.07 -53.75 -8.47
C TYR J 53 4.75 -52.70 -9.35
N ILE J 54 5.05 -53.08 -10.59
CA ILE J 54 5.62 -52.15 -11.54
C ILE J 54 4.62 -51.94 -12.68
N PHE J 55 4.40 -50.68 -13.02
CA PHE J 55 3.46 -50.31 -14.07
C PHE J 55 4.19 -49.57 -15.20
N LEU J 56 3.93 -50.00 -16.44
CA LEU J 56 4.53 -49.39 -17.61
C LEU J 56 3.46 -49.13 -18.67
N GLN J 57 3.40 -47.89 -19.14
CA GLN J 57 2.49 -47.51 -20.21
C GLN J 57 2.98 -48.09 -21.52
N ASP J 58 2.14 -48.87 -22.20
CA ASP J 58 2.54 -49.53 -23.43
C ASP J 58 2.91 -48.53 -24.53
N ASP J 59 2.17 -47.43 -24.61
CA ASP J 59 2.38 -46.45 -25.67
C ASP J 59 3.63 -45.61 -25.44
N GLN J 60 4.28 -45.80 -24.29
CA GLN J 60 5.54 -45.13 -23.99
C GLN J 60 6.76 -45.98 -24.36
N ILE J 61 6.52 -47.15 -24.95
CA ILE J 61 7.60 -48.00 -25.44
C ILE J 61 8.02 -47.53 -26.83
N PRO J 62 9.29 -47.13 -27.00
CA PRO J 62 9.73 -46.70 -28.33
C PRO J 62 9.62 -47.84 -29.34
N GLU J 63 8.87 -47.59 -30.41
CA GLU J 63 8.57 -48.64 -31.38
C GLU J 63 9.88 -49.18 -31.94
N ARG J 64 10.89 -48.31 -31.98
CA ARG J 64 12.24 -48.67 -32.41
C ARG J 64 12.75 -49.94 -31.71
N HIS J 65 12.50 -50.04 -30.40
CA HIS J 65 13.03 -51.13 -29.57
C HIS J 65 11.98 -52.05 -28.95
N ARG J 66 10.76 -52.04 -29.45
CA ARG J 66 9.69 -52.82 -28.83
C ARG J 66 10.05 -54.29 -28.64
N GLU J 67 10.64 -54.90 -29.68
CA GLU J 67 10.98 -56.31 -29.62
C GLU J 67 11.86 -56.65 -28.42
N GLU J 68 12.99 -55.95 -28.28
CA GLU J 68 13.91 -56.21 -27.18
C GLU J 68 13.29 -55.97 -25.82
N ILE J 69 12.54 -54.88 -25.70
CA ILE J 69 11.93 -54.50 -24.44
C ILE J 69 10.87 -55.53 -24.03
N GLU J 70 10.03 -55.94 -24.97
CA GLU J 70 8.98 -56.91 -24.66
C GLU J 70 9.55 -58.25 -24.22
N SER J 71 10.67 -58.64 -24.82
CA SER J 71 11.29 -59.92 -24.48
C SER J 71 11.83 -59.91 -23.05
N VAL J 72 12.28 -58.73 -22.60
CA VAL J 72 12.73 -58.58 -21.21
C VAL J 72 11.54 -58.55 -20.25
N LEU J 73 10.48 -57.85 -20.64
CA LEU J 73 9.31 -57.71 -19.78
C LEU J 73 8.60 -59.04 -19.56
N ASN J 74 8.51 -59.84 -20.62
CA ASN J 74 7.76 -61.09 -20.58
C ASN J 74 8.36 -62.14 -19.63
N LYS J 75 9.62 -61.96 -19.27
CA LYS J 75 10.27 -62.83 -18.29
C LYS J 75 9.73 -62.66 -16.88
N PHE J 76 9.00 -61.59 -16.66
CA PHE J 76 8.52 -61.25 -15.32
C PHE J 76 7.03 -61.51 -15.19
N ASN J 77 6.51 -62.34 -16.10
CA ASN J 77 5.13 -62.81 -16.01
C ASN J 77 4.14 -61.65 -15.94
N PRO J 78 4.21 -60.74 -16.92
CA PRO J 78 3.40 -59.52 -16.91
C PRO J 78 1.93 -59.78 -17.22
N VAL J 79 1.08 -58.88 -16.74
CA VAL J 79 -0.31 -58.83 -17.13
C VAL J 79 -0.52 -57.54 -17.91
N ILE J 80 -1.08 -57.66 -19.12
CA ILE J 80 -1.30 -56.48 -19.96
C ILE J 80 -2.79 -56.21 -20.09
N LYS J 81 -3.18 -54.99 -19.75
CA LYS J 81 -4.58 -54.60 -19.70
C LYS J 81 -4.71 -53.08 -19.74
N ASN J 82 -5.68 -52.60 -20.49
CA ASN J 82 -5.93 -51.17 -20.61
C ASN J 82 -4.67 -50.38 -20.99
N GLY J 83 -3.88 -50.96 -21.87
CA GLY J 83 -2.68 -50.30 -22.37
C GLY J 83 -1.54 -50.25 -21.38
N ILE J 84 -1.62 -51.06 -20.32
CA ILE J 84 -0.67 -51.02 -19.22
C ILE J 84 -0.05 -52.38 -18.92
N TRP J 85 1.26 -52.40 -18.80
CA TRP J 85 1.97 -53.60 -18.35
C TRP J 85 2.06 -53.59 -16.83
N LYS J 86 1.61 -54.65 -16.18
CA LYS J 86 1.72 -54.79 -14.73
C LYS J 86 2.61 -55.97 -14.38
N ILE J 87 3.63 -55.69 -13.57
CA ILE J 87 4.61 -56.69 -13.17
C ILE J 87 4.73 -56.72 -11.65
N TYR J 88 4.65 -57.92 -11.09
CA TYR J 88 4.82 -58.09 -9.65
C TYR J 88 6.26 -58.50 -9.33
N LEU J 89 6.88 -57.77 -8.41
CA LEU J 89 8.20 -58.12 -7.91
C LEU J 89 8.09 -58.67 -6.50
N ASP J 90 8.16 -60.00 -6.39
CA ASP J 90 8.06 -60.68 -5.11
C ASP J 90 9.35 -60.55 -4.31
N THR J 91 9.27 -60.94 -3.05
CA THR J 91 10.39 -60.86 -2.12
C THR J 91 11.64 -61.48 -2.71
N GLU J 92 11.48 -62.59 -3.42
CA GLU J 92 12.63 -63.28 -3.98
C GLU J 92 13.24 -62.52 -5.17
N SER J 93 12.38 -62.04 -6.08
CA SER J 93 12.84 -61.28 -7.25
C SER J 93 13.39 -59.90 -6.91
N PHE J 94 13.16 -59.46 -5.67
CA PHE J 94 13.41 -58.08 -5.28
C PHE J 94 14.32 -58.00 -4.07
N LYS J 95 15.61 -57.84 -4.32
CA LYS J 95 16.66 -57.92 -3.31
C LYS J 95 16.40 -56.97 -2.14
N LEU J 96 15.98 -55.75 -2.46
CA LEU J 96 15.83 -54.68 -1.48
C LEU J 96 14.59 -54.84 -0.56
N SER J 97 13.85 -55.93 -0.69
CA SER J 97 12.68 -56.18 0.16
C SER J 97 12.84 -56.04 1.68
N GLU J 98 14.06 -56.16 2.21
CA GLU J 98 14.25 -56.14 3.68
C GLU J 98 14.51 -54.77 4.28
N PRO J 99 15.21 -53.90 3.55
CA PRO J 99 15.33 -52.54 4.09
C PRO J 99 14.00 -51.81 4.10
N PHE J 100 13.25 -51.92 3.00
CA PHE J 100 11.97 -51.24 2.91
C PHE J 100 10.96 -51.78 3.94
N SER J 101 11.04 -53.07 4.23
CA SER J 101 10.20 -53.66 5.27
C SER J 101 10.58 -53.10 6.64
N THR J 102 11.88 -52.86 6.85
CA THR J 102 12.36 -52.26 8.07
C THR J 102 11.85 -50.82 8.22
N PHE J 103 11.91 -50.05 7.13
CA PHE J 103 11.40 -48.69 7.16
C PHE J 103 9.91 -48.70 7.48
N PHE J 104 9.18 -49.59 6.83
CA PHE J 104 7.73 -49.69 7.00
C PHE J 104 7.38 -49.96 8.46
N GLY J 105 8.20 -50.77 9.11
CA GLY J 105 7.96 -51.15 10.49
C GLY J 105 8.07 -49.98 11.46
N ILE J 106 8.69 -48.90 11.02
CA ILE J 106 8.73 -47.68 11.83
C ILE J 106 7.32 -47.09 11.81
N ASP J 107 6.76 -46.87 12.99
CA ASP J 107 5.31 -46.70 13.16
C ASP J 107 4.67 -45.63 12.28
N SER J 108 5.24 -44.44 12.23
CA SER J 108 4.58 -43.32 11.55
C SER J 108 4.89 -43.26 10.05
N ILE J 109 5.71 -44.17 9.55
CA ILE J 109 6.12 -44.13 8.15
C ILE J 109 4.97 -44.48 7.21
N VAL J 110 4.71 -43.58 6.27
CA VAL J 110 3.69 -43.80 5.24
C VAL J 110 4.37 -43.83 3.87
N PHE J 111 4.20 -44.94 3.15
CA PHE J 111 4.75 -45.06 1.81
C PHE J 111 3.83 -44.41 0.78
N ASP J 112 4.41 -43.59 -0.08
CA ASP J 112 3.70 -43.03 -1.22
C ASP J 112 4.03 -43.82 -2.49
N GLY J 114 5.91 -44.73 -5.74
CA GLY J 114 7.27 -44.56 -6.19
C GLY J 114 7.36 -44.63 -7.70
N SER J 115 8.58 -44.47 -8.22
CA SER J 115 8.82 -44.57 -9.65
C SER J 115 10.22 -45.09 -9.94
N LYS J 117 13.13 -44.20 -12.99
CA LYS J 117 13.52 -43.44 -14.16
C LYS J 117 15.03 -43.33 -14.19
N GLY J 118 15.62 -43.49 -15.37
CA GLY J 118 17.06 -43.50 -15.51
C GLY J 118 17.71 -44.62 -14.72
N GLY J 119 16.95 -45.71 -14.53
CA GLY J 119 17.46 -46.86 -13.81
C GLY J 119 17.45 -46.70 -12.30
N GLU J 120 16.98 -45.55 -11.82
CA GLU J 120 16.97 -45.30 -10.38
C GLU J 120 15.56 -45.28 -9.78
N LEU J 122 12.87 -44.13 -7.01
CA LEU J 122 12.54 -43.05 -6.09
C LEU J 122 11.28 -43.41 -5.33
N LEU J 123 11.36 -43.34 -4.00
CA LEU J 123 10.23 -43.67 -3.14
C LEU J 123 10.04 -42.63 -2.06
N PRO J 124 8.97 -41.83 -2.16
CA PRO J 124 8.70 -40.86 -1.10
C PRO J 124 8.05 -41.50 0.12
N VAL J 125 8.40 -41.02 1.31
CA VAL J 125 7.72 -41.42 2.52
C VAL J 125 7.39 -40.19 3.35
N ARG J 126 6.29 -40.27 4.08
CA ARG J 126 5.89 -39.21 4.99
C ARG J 126 5.81 -39.81 6.38
N PHE J 127 6.17 -39.02 7.38
CA PHE J 127 6.23 -39.54 8.75
C PHE J 127 6.29 -38.41 9.77
N ILE J 128 6.37 -38.79 11.04
CA ILE J 128 6.38 -37.85 12.15
C ILE J 128 7.81 -37.79 12.72
N SER J 129 8.26 -36.58 13.01
CA SER J 129 9.69 -36.30 13.20
C SER J 129 10.35 -37.10 14.32
N LYS J 130 9.59 -37.54 15.33
CA LYS J 130 10.16 -38.37 16.38
C LYS J 130 10.79 -39.65 15.80
N ASP J 131 10.29 -40.09 14.64
CA ASP J 131 10.78 -41.30 14.01
C ASP J 131 11.92 -41.07 13.00
N LYS J 132 12.37 -39.82 12.88
CA LYS J 132 13.41 -39.49 11.90
C LYS J 132 14.71 -40.26 12.14
N ASP J 133 15.16 -40.27 13.39
CA ASP J 133 16.45 -40.89 13.73
C ASP J 133 16.43 -42.39 13.46
N ALA J 134 15.28 -43.02 13.73
CA ALA J 134 15.12 -44.44 13.49
C ALA J 134 15.23 -44.75 12.00
N LEU J 135 14.64 -43.89 11.18
CA LEU J 135 14.68 -44.07 9.74
C LEU J 135 16.10 -43.93 9.21
N VAL J 136 16.77 -42.86 9.63
CA VAL J 136 18.14 -42.60 9.22
C VAL J 136 19.06 -43.74 9.62
N ASN J 137 18.89 -44.23 10.84
CA ASN J 137 19.74 -45.27 11.37
C ASN J 137 19.62 -46.59 10.62
N SER J 138 18.41 -46.94 10.19
CA SER J 138 18.23 -48.20 9.46
C SER J 138 18.76 -48.06 8.03
N ILE J 139 18.74 -46.83 7.49
CA ILE J 139 19.35 -46.58 6.19
C ILE J 139 20.86 -46.74 6.29
N ILE J 140 21.44 -46.24 7.37
CA ILE J 140 22.88 -46.33 7.59
C ILE J 140 23.30 -47.76 7.91
N ASP J 141 22.53 -48.44 8.75
CA ASP J 141 22.79 -49.83 9.07
C ASP J 141 22.68 -50.67 7.81
N SER J 142 21.65 -50.40 7.02
CA SER J 142 21.46 -51.08 5.74
C SER J 142 22.66 -50.91 4.83
N ALA J 143 23.29 -49.74 4.86
CA ALA J 143 24.44 -49.47 4.02
C ALA J 143 25.67 -50.26 4.45
N GLY J 144 25.62 -50.77 5.69
CA GLY J 144 26.73 -51.53 6.22
C GLY J 144 26.61 -52.98 5.82
N TYR J 145 25.43 -53.37 5.31
CA TYR J 145 25.25 -54.70 4.76
C TYR J 145 25.50 -54.80 3.25
N GLY J 146 25.87 -53.68 2.61
CA GLY J 146 26.13 -53.70 1.18
C GLY J 146 25.22 -52.73 0.43
N GLU J 147 24.00 -52.62 0.92
CA GLU J 147 22.88 -51.95 0.25
C GLU J 147 23.02 -50.48 -0.06
N ASN J 148 22.55 -50.13 -1.24
CA ASN J 148 22.75 -48.81 -1.83
C ASN J 148 21.57 -47.85 -1.73
N ILE J 149 20.71 -48.02 -0.73
CA ILE J 149 19.61 -47.08 -0.53
C ILE J 149 20.13 -45.82 0.13
N TYR J 150 19.70 -44.67 -0.38
CA TYR J 150 20.15 -43.39 0.16
C TYR J 150 19.03 -42.35 0.13
N LEU J 151 19.35 -41.15 0.60
CA LEU J 151 18.37 -40.07 0.73
C LEU J 151 18.67 -38.94 -0.24
N ARG J 152 17.68 -38.61 -1.07
CA ARG J 152 17.75 -37.42 -1.92
C ARG J 152 17.10 -36.24 -1.20
N TYR J 153 16.37 -36.54 -0.13
CA TYR J 153 15.72 -35.52 0.68
C TYR J 153 15.31 -36.08 2.02
N ILE J 154 15.53 -35.29 3.07
CA ILE J 154 14.88 -35.53 4.34
C ILE J 154 14.76 -34.22 5.10
N GLY J 155 13.55 -33.93 5.56
CA GLY J 155 13.29 -32.68 6.25
C GLY J 155 11.80 -32.49 6.43
N GLN J 156 11.34 -31.24 6.37
CA GLN J 156 9.92 -30.93 6.53
C GLN J 156 9.08 -31.60 5.46
N ASN J 157 7.84 -31.92 5.81
CA ASN J 157 6.89 -32.42 4.84
C ASN J 157 6.51 -31.29 3.89
N LYS J 158 6.85 -31.44 2.61
CA LYS J 158 6.52 -30.45 1.60
C LYS J 158 5.08 -30.67 1.10
N GLY J 159 4.47 -31.76 1.53
CA GLY J 159 3.11 -32.10 1.15
C GLY J 159 3.06 -33.40 0.37
N PHE J 160 1.95 -34.12 0.51
CA PHE J 160 1.72 -35.35 -0.24
C PHE J 160 1.88 -35.13 -1.75
N ASP J 161 1.54 -33.93 -2.20
CA ASP J 161 1.60 -33.61 -3.62
C ASP J 161 3.02 -33.34 -4.12
N TYR J 162 3.93 -33.02 -3.21
CA TYR J 162 5.33 -32.93 -3.59
C TYR J 162 5.88 -34.30 -3.98
N SER J 163 5.35 -35.35 -3.36
CA SER J 163 5.75 -36.71 -3.69
C SER J 163 5.61 -36.99 -5.18
N PHE J 164 4.54 -36.46 -5.79
CA PHE J 164 4.30 -36.68 -7.21
C PHE J 164 5.43 -36.07 -8.04
N ILE J 165 5.88 -34.90 -7.61
CA ILE J 165 6.96 -34.19 -8.28
C ILE J 165 8.28 -34.91 -8.06
N ALA J 166 8.49 -35.38 -6.84
CA ALA J 166 9.73 -36.06 -6.47
C ALA J 166 9.99 -37.28 -7.35
N ILE J 167 8.92 -38.02 -7.68
CA ILE J 167 9.05 -39.24 -8.46
C ILE J 167 9.01 -38.97 -9.97
N LYS J 168 8.99 -37.68 -10.33
CA LYS J 168 9.13 -37.25 -11.72
C LYS J 168 7.91 -37.63 -12.55
N LEU J 169 6.74 -37.67 -11.91
CA LEU J 169 5.49 -37.91 -12.62
C LEU J 169 5.05 -36.64 -13.33
N LEU J 170 4.95 -36.70 -14.65
CA LEU J 170 4.62 -35.53 -15.45
C LEU J 170 3.13 -35.48 -15.80
N ASP J 171 2.46 -36.61 -15.67
CA ASP J 171 1.03 -36.70 -15.99
C ASP J 171 0.19 -35.79 -15.13
N GLN J 172 -0.90 -35.29 -15.71
CA GLN J 172 -1.90 -34.54 -14.97
C GLN J 172 -2.47 -35.40 -13.84
N VAL J 173 -2.49 -34.85 -12.63
CA VAL J 173 -3.09 -35.52 -11.49
C VAL J 173 -4.48 -34.96 -11.23
N TYR J 174 -5.40 -35.84 -10.83
CA TYR J 174 -6.78 -35.46 -10.56
C TYR J 174 -7.15 -35.82 -9.13
N LYS J 175 -8.03 -35.02 -8.53
CA LYS J 175 -8.57 -35.31 -7.22
C LYS J 175 -10.02 -35.76 -7.32
N LEU J 176 -10.28 -36.97 -6.83
CA LEU J 176 -11.63 -37.51 -6.78
C LEU J 176 -12.12 -37.55 -5.35
N THR J 177 -13.33 -37.03 -5.12
CA THR J 177 -13.94 -37.04 -3.80
C THR J 177 -15.24 -37.82 -3.83
N LEU J 178 -15.29 -38.87 -3.01
CA LEU J 178 -16.50 -39.66 -2.82
C LEU J 178 -17.04 -39.39 -1.43
N SER J 179 -18.36 -39.41 -1.30
CA SER J 179 -19.00 -39.28 0.01
C SER J 179 -20.01 -40.40 0.22
N ILE J 180 -20.06 -40.89 1.45
CA ILE J 180 -20.96 -41.95 1.84
C ILE J 180 -21.66 -41.50 3.10
N ASP J 181 -22.95 -41.20 2.99
CA ASP J 181 -23.69 -40.57 4.09
C ASP J 181 -24.31 -41.56 5.07
N ASN J 182 -24.21 -42.85 4.77
CA ASN J 182 -24.78 -43.89 5.64
C ASN J 182 -23.81 -45.05 5.88
N PRO J 183 -22.55 -44.75 6.21
CA PRO J 183 -21.53 -45.80 6.32
C PRO J 183 -21.82 -46.81 7.42
N HIS J 184 -22.69 -46.45 8.35
CA HIS J 184 -23.06 -47.34 9.45
C HIS J 184 -23.69 -48.66 8.97
N VAL J 185 -24.20 -48.69 7.74
CA VAL J 185 -24.80 -49.92 7.22
C VAL J 185 -23.74 -51.00 6.98
N HIS J 187 -21.44 -51.43 9.32
CA HIS J 187 -21.04 -51.78 10.68
C HIS J 187 -19.53 -51.61 10.84
N GLY J 188 -18.91 -52.44 11.68
CA GLY J 188 -17.49 -52.35 11.89
C GLY J 188 -17.10 -51.04 12.53
N ILE J 189 -16.12 -50.36 11.95
CA ILE J 189 -15.63 -49.09 12.47
C ILE J 189 -16.68 -47.97 12.36
N PHE J 190 -17.78 -48.25 11.64
CA PHE J 190 -18.85 -47.27 11.46
C PHE J 190 -20.09 -47.60 12.29
N ALA J 191 -19.99 -48.62 13.14
CA ALA J 191 -21.15 -49.10 13.88
C ALA J 191 -21.67 -48.09 14.90
N GLU J 192 -20.76 -47.36 15.55
CA GLU J 192 -21.13 -46.40 16.58
C GLU J 192 -21.67 -45.11 15.97
N THR J 193 -22.96 -44.87 16.12
CA THR J 193 -23.63 -43.71 15.53
C THR J 193 -24.11 -42.68 16.56
N LYS J 194 -24.02 -43.02 17.84
CA LYS J 194 -24.61 -42.17 18.88
C LYS J 194 -23.62 -41.13 19.40
N LYS J 195 -22.34 -41.49 19.39
CA LYS J 195 -21.27 -40.58 19.81
C LYS J 195 -20.74 -39.79 18.60
N ASN J 196 -20.38 -38.54 18.82
CA ASN J 196 -19.90 -37.69 17.73
C ASN J 196 -18.43 -37.99 17.40
N ILE J 197 -18.17 -39.24 17.03
CA ILE J 197 -16.81 -39.66 16.71
C ILE J 197 -16.32 -38.98 15.44
N ALA J 198 -15.05 -38.57 15.44
CA ALA J 198 -14.44 -37.95 14.28
C ALA J 198 -13.00 -38.42 14.11
N TRP J 199 -12.64 -38.82 12.90
CA TRP J 199 -11.25 -39.17 12.61
C TRP J 199 -10.84 -38.98 11.15
N ARG J 200 -9.53 -39.04 10.92
CA ARG J 200 -8.95 -39.07 9.59
C ARG J 200 -8.12 -40.34 9.47
N ARG J 201 -7.90 -40.80 8.25
CA ARG J 201 -7.19 -42.06 8.05
C ARG J 201 -6.40 -42.07 6.76
N GLU J 202 -5.20 -42.66 6.83
CA GLU J 202 -4.39 -42.93 5.64
C GLU J 202 -3.60 -44.20 5.87
N SER J 203 -3.55 -45.04 4.83
CA SER J 203 -2.81 -46.29 4.90
C SER J 203 -1.30 -46.02 4.86
N LYS J 204 -0.54 -46.84 5.57
CA LYS J 204 0.91 -46.76 5.52
C LYS J 204 1.43 -47.31 4.18
N ALA J 205 0.64 -48.18 3.57
CA ALA J 205 0.98 -48.75 2.26
C ALA J 205 -0.17 -48.51 1.26
N PRO J 206 0.16 -48.06 0.04
CA PRO J 206 -0.90 -47.78 -0.93
C PRO J 206 -1.69 -49.02 -1.32
N HIS J 207 -1.02 -50.18 -1.35
CA HIS J 207 -1.67 -51.44 -1.66
C HIS J 207 -1.29 -52.46 -0.58
N LYS J 208 -2.15 -53.44 -0.39
CA LYS J 208 -1.90 -54.45 0.64
C LYS J 208 -2.63 -55.74 0.32
N ASP J 209 -2.18 -56.82 0.94
CA ASP J 209 -2.70 -58.15 0.68
C ASP J 209 -3.06 -58.84 1.99
N ASN J 210 -4.36 -59.00 2.23
CA ASN J 210 -4.86 -59.69 3.42
C ASN J 210 -4.30 -59.09 4.71
N THR J 211 -4.38 -57.77 4.83
CA THR J 211 -3.92 -57.08 6.02
C THR J 211 -4.41 -55.64 6.06
N GLU J 212 -4.28 -55.02 7.22
CA GLU J 212 -4.56 -53.60 7.39
C GLU J 212 -3.40 -52.97 8.14
N ASP J 213 -3.02 -51.76 7.75
CA ASP J 213 -1.97 -51.05 8.46
C ASP J 213 -2.13 -49.55 8.20
N TYR J 214 -2.88 -48.92 9.10
CA TYR J 214 -3.35 -47.55 8.93
C TYR J 214 -2.75 -46.60 9.94
N ILE J 215 -2.69 -45.32 9.57
CA ILE J 215 -2.57 -44.26 10.54
C ILE J 215 -3.95 -43.64 10.71
N TYR J 216 -4.47 -43.69 11.93
CA TYR J 216 -5.71 -43.01 12.27
C TYR J 216 -5.38 -41.77 13.11
N ALA J 217 -5.98 -40.64 12.75
CA ALA J 217 -5.96 -39.47 13.61
C ALA J 217 -7.37 -39.33 14.19
N LEU J 218 -7.47 -39.60 15.49
CA LEU J 218 -8.76 -39.66 16.17
C LEU J 218 -8.91 -38.48 17.12
N ASP J 219 -10.00 -37.73 16.97
CA ASP J 219 -10.30 -36.64 17.89
C ASP J 219 -10.31 -37.23 19.30
N ASP J 220 -9.49 -36.67 20.18
CA ASP J 220 -9.17 -37.31 21.45
C ASP J 220 -10.32 -37.26 22.47
N THR J 221 -11.47 -36.73 22.06
CA THR J 221 -12.68 -36.85 22.86
C THR J 221 -12.99 -38.32 23.08
N HIS J 222 -12.63 -39.15 22.09
CA HIS J 222 -12.93 -40.58 22.13
C HIS J 222 -11.67 -41.45 22.02
N THR J 223 -11.85 -42.73 22.30
CA THR J 223 -10.77 -43.71 22.28
C THR J 223 -11.11 -44.82 21.29
N ILE J 224 -10.16 -45.73 21.07
CA ILE J 224 -10.35 -46.81 20.12
C ILE J 224 -11.54 -47.72 20.49
N PRO J 225 -11.67 -48.07 21.79
CA PRO J 225 -12.83 -48.88 22.19
C PRO J 225 -14.19 -48.25 21.87
N ASP J 226 -14.25 -46.92 21.76
CA ASP J 226 -15.48 -46.25 21.36
C ASP J 226 -15.83 -46.60 19.92
N ILE J 227 -14.82 -46.85 19.10
CA ILE J 227 -15.03 -47.21 17.69
C ILE J 227 -15.38 -48.68 17.54
N LEU J 228 -14.60 -49.54 18.21
CA LEU J 228 -14.70 -50.99 18.02
C LEU J 228 -15.72 -51.59 18.98
N ILE J 229 -17.00 -51.50 18.64
CA ILE J 229 -18.07 -52.01 19.50
C ILE J 229 -18.63 -53.33 18.99
N ASP J 230 -18.24 -53.71 17.77
CA ASP J 230 -18.59 -55.02 17.23
C ASP J 230 -17.36 -55.73 16.67
N THR J 231 -17.57 -56.86 16.01
CA THR J 231 -16.48 -57.67 15.48
C THR J 231 -16.49 -57.70 13.95
N ALA J 232 -17.18 -56.74 13.34
CA ALA J 232 -17.43 -56.77 11.90
C ALA J 232 -16.44 -55.91 11.12
N TYR J 233 -15.43 -55.37 11.80
CA TYR J 233 -14.33 -54.69 11.11
C TYR J 233 -13.41 -55.69 10.44
N THR J 234 -12.66 -55.23 9.44
CA THR J 234 -11.62 -56.06 8.83
C THR J 234 -10.34 -55.94 9.66
N GLY J 235 -9.48 -56.95 9.59
CA GLY J 235 -8.22 -56.93 10.31
C GLY J 235 -8.31 -57.27 11.79
N GLU J 236 -7.49 -56.61 12.59
CA GLU J 236 -7.39 -56.89 14.03
C GLU J 236 -7.57 -55.61 14.87
N LYS J 237 -7.93 -55.81 16.13
CA LYS J 237 -8.24 -54.71 17.07
C LYS J 237 -7.01 -53.95 17.54
N GLY J 238 -5.82 -54.49 17.30
CA GLY J 238 -4.59 -53.92 17.83
C GLY J 238 -4.25 -52.52 17.33
N THR J 239 -3.64 -51.74 18.21
CA THR J 239 -3.12 -50.43 17.85
C THR J 239 -1.78 -50.14 18.53
N VAL J 240 -1.08 -49.14 18.00
CA VAL J 240 0.11 -48.60 18.64
C VAL J 240 -0.07 -47.09 18.74
N TYR J 241 -0.04 -46.56 19.96
CA TYR J 241 -0.19 -45.12 20.16
C TYR J 241 1.08 -44.41 19.74
N ILE J 242 0.93 -43.45 18.82
CA ILE J 242 2.08 -42.74 18.27
C ILE J 242 2.30 -41.42 18.99
N GLY J 243 1.22 -40.69 19.28
CA GLY J 243 1.33 -39.40 19.91
C GLY J 243 0.15 -38.49 19.64
N LYS J 244 0.35 -37.19 19.89
CA LYS J 244 -0.70 -36.19 19.71
C LYS J 244 -0.38 -35.13 18.66
N HIS J 245 -1.41 -34.76 17.92
CA HIS J 245 -1.38 -33.58 17.06
C HIS J 245 -2.60 -32.73 17.40
N SER J 246 -2.36 -31.60 18.05
CA SER J 246 -3.45 -30.70 18.44
C SER J 246 -4.44 -31.48 19.31
N ASN J 247 -5.70 -31.57 18.89
CA ASN J 247 -6.72 -32.31 19.64
C ASN J 247 -6.95 -33.72 19.09
N TYR J 248 -5.94 -34.26 18.39
CA TYR J 248 -6.06 -35.59 17.80
C TYR J 248 -5.05 -36.57 18.38
N ASP J 249 -5.50 -37.77 18.72
CA ASP J 249 -4.61 -38.87 19.06
C ASP J 249 -4.23 -39.63 17.79
N ILE J 250 -2.94 -39.87 17.61
CA ILE J 250 -2.44 -40.57 16.45
C ILE J 250 -2.18 -42.02 16.79
N TYR J 251 -2.74 -42.93 15.98
CA TYR J 251 -2.54 -44.36 16.17
C TYR J 251 -2.08 -45.04 14.91
N ARG J 252 -1.23 -46.04 15.07
CA ARG J 252 -1.05 -47.05 14.04
C ARG J 252 -2.05 -48.14 14.38
N ALA J 253 -2.85 -48.57 13.41
CA ALA J 253 -3.95 -49.49 13.66
C ALA J 253 -4.06 -50.56 12.58
N PHE J 254 -4.53 -51.73 12.98
CA PHE J 254 -4.54 -52.90 12.13
C PHE J 254 -5.95 -53.34 11.75
N PHE J 255 -6.90 -52.41 11.82
CA PHE J 255 -8.28 -52.66 11.41
C PHE J 255 -8.73 -51.67 10.34
N GLY J 256 -9.70 -52.06 9.53
CA GLY J 256 -10.20 -51.22 8.45
C GLY J 256 -11.63 -51.55 8.04
N ASP J 257 -11.94 -51.30 6.77
CA ASP J 257 -13.26 -51.54 6.21
C ASP J 257 -13.16 -52.28 4.88
N ALA J 258 -14.24 -52.97 4.51
CA ALA J 258 -14.23 -53.85 3.34
C ALA J 258 -14.44 -53.09 2.04
N LEU J 259 -15.07 -51.92 2.10
CA LEU J 259 -15.39 -51.18 0.89
C LEU J 259 -14.14 -50.64 0.22
N THR J 260 -13.26 -50.02 0.99
CA THR J 260 -12.00 -49.51 0.45
C THR J 260 -11.15 -50.65 -0.08
N ASN J 261 -11.13 -51.77 0.65
CA ASN J 261 -10.40 -52.95 0.17
C ASN J 261 -10.92 -53.43 -1.17
N HIS J 262 -12.25 -53.46 -1.31
CA HIS J 262 -12.86 -53.91 -2.56
C HIS J 262 -12.46 -53.03 -3.74
N SER J 264 -9.89 -51.22 -4.12
CA SER J 264 -8.47 -51.38 -4.44
C SER J 264 -8.21 -52.63 -5.29
N SER J 265 -8.85 -53.75 -4.96
CA SER J 265 -8.60 -55.00 -5.68
C SER J 265 -9.23 -55.04 -7.07
N VAL J 266 -10.40 -54.40 -7.23
CA VAL J 266 -11.04 -54.32 -8.55
C VAL J 266 -10.16 -53.49 -9.44
N ILE J 268 -6.83 -52.67 -9.21
CA ILE J 268 -5.56 -53.21 -9.64
C ILE J 268 -5.74 -54.39 -10.60
N SER J 269 -6.89 -55.04 -10.53
CA SER J 269 -7.20 -56.11 -11.49
C SER J 269 -7.38 -55.53 -12.89
N GLU J 270 -7.58 -54.22 -12.97
CA GLU J 270 -7.65 -53.51 -14.25
C GLU J 270 -6.33 -52.79 -14.57
N ASN J 271 -5.28 -53.09 -13.80
CA ASN J 271 -3.95 -52.49 -13.98
C ASN J 271 -3.91 -50.98 -13.78
N VAL J 272 -4.84 -50.44 -12.99
CA VAL J 272 -4.79 -49.03 -12.60
C VAL J 272 -4.78 -48.90 -11.09
N TYR J 273 -4.28 -47.77 -10.60
CA TYR J 273 -4.24 -47.52 -9.17
C TYR J 273 -4.16 -46.02 -8.89
N TYR J 274 -4.40 -45.63 -7.64
CA TYR J 274 -4.31 -44.24 -7.25
C TYR J 274 -2.90 -43.93 -6.79
N LEU J 275 -2.55 -42.66 -6.80
CA LEU J 275 -1.26 -42.21 -6.28
C LEU J 275 -1.35 -42.05 -4.77
N ARG J 276 -2.53 -41.68 -4.30
CA ARG J 276 -2.73 -41.47 -2.88
C ARG J 276 -4.21 -41.58 -2.53
N ARG J 277 -4.48 -42.09 -1.34
CA ARG J 277 -5.84 -42.15 -0.82
C ARG J 277 -5.83 -41.87 0.68
N TRP J 278 -6.80 -41.08 1.12
CA TRP J 278 -7.08 -40.93 2.54
C TRP J 278 -8.57 -40.75 2.73
N SER J 279 -9.03 -40.84 3.97
CA SER J 279 -10.45 -40.70 4.26
C SER J 279 -10.73 -39.87 5.50
N LYS J 280 -11.93 -39.30 5.54
CA LYS J 280 -12.39 -38.50 6.66
C LYS J 280 -13.74 -39.04 7.15
N TYR J 281 -13.87 -39.17 8.48
CA TYR J 281 -15.14 -39.54 9.09
C TYR J 281 -15.55 -38.50 10.12
N GLU J 282 -16.71 -37.89 9.92
CA GLU J 282 -17.28 -36.97 10.90
C GLU J 282 -18.76 -36.75 10.66
N ASP J 283 -19.50 -36.49 11.73
CA ASP J 283 -20.95 -36.32 11.67
C ASP J 283 -21.66 -37.49 10.98
N GLY J 284 -21.08 -38.68 11.11
CA GLY J 284 -21.68 -39.89 10.57
C GLY J 284 -21.51 -40.06 9.08
N LYS J 285 -20.62 -39.26 8.49
CA LYS J 285 -20.37 -39.26 7.06
C LYS J 285 -18.95 -39.73 6.76
N LEU J 286 -18.79 -40.52 5.71
CA LEU J 286 -17.47 -40.95 5.28
C LEU J 286 -17.10 -40.24 3.99
N PHE J 287 -15.91 -39.68 3.95
CA PHE J 287 -15.37 -39.07 2.74
C PHE J 287 -14.13 -39.83 2.30
N LEU J 288 -14.07 -40.17 1.01
CA LEU J 288 -12.90 -40.81 0.43
C LEU J 288 -12.26 -39.88 -0.59
N TYR J 289 -10.96 -39.68 -0.47
CA TYR J 289 -10.22 -38.80 -1.36
C TYR J 289 -9.17 -39.58 -2.13
N PHE J 290 -9.25 -39.53 -3.46
CA PHE J 290 -8.30 -40.21 -4.32
C PHE J 290 -7.55 -39.20 -5.17
N TYR J 291 -6.24 -39.39 -5.28
CA TYR J 291 -5.41 -38.60 -6.19
C TYR J 291 -4.85 -39.54 -7.23
N THR J 292 -5.16 -39.27 -8.50
CA THR J 292 -4.90 -40.22 -9.57
C THR J 292 -4.60 -39.57 -10.91
N THR J 293 -4.07 -40.38 -11.83
CA THR J 293 -3.95 -39.97 -13.23
C THR J 293 -5.22 -40.39 -13.97
N VAL J 294 -5.27 -40.09 -15.27
CA VAL J 294 -6.49 -40.30 -16.05
C VAL J 294 -6.89 -41.77 -16.23
N ASP J 295 -5.92 -42.68 -16.19
CA ASP J 295 -6.20 -44.11 -16.35
C ASP J 295 -7.27 -44.57 -15.39
N PHE J 296 -7.14 -44.17 -14.14
CA PHE J 296 -8.12 -44.49 -13.12
C PHE J 296 -9.47 -43.86 -13.39
N LEU J 297 -9.48 -42.63 -13.90
CA LEU J 297 -10.71 -41.93 -14.17
C LEU J 297 -11.57 -42.68 -15.18
N ARG J 298 -10.92 -43.27 -16.18
CA ARG J 298 -11.63 -44.01 -17.22
C ARG J 298 -12.45 -45.14 -16.63
N LEU J 299 -11.98 -45.70 -15.52
CA LEU J 299 -12.57 -46.90 -14.94
C LEU J 299 -13.42 -46.64 -13.69
N ILE J 300 -13.49 -45.38 -13.28
CA ILE J 300 -14.29 -45.01 -12.11
C ILE J 300 -15.75 -45.46 -12.23
N PRO J 301 -16.39 -45.20 -13.39
CA PRO J 301 -17.78 -45.63 -13.53
C PRO J 301 -17.95 -47.14 -13.32
N ALA J 302 -17.10 -47.94 -13.93
CA ALA J 302 -17.16 -49.39 -13.78
C ALA J 302 -16.85 -49.81 -12.34
N ILE J 303 -15.83 -49.21 -11.76
CA ILE J 303 -15.43 -49.52 -10.39
C ILE J 303 -16.53 -49.18 -9.38
N LEU J 304 -17.21 -48.07 -9.58
CA LEU J 304 -18.29 -47.68 -8.68
C LEU J 304 -19.54 -48.53 -8.90
N ASP J 305 -19.76 -48.95 -10.14
CA ASP J 305 -20.85 -49.87 -10.44
C ASP J 305 -20.66 -51.19 -9.69
N SER J 306 -19.45 -51.73 -9.77
CA SER J 306 -19.11 -52.95 -9.08
C SER J 306 -19.23 -52.77 -7.57
N THR J 307 -18.67 -51.67 -7.07
CA THR J 307 -18.68 -51.38 -5.63
C THR J 307 -20.09 -51.25 -5.10
N ARG J 308 -20.97 -50.62 -5.88
CA ARG J 308 -22.36 -50.44 -5.46
C ARG J 308 -23.07 -51.79 -5.38
N LYS J 309 -22.85 -52.63 -6.39
CA LYS J 309 -23.51 -53.93 -6.44
C LYS J 309 -23.01 -54.86 -5.33
N ASN J 310 -21.74 -54.73 -4.95
CA ASN J 310 -21.19 -55.51 -3.85
C ASN J 310 -21.56 -54.92 -2.48
N PHE J 311 -21.91 -53.63 -2.47
CA PHE J 311 -22.34 -52.96 -1.24
C PHE J 311 -23.63 -52.18 -1.49
N PRO J 312 -24.73 -52.92 -1.80
CA PRO J 312 -25.98 -52.32 -2.28
C PRO J 312 -26.72 -51.46 -1.25
N LYS J 313 -26.38 -51.58 0.03
CA LYS J 313 -27.04 -50.78 1.08
C LYS J 313 -26.39 -49.40 1.21
N VAL J 314 -25.20 -49.25 0.63
CA VAL J 314 -24.41 -48.03 0.77
C VAL J 314 -24.78 -46.97 -0.25
N ASN J 315 -25.03 -45.75 0.22
CA ASN J 315 -25.22 -44.60 -0.67
C ASN J 315 -23.87 -43.97 -1.01
N LYS J 317 -21.80 -41.19 -3.53
CA LYS J 317 -21.83 -40.06 -4.44
C LYS J 317 -20.42 -39.71 -4.91
N ILE J 318 -20.32 -39.16 -6.11
CA ILE J 318 -19.14 -38.44 -6.52
C ILE J 318 -19.40 -36.98 -6.18
N ASP J 319 -18.59 -36.42 -5.28
CA ASP J 319 -18.77 -35.02 -4.92
C ASP J 319 -18.16 -34.15 -6.01
N GLU J 320 -16.95 -34.49 -6.45
CA GLU J 320 -16.26 -33.71 -7.46
C GLU J 320 -15.06 -34.46 -8.02
N ILE J 321 -14.75 -34.17 -9.28
CA ILE J 321 -13.50 -34.59 -9.91
C ILE J 321 -12.87 -33.35 -10.50
N THR J 322 -11.69 -32.98 -9.98
CA THR J 322 -11.03 -31.75 -10.39
C THR J 322 -9.57 -32.00 -10.71
N PRO J 323 -9.04 -31.32 -11.74
CA PRO J 323 -7.61 -31.40 -11.96
C PRO J 323 -6.89 -30.66 -10.84
N ALA J 325 -3.99 -28.20 -9.47
CA ALA J 325 -3.27 -27.03 -9.97
C ALA J 325 -1.91 -26.92 -9.31
#